data_7A0G
#
_entry.id   7A0G
#
_cell.length_a   224.481
_cell.length_b   118.062
_cell.length_c   209.532
_cell.angle_alpha   90.000
_cell.angle_beta   109.438
_cell.angle_gamma   90.000
#
_symmetry.space_group_name_H-M   'C 1 2 1'
#
_entity_poly.entity_id   1
_entity_poly.type   'polypeptide(L)'
_entity_poly.pdbx_seq_one_letter_code
;MTIPTLYMNDGMNAQSSQALHIQTYCNSVRQQIPVDFGRFPNLRESERQINTGLGAARQHAEHYLKDIQPLIIRNVTNIQ
DYFETQNLISTVMPSGATKEQWLSALGMVSDKAKEYQEVSANTRRTIGSLNDKLIIDSNNYQLIVVNLNNVVNGNNGVLE
QLNRDIDGINAAIDGAIAGIVVGGLLVIGGAIVTAIGAVAGLVTAGTSTPVVMGGIAMMTAGAGGVIGGAIVLDKSLSAR
EKLYRDRSQLNSEVLVASQIGSGYRGLQTQAQSAVTAATQMNNAWDSLTSELETLNANLRKGIIDDSFLRQLFLTASQTS
VTKVLDGTKIIKQQMAGVVVREVPANQSIADFVKRLAALEHHHHHH
;
_entity_poly.pdbx_strand_id   AAA,BBB,CCC,DDD,EEE,FFF,GGG,HHH,III,JJJ
#
# COMPACT_ATOMS: atom_id res chain seq x y z
N MET A 8 -7.23 -32.12 -36.40
CA MET A 8 -6.90 -30.87 -37.15
C MET A 8 -6.96 -29.67 -36.21
N ASN A 9 -7.99 -29.61 -35.36
CA ASN A 9 -8.24 -28.52 -34.37
C ASN A 9 -7.03 -28.37 -33.45
N ASP A 10 -6.46 -29.49 -32.97
CA ASP A 10 -5.32 -29.54 -32.01
C ASP A 10 -4.07 -28.90 -32.62
N GLY A 11 -3.77 -29.21 -33.89
CA GLY A 11 -2.61 -28.69 -34.62
C GLY A 11 -2.76 -27.22 -34.96
N MET A 12 -3.95 -26.79 -35.40
CA MET A 12 -4.26 -25.39 -35.82
C MET A 12 -4.15 -24.44 -34.63
N ASN A 13 -4.68 -24.84 -33.48
CA ASN A 13 -4.69 -24.03 -32.22
C ASN A 13 -3.25 -23.87 -31.72
N ALA A 14 -2.53 -24.98 -31.56
CA ALA A 14 -1.13 -25.03 -31.06
C ALA A 14 -0.23 -24.14 -31.92
N GLN A 15 -0.44 -24.17 -33.25
CA GLN A 15 0.28 -23.33 -34.26
C GLN A 15 -0.07 -21.85 -34.06
N SER A 16 -1.32 -21.56 -33.65
CA SER A 16 -1.89 -20.19 -33.51
C SER A 16 -1.32 -19.49 -32.28
N SER A 17 -1.18 -20.19 -31.14
CA SER A 17 -0.48 -19.69 -29.93
C SER A 17 1.02 -19.59 -30.21
N GLN A 18 1.62 -20.65 -30.77
CA GLN A 18 3.04 -20.70 -31.20
C GLN A 18 3.38 -19.46 -32.03
N ALA A 19 2.54 -19.13 -33.01
CA ALA A 19 2.73 -18.02 -33.99
C ALA A 19 2.78 -16.67 -33.27
N LEU A 20 1.81 -16.42 -32.38
CA LEU A 20 1.70 -15.17 -31.58
C LEU A 20 2.96 -14.99 -30.72
N HIS A 21 3.46 -16.08 -30.11
CA HIS A 21 4.70 -16.12 -29.27
C HIS A 21 5.90 -15.65 -30.11
N ILE A 22 6.02 -16.14 -31.34
CA ILE A 22 7.09 -15.75 -32.32
C ILE A 22 6.85 -14.32 -32.79
N GLN A 23 5.59 -13.98 -33.12
CA GLN A 23 5.17 -12.63 -33.59
C GLN A 23 5.59 -11.57 -32.56
N THR A 24 5.38 -11.86 -31.27
CA THR A 24 5.76 -11.01 -30.11
C THR A 24 7.29 -10.89 -30.04
N TYR A 25 8.00 -12.02 -30.07
CA TYR A 25 9.49 -12.11 -30.03
C TYR A 25 10.09 -11.33 -31.21
N CYS A 26 9.43 -11.36 -32.37
CA CYS A 26 9.84 -10.68 -33.63
C CYS A 26 9.83 -9.16 -33.45
N ASN A 27 8.67 -8.60 -33.09
CA ASN A 27 8.47 -7.14 -32.86
C ASN A 27 9.41 -6.65 -31.75
N SER A 28 9.62 -7.48 -30.72
CA SER A 28 10.51 -7.21 -29.55
C SER A 28 11.95 -7.04 -30.01
N VAL A 29 12.45 -7.96 -30.85
CA VAL A 29 13.82 -7.94 -31.44
C VAL A 29 13.97 -6.69 -32.30
N ARG A 30 12.94 -6.31 -33.05
CA ARG A 30 12.88 -5.08 -33.89
C ARG A 30 13.21 -3.86 -33.03
N GLN A 31 12.75 -3.84 -31.77
CA GLN A 31 12.93 -2.72 -30.81
C GLN A 31 14.35 -2.74 -30.22
N GLN A 32 15.09 -3.84 -30.37
CA GLN A 32 16.51 -3.96 -29.93
C GLN A 32 17.33 -2.87 -30.64
N ILE A 33 17.80 -1.88 -29.88
CA ILE A 33 18.49 -0.67 -30.42
C ILE A 33 19.97 -1.00 -30.64
N PRO A 34 20.59 -0.42 -31.70
CA PRO A 34 22.03 -0.61 -31.92
C PRO A 34 22.86 0.27 -30.97
N VAL A 35 23.93 -0.29 -30.41
CA VAL A 35 24.82 0.40 -29.43
C VAL A 35 26.10 0.86 -30.12
N ASP A 36 26.60 2.03 -29.70
CA ASP A 36 27.72 2.77 -30.36
C ASP A 36 28.82 3.00 -29.34
N PHE A 37 29.90 2.22 -29.45
CA PHE A 37 31.12 2.33 -28.62
C PHE A 37 32.02 3.40 -29.26
N GLY A 38 31.43 4.41 -29.90
CA GLY A 38 32.14 5.52 -30.56
C GLY A 38 33.22 6.14 -29.70
N ARG A 39 33.00 6.21 -28.38
CA ARG A 39 33.95 6.77 -27.38
C ARG A 39 35.16 5.84 -27.20
N PHE A 40 34.96 4.52 -27.37
CA PHE A 40 35.98 3.45 -27.20
C PHE A 40 36.64 3.14 -28.54
N PRO A 41 37.95 3.49 -28.71
CA PRO A 41 38.63 3.27 -29.99
C PRO A 41 38.89 1.79 -30.31
N ASN A 42 39.09 0.96 -29.27
CA ASN A 42 39.44 -0.47 -29.39
C ASN A 42 38.21 -1.32 -29.78
N LEU A 43 36.98 -0.79 -29.59
CA LEU A 43 35.70 -1.51 -29.83
C LEU A 43 35.05 -1.06 -31.15
N ARG A 44 35.85 -0.46 -32.04
CA ARG A 44 35.44 -0.05 -33.42
C ARG A 44 34.86 -1.25 -34.17
N GLU A 45 35.62 -2.35 -34.24
CA GLU A 45 35.23 -3.61 -34.93
C GLU A 45 33.99 -4.21 -34.25
N SER A 46 33.98 -4.23 -32.92
CA SER A 46 32.88 -4.76 -32.07
C SER A 46 31.55 -4.09 -32.44
N GLU A 47 31.53 -2.75 -32.49
CA GLU A 47 30.32 -1.94 -32.78
C GLU A 47 29.76 -2.31 -34.16
N ARG A 48 30.61 -2.28 -35.19
CA ARG A 48 30.24 -2.61 -36.60
C ARG A 48 29.70 -4.04 -36.67
N GLN A 49 30.42 -5.00 -36.08
CA GLN A 49 30.04 -6.43 -36.01
C GLN A 49 28.66 -6.56 -35.37
N ILE A 50 28.48 -5.92 -34.22
CA ILE A 50 27.19 -5.89 -33.44
C ILE A 50 26.09 -5.33 -34.35
N ASN A 51 26.32 -4.15 -34.94
CA ASN A 51 25.37 -3.43 -35.82
C ASN A 51 24.89 -4.37 -36.94
N THR A 52 25.84 -5.00 -37.64
CA THR A 52 25.61 -5.94 -38.77
C THR A 52 24.72 -7.09 -38.29
N GLY A 53 25.14 -7.80 -37.24
CA GLY A 53 24.40 -8.93 -36.62
C GLY A 53 22.98 -8.53 -36.27
N LEU A 54 22.81 -7.35 -35.64
CA LEU A 54 21.50 -6.77 -35.27
C LEU A 54 20.66 -6.58 -36.54
N GLY A 55 21.25 -6.01 -37.59
CA GLY A 55 20.62 -5.82 -38.90
C GLY A 55 20.08 -7.12 -39.47
N ALA A 56 20.88 -8.18 -39.43
CA ALA A 56 20.56 -9.54 -39.94
C ALA A 56 19.37 -10.13 -39.17
N ALA A 57 19.43 -10.07 -37.83
CA ALA A 57 18.37 -10.51 -36.91
C ALA A 57 17.04 -9.84 -37.31
N ARG A 58 17.10 -8.52 -37.54
CA ARG A 58 15.95 -7.69 -37.98
C ARG A 58 15.35 -8.28 -39.27
N GLN A 59 16.20 -8.65 -40.22
CA GLN A 59 15.82 -9.27 -41.52
C GLN A 59 15.05 -10.57 -41.24
N HIS A 60 15.56 -11.41 -40.34
CA HIS A 60 14.94 -12.70 -39.92
C HIS A 60 13.52 -12.43 -39.40
N ALA A 61 13.34 -11.40 -38.57
CA ALA A 61 12.06 -11.02 -37.94
C ALA A 61 11.05 -10.57 -39.01
N GLU A 62 11.44 -9.60 -39.84
CA GLU A 62 10.61 -9.03 -40.94
C GLU A 62 10.03 -10.17 -41.78
N HIS A 63 10.87 -11.14 -42.16
CA HIS A 63 10.48 -12.36 -42.92
C HIS A 63 9.44 -13.15 -42.12
N TYR A 64 9.77 -13.50 -40.87
CA TYR A 64 8.89 -14.23 -39.93
C TYR A 64 7.53 -13.53 -39.86
N LEU A 65 7.54 -12.21 -39.68
CA LEU A 65 6.33 -11.37 -39.47
C LEU A 65 5.55 -11.23 -40.79
N LYS A 66 6.22 -10.78 -41.86
CA LYS A 66 5.59 -10.38 -43.14
C LYS A 66 5.15 -11.62 -43.94
N ASP A 67 5.86 -12.73 -43.81
CA ASP A 67 5.73 -13.91 -44.72
C ASP A 67 5.31 -15.16 -43.95
N ILE A 68 6.07 -15.56 -42.91
CA ILE A 68 5.72 -16.73 -42.06
C ILE A 68 4.29 -16.56 -41.51
N GLN A 69 4.06 -15.52 -40.71
CA GLN A 69 2.78 -15.18 -40.06
C GLN A 69 1.67 -15.13 -41.11
N PRO A 70 1.92 -14.53 -42.30
CA PRO A 70 0.90 -14.50 -43.35
C PRO A 70 0.53 -15.90 -43.87
N LEU A 71 1.55 -16.72 -44.17
CA LEU A 71 1.39 -18.13 -44.63
C LEU A 71 0.58 -18.94 -43.60
N ILE A 72 0.92 -18.80 -42.33
CA ILE A 72 0.22 -19.46 -41.18
C ILE A 72 -1.27 -19.08 -41.22
N ILE A 73 -1.56 -17.79 -41.40
CA ILE A 73 -2.93 -17.21 -41.49
C ILE A 73 -3.68 -17.88 -42.65
N ARG A 74 -3.04 -17.97 -43.81
CA ARG A 74 -3.60 -18.57 -45.05
C ARG A 74 -4.07 -20.01 -44.73
N ASN A 75 -3.19 -20.82 -44.15
CA ASN A 75 -3.46 -22.19 -43.64
C ASN A 75 -4.84 -22.32 -42.97
N VAL A 76 -5.16 -21.47 -42.00
CA VAL A 76 -6.46 -21.47 -41.26
C VAL A 76 -7.62 -21.26 -42.25
N THR A 77 -7.49 -20.26 -43.12
CA THR A 77 -8.49 -19.90 -44.18
C THR A 77 -8.76 -21.12 -45.06
N ASN A 78 -7.69 -21.75 -45.57
CA ASN A 78 -7.74 -22.97 -46.42
C ASN A 78 -8.49 -24.07 -45.66
N ILE A 79 -8.14 -24.29 -44.39
CA ILE A 79 -8.79 -25.26 -43.47
C ILE A 79 -10.28 -24.93 -43.36
N GLN A 80 -10.60 -23.65 -43.12
CA GLN A 80 -11.99 -23.13 -43.01
C GLN A 80 -12.79 -23.49 -44.27
N ASP A 81 -12.20 -23.22 -45.45
CA ASP A 81 -12.81 -23.49 -46.78
C ASP A 81 -13.03 -25.00 -46.94
N TYR A 82 -12.06 -25.82 -46.52
CA TYR A 82 -12.04 -27.31 -46.66
C TYR A 82 -13.21 -27.92 -45.87
N PHE A 83 -13.28 -27.62 -44.57
CA PHE A 83 -14.34 -28.08 -43.63
C PHE A 83 -15.70 -27.58 -44.09
N GLU A 84 -15.74 -26.39 -44.70
CA GLU A 84 -16.97 -25.77 -45.28
C GLU A 84 -17.56 -26.71 -46.34
N THR A 85 -16.71 -27.18 -47.26
CA THR A 85 -17.08 -28.12 -48.37
C THR A 85 -17.47 -29.48 -47.79
N GLN A 86 -16.66 -30.01 -46.88
CA GLN A 86 -16.84 -31.32 -46.18
C GLN A 86 -18.27 -31.44 -45.63
N ASN A 87 -18.75 -30.44 -44.87
CA ASN A 87 -20.18 -30.34 -44.47
C ASN A 87 -21.11 -30.30 -45.70
N LEU A 88 -20.75 -29.55 -46.75
CA LEU A 88 -21.57 -29.34 -47.97
C LEU A 88 -21.73 -30.64 -48.76
N ILE A 89 -20.90 -31.65 -48.48
CA ILE A 89 -20.85 -32.96 -49.21
C ILE A 89 -22.19 -33.69 -49.13
N SER A 90 -22.69 -33.95 -47.91
CA SER A 90 -24.01 -34.59 -47.65
C SER A 90 -25.12 -33.54 -47.75
N THR A 91 -24.80 -32.26 -47.51
CA THR A 91 -25.72 -31.10 -47.64
C THR A 91 -26.34 -31.09 -49.05
N VAL A 92 -25.54 -31.42 -50.06
CA VAL A 92 -25.94 -31.48 -51.50
C VAL A 92 -26.40 -32.90 -51.84
N MET A 93 -25.66 -33.94 -51.43
CA MET A 93 -25.93 -35.34 -51.82
C MET A 93 -27.26 -35.77 -51.19
N PRO A 94 -28.33 -35.92 -52.00
CA PRO A 94 -29.66 -36.17 -51.45
C PRO A 94 -29.86 -37.61 -50.96
N SER A 95 -31.13 -37.94 -50.65
CA SER A 95 -31.63 -39.23 -50.17
C SER A 95 -31.48 -40.35 -51.23
N GLY A 96 -30.54 -41.27 -51.00
CA GLY A 96 -30.37 -42.53 -51.75
C GLY A 96 -29.36 -42.41 -52.89
N ALA A 97 -28.27 -41.67 -52.68
CA ALA A 97 -27.32 -41.22 -53.71
C ALA A 97 -26.55 -42.42 -54.29
N THR A 98 -26.11 -42.28 -55.55
CA THR A 98 -25.20 -43.25 -56.25
C THR A 98 -23.79 -43.12 -55.65
N LYS A 99 -23.01 -44.21 -55.74
CA LYS A 99 -21.65 -44.30 -55.15
C LYS A 99 -20.73 -43.28 -55.86
N GLU A 100 -20.85 -43.19 -57.18
CA GLU A 100 -19.90 -42.46 -58.06
C GLU A 100 -19.94 -40.96 -57.73
N GLN A 101 -21.14 -40.41 -57.57
CA GLN A 101 -21.40 -38.97 -57.25
C GLN A 101 -20.72 -38.63 -55.92
N TRP A 102 -20.90 -39.49 -54.91
CA TRP A 102 -20.27 -39.35 -53.56
C TRP A 102 -18.74 -39.43 -53.68
N LEU A 103 -18.24 -40.38 -54.47
CA LEU A 103 -16.78 -40.61 -54.72
C LEU A 103 -16.15 -39.39 -55.39
N SER A 104 -16.81 -38.82 -56.40
CA SER A 104 -16.37 -37.62 -57.15
C SER A 104 -16.23 -36.43 -56.20
N ALA A 105 -17.28 -36.14 -55.41
CA ALA A 105 -17.33 -35.06 -54.41
C ALA A 105 -16.18 -35.21 -53.41
N LEU A 106 -15.99 -36.43 -52.89
CA LEU A 106 -14.92 -36.81 -51.94
C LEU A 106 -13.55 -36.58 -52.60
N GLY A 107 -13.36 -37.10 -53.81
CA GLY A 107 -12.15 -36.94 -54.63
C GLY A 107 -11.79 -35.49 -54.81
N MET A 108 -12.77 -34.64 -55.13
CA MET A 108 -12.63 -33.17 -55.27
C MET A 108 -12.11 -32.60 -53.95
N VAL A 109 -12.78 -32.93 -52.84
CA VAL A 109 -12.41 -32.49 -51.46
C VAL A 109 -10.98 -32.94 -51.16
N SER A 110 -10.66 -34.20 -51.46
CA SER A 110 -9.33 -34.84 -51.25
C SER A 110 -8.26 -34.05 -51.98
N ASP A 111 -8.48 -33.73 -53.26
CA ASP A 111 -7.54 -32.96 -54.13
C ASP A 111 -7.26 -31.60 -53.49
N LYS A 112 -8.32 -30.89 -53.07
CA LYS A 112 -8.23 -29.55 -52.43
C LYS A 112 -7.36 -29.63 -51.17
N ALA A 113 -7.63 -30.64 -50.33
CA ALA A 113 -6.91 -30.91 -49.06
C ALA A 113 -5.42 -31.15 -49.34
N LYS A 114 -5.13 -31.96 -50.38
CA LYS A 114 -3.77 -32.30 -50.85
C LYS A 114 -3.00 -31.01 -51.14
N GLU A 115 -3.60 -30.11 -51.94
CA GLU A 115 -3.02 -28.78 -52.31
C GLU A 115 -2.72 -28.00 -51.02
N TYR A 116 -3.70 -27.96 -50.10
CA TYR A 116 -3.59 -27.27 -48.78
C TYR A 116 -2.43 -27.87 -47.98
N GLN A 117 -2.36 -29.21 -47.95
CA GLN A 117 -1.29 -29.98 -47.26
C GLN A 117 0.07 -29.57 -47.80
N GLU A 118 0.23 -29.57 -49.13
CA GLU A 118 1.47 -29.18 -49.85
C GLU A 118 1.86 -27.76 -49.45
N VAL A 119 0.89 -26.84 -49.40
CA VAL A 119 1.07 -25.42 -48.99
C VAL A 119 1.65 -25.39 -47.56
N SER A 120 1.06 -26.18 -46.65
CA SER A 120 1.47 -26.31 -45.23
C SER A 120 2.94 -26.77 -45.14
N ALA A 121 3.30 -27.81 -45.89
CA ALA A 121 4.66 -28.38 -45.99
C ALA A 121 5.63 -27.30 -46.46
N ASN A 122 5.22 -26.47 -47.42
CA ASN A 122 6.01 -25.36 -48.01
C ASN A 122 6.39 -24.37 -46.91
N THR A 123 5.40 -23.92 -46.13
CA THR A 123 5.57 -22.98 -44.99
C THR A 123 6.60 -23.57 -44.00
N ARG A 124 6.45 -24.86 -43.69
CA ARG A 124 7.33 -25.62 -42.76
C ARG A 124 8.78 -25.53 -43.24
N ARG A 125 9.01 -25.81 -44.54
CA ARG A 125 10.34 -25.77 -45.19
C ARG A 125 10.95 -24.38 -44.99
N THR A 126 10.16 -23.33 -45.25
CA THR A 126 10.54 -21.90 -45.05
C THR A 126 11.03 -21.73 -43.62
N ILE A 127 10.23 -22.21 -42.65
CA ILE A 127 10.55 -22.14 -41.18
C ILE A 127 11.89 -22.84 -40.92
N GLY A 128 12.05 -24.06 -41.47
CA GLY A 128 13.27 -24.86 -41.34
C GLY A 128 14.50 -24.07 -41.75
N SER A 129 14.45 -23.46 -42.94
CA SER A 129 15.53 -22.60 -43.50
C SER A 129 15.82 -21.45 -42.54
N LEU A 130 14.76 -20.75 -42.08
CA LEU A 130 14.84 -19.63 -41.11
C LEU A 130 15.57 -20.10 -39.87
N ASN A 131 15.18 -21.26 -39.33
CA ASN A 131 15.78 -21.89 -38.12
C ASN A 131 17.29 -22.02 -38.33
N ASP A 132 17.69 -22.68 -39.43
CA ASP A 132 19.11 -22.92 -39.80
C ASP A 132 19.86 -21.59 -39.87
N LYS A 133 19.27 -20.61 -40.58
CA LYS A 133 19.84 -19.25 -40.79
C LYS A 133 20.10 -18.59 -39.43
N LEU A 134 19.07 -18.59 -38.57
CA LEU A 134 19.10 -17.99 -37.21
C LEU A 134 20.15 -18.69 -36.38
N ILE A 135 20.17 -20.03 -36.36
CA ILE A 135 21.18 -20.84 -35.62
C ILE A 135 22.59 -20.29 -35.90
N ILE A 136 22.94 -20.22 -37.19
CA ILE A 136 24.26 -19.74 -37.69
C ILE A 136 24.51 -18.30 -37.21
N ASP A 137 23.49 -17.44 -37.33
CA ASP A 137 23.53 -16.02 -36.92
C ASP A 137 23.84 -15.92 -35.43
N SER A 138 23.07 -16.62 -34.59
CA SER A 138 23.20 -16.65 -33.10
C SER A 138 24.61 -17.08 -32.72
N ASN A 139 25.12 -18.13 -33.37
CA ASN A 139 26.48 -18.70 -33.11
C ASN A 139 27.54 -17.60 -33.38
N ASN A 140 27.50 -17.02 -34.59
CA ASN A 140 28.42 -15.95 -35.03
C ASN A 140 28.36 -14.78 -34.05
N TYR A 141 27.15 -14.39 -33.64
CA TYR A 141 26.86 -13.32 -32.66
C TYR A 141 27.58 -13.61 -31.36
N GLN A 142 27.40 -14.81 -30.81
CA GLN A 142 28.04 -15.29 -29.55
C GLN A 142 29.56 -15.14 -29.68
N LEU A 143 30.13 -15.58 -30.81
CA LEU A 143 31.59 -15.51 -31.11
C LEU A 143 32.07 -14.04 -30.99
N ILE A 144 31.32 -13.12 -31.61
CA ILE A 144 31.61 -11.66 -31.59
C ILE A 144 31.57 -11.18 -30.13
N VAL A 145 30.53 -11.57 -29.39
CA VAL A 145 30.28 -11.17 -27.97
C VAL A 145 31.49 -11.57 -27.12
N VAL A 146 31.92 -12.83 -27.21
CA VAL A 146 33.08 -13.39 -26.47
C VAL A 146 34.33 -12.58 -26.83
N ASN A 147 34.57 -12.40 -28.13
CA ASN A 147 35.72 -11.62 -28.66
C ASN A 147 35.73 -10.22 -28.03
N LEU A 148 34.56 -9.59 -27.96
CA LEU A 148 34.34 -8.24 -27.38
C LEU A 148 34.57 -8.29 -25.87
N ASN A 149 33.91 -9.22 -25.18
CA ASN A 149 34.01 -9.42 -23.70
C ASN A 149 35.48 -9.51 -23.31
N ASN A 150 36.27 -10.29 -24.06
CA ASN A 150 37.72 -10.50 -23.84
C ASN A 150 38.47 -9.17 -23.93
N VAL A 151 38.11 -8.33 -24.90
CA VAL A 151 38.76 -7.00 -25.18
C VAL A 151 38.60 -6.08 -23.98
N VAL A 152 37.38 -5.97 -23.44
CA VAL A 152 37.03 -5.08 -22.29
C VAL A 152 37.58 -5.68 -20.98
N ASN A 153 37.72 -7.01 -20.92
CA ASN A 153 38.05 -7.79 -19.70
C ASN A 153 39.57 -7.83 -19.51
N GLY A 154 39.99 -7.87 -18.24
CA GLY A 154 41.39 -8.13 -17.84
C GLY A 154 42.07 -6.82 -17.50
N ASN A 155 43.20 -6.87 -16.78
CA ASN A 155 44.03 -5.69 -16.39
C ASN A 155 44.42 -4.87 -17.63
N ASN A 156 44.50 -5.52 -18.80
CA ASN A 156 44.93 -4.88 -20.09
C ASN A 156 43.72 -4.30 -20.84
N GLY A 157 42.51 -4.68 -20.46
CA GLY A 157 41.26 -4.40 -21.21
C GLY A 157 40.78 -3.00 -20.90
N VAL A 158 40.06 -2.37 -21.83
CA VAL A 158 39.68 -0.92 -21.83
C VAL A 158 39.01 -0.56 -20.50
N LEU A 159 38.02 -1.35 -20.07
CA LEU A 159 37.20 -1.11 -18.84
C LEU A 159 38.10 -0.99 -17.60
N GLU A 160 39.14 -1.84 -17.51
CA GLU A 160 40.11 -1.88 -16.39
C GLU A 160 40.98 -0.61 -16.38
N GLN A 161 41.52 -0.22 -17.55
CA GLN A 161 42.34 1.01 -17.74
C GLN A 161 41.51 2.24 -17.34
N LEU A 162 40.19 2.20 -17.58
CA LEU A 162 39.22 3.27 -17.25
C LEU A 162 39.04 3.38 -15.73
N ASN A 163 38.77 2.25 -15.06
CA ASN A 163 38.60 2.16 -13.58
C ASN A 163 39.90 2.62 -12.89
N ARG A 164 41.06 2.27 -13.47
CA ARG A 164 42.41 2.64 -12.95
C ARG A 164 42.63 4.15 -13.12
N ASP A 165 42.23 4.72 -14.26
CA ASP A 165 42.33 6.17 -14.57
C ASP A 165 41.37 6.95 -13.67
N ILE A 166 40.13 6.46 -13.50
CA ILE A 166 39.06 7.08 -12.64
C ILE A 166 39.57 7.18 -11.20
N ASP A 167 40.27 6.14 -10.72
CA ASP A 167 40.91 6.07 -9.39
C ASP A 167 41.99 7.16 -9.31
N GLY A 168 42.82 7.29 -10.35
CA GLY A 168 43.91 8.30 -10.45
C GLY A 168 43.38 9.71 -10.51
N ILE A 169 42.14 9.91 -10.98
CA ILE A 169 41.48 11.24 -11.15
C ILE A 169 40.97 11.75 -9.79
N ASN A 170 40.22 10.93 -9.07
CA ASN A 170 39.61 11.29 -7.75
C ASN A 170 40.75 11.37 -6.72
N ALA A 171 41.82 10.59 -6.92
CA ALA A 171 43.04 10.50 -6.07
C ALA A 171 43.74 11.85 -6.04
N ALA A 172 44.00 12.44 -7.22
CA ALA A 172 44.59 13.79 -7.38
C ALA A 172 43.65 14.84 -6.77
N ILE A 173 42.33 14.67 -6.96
CA ILE A 173 41.25 15.56 -6.44
C ILE A 173 41.31 15.61 -4.90
N ASP A 174 41.49 14.44 -4.26
CA ASP A 174 41.62 14.30 -2.79
C ASP A 174 43.00 14.82 -2.36
N GLY A 175 44.06 14.50 -3.12
CA GLY A 175 45.45 14.95 -2.89
C GLY A 175 45.57 16.45 -2.84
N ALA A 176 44.76 17.16 -3.65
CA ALA A 176 44.63 18.63 -3.67
C ALA A 176 43.85 19.10 -2.43
N ILE A 177 42.73 18.43 -2.11
CA ILE A 177 41.87 18.71 -0.93
C ILE A 177 42.72 18.61 0.35
N ALA A 178 43.59 17.59 0.42
CA ALA A 178 44.50 17.32 1.56
C ALA A 178 45.51 18.47 1.71
N GLY A 179 46.21 18.82 0.63
CA GLY A 179 47.21 19.91 0.59
C GLY A 179 46.61 21.24 0.99
N ILE A 180 45.35 21.50 0.60
CA ILE A 180 44.61 22.76 0.89
C ILE A 180 44.35 22.88 2.40
N VAL A 181 43.91 21.79 3.03
CA VAL A 181 43.64 21.72 4.50
C VAL A 181 44.99 21.84 5.25
N VAL A 182 45.91 20.92 4.94
CA VAL A 182 47.29 20.84 5.53
C VAL A 182 47.96 22.21 5.35
N GLY A 183 47.79 22.83 4.18
CA GLY A 183 48.30 24.17 3.84
C GLY A 183 47.78 25.23 4.79
N GLY A 184 46.46 25.23 5.04
CA GLY A 184 45.76 26.17 5.94
C GLY A 184 46.30 26.10 7.35
N LEU A 185 46.54 24.87 7.84
CA LEU A 185 47.09 24.62 9.20
C LEU A 185 48.55 25.08 9.25
N LEU A 186 49.36 24.66 8.26
CA LEU A 186 50.81 24.98 8.15
C LEU A 186 51.00 26.50 8.21
N VAL A 187 50.21 27.25 7.45
CA VAL A 187 50.20 28.75 7.41
C VAL A 187 49.83 29.28 8.80
N ILE A 188 48.73 28.77 9.37
CA ILE A 188 48.20 29.16 10.71
C ILE A 188 49.32 28.97 11.75
N GLY A 189 49.89 27.76 11.81
CA GLY A 189 51.00 27.40 12.71
C GLY A 189 52.24 28.24 12.44
N GLY A 190 52.59 28.41 11.17
CA GLY A 190 53.76 29.21 10.72
C GLY A 190 53.69 30.64 11.22
N ALA A 191 52.50 31.26 11.15
CA ALA A 191 52.23 32.64 11.61
C ALA A 191 52.50 32.75 13.11
N ILE A 192 51.97 31.81 13.90
CA ILE A 192 52.14 31.75 15.38
C ILE A 192 53.62 31.61 15.71
N VAL A 193 54.33 30.73 15.00
CA VAL A 193 55.78 30.43 15.19
C VAL A 193 56.60 31.66 14.82
N THR A 194 56.36 32.22 13.62
CA THR A 194 57.05 33.41 13.08
C THR A 194 56.93 34.58 14.07
N ALA A 195 55.72 34.83 14.58
CA ALA A 195 55.40 35.88 15.57
C ALA A 195 56.22 35.65 16.85
N ILE A 196 56.26 34.41 17.33
CA ILE A 196 57.04 33.98 18.54
C ILE A 196 58.52 34.24 18.29
N GLY A 197 59.06 33.69 17.18
CA GLY A 197 60.47 33.83 16.76
C GLY A 197 60.90 35.29 16.65
N ALA A 198 59.99 36.15 16.17
CA ALA A 198 60.23 37.60 15.94
C ALA A 198 60.37 38.34 17.27
N VAL A 199 59.53 37.98 18.26
CA VAL A 199 59.49 38.62 19.61
C VAL A 199 60.72 38.17 20.41
N ALA A 200 61.25 36.98 20.12
CA ALA A 200 62.44 36.38 20.78
C ALA A 200 63.72 36.93 20.14
N GLY A 201 63.64 37.41 18.89
CA GLY A 201 64.73 38.09 18.18
C GLY A 201 64.88 39.52 18.62
N LEU A 202 63.86 40.06 19.30
CA LEU A 202 63.84 41.44 19.89
C LEU A 202 64.33 41.40 21.34
N VAL A 203 64.97 40.30 21.74
CA VAL A 203 65.56 40.05 23.09
C VAL A 203 66.87 39.24 22.96
N THR A 204 67.51 39.18 21.79
CA THR A 204 68.59 38.23 21.40
C THR A 204 68.90 37.23 22.53
N THR A 207 69.24 35.64 18.97
CA THR A 207 69.60 34.47 18.14
C THR A 207 68.39 33.54 17.98
N SER A 208 67.20 34.12 17.79
CA SER A 208 65.93 33.40 17.49
C SER A 208 65.54 33.63 16.02
N THR A 209 66.53 33.59 15.12
CA THR A 209 66.37 33.82 13.66
C THR A 209 65.96 32.51 12.99
N PRO A 210 66.48 31.34 13.46
CA PRO A 210 66.13 30.05 12.86
C PRO A 210 64.64 29.70 13.03
N VAL A 211 64.06 30.06 14.19
CA VAL A 211 62.62 29.84 14.53
C VAL A 211 61.75 30.65 13.56
N VAL A 212 62.08 31.93 13.36
CA VAL A 212 61.36 32.86 12.44
C VAL A 212 61.42 32.30 11.02
N MET A 213 62.59 31.82 10.60
CA MET A 213 62.82 31.21 9.26
C MET A 213 61.89 30.02 9.06
N GLY A 214 61.89 29.08 10.02
CA GLY A 214 61.00 27.89 10.04
C GLY A 214 59.54 28.29 9.98
N GLY A 215 59.15 29.35 10.71
CA GLY A 215 57.78 29.91 10.73
C GLY A 215 57.39 30.49 9.38
N ILE A 216 58.30 31.25 8.76
CA ILE A 216 58.13 31.88 7.41
C ILE A 216 58.02 30.76 6.36
N ALA A 217 58.90 29.76 6.45
CA ALA A 217 58.95 28.58 5.56
C ALA A 217 57.61 27.83 5.63
N MET A 218 57.12 27.55 6.84
CA MET A 218 55.82 26.88 7.11
C MET A 218 54.69 27.68 6.47
N MET A 219 54.70 29.00 6.65
CA MET A 219 53.73 29.95 6.05
C MET A 219 53.79 29.85 4.52
N THR A 220 55.01 29.97 3.97
CA THR A 220 55.30 29.93 2.51
C THR A 220 54.76 28.62 1.91
N ALA A 221 55.15 27.48 2.50
CA ALA A 221 54.75 26.12 2.09
C ALA A 221 53.23 25.97 2.16
N GLY A 222 52.63 26.45 3.26
CA GLY A 222 51.17 26.43 3.49
C GLY A 222 50.43 27.11 2.35
N ALA A 223 50.90 28.30 1.96
CA ALA A 223 50.34 29.11 0.85
C ALA A 223 50.51 28.36 -0.47
N GLY A 224 51.72 27.86 -0.73
CA GLY A 224 52.09 27.10 -1.94
C GLY A 224 51.18 25.91 -2.14
N GLY A 225 50.94 25.12 -1.09
CA GLY A 225 50.05 23.94 -1.10
C GLY A 225 48.62 24.33 -1.42
N VAL A 226 48.12 25.41 -0.78
CA VAL A 226 46.75 25.94 -0.98
C VAL A 226 46.58 26.38 -2.43
N ILE A 227 47.59 27.07 -2.99
CA ILE A 227 47.61 27.61 -4.38
C ILE A 227 47.67 26.44 -5.37
N GLY A 228 48.66 25.56 -5.23
CA GLY A 228 48.89 24.38 -6.08
C GLY A 228 47.67 23.48 -6.14
N GLY A 229 47.06 23.20 -4.99
CA GLY A 229 45.84 22.38 -4.87
C GLY A 229 44.67 22.99 -5.66
N ALA A 230 44.46 24.30 -5.51
CA ALA A 230 43.39 25.07 -6.18
C ALA A 230 43.53 24.94 -7.71
N ILE A 231 44.75 25.09 -8.22
CA ILE A 231 45.10 24.96 -9.67
C ILE A 231 44.73 23.56 -10.15
N VAL A 232 45.19 22.54 -9.43
CA VAL A 232 44.94 21.10 -9.74
C VAL A 232 43.43 20.83 -9.70
N LEU A 233 42.76 21.28 -8.62
CA LEU A 233 41.31 21.06 -8.39
C LEU A 233 40.50 21.62 -9.56
N ASP A 234 40.70 22.91 -9.88
CA ASP A 234 40.00 23.64 -10.98
C ASP A 234 40.16 22.87 -12.29
N LYS A 235 41.36 22.31 -12.53
CA LYS A 235 41.70 21.54 -13.75
C LYS A 235 41.09 20.14 -13.69
N SER A 236 41.11 19.52 -12.51
CA SER A 236 40.72 18.10 -12.27
C SER A 236 39.22 17.90 -12.45
N LEU A 237 38.39 18.80 -11.90
CA LEU A 237 36.92 18.67 -11.75
C LEU A 237 36.25 18.37 -13.09
N SER A 238 36.74 18.96 -14.19
CA SER A 238 36.16 18.81 -15.56
C SER A 238 36.49 17.43 -16.16
N ALA A 239 37.59 16.82 -15.70
CA ALA A 239 38.20 15.62 -16.28
C ALA A 239 37.52 14.36 -15.72
N ARG A 240 37.26 14.34 -14.41
CA ARG A 240 36.64 13.19 -13.69
C ARG A 240 35.25 12.90 -14.29
N GLU A 241 34.47 13.93 -14.57
CA GLU A 241 33.08 13.86 -15.13
C GLU A 241 33.10 13.15 -16.48
N LYS A 242 34.04 13.55 -17.36
CA LYS A 242 34.20 12.98 -18.73
C LYS A 242 34.48 11.47 -18.63
N LEU A 243 35.38 11.06 -17.73
CA LEU A 243 35.80 9.65 -17.49
C LEU A 243 34.59 8.82 -17.03
N TYR A 244 33.83 9.34 -16.04
CA TYR A 244 32.63 8.68 -15.46
C TYR A 244 31.56 8.48 -16.54
N ARG A 245 31.33 9.51 -17.37
CA ARG A 245 30.35 9.49 -18.48
C ARG A 245 30.68 8.35 -19.44
N ASP A 246 31.96 8.23 -19.83
CA ASP A 246 32.48 7.16 -20.73
C ASP A 246 32.26 5.79 -20.08
N ARG A 247 32.57 5.65 -18.79
CA ARG A 247 32.42 4.39 -18.00
C ARG A 247 30.96 3.91 -18.08
N SER A 248 30.02 4.80 -17.76
CA SER A 248 28.55 4.54 -17.78
C SER A 248 28.10 4.14 -19.19
N GLN A 249 28.53 4.90 -20.20
CA GLN A 249 28.22 4.68 -21.65
C GLN A 249 28.68 3.27 -22.05
N LEU A 250 29.91 2.89 -21.71
CA LEU A 250 30.52 1.57 -21.99
C LEU A 250 29.72 0.47 -21.29
N ASN A 251 29.36 0.69 -20.01
CA ASN A 251 28.55 -0.24 -19.18
C ASN A 251 27.22 -0.53 -19.88
N SER A 252 26.53 0.54 -20.32
CA SER A 252 25.23 0.49 -21.04
C SER A 252 25.39 -0.29 -22.36
N GLU A 253 26.39 0.07 -23.15
CA GLU A 253 26.72 -0.55 -24.47
C GLU A 253 26.92 -2.05 -24.29
N VAL A 254 27.72 -2.45 -23.29
CA VAL A 254 28.03 -3.88 -22.96
C VAL A 254 26.72 -4.61 -22.63
N LEU A 255 25.87 -4.00 -21.79
CA LEU A 255 24.55 -4.55 -21.38
C LEU A 255 23.68 -4.77 -22.64
N VAL A 256 23.58 -3.74 -23.49
CA VAL A 256 22.80 -3.75 -24.77
C VAL A 256 23.26 -4.95 -25.61
N ALA A 257 24.58 -5.10 -25.77
CA ALA A 257 25.23 -6.20 -26.54
C ALA A 257 24.83 -7.55 -25.93
N SER A 258 24.93 -7.67 -24.60
CA SER A 258 24.55 -8.89 -23.83
C SER A 258 23.05 -9.16 -23.99
N GLN A 259 22.25 -8.09 -24.16
CA GLN A 259 20.78 -8.17 -24.35
C GLN A 259 20.46 -8.77 -25.71
N ILE A 260 20.96 -8.18 -26.80
CA ILE A 260 20.73 -8.66 -28.21
C ILE A 260 21.19 -10.10 -28.35
N GLY A 261 22.29 -10.51 -27.71
CA GLY A 261 22.79 -11.91 -27.75
C GLY A 261 21.77 -12.90 -27.16
N SER A 262 21.33 -12.59 -25.94
CA SER A 262 20.26 -13.35 -25.23
C SER A 262 18.98 -13.33 -26.07
N GLY A 263 18.64 -12.17 -26.66
CA GLY A 263 17.46 -11.95 -27.50
C GLY A 263 17.44 -12.84 -28.72
N TYR A 264 18.54 -12.91 -29.47
CA TYR A 264 18.73 -13.80 -30.65
C TYR A 264 18.52 -15.25 -30.22
N ARG A 265 19.13 -15.64 -29.09
CA ARG A 265 19.00 -16.98 -28.48
C ARG A 265 17.52 -17.31 -28.25
N GLY A 266 16.77 -16.38 -27.65
CA GLY A 266 15.32 -16.48 -27.41
C GLY A 266 14.54 -16.60 -28.70
N LEU A 267 14.92 -15.84 -29.73
CA LEU A 267 14.32 -15.87 -31.10
C LEU A 267 14.54 -17.26 -31.70
N GLN A 268 15.75 -17.81 -31.56
CA GLN A 268 16.16 -19.15 -32.07
C GLN A 268 15.24 -20.23 -31.49
N THR A 269 14.99 -20.16 -30.19
CA THR A 269 14.07 -21.07 -29.44
C THR A 269 12.65 -20.94 -30.00
N GLN A 270 12.17 -19.70 -30.18
CA GLN A 270 10.82 -19.36 -30.71
C GLN A 270 10.62 -20.02 -32.08
N ALA A 271 11.65 -19.98 -32.93
CA ALA A 271 11.67 -20.58 -34.29
C ALA A 271 11.65 -22.11 -34.19
N GLN A 272 12.50 -22.67 -33.33
CA GLN A 272 12.61 -24.14 -33.08
C GLN A 272 11.23 -24.70 -32.71
N SER A 273 10.50 -24.01 -31.82
CA SER A 273 9.14 -24.37 -31.36
C SER A 273 8.14 -24.25 -32.51
N ALA A 274 8.21 -23.15 -33.27
CA ALA A 274 7.35 -22.88 -34.46
C ALA A 274 7.54 -23.99 -35.49
N VAL A 275 8.78 -24.49 -35.63
CA VAL A 275 9.14 -25.62 -36.54
C VAL A 275 8.32 -26.86 -36.15
N THR A 276 8.32 -27.19 -34.85
CA THR A 276 7.55 -28.31 -34.25
C THR A 276 6.05 -28.11 -34.51
N ALA A 277 5.55 -26.89 -34.28
CA ALA A 277 4.15 -26.49 -34.49
C ALA A 277 3.75 -26.74 -35.95
N ALA A 278 4.61 -26.31 -36.89
CA ALA A 278 4.40 -26.44 -38.35
C ALA A 278 4.39 -27.92 -38.75
N THR A 279 5.43 -28.66 -38.32
CA THR A 279 5.58 -30.12 -38.55
C THR A 279 4.30 -30.84 -38.10
N GLN A 280 3.76 -30.45 -36.94
CA GLN A 280 2.49 -30.97 -36.37
C GLN A 280 1.35 -30.71 -37.35
N MET A 281 1.23 -29.48 -37.87
CA MET A 281 0.18 -29.07 -38.84
C MET A 281 0.30 -29.90 -40.12
N ASN A 282 1.54 -30.16 -40.56
CA ASN A 282 1.86 -30.97 -41.77
C ASN A 282 1.32 -32.40 -41.59
N ASN A 283 1.59 -33.00 -40.43
CA ASN A 283 1.17 -34.37 -40.05
C ASN A 283 -0.36 -34.43 -39.99
N ALA A 284 -1.01 -33.39 -39.47
CA ALA A 284 -2.49 -33.28 -39.31
C ALA A 284 -3.16 -33.34 -40.68
N TRP A 285 -2.72 -32.50 -41.62
CA TRP A 285 -3.23 -32.44 -43.01
C TRP A 285 -2.97 -33.79 -43.72
N ASP A 286 -1.76 -34.33 -43.54
CA ASP A 286 -1.34 -35.64 -44.11
C ASP A 286 -2.31 -36.74 -43.67
N SER A 287 -2.67 -36.74 -42.38
CA SER A 287 -3.62 -37.70 -41.74
C SER A 287 -5.00 -37.55 -42.37
N LEU A 288 -5.50 -36.32 -42.50
CA LEU A 288 -6.83 -35.98 -43.10
C LEU A 288 -6.87 -36.51 -44.55
N THR A 289 -5.78 -36.28 -45.32
CA THR A 289 -5.63 -36.72 -46.72
C THR A 289 -5.72 -38.25 -46.80
N SER A 290 -4.98 -38.95 -45.93
CA SER A 290 -4.94 -40.43 -45.81
C SER A 290 -6.34 -40.96 -45.42
N GLU A 291 -6.96 -40.36 -44.42
CA GLU A 291 -8.31 -40.73 -43.87
C GLU A 291 -9.35 -40.65 -45.00
N LEU A 292 -9.27 -39.62 -45.84
CA LEU A 292 -10.14 -39.40 -47.02
C LEU A 292 -9.94 -40.55 -48.02
N GLU A 293 -8.68 -40.88 -48.32
CA GLU A 293 -8.29 -41.98 -49.25
C GLU A 293 -8.89 -43.31 -48.78
N THR A 294 -8.86 -43.57 -47.46
CA THR A 294 -9.38 -44.79 -46.80
C THR A 294 -10.91 -44.87 -46.97
N LEU A 295 -11.60 -43.75 -46.69
CA LEU A 295 -13.07 -43.62 -46.85
C LEU A 295 -13.45 -43.86 -48.32
N ASN A 296 -12.67 -43.30 -49.25
CA ASN A 296 -12.85 -43.44 -50.72
C ASN A 296 -12.74 -44.92 -51.11
N ALA A 297 -11.68 -45.59 -50.63
CA ALA A 297 -11.40 -47.03 -50.85
C ALA A 297 -12.54 -47.87 -50.24
N ASN A 298 -12.92 -47.56 -48.99
CA ASN A 298 -14.03 -48.20 -48.25
C ASN A 298 -15.33 -48.06 -49.07
N LEU A 299 -15.58 -46.85 -49.59
CA LEU A 299 -16.76 -46.51 -50.43
C LEU A 299 -16.73 -47.34 -51.72
N ARG A 300 -15.70 -47.15 -52.56
CA ARG A 300 -15.56 -47.73 -53.92
C ARG A 300 -15.83 -49.24 -53.92
N LYS A 301 -15.26 -49.96 -52.95
CA LYS A 301 -15.37 -51.45 -52.84
C LYS A 301 -16.80 -51.86 -52.43
N GLY A 302 -17.61 -50.93 -51.92
CA GLY A 302 -18.98 -51.16 -51.45
C GLY A 302 -19.04 -51.48 -49.97
N ILE A 303 -17.98 -51.16 -49.21
CA ILE A 303 -17.87 -51.42 -47.73
C ILE A 303 -18.71 -50.38 -46.98
N ILE A 304 -18.63 -49.11 -47.42
CA ILE A 304 -19.47 -47.98 -46.92
C ILE A 304 -20.67 -47.80 -47.86
N ASP A 305 -21.64 -46.98 -47.46
CA ASP A 305 -22.82 -46.57 -48.28
C ASP A 305 -23.06 -45.07 -48.11
N ASP A 306 -23.51 -44.39 -49.18
CA ASP A 306 -23.72 -42.91 -49.25
C ASP A 306 -24.88 -42.46 -48.32
N SER A 307 -25.67 -43.41 -47.83
CA SER A 307 -26.66 -43.26 -46.73
C SER A 307 -25.98 -43.04 -45.37
N PHE A 308 -25.13 -43.98 -44.96
CA PHE A 308 -24.45 -44.06 -43.64
C PHE A 308 -23.30 -43.04 -43.52
N LEU A 309 -22.46 -42.89 -44.55
CA LEU A 309 -21.28 -41.98 -44.56
C LEU A 309 -21.75 -40.52 -44.41
N ARG A 310 -22.98 -40.21 -44.87
CA ARG A 310 -23.63 -38.88 -44.74
C ARG A 310 -23.93 -38.57 -43.26
N GLN A 311 -24.57 -39.52 -42.57
CA GLN A 311 -24.90 -39.42 -41.11
C GLN A 311 -23.62 -39.32 -40.28
N LEU A 312 -22.53 -39.95 -40.74
CA LEU A 312 -21.19 -39.95 -40.08
C LEU A 312 -20.61 -38.52 -40.08
N PHE A 313 -20.55 -37.88 -41.25
CA PHE A 313 -20.04 -36.50 -41.45
C PHE A 313 -20.97 -35.49 -40.76
N LEU A 314 -22.29 -35.77 -40.76
CA LEU A 314 -23.35 -34.90 -40.18
C LEU A 314 -23.27 -34.89 -38.65
N THR A 315 -22.93 -36.04 -38.04
CA THR A 315 -22.73 -36.20 -36.58
C THR A 315 -21.44 -35.47 -36.14
N ALA A 316 -20.38 -35.57 -36.94
CA ALA A 316 -19.08 -34.89 -36.74
C ALA A 316 -19.27 -33.37 -36.79
N SER A 317 -20.11 -32.91 -37.73
CA SER A 317 -20.51 -31.49 -37.90
C SER A 317 -21.31 -31.01 -36.68
N GLN A 318 -22.18 -31.87 -36.14
CA GLN A 318 -22.96 -31.62 -34.89
C GLN A 318 -21.99 -31.38 -33.73
N THR A 319 -20.83 -32.07 -33.74
CA THR A 319 -19.78 -32.02 -32.69
C THR A 319 -18.46 -31.45 -33.22
N SER A 320 -17.49 -32.35 -33.46
CA SER A 320 -16.06 -32.04 -33.74
C SER A 320 -15.94 -30.85 -34.70
N VAL A 321 -16.61 -30.93 -35.86
CA VAL A 321 -16.49 -29.98 -37.01
C VAL A 321 -16.91 -28.57 -36.54
N THR A 322 -18.01 -28.48 -35.78
CA THR A 322 -18.52 -27.22 -35.17
C THR A 322 -17.48 -26.69 -34.16
N LYS A 323 -16.90 -27.58 -33.34
CA LYS A 323 -15.90 -27.26 -32.28
C LYS A 323 -14.62 -26.70 -32.89
N VAL A 324 -14.23 -27.20 -34.08
CA VAL A 324 -13.04 -26.73 -34.84
C VAL A 324 -13.36 -25.35 -35.45
N LEU A 325 -14.55 -25.20 -36.08
CA LEU A 325 -15.03 -23.95 -36.72
C LEU A 325 -15.05 -22.81 -35.71
N ASP A 326 -15.45 -23.11 -34.47
CA ASP A 326 -15.45 -22.17 -33.31
C ASP A 326 -14.02 -21.79 -32.97
N GLY A 327 -13.14 -22.79 -32.79
CA GLY A 327 -11.70 -22.63 -32.49
C GLY A 327 -11.02 -21.73 -33.52
N THR A 328 -11.43 -21.83 -34.79
CA THR A 328 -10.94 -21.00 -35.93
C THR A 328 -11.31 -19.53 -35.70
N LYS A 329 -12.60 -19.25 -35.52
CA LYS A 329 -13.16 -17.90 -35.25
C LYS A 329 -12.47 -17.29 -34.02
N ILE A 330 -12.21 -18.11 -32.99
CA ILE A 330 -11.59 -17.72 -31.69
C ILE A 330 -10.13 -17.28 -31.94
N ILE A 331 -9.36 -18.09 -32.65
CA ILE A 331 -7.93 -17.81 -33.01
C ILE A 331 -7.87 -16.51 -33.83
N LYS A 332 -8.79 -16.36 -34.81
CA LYS A 332 -8.91 -15.18 -35.71
C LYS A 332 -9.06 -13.90 -34.86
N GLN A 333 -9.86 -13.98 -33.79
CA GLN A 333 -10.10 -12.87 -32.82
C GLN A 333 -8.81 -12.61 -32.01
N GLN A 334 -8.19 -13.69 -31.50
CA GLN A 334 -7.01 -13.66 -30.59
C GLN A 334 -5.83 -12.90 -31.24
N MET A 335 -5.71 -13.00 -32.57
CA MET A 335 -4.71 -12.24 -33.38
C MET A 335 -5.14 -10.77 -33.47
N ALA A 336 -6.42 -10.51 -33.80
CA ALA A 336 -7.04 -9.17 -33.97
C ALA A 336 -7.10 -8.44 -32.61
N GLY A 337 -7.37 -9.18 -31.53
CA GLY A 337 -7.72 -8.63 -30.20
C GLY A 337 -9.18 -8.17 -30.14
N VAL A 338 -10.07 -8.79 -30.95
CA VAL A 338 -11.50 -8.39 -31.14
C VAL A 338 -12.43 -9.42 -30.50
N GLN B 15 -9.55 -1.82 -23.63
CA GLN B 15 -10.97 -1.38 -23.84
C GLN B 15 -11.08 -0.62 -25.18
N SER B 16 -10.03 0.13 -25.55
CA SER B 16 -9.98 0.98 -26.77
C SER B 16 -9.77 0.11 -28.02
N SER B 17 -10.28 0.58 -29.18
CA SER B 17 -9.95 0.02 -30.52
C SER B 17 -8.48 0.32 -30.86
N GLN B 18 -7.89 -0.59 -31.64
CA GLN B 18 -6.46 -0.52 -32.08
C GLN B 18 -6.16 0.87 -32.65
N ALA B 19 -7.03 1.36 -33.55
CA ALA B 19 -6.88 2.63 -34.29
C ALA B 19 -6.85 3.82 -33.32
N LEU B 20 -7.80 3.87 -32.38
CA LEU B 20 -7.92 4.95 -31.36
C LEU B 20 -6.64 5.01 -30.51
N HIS B 21 -6.09 3.84 -30.13
CA HIS B 21 -4.83 3.68 -29.34
C HIS B 21 -3.66 4.33 -30.09
N ILE B 22 -3.57 4.09 -31.40
CA ILE B 22 -2.54 4.68 -32.30
C ILE B 22 -2.82 6.17 -32.50
N GLN B 23 -4.09 6.53 -32.73
CA GLN B 23 -4.57 7.93 -32.94
C GLN B 23 -4.16 8.79 -31.73
N THR B 24 -4.33 8.26 -30.51
CA THR B 24 -3.93 8.90 -29.23
C THR B 24 -2.41 9.07 -29.18
N TYR B 25 -1.66 7.98 -29.42
CA TYR B 25 -0.17 7.95 -29.44
C TYR B 25 0.37 8.95 -30.46
N CYS B 26 -0.33 9.10 -31.59
CA CYS B 26 0.02 10.00 -32.72
C CYS B 26 -0.03 11.47 -32.27
N ASN B 27 -1.19 11.92 -31.79
CA ASN B 27 -1.44 13.30 -31.32
C ASN B 27 -0.49 13.62 -30.15
N SER B 28 -0.21 12.63 -29.29
CA SER B 28 0.69 12.73 -28.11
C SER B 28 2.12 13.04 -28.56
N VAL B 29 2.62 12.31 -29.56
CA VAL B 29 3.97 12.48 -30.16
C VAL B 29 4.07 13.88 -30.78
N ARG B 30 2.99 14.34 -31.44
CA ARG B 30 2.87 15.69 -32.05
C ARG B 30 3.15 16.77 -30.98
N GLN B 31 2.72 16.53 -29.74
CA GLN B 31 2.87 17.47 -28.59
C GLN B 31 4.30 17.42 -28.03
N GLN B 32 5.11 16.45 -28.42
CA GLN B 32 6.53 16.30 -27.99
C GLN B 32 7.30 17.61 -28.24
N ILE B 33 7.65 18.32 -27.17
CA ILE B 33 8.30 19.66 -27.21
C ILE B 33 9.80 19.49 -27.39
N PRO B 34 10.46 20.40 -28.13
CA PRO B 34 11.91 20.31 -28.32
C PRO B 34 12.67 20.83 -27.08
N VAL B 35 13.73 20.13 -26.66
CA VAL B 35 14.61 20.52 -25.53
C VAL B 35 15.93 21.05 -26.11
N ASP B 36 16.57 21.98 -25.40
CA ASP B 36 18.00 22.35 -25.60
C ASP B 36 18.74 22.14 -24.28
N PHE B 37 19.54 21.07 -24.17
CA PHE B 37 20.40 20.79 -23.00
C PHE B 37 21.71 21.57 -23.14
N GLY B 38 21.66 22.72 -23.84
CA GLY B 38 22.83 23.55 -24.17
C GLY B 38 23.70 23.86 -22.95
N ARG B 39 23.09 24.03 -21.78
CA ARG B 39 23.78 24.31 -20.50
C ARG B 39 24.54 23.07 -20.00
N PHE B 40 24.04 21.87 -20.31
CA PHE B 40 24.60 20.56 -19.89
C PHE B 40 25.55 20.03 -20.97
N PRO B 41 26.88 19.98 -20.69
CA PRO B 41 27.85 19.56 -21.70
C PRO B 41 27.79 18.05 -22.02
N ASN B 42 27.43 17.23 -21.03
CA ASN B 42 27.41 15.75 -21.12
C ASN B 42 26.18 15.27 -21.92
N LEU B 43 25.15 16.11 -22.06
CA LEU B 43 23.85 15.76 -22.72
C LEU B 43 23.80 16.30 -24.15
N ARG B 44 24.93 16.72 -24.73
CA ARG B 44 24.96 17.49 -26.02
C ARG B 44 24.44 16.57 -27.13
N GLU B 45 25.06 15.39 -27.26
CA GLU B 45 24.73 14.34 -28.26
C GLU B 45 23.30 13.85 -28.00
N SER B 46 22.96 13.61 -26.73
CA SER B 46 21.63 13.12 -26.27
C SER B 46 20.52 14.03 -26.83
N GLU B 47 20.64 15.33 -26.61
CA GLU B 47 19.64 16.37 -27.00
C GLU B 47 19.41 16.32 -28.51
N ARG B 48 20.49 16.40 -29.30
CA ARG B 48 20.46 16.39 -30.79
C ARG B 48 19.80 15.09 -31.26
N GLN B 49 20.26 13.94 -30.74
CA GLN B 49 19.73 12.59 -31.07
C GLN B 49 18.23 12.57 -30.79
N ILE B 50 17.83 13.00 -29.59
CA ILE B 50 16.41 13.07 -29.12
C ILE B 50 15.62 13.93 -30.10
N ASN B 51 16.10 15.15 -30.37
CA ASN B 51 15.44 16.16 -31.25
C ASN B 51 15.15 15.52 -32.62
N THR B 52 16.18 14.90 -33.22
CA THR B 52 16.12 14.25 -34.55
C THR B 52 15.04 13.16 -34.54
N GLY B 53 15.17 12.22 -33.60
CA GLY B 53 14.23 11.09 -33.41
C GLY B 53 12.80 11.59 -33.25
N LEU B 54 12.60 12.62 -32.43
CA LEU B 54 11.28 13.26 -32.19
C LEU B 54 10.74 13.80 -33.52
N GLY B 55 11.58 14.50 -34.29
CA GLY B 55 11.24 15.04 -35.61
C GLY B 55 10.71 13.93 -36.53
N ALA B 56 11.42 12.81 -36.58
CA ALA B 56 11.11 11.64 -37.45
C ALA B 56 9.77 11.02 -37.04
N ALA B 57 9.59 10.79 -35.74
CA ALA B 57 8.35 10.25 -35.12
C ALA B 57 7.16 11.12 -35.55
N ARG B 58 7.32 12.44 -35.48
CA ARG B 58 6.30 13.45 -35.89
C ARG B 58 5.89 13.19 -37.34
N GLN B 59 6.88 12.97 -38.22
CA GLN B 59 6.67 12.67 -39.66
C GLN B 59 5.80 11.41 -39.79
N HIS B 60 6.14 10.35 -39.04
CA HIS B 60 5.42 9.06 -39.02
C HIS B 60 3.95 9.29 -38.66
N ALA B 61 3.69 10.11 -37.64
CA ALA B 61 2.34 10.42 -37.09
C ALA B 61 1.51 11.15 -38.15
N GLU B 62 2.03 12.26 -38.67
CA GLU B 62 1.35 13.11 -39.68
C GLU B 62 0.84 12.23 -40.83
N HIS B 63 1.71 11.34 -41.33
CA HIS B 63 1.40 10.35 -42.40
C HIS B 63 0.25 9.45 -41.94
N TYR B 64 0.42 8.79 -40.79
CA TYR B 64 -0.56 7.89 -40.16
C TYR B 64 -1.91 8.58 -40.08
N LEU B 65 -1.91 9.82 -39.57
CA LEU B 65 -3.14 10.61 -39.30
C LEU B 65 -3.76 11.11 -40.60
N LYS B 66 -2.96 11.79 -41.44
CA LYS B 66 -3.45 12.52 -42.65
C LYS B 66 -3.81 11.54 -43.77
N ASP B 67 -3.13 10.40 -43.85
CA ASP B 67 -3.25 9.43 -44.97
C ASP B 67 -3.75 8.07 -44.44
N ILE B 68 -2.88 7.40 -43.69
CA ILE B 68 -2.91 5.94 -43.43
C ILE B 68 -4.28 5.55 -42.91
N GLN B 69 -4.65 6.02 -41.72
CA GLN B 69 -5.92 5.62 -41.04
C GLN B 69 -7.09 5.91 -41.98
N PRO B 70 -7.09 7.06 -42.69
CA PRO B 70 -8.18 7.37 -43.61
C PRO B 70 -8.27 6.37 -44.77
N LEU B 71 -7.14 6.07 -45.40
CA LEU B 71 -7.01 5.11 -46.54
C LEU B 71 -7.53 3.74 -46.10
N ILE B 72 -7.10 3.28 -44.92
CA ILE B 72 -7.52 1.98 -44.31
C ILE B 72 -9.05 1.95 -44.20
N ILE B 73 -9.63 3.05 -43.69
CA ILE B 73 -11.11 3.23 -43.50
C ILE B 73 -11.79 3.08 -44.86
N ARG B 74 -11.27 3.76 -45.89
CA ARG B 74 -11.83 3.76 -47.27
C ARG B 74 -11.91 2.32 -47.77
N ASN B 75 -10.81 1.56 -47.69
CA ASN B 75 -10.69 0.21 -48.31
C ASN B 75 -11.74 -0.68 -47.64
N VAL B 76 -11.80 -0.59 -46.30
CA VAL B 76 -12.72 -1.37 -45.43
C VAL B 76 -14.16 -1.05 -45.82
N THR B 77 -14.48 0.25 -45.95
CA THR B 77 -15.82 0.77 -46.33
C THR B 77 -16.26 0.15 -47.66
N ASN B 78 -15.38 0.23 -48.68
CA ASN B 78 -15.61 -0.33 -50.04
C ASN B 78 -15.90 -1.84 -49.91
N ILE B 79 -15.07 -2.55 -49.14
CA ILE B 79 -15.22 -4.00 -48.86
C ILE B 79 -16.58 -4.25 -48.21
N GLN B 80 -16.92 -3.44 -47.19
CA GLN B 80 -18.21 -3.53 -46.43
C GLN B 80 -19.38 -3.41 -47.42
N ASP B 81 -19.33 -2.41 -48.30
CA ASP B 81 -20.38 -2.13 -49.32
C ASP B 81 -20.49 -3.31 -50.28
N TYR B 82 -19.34 -3.88 -50.71
CA TYR B 82 -19.24 -4.98 -51.70
C TYR B 82 -19.93 -6.24 -51.17
N PHE B 83 -19.51 -6.70 -49.99
CA PHE B 83 -20.05 -7.89 -49.29
C PHE B 83 -21.53 -7.69 -48.99
N GLU B 84 -21.94 -6.44 -48.70
CA GLU B 84 -23.34 -6.04 -48.44
C GLU B 84 -24.21 -6.41 -49.65
N THR B 85 -23.77 -6.03 -50.85
CA THR B 85 -24.47 -6.31 -52.14
C THR B 85 -24.45 -7.81 -52.43
N GLN B 86 -23.27 -8.43 -52.32
CA GLN B 86 -23.00 -9.87 -52.62
C GLN B 86 -23.01 -10.67 -51.32
N ASN B 87 -24.13 -10.61 -50.58
CA ASN B 87 -24.20 -11.19 -49.20
C ASN B 87 -24.00 -12.72 -49.24
N LEU B 88 -24.60 -13.40 -50.21
CA LEU B 88 -24.66 -14.90 -50.28
C LEU B 88 -24.55 -15.40 -51.73
N ILE B 89 -23.69 -16.39 -51.96
CA ILE B 89 -23.48 -17.08 -53.28
C ILE B 89 -24.71 -17.93 -53.61
N SER B 90 -25.28 -17.73 -54.81
CA SER B 90 -26.38 -18.54 -55.40
C SER B 90 -25.82 -19.84 -55.97
N THR B 91 -25.62 -20.82 -55.08
CA THR B 91 -25.05 -22.17 -55.40
C THR B 91 -25.86 -22.82 -56.52
N VAL B 92 -27.18 -22.65 -56.50
CA VAL B 92 -28.14 -23.21 -57.51
C VAL B 92 -28.38 -22.14 -58.59
N MET B 93 -28.81 -22.58 -59.78
CA MET B 93 -29.29 -21.69 -60.87
C MET B 93 -30.55 -20.95 -60.37
N PRO B 94 -30.45 -19.63 -60.11
CA PRO B 94 -31.57 -18.89 -59.53
C PRO B 94 -32.77 -18.70 -60.50
N SER B 95 -33.88 -18.20 -59.97
CA SER B 95 -35.25 -18.43 -60.49
C SER B 95 -35.52 -17.65 -61.78
N GLY B 96 -35.58 -18.36 -62.92
CA GLY B 96 -36.05 -17.86 -64.22
C GLY B 96 -34.93 -17.32 -65.12
N ALA B 97 -33.71 -17.89 -65.03
CA ALA B 97 -32.45 -17.38 -65.62
C ALA B 97 -31.84 -18.49 -66.48
N THR B 98 -31.06 -18.13 -67.51
CA THR B 98 -30.19 -19.06 -68.29
C THR B 98 -28.98 -19.46 -67.43
N LYS B 99 -28.36 -20.60 -67.73
CA LYS B 99 -27.11 -21.09 -67.06
C LYS B 99 -25.96 -20.11 -67.34
N GLU B 100 -25.90 -19.60 -68.58
CA GLU B 100 -24.90 -18.59 -69.04
C GLU B 100 -25.03 -17.31 -68.21
N GLN B 101 -26.26 -16.85 -67.99
CA GLN B 101 -26.60 -15.63 -67.19
C GLN B 101 -26.04 -15.78 -65.77
N TRP B 102 -26.26 -16.94 -65.14
CA TRP B 102 -25.75 -17.29 -63.78
C TRP B 102 -24.22 -17.31 -63.79
N LEU B 103 -23.62 -17.91 -64.83
CA LEU B 103 -22.14 -18.03 -65.00
C LEU B 103 -21.51 -16.63 -65.13
N SER B 104 -22.11 -15.76 -65.94
CA SER B 104 -21.67 -14.36 -66.18
C SER B 104 -21.67 -13.59 -64.86
N ALA B 105 -22.79 -13.62 -64.13
CA ALA B 105 -22.98 -12.95 -62.81
C ALA B 105 -21.92 -13.43 -61.82
N LEU B 106 -21.69 -14.75 -61.76
CA LEU B 106 -20.65 -15.39 -60.90
C LEU B 106 -19.26 -14.88 -61.31
N GLY B 107 -18.95 -14.94 -62.61
CA GLY B 107 -17.68 -14.46 -63.18
C GLY B 107 -17.42 -13.00 -62.80
N MET B 108 -18.45 -12.16 -62.92
CA MET B 108 -18.42 -10.72 -62.53
C MET B 108 -18.07 -10.61 -61.04
N VAL B 109 -18.78 -11.36 -60.19
CA VAL B 109 -18.58 -11.42 -58.71
C VAL B 109 -17.14 -11.86 -58.44
N SER B 110 -16.66 -12.91 -59.12
CA SER B 110 -15.29 -13.46 -59.00
C SER B 110 -14.25 -12.35 -59.26
N ASP B 111 -14.42 -11.64 -60.40
CA ASP B 111 -13.53 -10.53 -60.84
C ASP B 111 -13.47 -9.45 -59.75
N LYS B 112 -14.64 -9.03 -59.24
CA LYS B 112 -14.81 -8.00 -58.19
C LYS B 112 -14.06 -8.42 -56.93
N ALA B 113 -14.22 -9.68 -56.50
CA ALA B 113 -13.56 -10.28 -55.32
C ALA B 113 -12.04 -10.21 -55.48
N LYS B 114 -11.55 -10.56 -56.69
CA LYS B 114 -10.10 -10.51 -57.04
C LYS B 114 -9.57 -9.09 -56.78
N GLU B 115 -10.25 -8.09 -57.34
CA GLU B 115 -9.92 -6.64 -57.17
C GLU B 115 -9.89 -6.30 -55.68
N TYR B 116 -10.91 -6.72 -54.93
CA TYR B 116 -11.06 -6.52 -53.46
C TYR B 116 -9.89 -7.19 -52.73
N GLN B 117 -9.51 -8.41 -53.13
CA GLN B 117 -8.37 -9.17 -52.58
C GLN B 117 -7.08 -8.33 -52.74
N GLU B 118 -6.82 -7.86 -53.97
CA GLU B 118 -5.66 -7.00 -54.32
C GLU B 118 -5.65 -5.75 -53.40
N VAL B 119 -6.81 -5.12 -53.24
CA VAL B 119 -7.03 -3.92 -52.38
C VAL B 119 -6.62 -4.27 -50.94
N SER B 120 -7.05 -5.44 -50.44
CA SER B 120 -6.76 -5.96 -49.07
C SER B 120 -5.25 -6.10 -48.88
N ALA B 121 -4.55 -6.69 -49.86
CA ALA B 121 -3.07 -6.86 -49.88
C ALA B 121 -2.40 -5.47 -49.79
N ASN B 122 -2.95 -4.49 -50.51
CA ASN B 122 -2.46 -3.09 -50.55
C ASN B 122 -2.52 -2.47 -49.14
N THR B 123 -3.67 -2.59 -48.47
CA THR B 123 -3.91 -2.11 -47.07
C THR B 123 -2.87 -2.74 -46.14
N ARG B 124 -2.64 -4.04 -46.28
CA ARG B 124 -1.65 -4.82 -45.48
C ARG B 124 -0.27 -4.18 -45.61
N ARG B 125 0.17 -3.91 -46.85
CA ARG B 125 1.46 -3.27 -47.17
C ARG B 125 1.57 -1.93 -46.41
N THR B 126 0.51 -1.11 -46.49
CA THR B 126 0.38 0.19 -45.77
C THR B 126 0.62 -0.04 -44.28
N ILE B 127 -0.05 -1.04 -43.70
CA ILE B 127 0.06 -1.45 -42.27
C ILE B 127 1.52 -1.81 -41.97
N GLY B 128 2.13 -2.64 -42.83
CA GLY B 128 3.54 -3.06 -42.73
C GLY B 128 4.46 -1.87 -42.60
N SER B 129 4.32 -0.87 -43.48
CA SER B 129 5.09 0.40 -43.48
C SER B 129 4.89 1.11 -42.13
N LEU B 130 3.64 1.25 -41.71
CA LEU B 130 3.25 1.87 -40.42
C LEU B 130 3.98 1.16 -39.26
N ASN B 131 3.93 -0.17 -39.27
CA ASN B 131 4.59 -1.06 -38.28
C ASN B 131 6.08 -0.69 -38.21
N ASP B 132 6.76 -0.72 -39.34
CA ASP B 132 8.21 -0.41 -39.49
C ASP B 132 8.48 0.97 -38.92
N LYS B 133 7.69 1.97 -39.31
CA LYS B 133 7.81 3.39 -38.86
C LYS B 133 7.73 3.45 -37.32
N LEU B 134 6.70 2.83 -36.75
CA LEU B 134 6.47 2.77 -35.28
C LEU B 134 7.65 2.06 -34.60
N ILE B 135 8.01 0.88 -35.11
CA ILE B 135 9.15 0.04 -34.61
C ILE B 135 10.39 0.92 -34.50
N ILE B 136 10.75 1.62 -35.59
CA ILE B 136 11.94 2.53 -35.68
C ILE B 136 11.83 3.61 -34.61
N ASP B 137 10.66 4.22 -34.46
CA ASP B 137 10.38 5.28 -33.46
C ASP B 137 10.66 4.74 -32.05
N SER B 138 10.02 3.62 -31.70
CA SER B 138 10.14 2.94 -30.37
C SER B 138 11.61 2.62 -30.07
N ASN B 139 12.35 2.10 -31.06
CA ASN B 139 13.78 1.72 -30.97
C ASN B 139 14.61 2.96 -30.63
N ASN B 140 14.46 4.03 -31.41
CA ASN B 140 15.16 5.33 -31.23
C ASN B 140 14.87 5.85 -29.82
N TYR B 141 13.60 5.79 -29.40
CA TYR B 141 13.13 6.21 -28.05
C TYR B 141 13.92 5.46 -26.97
N GLN B 142 13.94 4.13 -27.08
CA GLN B 142 14.66 3.22 -26.15
C GLN B 142 16.14 3.64 -26.07
N LEU B 143 16.76 3.89 -27.23
CA LEU B 143 18.19 4.30 -27.36
C LEU B 143 18.42 5.59 -26.57
N ILE B 144 17.53 6.57 -26.71
CA ILE B 144 17.57 7.86 -25.97
C ILE B 144 17.48 7.57 -24.47
N VAL B 145 16.55 6.71 -24.06
CA VAL B 145 16.29 6.33 -22.63
C VAL B 145 17.57 5.76 -22.02
N VAL B 146 18.19 4.78 -22.68
CA VAL B 146 19.45 4.12 -22.26
C VAL B 146 20.55 5.16 -22.14
N ASN B 147 20.72 5.99 -23.18
CA ASN B 147 21.72 7.10 -23.24
C ASN B 147 21.53 8.00 -22.02
N LEU B 148 20.29 8.33 -21.69
CA LEU B 148 19.89 9.19 -20.54
C LEU B 148 20.20 8.47 -19.23
N ASN B 149 19.72 7.23 -19.08
CA ASN B 149 19.94 6.38 -17.88
C ASN B 149 21.43 6.34 -17.54
N ASN B 150 22.27 6.15 -18.56
CA ASN B 150 23.76 6.10 -18.45
C ASN B 150 24.29 7.42 -17.87
N VAL B 151 23.75 8.55 -18.34
CA VAL B 151 24.18 9.94 -17.96
C VAL B 151 23.95 10.14 -16.46
N VAL B 152 22.76 9.79 -15.96
CA VAL B 152 22.35 9.98 -14.54
C VAL B 152 23.07 8.96 -13.65
N ASN B 153 23.42 7.78 -14.22
CA ASN B 153 24.07 6.67 -13.48
C ASN B 153 25.59 6.92 -13.34
N GLY B 154 26.18 7.61 -14.31
CA GLY B 154 27.52 8.23 -14.22
C GLY B 154 27.55 9.47 -13.34
N ASN B 155 26.65 10.43 -13.59
CA ASN B 155 26.53 11.74 -12.88
C ASN B 155 26.42 11.52 -11.37
N ASN B 156 25.90 10.37 -10.93
CA ASN B 156 25.65 10.01 -9.52
C ASN B 156 26.89 9.37 -8.87
N GLY B 157 27.90 8.96 -9.67
CA GLY B 157 29.27 8.68 -9.14
C GLY B 157 30.01 9.96 -8.74
N VAL B 158 30.01 10.92 -9.67
CA VAL B 158 30.51 12.33 -9.50
C VAL B 158 29.90 12.95 -8.24
N LEU B 159 28.57 12.84 -8.07
CA LEU B 159 27.78 13.45 -6.96
C LEU B 159 28.35 13.00 -5.60
N GLU B 160 28.71 11.72 -5.47
CA GLU B 160 29.26 11.09 -4.23
C GLU B 160 30.66 11.66 -3.94
N GLN B 161 31.53 11.73 -4.95
CA GLN B 161 32.91 12.31 -4.84
C GLN B 161 32.82 13.77 -4.41
N LEU B 162 31.76 14.48 -4.84
CA LEU B 162 31.48 15.91 -4.51
C LEU B 162 31.08 16.04 -3.04
N ASN B 163 30.13 15.23 -2.57
CA ASN B 163 29.65 15.19 -1.17
C ASN B 163 30.82 14.84 -0.24
N ARG B 164 31.71 13.93 -0.67
CA ARG B 164 32.92 13.47 0.06
C ARG B 164 33.93 14.62 0.14
N ASP B 165 34.13 15.36 -0.95
CA ASP B 165 35.04 16.53 -1.05
C ASP B 165 34.48 17.68 -0.20
N ILE B 166 33.17 17.94 -0.28
CA ILE B 166 32.44 19.00 0.48
C ILE B 166 32.61 18.75 1.99
N ASP B 167 32.55 17.50 2.41
CA ASP B 167 32.79 17.04 3.81
C ASP B 167 34.25 17.36 4.21
N GLY B 168 35.20 17.07 3.32
CA GLY B 168 36.64 17.34 3.53
C GLY B 168 36.96 18.83 3.59
N ILE B 169 36.12 19.67 2.96
CA ILE B 169 36.29 21.15 2.84
C ILE B 169 35.85 21.86 4.12
N ASN B 170 34.70 21.46 4.71
CA ASN B 170 34.15 21.98 5.97
C ASN B 170 35.15 21.83 7.13
N ALA B 171 36.01 20.80 7.12
CA ALA B 171 37.03 20.51 8.15
C ALA B 171 38.07 21.64 8.20
N ALA B 172 38.61 22.02 7.05
CA ALA B 172 39.55 23.17 6.88
C ALA B 172 38.82 24.47 7.26
N ILE B 173 37.54 24.60 6.89
CA ILE B 173 36.66 25.78 7.19
C ILE B 173 36.53 25.97 8.70
N ASP B 174 36.33 24.87 9.44
CA ASP B 174 36.26 24.85 10.93
C ASP B 174 37.66 25.08 11.52
N GLY B 175 38.69 24.45 10.94
CA GLY B 175 40.10 24.59 11.33
C GLY B 175 40.57 26.03 11.29
N ALA B 176 40.07 26.81 10.32
CA ALA B 176 40.29 28.26 10.18
C ALA B 176 39.51 29.02 11.26
N ILE B 177 38.24 28.66 11.45
CA ILE B 177 37.31 29.25 12.48
C ILE B 177 37.96 29.08 13.87
N ALA B 178 38.56 27.93 14.15
CA ALA B 178 39.25 27.58 15.42
C ALA B 178 40.46 28.49 15.62
N GLY B 179 41.35 28.58 14.63
CA GLY B 179 42.56 29.43 14.64
C GLY B 179 42.21 30.90 14.88
N ILE B 180 41.12 31.37 14.30
CA ILE B 180 40.62 32.78 14.40
C ILE B 180 40.21 33.08 15.85
N VAL B 181 39.45 32.16 16.45
CA VAL B 181 38.95 32.27 17.86
C VAL B 181 40.13 32.16 18.80
N VAL B 182 40.95 31.11 18.69
CA VAL B 182 42.17 30.87 19.52
C VAL B 182 43.05 32.13 19.50
N GLY B 183 43.21 32.75 18.32
CA GLY B 183 43.95 34.03 18.17
C GLY B 183 43.32 35.15 18.96
N GLY B 184 41.99 35.29 18.87
CA GLY B 184 41.20 36.31 19.59
C GLY B 184 41.36 36.20 21.10
N LEU B 185 41.37 34.98 21.64
CA LEU B 185 41.56 34.68 23.08
C LEU B 185 43.01 34.99 23.48
N LEU B 186 43.98 34.50 22.72
CA LEU B 186 45.44 34.69 22.95
C LEU B 186 45.75 36.19 23.07
N VAL B 187 45.22 36.99 22.14
CA VAL B 187 45.36 38.47 22.10
C VAL B 187 44.71 39.06 23.36
N ILE B 188 43.48 38.67 23.65
CA ILE B 188 42.67 39.12 24.82
C ILE B 188 43.47 38.85 26.10
N GLY B 189 43.92 37.61 26.29
CA GLY B 189 44.75 37.18 27.44
C GLY B 189 46.07 37.92 27.47
N GLY B 190 46.74 38.03 26.31
CA GLY B 190 48.03 38.75 26.16
C GLY B 190 47.94 40.19 26.63
N ALA B 191 46.86 40.89 26.27
CA ALA B 191 46.58 42.29 26.65
C ALA B 191 46.49 42.42 28.17
N ILE B 192 45.71 41.53 28.81
CA ILE B 192 45.50 41.48 30.28
C ILE B 192 46.85 41.23 30.97
N VAL B 193 47.65 40.30 30.45
CA VAL B 193 48.99 39.92 31.00
C VAL B 193 49.95 41.09 30.83
N THR B 194 50.06 41.64 29.62
CA THR B 194 50.93 42.79 29.26
C THR B 194 50.65 43.97 30.21
N ALA B 195 49.37 44.30 30.39
CA ALA B 195 48.87 45.38 31.29
C ALA B 195 49.32 45.11 32.72
N ILE B 196 49.17 43.88 33.19
CA ILE B 196 49.58 43.41 34.56
C ILE B 196 51.09 43.57 34.68
N GLY B 197 51.86 42.99 33.75
CA GLY B 197 53.33 43.04 33.70
C GLY B 197 53.86 44.47 33.72
N ALA B 198 53.16 45.39 33.04
CA ALA B 198 53.53 46.82 32.91
C ALA B 198 53.35 47.55 34.25
N VAL B 199 52.27 47.24 34.97
CA VAL B 199 51.90 47.86 36.29
C VAL B 199 52.86 47.33 37.37
N ALA B 200 53.37 46.10 37.21
CA ALA B 200 54.32 45.43 38.13
C ALA B 200 55.75 45.91 37.87
N GLY B 201 56.02 46.42 36.67
CA GLY B 201 57.30 47.07 36.30
C GLY B 201 57.39 48.48 36.86
N LEU B 202 56.24 49.07 37.22
CA LEU B 202 56.11 50.43 37.82
C LEU B 202 56.13 50.34 39.36
N VAL B 203 56.48 49.16 39.92
CA VAL B 203 56.05 48.73 41.31
C VAL B 203 57.15 47.90 42.00
N THR B 204 58.27 48.56 42.30
CA THR B 204 59.52 47.95 42.84
C THR B 204 60.04 46.98 41.79
N ALA B 205 60.28 47.49 40.57
CA ALA B 205 60.54 46.75 39.31
C ALA B 205 60.73 45.26 39.63
N GLY B 206 61.85 44.93 40.28
CA GLY B 206 62.26 43.53 40.53
C GLY B 206 62.62 42.81 39.24
N THR B 207 61.60 42.51 38.40
CA THR B 207 61.76 41.62 37.21
C THR B 207 60.38 41.22 36.66
N SER B 208 59.55 42.22 36.35
CA SER B 208 58.24 42.07 35.65
C SER B 208 58.34 42.50 34.18
N THR B 209 59.53 42.39 33.57
CA THR B 209 59.77 42.60 32.11
C THR B 209 59.46 41.32 31.35
N PRO B 210 59.78 40.14 31.94
CA PRO B 210 59.49 38.86 31.27
C PRO B 210 57.99 38.60 31.07
N VAL B 211 57.17 39.02 32.04
CA VAL B 211 55.68 38.91 32.02
C VAL B 211 55.12 39.75 30.86
N VAL B 212 55.58 41.00 30.74
CA VAL B 212 55.19 41.96 29.68
C VAL B 212 55.55 41.36 28.31
N MET B 213 56.75 40.79 28.18
CA MET B 213 57.28 40.14 26.95
C MET B 213 56.34 39.00 26.54
N GLY B 214 56.03 38.09 27.48
CA GLY B 214 55.10 36.97 27.29
C GLY B 214 53.72 37.45 26.87
N GLY B 215 53.25 38.55 27.46
CA GLY B 215 51.96 39.19 27.14
C GLY B 215 51.96 39.76 25.73
N ILE B 216 53.04 40.45 25.35
CA ILE B 216 53.24 41.04 23.99
C ILE B 216 53.32 39.91 22.96
N ALA B 217 54.07 38.85 23.27
CA ALA B 217 54.25 37.65 22.43
C ALA B 217 52.88 36.98 22.17
N MET B 218 52.08 36.79 23.24
CA MET B 218 50.72 36.21 23.18
C MET B 218 49.83 37.07 22.28
N MET B 219 49.91 38.40 22.45
CA MET B 219 49.18 39.40 21.62
C MET B 219 49.61 39.25 20.15
N THR B 220 50.92 39.27 19.91
CA THR B 220 51.56 39.16 18.55
C THR B 220 51.08 37.87 17.86
N ALA B 221 51.22 36.73 18.54
CA ALA B 221 50.82 35.39 18.06
C ALA B 221 49.32 35.37 17.76
N GLY B 222 48.51 35.92 18.68
CA GLY B 222 47.04 36.02 18.54
C GLY B 222 46.65 36.76 17.28
N ALA B 223 47.31 37.88 16.99
CA ALA B 223 47.10 38.71 15.77
C ALA B 223 47.50 37.90 14.53
N GLY B 224 48.68 37.27 14.57
CA GLY B 224 49.20 36.42 13.48
C GLY B 224 48.22 35.32 13.10
N GLY B 225 47.71 34.60 14.11
CA GLY B 225 46.71 33.52 13.94
C GLY B 225 45.41 34.03 13.36
N VAL B 226 44.92 35.18 13.83
CA VAL B 226 43.66 35.84 13.35
C VAL B 226 43.83 36.22 11.88
N ILE B 227 45.00 36.77 11.51
CA ILE B 227 45.33 37.22 10.13
C ILE B 227 45.44 35.99 9.21
N GLY B 228 46.29 35.03 9.60
CA GLY B 228 46.54 33.79 8.84
C GLY B 228 45.26 33.00 8.59
N GLY B 229 44.43 32.85 9.63
CA GLY B 229 43.13 32.17 9.58
C GLY B 229 42.17 32.83 8.60
N ALA B 230 42.09 34.16 8.62
CA ALA B 230 41.22 34.98 7.73
C ALA B 230 41.57 34.70 6.26
N ILE B 231 42.88 34.70 5.95
CA ILE B 231 43.43 34.42 4.59
C ILE B 231 42.99 33.02 4.16
N VAL B 232 43.24 32.03 5.01
CA VAL B 232 42.89 30.59 4.79
C VAL B 232 41.38 30.46 4.60
N LEU B 233 40.60 31.06 5.51
CA LEU B 233 39.11 30.98 5.53
C LEU B 233 38.55 31.49 4.21
N ASP B 234 38.92 32.72 3.83
CA ASP B 234 38.48 33.40 2.57
C ASP B 234 38.77 32.49 1.37
N LYS B 235 39.92 31.82 1.37
CA LYS B 235 40.37 30.91 0.29
C LYS B 235 39.62 29.57 0.38
N SER B 236 39.40 29.05 1.59
CA SER B 236 38.84 27.70 1.88
C SER B 236 37.37 27.62 1.46
N LEU B 237 36.57 28.60 1.88
CA LEU B 237 35.15 28.79 1.44
C LEU B 237 35.11 28.97 -0.08
N SER B 238 36.13 29.62 -0.65
CA SER B 238 36.28 29.95 -2.09
C SER B 238 36.63 28.70 -2.91
N ALA B 239 37.22 27.68 -2.29
CA ALA B 239 37.38 26.32 -2.87
C ALA B 239 36.08 25.53 -2.66
N ARG B 240 35.50 25.63 -1.46
CA ARG B 240 34.21 25.02 -1.05
C ARG B 240 33.10 25.49 -1.99
N GLU B 241 33.06 26.78 -2.33
CA GLU B 241 32.02 27.42 -3.20
C GLU B 241 32.03 26.78 -4.58
N LYS B 242 33.21 26.59 -5.17
CA LYS B 242 33.43 25.99 -6.52
C LYS B 242 32.85 24.56 -6.53
N LEU B 243 33.15 23.76 -5.50
CA LEU B 243 32.71 22.35 -5.34
C LEU B 243 31.18 22.30 -5.26
N TYR B 244 30.58 23.15 -4.42
CA TYR B 244 29.10 23.24 -4.18
C TYR B 244 28.39 23.60 -5.49
N ARG B 245 28.93 24.57 -6.23
CA ARG B 245 28.38 25.05 -7.53
C ARG B 245 28.29 23.87 -8.51
N ASP B 246 29.37 23.09 -8.62
CA ASP B 246 29.46 21.89 -9.50
C ASP B 246 28.41 20.85 -9.07
N ARG B 247 28.31 20.60 -7.75
CA ARG B 247 27.36 19.63 -7.14
C ARG B 247 25.93 19.99 -7.55
N SER B 248 25.53 21.25 -7.35
CA SER B 248 24.19 21.80 -7.68
C SER B 248 23.92 21.65 -9.18
N GLN B 249 24.89 22.04 -10.02
CA GLN B 249 24.81 21.97 -11.51
C GLN B 249 24.53 20.52 -11.93
N LEU B 250 25.31 19.57 -11.38
CA LEU B 250 25.17 18.11 -11.66
C LEU B 250 23.80 17.61 -11.21
N ASN B 251 23.36 18.02 -10.01
CA ASN B 251 22.04 17.67 -9.41
C ASN B 251 20.92 18.11 -10.35
N SER B 252 20.98 19.36 -10.83
CA SER B 252 19.99 19.97 -11.76
C SER B 252 19.97 19.18 -13.07
N GLU B 253 21.15 18.95 -13.66
CA GLU B 253 21.33 18.20 -14.93
C GLU B 253 20.67 16.82 -14.82
N VAL B 254 20.98 16.09 -13.73
CA VAL B 254 20.47 14.72 -13.43
C VAL B 254 18.93 14.78 -13.36
N LEU B 255 18.38 15.75 -12.64
CA LEU B 255 16.92 15.96 -12.47
C LEU B 255 16.27 16.17 -13.84
N VAL B 256 16.83 17.07 -14.64
CA VAL B 256 16.35 17.41 -16.02
C VAL B 256 16.29 16.10 -16.85
N ALA B 257 17.36 15.32 -16.81
CA ALA B 257 17.49 14.01 -17.51
C ALA B 257 16.38 13.06 -17.03
N SER B 258 16.21 12.94 -15.71
CA SER B 258 15.18 12.12 -15.05
C SER B 258 13.78 12.61 -15.43
N GLN B 259 13.63 13.92 -15.71
CA GLN B 259 12.36 14.55 -16.15
C GLN B 259 12.01 14.07 -17.57
N ILE B 260 12.89 14.36 -18.52
CA ILE B 260 12.71 14.04 -19.97
C ILE B 260 12.62 12.50 -20.12
N GLY B 261 13.43 11.79 -19.31
CA GLY B 261 13.51 10.33 -19.25
C GLY B 261 12.18 9.70 -18.93
N SER B 262 11.47 10.17 -17.89
CA SER B 262 10.11 9.72 -17.52
C SER B 262 9.14 9.89 -18.71
N GLY B 263 9.22 11.04 -19.37
CA GLY B 263 8.37 11.39 -20.54
C GLY B 263 8.61 10.44 -21.71
N TYR B 264 9.88 10.26 -22.07
CA TYR B 264 10.34 9.32 -23.14
C TYR B 264 9.87 7.90 -22.79
N ARG B 265 10.04 7.50 -21.52
CA ARG B 265 9.61 6.19 -20.97
C ARG B 265 8.11 5.98 -21.25
N GLY B 266 7.29 6.99 -20.94
CA GLY B 266 5.83 6.98 -21.19
C GLY B 266 5.53 6.85 -22.68
N LEU B 267 6.28 7.58 -23.51
CA LEU B 267 6.17 7.53 -24.99
C LEU B 267 6.51 6.11 -25.49
N GLN B 268 7.56 5.51 -24.95
CA GLN B 268 8.07 4.15 -25.30
C GLN B 268 6.97 3.12 -25.06
N THR B 269 6.28 3.21 -23.92
CA THR B 269 5.14 2.34 -23.55
C THR B 269 4.00 2.51 -24.57
N GLN B 270 3.66 3.77 -24.89
CA GLN B 270 2.60 4.14 -25.86
C GLN B 270 2.88 3.47 -27.22
N ALA B 271 4.14 3.48 -27.65
CA ALA B 271 4.62 2.89 -28.92
C ALA B 271 4.54 1.36 -28.85
N GLN B 272 5.00 0.76 -27.75
CA GLN B 272 4.98 -0.70 -27.50
C GLN B 272 3.55 -1.23 -27.66
N SER B 273 2.58 -0.52 -27.08
CA SER B 273 1.13 -0.85 -27.14
C SER B 273 0.61 -0.71 -28.58
N ALA B 274 0.98 0.40 -29.24
CA ALA B 274 0.61 0.70 -30.65
C ALA B 274 1.16 -0.40 -31.56
N VAL B 275 2.35 -0.93 -31.27
CA VAL B 275 3.01 -2.04 -32.01
C VAL B 275 2.08 -3.27 -31.98
N THR B 276 1.59 -3.63 -30.79
CA THR B 276 0.65 -4.75 -30.55
C THR B 276 -0.64 -4.51 -31.34
N ALA B 277 -1.18 -3.28 -31.26
CA ALA B 277 -2.40 -2.83 -31.96
C ALA B 277 -2.22 -3.02 -33.48
N ALA B 278 -1.07 -2.60 -34.01
CA ALA B 278 -0.72 -2.65 -35.45
C ALA B 278 -0.60 -4.11 -35.89
N THR B 279 0.19 -4.91 -35.16
CA THR B 279 0.40 -6.36 -35.40
C THR B 279 -0.97 -7.05 -35.52
N GLN B 280 -1.89 -6.69 -34.61
CA GLN B 280 -3.29 -7.20 -34.59
C GLN B 280 -3.98 -6.85 -35.92
N MET B 281 -3.87 -5.58 -36.34
CA MET B 281 -4.48 -5.06 -37.59
C MET B 281 -3.90 -5.80 -38.80
N ASN B 282 -2.59 -6.09 -38.77
CA ASN B 282 -1.85 -6.82 -39.85
C ASN B 282 -2.44 -8.24 -40.00
N ASN B 283 -2.65 -8.93 -38.87
CA ASN B 283 -3.23 -10.30 -38.83
C ASN B 283 -4.67 -10.27 -39.36
N ALA B 284 -5.44 -9.23 -39.01
CA ALA B 284 -6.85 -9.05 -39.39
C ALA B 284 -6.97 -8.94 -40.92
N TRP B 285 -6.18 -8.05 -41.53
CA TRP B 285 -6.12 -7.83 -43.00
C TRP B 285 -5.65 -9.11 -43.69
N ASP B 286 -4.62 -9.77 -43.15
CA ASP B 286 -4.05 -11.04 -43.66
C ASP B 286 -5.16 -12.10 -43.75
N SER B 287 -5.99 -12.20 -42.69
CA SER B 287 -7.14 -13.13 -42.59
C SER B 287 -8.17 -12.82 -43.70
N LEU B 288 -8.54 -11.55 -43.82
CA LEU B 288 -9.52 -11.04 -44.84
C LEU B 288 -9.02 -11.39 -46.24
N THR B 289 -7.73 -11.16 -46.51
CA THR B 289 -7.03 -11.44 -47.80
C THR B 289 -7.13 -12.94 -48.11
N SER B 290 -6.82 -13.79 -47.13
CA SER B 290 -6.88 -15.28 -47.23
C SER B 290 -8.33 -15.72 -47.51
N GLU B 291 -9.30 -15.19 -46.73
CA GLU B 291 -10.74 -15.51 -46.84
C GLU B 291 -11.26 -15.19 -48.25
N LEU B 292 -10.81 -14.07 -48.81
CA LEU B 292 -11.14 -13.63 -50.19
C LEU B 292 -10.58 -14.64 -51.21
N GLU B 293 -9.32 -15.04 -51.03
CA GLU B 293 -8.61 -16.02 -51.90
C GLU B 293 -9.38 -17.35 -51.93
N THR B 294 -9.89 -17.79 -50.77
CA THR B 294 -10.67 -19.04 -50.59
C THR B 294 -11.99 -18.96 -51.36
N LEU B 295 -12.71 -17.84 -51.20
CA LEU B 295 -13.98 -17.55 -51.92
C LEU B 295 -13.72 -17.55 -53.43
N ASN B 296 -12.63 -16.92 -53.87
CA ASN B 296 -12.19 -16.83 -55.29
C ASN B 296 -11.96 -18.24 -55.84
N ALA B 297 -11.20 -19.06 -55.10
CA ALA B 297 -10.89 -20.48 -55.43
C ALA B 297 -12.19 -21.30 -55.46
N ASN B 298 -13.04 -21.13 -54.45
CA ASN B 298 -14.38 -21.78 -54.34
C ASN B 298 -15.21 -21.40 -55.56
N LEU B 299 -15.21 -20.12 -55.94
CA LEU B 299 -15.93 -19.57 -57.11
C LEU B 299 -15.40 -20.20 -58.41
N ARG B 300 -14.11 -19.99 -58.71
CA ARG B 300 -13.43 -20.38 -59.98
C ARG B 300 -13.71 -21.85 -60.33
N LYS B 301 -13.61 -22.75 -59.34
CA LYS B 301 -13.77 -24.23 -59.50
C LYS B 301 -15.24 -24.58 -59.76
N GLY B 302 -16.18 -23.65 -59.51
CA GLY B 302 -17.63 -23.84 -59.69
C GLY B 302 -18.10 -23.48 -61.10
N ILE B 303 -17.34 -22.62 -61.79
CA ILE B 303 -17.60 -22.18 -63.20
C ILE B 303 -17.17 -23.31 -64.16
N ILE B 304 -16.02 -23.93 -63.88
CA ILE B 304 -15.48 -25.13 -64.59
C ILE B 304 -15.88 -26.38 -63.80
N ASP B 305 -17.18 -26.53 -63.49
CA ASP B 305 -17.77 -27.73 -62.83
C ASP B 305 -19.06 -28.14 -63.53
N ASP B 306 -19.37 -29.45 -63.56
CA ASP B 306 -20.60 -30.07 -64.12
C ASP B 306 -21.85 -29.63 -63.34
N SER B 307 -22.71 -30.57 -62.93
CA SER B 307 -23.99 -30.24 -62.23
C SER B 307 -23.71 -30.07 -60.72
N PHE B 308 -23.41 -31.19 -60.04
CA PHE B 308 -23.44 -31.33 -58.56
C PHE B 308 -22.19 -30.71 -57.91
N LEU B 309 -21.00 -30.95 -58.49
CA LEU B 309 -19.69 -30.46 -57.99
C LEU B 309 -19.66 -28.92 -58.01
N ARG B 310 -20.43 -28.30 -58.93
CA ARG B 310 -20.61 -26.83 -59.05
C ARG B 310 -21.34 -26.28 -57.83
N GLN B 311 -22.48 -26.87 -57.47
CA GLN B 311 -23.32 -26.50 -56.29
C GLN B 311 -22.51 -26.71 -55.00
N LEU B 312 -21.60 -27.69 -54.98
CA LEU B 312 -20.71 -28.03 -53.84
C LEU B 312 -19.74 -26.88 -53.56
N PHE B 313 -19.01 -26.43 -54.58
CA PHE B 313 -18.03 -25.31 -54.53
C PHE B 313 -18.76 -23.99 -54.26
N LEU B 314 -19.98 -23.83 -54.81
CA LEU B 314 -20.82 -22.61 -54.71
C LEU B 314 -21.36 -22.45 -53.28
N THR B 315 -21.70 -23.56 -52.61
CA THR B 315 -22.17 -23.60 -51.20
C THR B 315 -20.99 -23.25 -50.26
N ALA B 316 -19.80 -23.78 -50.55
CA ALA B 316 -18.54 -23.52 -49.81
C ALA B 316 -18.17 -22.03 -49.91
N SER B 317 -18.37 -21.45 -51.10
CA SER B 317 -18.17 -20.00 -51.40
C SER B 317 -19.17 -19.16 -50.61
N GLN B 318 -20.42 -19.63 -50.48
CA GLN B 318 -21.49 -19.00 -49.67
C GLN B 318 -21.04 -18.94 -48.20
N THR B 319 -20.27 -19.95 -47.75
CA THR B 319 -19.70 -20.05 -46.38
C THR B 319 -18.48 -19.13 -46.29
N SER B 320 -17.61 -19.13 -47.32
CA SER B 320 -16.60 -18.07 -47.60
C SER B 320 -17.19 -16.68 -47.36
N VAL B 321 -18.34 -16.39 -47.98
CA VAL B 321 -19.03 -15.06 -48.00
C VAL B 321 -19.34 -14.60 -46.57
N THR B 322 -19.85 -15.51 -45.74
CA THR B 322 -20.13 -15.28 -44.29
C THR B 322 -18.81 -15.00 -43.55
N LYS B 323 -17.75 -15.75 -43.85
CA LYS B 323 -16.39 -15.64 -43.23
C LYS B 323 -15.75 -14.29 -43.56
N VAL B 324 -16.00 -13.77 -44.77
CA VAL B 324 -15.54 -12.44 -45.24
C VAL B 324 -16.33 -11.34 -44.52
N LEU B 325 -17.67 -11.47 -44.46
CA LEU B 325 -18.61 -10.51 -43.81
C LEU B 325 -18.23 -10.35 -42.32
N ASP B 326 -17.82 -11.44 -41.68
CA ASP B 326 -17.32 -11.46 -40.27
C ASP B 326 -16.00 -10.68 -40.20
N GLY B 327 -15.05 -11.01 -41.07
CA GLY B 327 -13.73 -10.33 -41.19
C GLY B 327 -13.88 -8.82 -41.36
N THR B 328 -14.91 -8.40 -42.10
CA THR B 328 -15.27 -6.97 -42.33
C THR B 328 -15.67 -6.30 -41.01
N LYS B 329 -16.67 -6.86 -40.32
CA LYS B 329 -17.17 -6.38 -39.01
C LYS B 329 -16.00 -6.32 -38.01
N ILE B 330 -15.08 -7.30 -38.05
CA ILE B 330 -13.90 -7.44 -37.14
C ILE B 330 -12.93 -6.27 -37.39
N ILE B 331 -12.58 -6.03 -38.66
CA ILE B 331 -11.67 -4.92 -39.09
C ILE B 331 -12.29 -3.58 -38.67
N LYS B 332 -13.60 -3.41 -38.89
CA LYS B 332 -14.38 -2.18 -38.54
C LYS B 332 -14.21 -1.87 -37.05
N GLN B 333 -14.24 -2.91 -36.21
CA GLN B 333 -14.05 -2.82 -34.73
C GLN B 333 -12.60 -2.43 -34.41
N GLN B 334 -11.62 -3.03 -35.09
CA GLN B 334 -10.18 -2.70 -34.93
C GLN B 334 -9.97 -1.20 -35.17
N MET C 8 -43.40 -1.78 22.46
CA MET C 8 -42.91 -3.20 22.62
C MET C 8 -41.70 -3.44 21.71
N ASN C 9 -41.75 -2.96 20.47
CA ASN C 9 -40.69 -3.12 19.44
C ASN C 9 -39.37 -2.54 19.96
N ASP C 10 -39.42 -1.36 20.60
CA ASP C 10 -38.24 -0.61 21.11
C ASP C 10 -37.51 -1.40 22.20
N GLY C 11 -38.26 -2.01 23.12
CA GLY C 11 -37.73 -2.82 24.23
C GLY C 11 -37.15 -4.15 23.76
N MET C 12 -37.83 -4.83 22.83
CA MET C 12 -37.45 -6.16 22.29
C MET C 12 -36.12 -6.05 21.52
N ASN C 13 -35.99 -5.02 20.68
CA ASN C 13 -34.80 -4.75 19.83
C ASN C 13 -33.60 -4.43 20.73
N ALA C 14 -33.74 -3.46 21.63
CA ALA C 14 -32.69 -3.00 22.58
C ALA C 14 -32.15 -4.18 23.39
N GLN C 15 -33.05 -5.07 23.83
CA GLN C 15 -32.73 -6.31 24.59
C GLN C 15 -31.96 -7.28 23.69
N SER C 16 -32.26 -7.31 22.39
CA SER C 16 -31.70 -8.25 21.38
C SER C 16 -30.24 -7.89 21.03
N SER C 17 -29.92 -6.60 20.88
CA SER C 17 -28.54 -6.11 20.71
C SER C 17 -27.79 -6.26 22.04
N GLN C 18 -28.39 -5.82 23.16
CA GLN C 18 -27.86 -5.99 24.54
C GLN C 18 -27.40 -7.43 24.75
N ALA C 19 -28.26 -8.40 24.40
CA ALA C 19 -28.06 -9.86 24.61
C ALA C 19 -26.83 -10.35 23.86
N LEU C 20 -26.71 -9.99 22.57
CA LEU C 20 -25.58 -10.38 21.68
C LEU C 20 -24.25 -9.84 22.27
N HIS C 21 -24.27 -8.60 22.78
CA HIS C 21 -23.11 -7.92 23.43
C HIS C 21 -22.62 -8.74 24.63
N ILE C 22 -23.56 -9.22 25.46
CA ILE C 22 -23.29 -10.08 26.65
C ILE C 22 -22.86 -11.48 26.18
N GLN C 23 -23.56 -12.03 25.17
CA GLN C 23 -23.27 -13.37 24.57
C GLN C 23 -21.81 -13.41 24.09
N THR C 24 -21.36 -12.34 23.43
CA THR C 24 -19.97 -12.14 22.94
C THR C 24 -19.00 -12.08 24.12
N TYR C 25 -19.28 -11.22 25.11
CA TYR C 25 -18.48 -11.02 26.35
C TYR C 25 -18.36 -12.35 27.11
N CYS C 26 -19.42 -13.16 27.10
CA CYS C 26 -19.52 -14.49 27.79
C CYS C 26 -18.51 -15.47 27.18
N ASN C 27 -18.62 -15.73 25.86
CA ASN C 27 -17.73 -16.66 25.11
C ASN C 27 -16.28 -16.18 25.21
N SER C 28 -16.06 -14.86 25.21
CA SER C 28 -14.73 -14.20 25.31
C SER C 28 -14.08 -14.53 26.65
N VAL C 29 -14.83 -14.39 27.74
CA VAL C 29 -14.38 -14.69 29.14
C VAL C 29 -14.04 -16.18 29.24
N ARG C 30 -14.84 -17.05 28.59
CA ARG C 30 -14.61 -18.52 28.52
C ARG C 30 -13.20 -18.80 27.98
N GLN C 31 -12.74 -17.98 27.02
CA GLN C 31 -11.42 -18.13 26.34
C GLN C 31 -10.29 -17.61 27.25
N GLN C 32 -10.61 -16.86 28.31
CA GLN C 32 -9.63 -16.37 29.31
C GLN C 32 -8.88 -17.57 29.91
N ILE C 33 -7.60 -17.69 29.59
CA ILE C 33 -6.74 -18.86 29.94
C ILE C 33 -6.21 -18.70 31.36
N PRO C 34 -6.03 -19.81 32.10
CA PRO C 34 -5.35 -19.76 33.39
C PRO C 34 -3.83 -19.57 33.26
N VAL C 35 -3.24 -18.71 34.11
CA VAL C 35 -1.79 -18.37 34.13
C VAL C 35 -1.11 -19.10 35.28
N ASP C 36 0.16 -19.47 35.10
CA ASP C 36 0.94 -20.33 36.03
C ASP C 36 2.21 -19.59 36.46
N PHE C 37 2.22 -19.08 37.69
CA PHE C 37 3.40 -18.46 38.35
C PHE C 37 4.31 -19.55 38.91
N GLY C 38 4.31 -20.74 38.28
CA GLY C 38 5.06 -21.93 38.71
C GLY C 38 6.52 -21.64 39.02
N ARG C 39 7.13 -20.70 38.28
CA ARG C 39 8.55 -20.27 38.46
C ARG C 39 8.70 -19.47 39.76
N PHE C 40 7.66 -18.74 40.19
CA PHE C 40 7.64 -17.90 41.42
C PHE C 40 7.08 -18.71 42.58
N PRO C 41 7.92 -19.03 43.60
CA PRO C 41 7.47 -19.81 44.76
C PRO C 41 6.52 -19.03 45.68
N ASN C 42 6.69 -17.70 45.75
CA ASN C 42 5.93 -16.79 46.65
C ASN C 42 4.50 -16.55 46.11
N LEU C 43 4.26 -16.81 44.83
CA LEU C 43 2.97 -16.55 44.14
C LEU C 43 2.15 -17.84 43.97
N ARG C 44 2.46 -18.87 44.76
CA ARG C 44 1.67 -20.11 44.95
C ARG C 44 0.22 -19.77 45.27
N GLU C 45 -0.01 -18.97 46.32
CA GLU C 45 -1.37 -18.54 46.78
C GLU C 45 -2.06 -17.73 45.69
N SER C 46 -1.33 -16.81 45.06
CA SER C 46 -1.80 -15.92 43.97
C SER C 46 -2.41 -16.75 42.83
N GLU C 47 -1.66 -17.76 42.35
CA GLU C 47 -2.04 -18.65 41.22
C GLU C 47 -3.36 -19.36 41.54
N ARG C 48 -3.44 -20.01 42.69
CA ARG C 48 -4.64 -20.75 43.17
C ARG C 48 -5.83 -19.80 43.27
N GLN C 49 -5.64 -18.66 43.92
CA GLN C 49 -6.66 -17.58 44.10
C GLN C 49 -7.17 -17.15 42.71
N ILE C 50 -6.25 -16.85 41.80
CA ILE C 50 -6.54 -16.44 40.39
C ILE C 50 -7.36 -17.55 39.71
N ASN C 51 -6.87 -18.79 39.77
CA ASN C 51 -7.51 -19.98 39.15
C ASN C 51 -8.95 -20.10 39.62
N THR C 52 -9.17 -20.03 40.94
CA THR C 52 -10.51 -20.12 41.59
C THR C 52 -11.43 -19.01 41.05
N GLY C 53 -10.98 -17.75 41.14
CA GLY C 53 -11.71 -16.57 40.65
C GLY C 53 -12.10 -16.72 39.18
N LEU C 54 -11.15 -17.17 38.36
CA LEU C 54 -11.36 -17.45 36.91
C LEU C 54 -12.45 -18.51 36.74
N GLY C 55 -12.38 -19.59 37.52
CA GLY C 55 -13.39 -20.66 37.55
C GLY C 55 -14.79 -20.12 37.83
N ALA C 56 -14.92 -19.25 38.82
CA ALA C 56 -16.19 -18.61 39.26
C ALA C 56 -16.75 -17.74 38.14
N ALA C 57 -15.92 -16.89 37.54
CA ALA C 57 -16.27 -16.02 36.40
C ALA C 57 -16.85 -16.88 35.26
N ARG C 58 -16.20 -18.01 34.97
CA ARG C 58 -16.64 -19.00 33.95
C ARG C 58 -18.06 -19.47 34.26
N GLN C 59 -18.34 -19.77 35.53
CA GLN C 59 -19.67 -20.20 36.03
C GLN C 59 -20.71 -19.11 35.73
N HIS C 60 -20.37 -17.85 36.00
CA HIS C 60 -21.22 -16.65 35.74
C HIS C 60 -21.60 -16.60 34.26
N ALA C 61 -20.61 -16.82 33.37
CA ALA C 61 -20.76 -16.77 31.90
C ALA C 61 -21.71 -17.89 31.43
N GLU C 62 -21.40 -19.13 31.79
CA GLU C 62 -22.19 -20.34 31.43
C GLU C 62 -23.68 -20.10 31.75
N HIS C 63 -23.98 -19.58 32.93
CA HIS C 63 -25.34 -19.21 33.39
C HIS C 63 -25.93 -18.16 32.44
N TYR C 64 -25.22 -17.04 32.26
CA TYR C 64 -25.59 -15.93 31.35
C TYR C 64 -25.94 -16.49 29.97
N LEU C 65 -25.07 -17.34 29.43
CA LEU C 65 -25.16 -17.92 28.06
C LEU C 65 -26.29 -18.95 27.99
N LYS C 66 -26.25 -19.96 28.88
CA LYS C 66 -27.12 -21.16 28.83
C LYS C 66 -28.55 -20.83 29.27
N ASP C 67 -28.72 -19.87 30.18
CA ASP C 67 -29.99 -19.61 30.91
C ASP C 67 -30.52 -18.20 30.64
N ILE C 68 -29.72 -17.16 30.90
CA ILE C 68 -30.12 -15.74 30.63
C ILE C 68 -30.54 -15.60 29.15
N GLN C 69 -29.60 -15.86 28.23
CA GLN C 69 -29.78 -15.77 26.76
C GLN C 69 -31.00 -16.59 26.34
N PRO C 70 -31.18 -17.81 26.89
CA PRO C 70 -32.34 -18.63 26.55
C PRO C 70 -33.66 -17.99 27.00
N LEU C 71 -33.72 -17.51 28.23
CA LEU C 71 -34.90 -16.82 28.82
C LEU C 71 -35.27 -15.60 27.97
N ILE C 72 -34.27 -14.80 27.59
CA ILE C 72 -34.43 -13.60 26.71
C ILE C 72 -35.11 -14.03 25.40
N ILE C 73 -34.61 -15.11 24.80
CA ILE C 73 -35.14 -15.71 23.53
C ILE C 73 -36.61 -16.08 23.72
N ARG C 74 -36.93 -16.74 24.82
CA ARG C 74 -38.31 -17.20 25.18
C ARG C 74 -39.25 -15.99 25.17
N ASN C 75 -38.89 -14.92 25.87
CA ASN C 75 -39.58 -13.60 25.90
C ASN C 75 -40.09 -13.17 24.52
N VAL C 76 -39.24 -13.15 23.49
CA VAL C 76 -39.60 -12.75 22.10
C VAL C 76 -40.70 -13.67 21.57
N THR C 77 -40.53 -14.98 21.74
CA THR C 77 -41.49 -16.04 21.31
C THR C 77 -42.86 -15.78 21.96
N ASN C 78 -42.88 -15.58 23.27
CA ASN C 78 -44.09 -15.28 24.07
C ASN C 78 -44.77 -14.02 23.51
N ILE C 79 -43.97 -12.97 23.26
CA ILE C 79 -44.42 -11.68 22.65
C ILE C 79 -45.04 -11.98 21.28
N GLN C 80 -44.35 -12.77 20.45
CA GLN C 80 -44.79 -13.19 19.09
C GLN C 80 -46.17 -13.86 19.18
N ASP C 81 -46.32 -14.80 20.11
CA ASP C 81 -47.57 -15.57 20.36
C ASP C 81 -48.69 -14.61 20.79
N TYR C 82 -48.37 -13.65 21.66
CA TYR C 82 -49.32 -12.67 22.25
C TYR C 82 -49.95 -11.80 21.15
N PHE C 83 -49.08 -11.12 20.38
CA PHE C 83 -49.46 -10.24 19.24
C PHE C 83 -50.22 -11.04 18.17
N GLU C 84 -49.86 -12.32 18.01
CA GLU C 84 -50.51 -13.28 17.08
C GLU C 84 -51.99 -13.39 17.44
N THR C 85 -52.30 -13.61 18.72
CA THR C 85 -53.68 -13.75 19.27
C THR C 85 -54.41 -12.40 19.16
N GLN C 86 -53.76 -11.31 19.57
CA GLN C 86 -54.29 -9.92 19.53
C GLN C 86 -54.90 -9.61 18.16
N ASN C 87 -54.15 -9.84 17.06
CA ASN C 87 -54.70 -9.78 15.67
C ASN C 87 -55.87 -10.77 15.48
N LEU C 88 -55.75 -11.99 16.02
CA LEU C 88 -56.74 -13.08 15.86
C LEU C 88 -58.07 -12.73 16.53
N ILE C 89 -58.09 -11.73 17.40
CA ILE C 89 -59.27 -11.30 18.22
C ILE C 89 -60.45 -10.91 17.31
N SER C 90 -60.24 -9.94 16.41
CA SER C 90 -61.24 -9.47 15.41
C SER C 90 -61.25 -10.42 14.21
N THR C 91 -60.14 -11.10 13.95
CA THR C 91 -59.98 -12.13 12.87
C THR C 91 -61.07 -13.20 13.03
N VAL C 92 -61.38 -13.57 14.27
CA VAL C 92 -62.42 -14.59 14.62
C VAL C 92 -63.76 -13.88 14.86
N MET C 93 -63.77 -12.79 15.63
CA MET C 93 -65.02 -12.10 16.05
C MET C 93 -65.68 -11.50 14.82
N PRO C 94 -66.82 -12.08 14.35
CA PRO C 94 -67.43 -11.64 13.10
C PRO C 94 -68.13 -10.28 13.24
N SER C 95 -68.81 -9.82 12.17
CA SER C 95 -69.86 -8.76 12.15
C SER C 95 -71.08 -9.16 12.99
N GLY C 96 -71.26 -8.52 14.16
CA GLY C 96 -72.36 -8.77 15.10
C GLY C 96 -71.97 -9.70 16.24
N ALA C 97 -70.70 -9.72 16.67
CA ALA C 97 -70.23 -10.28 17.97
C ALA C 97 -70.68 -9.36 19.10
N THR C 98 -70.93 -9.94 20.28
CA THR C 98 -71.40 -9.22 21.50
C THR C 98 -70.22 -8.43 22.09
N LYS C 99 -70.52 -7.39 22.87
CA LYS C 99 -69.51 -6.58 23.63
C LYS C 99 -68.83 -7.47 24.67
N GLU C 100 -69.61 -8.34 25.33
CA GLU C 100 -69.15 -9.35 26.33
C GLU C 100 -68.12 -10.29 25.69
N GLN C 101 -68.42 -10.79 24.48
CA GLN C 101 -67.56 -11.71 23.70
C GLN C 101 -66.19 -11.06 23.46
N TRP C 102 -66.18 -9.80 23.03
CA TRP C 102 -64.96 -8.97 22.80
C TRP C 102 -64.21 -8.79 24.13
N LEU C 103 -64.92 -8.49 25.22
CA LEU C 103 -64.36 -8.27 26.58
C LEU C 103 -63.68 -9.56 27.08
N SER C 104 -64.33 -10.71 26.91
CA SER C 104 -63.83 -12.05 27.31
C SER C 104 -62.52 -12.36 26.58
N ALA C 105 -62.50 -12.21 25.25
CA ALA C 105 -61.33 -12.42 24.37
C ALA C 105 -60.16 -11.54 24.83
N LEU C 106 -60.46 -10.25 25.09
CA LEU C 106 -59.47 -9.23 25.58
C LEU C 106 -58.94 -9.67 26.94
N GLY C 107 -59.85 -10.01 27.87
CA GLY C 107 -59.52 -10.51 29.22
C GLY C 107 -58.59 -11.70 29.17
N MET C 108 -58.88 -12.66 28.29
CA MET C 108 -58.05 -13.86 28.03
C MET C 108 -56.63 -13.41 27.60
N VAL C 109 -56.58 -12.53 26.60
CA VAL C 109 -55.32 -11.95 26.05
C VAL C 109 -54.55 -11.25 27.19
N SER C 110 -55.26 -10.44 27.97
CA SER C 110 -54.72 -9.67 29.14
C SER C 110 -54.08 -10.62 30.13
N ASP C 111 -54.76 -11.70 30.51
CA ASP C 111 -54.28 -12.74 31.46
C ASP C 111 -52.97 -13.35 30.95
N LYS C 112 -52.94 -13.73 29.66
CA LYS C 112 -51.75 -14.34 28.99
C LYS C 112 -50.56 -13.36 29.08
N ALA C 113 -50.82 -12.09 28.74
CA ALA C 113 -49.81 -11.00 28.76
C ALA C 113 -49.26 -10.81 30.18
N LYS C 114 -50.13 -10.84 31.17
CA LYS C 114 -49.81 -10.74 32.63
C LYS C 114 -48.80 -11.81 32.99
N GLU C 115 -49.09 -13.08 32.63
CA GLU C 115 -48.19 -14.24 32.86
C GLU C 115 -46.82 -13.98 32.21
N TYR C 116 -46.85 -13.53 30.95
CA TYR C 116 -45.64 -13.18 30.15
C TYR C 116 -44.84 -12.06 30.85
N GLN C 117 -45.56 -11.03 31.33
CA GLN C 117 -44.99 -9.88 32.08
C GLN C 117 -44.26 -10.39 33.33
N GLU C 118 -44.93 -11.22 34.13
CA GLU C 118 -44.39 -11.86 35.36
C GLU C 118 -43.12 -12.62 35.01
N VAL C 119 -43.13 -13.40 33.92
CA VAL C 119 -41.97 -14.18 33.41
C VAL C 119 -40.79 -13.22 33.15
N SER C 120 -41.08 -12.09 32.48
CA SER C 120 -40.10 -11.04 32.13
C SER C 120 -39.44 -10.47 33.41
N ALA C 121 -40.26 -10.14 34.41
CA ALA C 121 -39.84 -9.64 35.74
C ALA C 121 -38.93 -10.66 36.42
N ASN C 122 -39.25 -11.95 36.28
CA ASN C 122 -38.49 -13.10 36.86
C ASN C 122 -37.08 -13.10 36.29
N THR C 123 -36.95 -13.03 34.95
CA THR C 123 -35.66 -12.97 34.22
C THR C 123 -34.82 -11.80 34.74
N ARG C 124 -35.47 -10.62 34.89
CA ARG C 124 -34.84 -9.37 35.39
C ARG C 124 -34.22 -9.62 36.77
N ARG C 125 -34.98 -10.23 37.69
CA ARG C 125 -34.56 -10.58 39.07
C ARG C 125 -33.30 -11.43 39.00
N THR C 126 -33.32 -12.47 38.15
CA THR C 126 -32.17 -13.37 37.88
C THR C 126 -30.95 -12.54 37.49
N ILE C 127 -31.13 -11.60 36.55
CA ILE C 127 -30.08 -10.67 36.05
C ILE C 127 -29.53 -9.86 37.24
N GLY C 128 -30.44 -9.30 38.03
CA GLY C 128 -30.11 -8.50 39.24
C GLY C 128 -29.16 -9.26 40.15
N SER C 129 -29.52 -10.50 40.48
CA SER C 129 -28.72 -11.42 41.34
C SER C 129 -27.34 -11.63 40.70
N LEU C 130 -27.32 -11.94 39.40
CA LEU C 130 -26.08 -12.14 38.60
C LEU C 130 -25.21 -10.91 38.72
N ASN C 131 -25.79 -9.72 38.53
CA ASN C 131 -25.10 -8.41 38.64
C ASN C 131 -24.40 -8.32 40.00
N ASP C 132 -25.15 -8.51 41.09
CA ASP C 132 -24.65 -8.46 42.49
C ASP C 132 -23.48 -9.44 42.64
N LYS C 133 -23.68 -10.68 42.20
CA LYS C 133 -22.69 -11.79 42.27
C LYS C 133 -21.40 -11.37 41.56
N LEU C 134 -21.53 -10.89 40.32
CA LEU C 134 -20.42 -10.43 39.45
C LEU C 134 -19.71 -9.26 40.11
N ILE C 135 -20.44 -8.25 40.60
CA ILE C 135 -19.88 -7.07 41.32
C ILE C 135 -18.87 -7.56 42.37
N ILE C 136 -19.34 -8.43 43.27
CA ILE C 136 -18.54 -9.02 44.39
C ILE C 136 -17.31 -9.75 43.82
N ASP C 137 -17.52 -10.56 42.77
CA ASP C 137 -16.45 -11.33 42.08
C ASP C 137 -15.37 -10.38 41.56
N SER C 138 -15.77 -9.36 40.79
CA SER C 138 -14.88 -8.35 40.16
C SER C 138 -14.05 -7.64 41.24
N ASN C 139 -14.70 -7.26 42.36
CA ASN C 139 -14.06 -6.58 43.51
C ASN C 139 -12.95 -7.48 44.09
N ASN C 140 -13.32 -8.72 44.44
CA ASN C 140 -12.40 -9.75 44.99
C ASN C 140 -11.22 -9.95 44.03
N TYR C 141 -11.50 -10.04 42.73
CA TYR C 141 -10.50 -10.21 41.64
C TYR C 141 -9.51 -9.06 41.69
N GLN C 142 -10.01 -7.81 41.71
CA GLN C 142 -9.19 -6.57 41.79
C GLN C 142 -8.27 -6.65 43.02
N LEU C 143 -8.82 -7.05 44.16
CA LEU C 143 -8.09 -7.19 45.46
C LEU C 143 -6.92 -8.16 45.28
N ILE C 144 -7.15 -9.30 44.64
CA ILE C 144 -6.14 -10.35 44.34
C ILE C 144 -5.05 -9.72 43.45
N VAL C 145 -5.46 -9.00 42.40
CA VAL C 145 -4.56 -8.35 41.40
C VAL C 145 -3.60 -7.41 42.14
N VAL C 146 -4.14 -6.51 42.96
CA VAL C 146 -3.38 -5.51 43.77
C VAL C 146 -2.39 -6.27 44.68
N ASN C 147 -2.90 -7.26 45.41
CA ASN C 147 -2.10 -8.12 46.33
C ASN C 147 -0.92 -8.73 45.56
N LEU C 148 -1.18 -9.21 44.34
CA LEU C 148 -0.17 -9.83 43.43
C LEU C 148 0.82 -8.75 42.96
N ASN C 149 0.29 -7.64 42.43
CA ASN C 149 1.09 -6.50 41.92
C ASN C 149 2.11 -6.07 43.01
N ASN C 150 1.65 -5.96 44.25
CA ASN C 150 2.45 -5.58 45.45
C ASN C 150 3.61 -6.58 45.64
N VAL C 151 3.33 -7.88 45.48
CA VAL C 151 4.29 -9.00 45.70
C VAL C 151 5.47 -8.86 44.72
N VAL C 152 5.16 -8.64 43.43
CA VAL C 152 6.18 -8.52 42.33
C VAL C 152 6.90 -7.17 42.44
N ASN C 153 6.23 -6.16 42.98
CA ASN C 153 6.67 -4.73 43.02
C ASN C 153 7.60 -4.50 44.22
N GLY C 154 8.56 -3.59 44.04
CA GLY C 154 9.42 -3.06 45.11
C GLY C 154 10.76 -3.76 45.08
N ASN C 155 11.78 -3.18 45.73
CA ASN C 155 13.16 -3.73 45.83
C ASN C 155 13.13 -5.15 46.41
N ASN C 156 12.11 -5.48 47.21
CA ASN C 156 11.95 -6.79 47.90
C ASN C 156 11.18 -7.79 47.01
N GLY C 157 10.52 -7.31 45.96
CA GLY C 157 9.55 -8.09 45.15
C GLY C 157 10.29 -8.93 44.14
N VAL C 158 9.70 -10.06 43.72
CA VAL C 158 10.34 -11.13 42.89
C VAL C 158 10.95 -10.52 41.63
N LEU C 159 10.18 -9.70 40.91
CA LEU C 159 10.58 -9.09 39.60
C LEU C 159 11.86 -8.27 39.77
N GLU C 160 12.01 -7.54 40.89
CA GLU C 160 13.19 -6.69 41.21
C GLU C 160 14.42 -7.57 41.46
N GLN C 161 14.29 -8.64 42.26
CA GLN C 161 15.37 -9.62 42.56
C GLN C 161 15.84 -10.28 41.26
N LEU C 162 14.92 -10.47 40.30
CA LEU C 162 15.19 -11.07 38.96
C LEU C 162 16.03 -10.09 38.11
N ASN C 163 15.59 -8.83 38.01
CA ASN C 163 16.29 -7.75 37.26
C ASN C 163 17.69 -7.54 37.84
N ARG C 164 17.83 -7.64 39.18
CA ARG C 164 19.12 -7.50 39.91
C ARG C 164 20.04 -8.69 39.61
N ASP C 165 19.48 -9.90 39.56
CA ASP C 165 20.21 -11.16 39.24
C ASP C 165 20.63 -11.14 37.76
N ILE C 166 19.72 -10.73 36.86
CA ILE C 166 19.94 -10.62 35.38
C ILE C 166 21.11 -9.66 35.12
N ASP C 167 21.17 -8.56 35.87
CA ASP C 167 22.27 -7.54 35.83
C ASP C 167 23.58 -8.21 36.25
N GLY C 168 23.57 -9.00 37.33
CA GLY C 168 24.74 -9.73 37.87
C GLY C 168 25.22 -10.81 36.92
N ILE C 169 24.33 -11.33 36.06
CA ILE C 169 24.63 -12.43 35.08
C ILE C 169 25.39 -11.86 33.86
N ASN C 170 24.85 -10.82 33.25
CA ASN C 170 25.45 -10.19 32.03
C ASN C 170 26.72 -9.46 32.44
N ALA C 171 26.80 -8.99 33.69
CA ALA C 171 27.95 -8.28 34.32
C ALA C 171 29.18 -9.19 34.34
N ALA C 172 29.02 -10.41 34.85
CA ALA C 172 30.06 -11.46 34.87
C ALA C 172 30.46 -11.83 33.43
N ILE C 173 29.46 -11.90 32.53
CA ILE C 173 29.62 -12.23 31.07
C ILE C 173 30.53 -11.20 30.41
N ASP C 174 30.30 -9.91 30.70
CA ASP C 174 31.12 -8.77 30.20
C ASP C 174 32.48 -8.78 30.90
N GLY C 175 32.51 -9.03 32.22
CA GLY C 175 33.74 -9.11 33.04
C GLY C 175 34.70 -10.15 32.53
N ALA C 176 34.18 -11.26 31.99
CA ALA C 176 34.96 -12.34 31.31
C ALA C 176 35.44 -11.84 29.94
N ILE C 177 34.56 -11.20 29.16
CA ILE C 177 34.85 -10.63 27.81
C ILE C 177 36.01 -9.61 27.95
N ALA C 178 35.98 -8.78 29.00
CA ALA C 178 36.99 -7.75 29.31
C ALA C 178 38.35 -8.42 29.61
N GLY C 179 38.37 -9.37 30.53
CA GLY C 179 39.58 -10.14 30.93
C GLY C 179 40.22 -10.84 29.75
N ILE C 180 39.41 -11.37 28.82
CA ILE C 180 39.86 -12.11 27.61
C ILE C 180 40.60 -11.15 26.67
N VAL C 181 40.06 -9.96 26.44
CA VAL C 181 40.68 -8.90 25.58
C VAL C 181 41.96 -8.40 26.28
N VAL C 182 41.79 -7.90 27.50
CA VAL C 182 42.89 -7.35 28.37
C VAL C 182 43.99 -8.41 28.47
N GLY C 183 43.61 -9.69 28.63
CA GLY C 183 44.51 -10.85 28.70
C GLY C 183 45.34 -10.98 27.43
N GLY C 184 44.71 -10.88 26.27
CA GLY C 184 45.35 -10.97 24.94
C GLY C 184 46.40 -9.91 24.75
N LEU C 185 46.10 -8.68 25.19
CA LEU C 185 47.03 -7.51 25.11
C LEU C 185 48.19 -7.71 26.09
N LEU C 186 47.88 -8.06 27.35
CA LEU C 186 48.86 -8.28 28.45
C LEU C 186 49.90 -9.31 28.01
N VAL C 187 49.44 -10.42 27.44
CA VAL C 187 50.29 -11.52 26.89
C VAL C 187 51.16 -10.97 25.76
N ILE C 188 50.54 -10.27 24.80
CA ILE C 188 51.20 -9.65 23.62
C ILE C 188 52.32 -8.72 24.11
N GLY C 189 51.98 -7.79 25.00
CA GLY C 189 52.94 -6.85 25.61
C GLY C 189 54.02 -7.56 26.42
N GLY C 190 53.61 -8.54 27.23
CA GLY C 190 54.50 -9.37 28.07
C GLY C 190 55.56 -10.06 27.24
N ALA C 191 55.18 -10.63 26.09
CA ALA C 191 56.08 -11.34 25.14
C ALA C 191 57.15 -10.37 24.63
N ILE C 192 56.75 -9.18 24.18
CA ILE C 192 57.65 -8.11 23.66
C ILE C 192 58.64 -7.71 24.76
N VAL C 193 58.15 -7.52 25.98
CA VAL C 193 58.94 -7.09 27.16
C VAL C 193 59.92 -8.21 27.54
N THR C 194 59.42 -9.43 27.70
CA THR C 194 60.19 -10.66 28.07
C THR C 194 61.35 -10.83 27.09
N ALA C 195 61.07 -10.73 25.78
CA ALA C 195 62.06 -10.86 24.68
C ALA C 195 63.14 -9.79 24.83
N ILE C 196 62.72 -8.54 25.10
CA ILE C 196 63.63 -7.38 25.31
C ILE C 196 64.51 -7.65 26.54
N GLY C 197 63.88 -7.97 27.68
CA GLY C 197 64.55 -8.25 28.97
C GLY C 197 65.57 -9.38 28.84
N ALA C 198 65.27 -10.39 28.02
CA ALA C 198 66.10 -11.60 27.79
C ALA C 198 67.37 -11.23 27.01
N VAL C 199 67.23 -10.36 26.01
CA VAL C 199 68.33 -9.92 25.11
C VAL C 199 69.27 -8.97 25.88
N ALA C 200 68.72 -8.25 26.87
CA ALA C 200 69.46 -7.30 27.74
C ALA C 200 70.16 -8.05 28.87
N GLY C 201 69.68 -9.24 29.22
CA GLY C 201 70.32 -10.16 30.18
C GLY C 201 71.50 -10.88 29.57
N LEU C 202 71.58 -10.91 28.23
CA LEU C 202 72.69 -11.51 27.44
C LEU C 202 73.77 -10.46 27.13
N VAL C 203 73.70 -9.29 27.78
CA VAL C 203 74.29 -7.98 27.33
C VAL C 203 74.49 -7.11 28.59
N THR C 204 74.87 -7.72 29.73
CA THR C 204 74.82 -7.13 31.11
C THR C 204 73.91 -5.89 31.12
N THR C 207 71.95 -6.94 34.38
CA THR C 207 70.97 -6.76 35.49
C THR C 207 69.57 -6.45 34.91
N SER C 208 69.19 -7.15 33.83
CA SER C 208 67.87 -7.02 33.15
C SER C 208 67.00 -8.25 33.45
N THR C 209 67.06 -8.77 34.68
CA THR C 209 66.28 -9.94 35.16
C THR C 209 64.90 -9.49 35.62
N PRO C 210 64.80 -8.28 36.25
CA PRO C 210 63.51 -7.78 36.71
C PRO C 210 62.52 -7.50 35.56
N VAL C 211 63.04 -7.01 34.43
CA VAL C 211 62.26 -6.70 33.19
C VAL C 211 61.66 -7.99 32.63
N VAL C 212 62.48 -9.04 32.52
CA VAL C 212 62.09 -10.39 32.03
C VAL C 212 60.99 -10.96 32.93
N MET C 213 61.16 -10.83 34.26
CA MET C 213 60.19 -11.29 35.29
C MET C 213 58.84 -10.61 35.07
N GLY C 214 58.85 -9.27 34.97
CA GLY C 214 57.65 -8.45 34.70
C GLY C 214 56.97 -8.86 33.40
N GLY C 215 57.77 -9.16 32.36
CA GLY C 215 57.29 -9.63 31.05
C GLY C 215 56.64 -11.00 31.14
N ILE C 216 57.28 -11.93 31.87
CA ILE C 216 56.78 -13.31 32.10
C ILE C 216 55.49 -13.25 32.93
N ALA C 217 55.48 -12.41 33.96
CA ALA C 217 54.31 -12.16 34.85
C ALA C 217 53.12 -11.66 34.02
N MET C 218 53.35 -10.66 33.17
CA MET C 218 52.34 -10.06 32.25
C MET C 218 51.78 -11.14 31.33
N MET C 219 52.66 -11.97 30.77
CA MET C 219 52.32 -13.13 29.89
C MET C 219 51.45 -14.11 30.69
N THR C 220 51.93 -14.52 31.88
CA THR C 220 51.25 -15.48 32.79
C THR C 220 49.85 -14.98 33.13
N ALA C 221 49.74 -13.74 33.60
CA ALA C 221 48.46 -13.07 33.98
C ALA C 221 47.53 -13.01 32.77
N GLY C 222 48.06 -12.62 31.60
CA GLY C 222 47.33 -12.54 30.33
C GLY C 222 46.66 -13.86 29.99
N ALA C 223 47.42 -14.96 30.11
CA ALA C 223 46.95 -16.34 29.85
C ALA C 223 45.88 -16.72 30.87
N GLY C 224 46.16 -16.46 32.16
CA GLY C 224 45.25 -16.74 33.29
C GLY C 224 43.90 -16.08 33.10
N GLY C 225 43.88 -14.80 32.72
CA GLY C 225 42.65 -14.02 32.45
C GLY C 225 41.87 -14.62 31.30
N VAL C 226 42.55 -14.97 30.20
CA VAL C 226 41.96 -15.58 28.98
C VAL C 226 41.31 -16.92 29.33
N ILE C 227 42.02 -17.73 30.14
CA ILE C 227 41.57 -19.08 30.59
C ILE C 227 40.37 -18.94 31.52
N GLY C 228 40.52 -18.16 32.59
CA GLY C 228 39.48 -17.90 33.62
C GLY C 228 38.20 -17.38 33.01
N GLY C 229 38.30 -16.41 32.09
CA GLY C 229 37.15 -15.82 31.36
C GLY C 229 36.39 -16.88 30.56
N ALA C 230 37.13 -17.72 29.82
CA ALA C 230 36.59 -18.82 28.97
C ALA C 230 35.75 -19.78 29.83
N ILE C 231 36.29 -20.17 30.99
CA ILE C 231 35.63 -21.08 31.98
C ILE C 231 34.32 -20.45 32.43
N VAL C 232 34.38 -19.19 32.87
CA VAL C 232 33.21 -18.39 33.36
C VAL C 232 32.19 -18.28 32.24
N LEU C 233 32.63 -17.89 31.03
CA LEU C 233 31.76 -17.65 29.84
C LEU C 233 30.97 -18.93 29.52
N ASP C 234 31.68 -20.05 29.34
CA ASP C 234 31.10 -21.38 29.02
C ASP C 234 30.02 -21.75 30.05
N LYS C 235 30.28 -21.45 31.33
CA LYS C 235 29.37 -21.73 32.47
C LYS C 235 28.20 -20.72 32.48
N SER C 236 28.49 -19.46 32.20
CA SER C 236 27.55 -18.31 32.33
C SER C 236 26.43 -18.39 31.29
N LEU C 237 26.77 -18.70 30.03
CA LEU C 237 25.88 -18.62 28.84
C LEU C 237 24.55 -19.37 29.06
N SER C 238 24.58 -20.51 29.76
CA SER C 238 23.39 -21.36 30.03
C SER C 238 22.44 -20.72 31.08
N ALA C 239 23.01 -19.89 31.94
CA ALA C 239 22.37 -19.33 33.15
C ALA C 239 21.56 -18.08 32.78
N ARG C 240 22.11 -17.21 31.93
CA ARG C 240 21.47 -15.93 31.50
C ARG C 240 20.12 -16.23 30.80
N GLU C 241 20.10 -17.25 29.95
CA GLU C 241 18.91 -17.69 29.16
C GLU C 241 17.76 -18.09 30.10
N LYS C 242 18.07 -18.89 31.12
CA LYS C 242 17.10 -19.38 32.14
C LYS C 242 16.44 -18.18 32.85
N LEU C 243 17.25 -17.20 33.27
CA LEU C 243 16.80 -15.96 33.99
C LEU C 243 15.85 -15.15 33.09
N TYR C 244 16.24 -14.94 31.83
CA TYR C 244 15.46 -14.16 30.82
C TYR C 244 14.10 -14.84 30.56
N ARG C 245 14.11 -16.16 30.42
CA ARG C 245 12.90 -17.00 30.19
C ARG C 245 11.90 -16.78 31.33
N ASP C 246 12.38 -16.84 32.58
CA ASP C 246 11.58 -16.63 33.82
C ASP C 246 11.00 -15.22 33.81
N ARG C 247 11.81 -14.21 33.48
CA ARG C 247 11.42 -12.77 33.41
C ARG C 247 10.23 -12.60 32.46
N SER C 248 10.36 -13.12 31.24
CA SER C 248 9.34 -13.07 30.17
C SER C 248 8.05 -13.79 30.63
N GLN C 249 8.20 -14.98 31.20
CA GLN C 249 7.08 -15.83 31.73
C GLN C 249 6.31 -15.04 32.80
N LEU C 250 7.01 -14.42 33.74
CA LEU C 250 6.42 -13.58 34.83
C LEU C 250 5.68 -12.38 34.23
N ASN C 251 6.31 -11.71 33.25
CA ASN C 251 5.74 -10.54 32.52
C ASN C 251 4.39 -10.95 31.89
N SER C 252 4.38 -12.07 31.17
CA SER C 252 3.19 -12.66 30.50
C SER C 252 2.10 -12.97 31.53
N GLU C 253 2.46 -13.69 32.60
CA GLU C 253 1.56 -14.10 33.70
C GLU C 253 0.88 -12.87 34.30
N VAL C 254 1.67 -11.83 34.61
CA VAL C 254 1.19 -10.53 35.19
C VAL C 254 0.16 -9.91 34.24
N LEU C 255 0.49 -9.85 32.94
CA LEU C 255 -0.39 -9.30 31.88
C LEU C 255 -1.70 -10.07 31.84
N VAL C 256 -1.63 -11.41 31.81
CA VAL C 256 -2.79 -12.35 31.80
C VAL C 256 -3.70 -12.02 32.98
N ALA C 257 -3.12 -11.89 34.17
CA ALA C 257 -3.83 -11.54 35.44
C ALA C 257 -4.53 -10.19 35.28
N SER C 258 -3.79 -9.18 34.79
CA SER C 258 -4.32 -7.82 34.52
C SER C 258 -5.44 -7.87 33.46
N GLN C 259 -5.37 -8.84 32.55
CA GLN C 259 -6.36 -9.05 31.46
C GLN C 259 -7.65 -9.58 32.06
N ILE C 260 -7.64 -10.70 32.80
CA ILE C 260 -8.83 -11.32 33.44
C ILE C 260 -9.52 -10.31 34.37
N GLY C 261 -8.77 -9.48 35.08
CA GLY C 261 -9.32 -8.43 35.97
C GLY C 261 -10.15 -7.40 35.19
N SER C 262 -9.55 -6.85 34.14
CA SER C 262 -10.21 -5.91 33.18
C SER C 262 -11.40 -6.62 32.54
N GLY C 263 -11.25 -7.89 32.16
CA GLY C 263 -12.29 -8.74 31.54
C GLY C 263 -13.52 -8.88 32.41
N TYR C 264 -13.34 -9.24 33.69
CA TYR C 264 -14.42 -9.35 34.70
C TYR C 264 -15.15 -8.00 34.81
N ARG C 265 -14.38 -6.91 34.89
CA ARG C 265 -14.89 -5.50 34.93
C ARG C 265 -15.80 -5.25 33.73
N GLY C 266 -15.35 -5.62 32.53
CA GLY C 266 -16.12 -5.52 31.27
C GLY C 266 -17.38 -6.35 31.30
N LEU C 267 -17.31 -7.56 31.85
CA LEU C 267 -18.46 -8.49 32.04
C LEU C 267 -19.48 -7.83 32.98
N GLN C 268 -19.01 -7.22 34.07
CA GLN C 268 -19.85 -6.53 35.09
C GLN C 268 -20.66 -5.41 34.41
N THR C 269 -20.02 -4.62 33.55
CA THR C 269 -20.63 -3.54 32.74
C THR C 269 -21.70 -4.14 31.81
N GLN C 270 -21.38 -5.22 31.11
CA GLN C 270 -22.28 -5.95 30.17
C GLN C 270 -23.56 -6.35 30.90
N ALA C 271 -23.44 -6.86 32.14
CA ALA C 271 -24.55 -7.29 33.01
C ALA C 271 -25.38 -6.06 33.45
N GLN C 272 -24.70 -5.00 33.89
CA GLN C 272 -25.33 -3.73 34.34
C GLN C 272 -26.24 -3.18 33.23
N SER C 273 -25.76 -3.19 31.98
CA SER C 273 -26.48 -2.75 30.76
C SER C 273 -27.66 -3.68 30.48
N ALA C 274 -27.45 -5.00 30.57
CA ALA C 274 -28.47 -6.04 30.38
C ALA C 274 -29.61 -5.84 31.40
N VAL C 275 -29.25 -5.45 32.63
CA VAL C 275 -30.20 -5.14 33.74
C VAL C 275 -31.15 -4.02 33.27
N THR C 276 -30.58 -2.94 32.74
CA THR C 276 -31.32 -1.76 32.18
C THR C 276 -32.22 -2.22 31.03
N ALA C 277 -31.70 -3.05 30.12
CA ALA C 277 -32.42 -3.63 28.96
C ALA C 277 -33.64 -4.42 29.47
N ALA C 278 -33.44 -5.25 30.49
CA ALA C 278 -34.49 -6.12 31.11
C ALA C 278 -35.56 -5.23 31.77
N THR C 279 -35.12 -4.30 32.63
CA THR C 279 -35.99 -3.31 33.33
C THR C 279 -36.88 -2.60 32.30
N GLN C 280 -36.30 -2.22 31.16
CA GLN C 280 -37.01 -1.58 30.02
C GLN C 280 -38.11 -2.51 29.52
N MET C 281 -37.79 -3.79 29.29
CA MET C 281 -38.73 -4.84 28.81
C MET C 281 -39.87 -5.02 29.82
N ASN C 282 -39.55 -4.98 31.12
CA ASN C 282 -40.51 -5.10 32.24
C ASN C 282 -41.52 -3.95 32.18
N ASN C 283 -41.04 -2.72 32.00
CA ASN C 283 -41.85 -1.48 31.89
C ASN C 283 -42.76 -1.57 30.66
N ALA C 284 -42.25 -2.10 29.55
CA ALA C 284 -42.95 -2.25 28.25
C ALA C 284 -44.18 -3.15 28.43
N TRP C 285 -43.97 -4.34 28.99
CA TRP C 285 -45.03 -5.34 29.29
C TRP C 285 -46.05 -4.75 30.27
N ASP C 286 -45.57 -4.07 31.33
CA ASP C 286 -46.38 -3.39 32.36
C ASP C 286 -47.33 -2.39 31.70
N SER C 287 -46.80 -1.61 30.75
CA SER C 287 -47.54 -0.59 29.95
C SER C 287 -48.63 -1.28 29.12
N LEU C 288 -48.29 -2.35 28.40
CA LEU C 288 -49.22 -3.15 27.56
C LEU C 288 -50.36 -3.68 28.43
N THR C 289 -50.04 -4.22 29.61
CA THR C 289 -51.01 -4.76 30.62
C THR C 289 -51.98 -3.66 31.05
N SER C 290 -51.45 -2.48 31.40
CA SER C 290 -52.22 -1.28 31.81
C SER C 290 -53.11 -0.80 30.67
N GLU C 291 -52.56 -0.69 29.44
CA GLU C 291 -53.26 -0.24 28.21
C GLU C 291 -54.45 -1.15 27.92
N LEU C 292 -54.30 -2.46 28.13
CA LEU C 292 -55.36 -3.49 27.97
C LEU C 292 -56.48 -3.21 29.00
N GLU C 293 -56.10 -2.98 30.26
CA GLU C 293 -57.03 -2.68 31.38
C GLU C 293 -57.88 -1.44 31.04
N THR C 294 -57.24 -0.41 30.46
CA THR C 294 -57.86 0.88 30.05
C THR C 294 -58.88 0.63 28.93
N LEU C 295 -58.50 -0.15 27.91
CA LEU C 295 -59.38 -0.55 26.78
C LEU C 295 -60.59 -1.33 27.33
N ASN C 296 -60.35 -2.24 28.27
CA ASN C 296 -61.39 -3.07 28.95
C ASN C 296 -62.38 -2.14 29.67
N ALA C 297 -61.86 -1.20 30.46
CA ALA C 297 -62.64 -0.17 31.20
C ALA C 297 -63.41 0.71 30.22
N ASN C 298 -62.74 1.18 29.16
CA ASN C 298 -63.34 1.99 28.06
C ASN C 298 -64.48 1.20 27.43
N LEU C 299 -64.26 -0.09 27.16
CA LEU C 299 -65.26 -1.04 26.58
C LEU C 299 -66.46 -1.19 27.52
N ARG C 300 -66.22 -1.70 28.74
CA ARG C 300 -67.26 -2.05 29.75
C ARG C 300 -68.26 -0.91 29.95
N LYS C 301 -67.76 0.33 30.09
CA LYS C 301 -68.57 1.55 30.36
C LYS C 301 -69.40 1.94 29.12
N GLY C 302 -69.07 1.38 27.94
CA GLY C 302 -69.76 1.65 26.66
C GLY C 302 -69.11 2.78 25.88
N ILE C 303 -67.86 3.14 26.19
CA ILE C 303 -67.08 4.22 25.54
C ILE C 303 -66.57 3.71 24.19
N ILE C 304 -66.08 2.45 24.16
CA ILE C 304 -65.67 1.73 22.91
C ILE C 304 -66.84 0.85 22.43
N ASP C 305 -66.74 0.33 21.20
CA ASP C 305 -67.68 -0.65 20.59
C ASP C 305 -66.86 -1.69 19.79
N ASP C 306 -67.32 -2.95 19.74
CA ASP C 306 -66.63 -4.11 19.10
C ASP C 306 -66.55 -3.97 17.57
N SER C 307 -67.30 -3.02 17.00
CA SER C 307 -67.20 -2.52 15.61
C SER C 307 -65.92 -1.71 15.39
N PHE C 308 -65.73 -0.64 16.17
CA PHE C 308 -64.63 0.35 16.07
C PHE C 308 -63.28 -0.21 16.59
N LEU C 309 -63.28 -0.93 17.72
CA LEU C 309 -62.06 -1.52 18.35
C LEU C 309 -61.40 -2.53 17.40
N ARG C 310 -62.19 -3.17 16.53
CA ARG C 310 -61.74 -4.14 15.49
C ARG C 310 -60.91 -3.39 14.43
N GLN C 311 -61.46 -2.28 13.88
CA GLN C 311 -60.79 -1.41 12.88
C GLN C 311 -59.51 -0.81 13.47
N LEU C 312 -59.49 -0.55 14.79
CA LEU C 312 -58.33 0.02 15.55
C LEU C 312 -57.16 -0.96 15.53
N PHE C 313 -57.40 -2.22 15.92
CA PHE C 313 -56.38 -3.32 15.94
C PHE C 313 -55.96 -3.67 14.51
N LEU C 314 -56.89 -3.59 13.55
CA LEU C 314 -56.68 -3.92 12.11
C LEU C 314 -55.78 -2.88 11.44
N THR C 315 -55.92 -1.60 11.82
CA THR C 315 -55.09 -0.47 11.33
C THR C 315 -53.67 -0.59 11.91
N ALA C 316 -53.54 -0.95 13.19
CA ALA C 316 -52.27 -1.20 13.91
C ALA C 316 -51.52 -2.36 13.26
N SER C 317 -52.25 -3.41 12.86
CA SER C 317 -51.74 -4.60 12.12
C SER C 317 -51.24 -4.18 10.73
N GLN C 318 -51.96 -3.26 10.07
CA GLN C 318 -51.56 -2.67 8.76
C GLN C 318 -50.21 -1.97 8.91
N THR C 319 -49.95 -1.37 10.09
CA THR C 319 -48.71 -0.60 10.43
C THR C 319 -47.91 -1.25 11.56
N SER C 320 -48.01 -0.67 12.76
CA SER C 320 -47.17 -0.96 13.95
C SER C 320 -46.93 -2.46 14.09
N VAL C 321 -48.01 -3.25 14.12
CA VAL C 321 -48.01 -4.73 14.43
C VAL C 321 -47.16 -5.47 13.39
N THR C 322 -47.31 -5.11 12.11
CA THR C 322 -46.51 -5.65 10.98
C THR C 322 -45.03 -5.25 11.16
N LYS C 323 -44.78 -3.99 11.55
CA LYS C 323 -43.41 -3.41 11.76
C LYS C 323 -42.69 -4.12 12.91
N VAL C 324 -43.43 -4.52 13.95
CA VAL C 324 -42.91 -5.29 15.12
C VAL C 324 -42.60 -6.73 14.68
N LEU C 325 -43.53 -7.37 13.95
CA LEU C 325 -43.42 -8.77 13.44
C LEU C 325 -42.17 -8.90 12.55
N ASP C 326 -41.88 -7.86 11.76
CA ASP C 326 -40.68 -7.75 10.90
C ASP C 326 -39.43 -7.65 11.79
N GLY C 327 -39.44 -6.73 12.76
CA GLY C 327 -38.35 -6.52 13.75
C GLY C 327 -38.00 -7.81 14.48
N THR C 328 -39.00 -8.66 14.76
CA THR C 328 -38.86 -9.99 15.40
C THR C 328 -38.06 -10.92 14.49
N LYS C 329 -38.53 -11.12 13.25
CA LYS C 329 -37.88 -11.96 12.22
C LYS C 329 -36.44 -11.48 11.99
N ILE C 330 -36.21 -10.16 12.02
CA ILE C 330 -34.88 -9.49 11.79
C ILE C 330 -33.93 -9.86 12.93
N ILE C 331 -34.37 -9.69 14.18
CA ILE C 331 -33.58 -10.02 15.40
C ILE C 331 -33.24 -11.52 15.38
N LYS C 332 -34.22 -12.38 15.04
CA LYS C 332 -34.08 -13.85 14.94
C LYS C 332 -32.93 -14.20 13.99
N GLN C 333 -32.82 -13.48 12.87
CA GLN C 333 -31.77 -13.65 11.84
C GLN C 333 -30.42 -13.16 12.41
N GLN C 334 -30.41 -11.99 13.07
CA GLN C 334 -29.21 -11.28 13.59
C GLN C 334 -28.45 -12.18 14.58
N MET C 335 -29.17 -13.03 15.33
CA MET C 335 -28.61 -14.05 16.24
C MET C 335 -28.04 -15.21 15.41
N ALA C 336 -28.81 -15.73 14.44
CA ALA C 336 -28.46 -16.86 13.56
C ALA C 336 -27.30 -16.48 12.63
N GLY C 337 -27.31 -15.23 12.13
CA GLY C 337 -26.45 -14.76 11.02
C GLY C 337 -26.97 -15.22 9.65
N VAL C 338 -28.28 -15.49 9.51
CA VAL C 338 -28.90 -16.17 8.33
C VAL C 338 -29.80 -15.16 7.59
N ASN D 13 -19.51 -15.35 -0.97
CA ASN D 13 -18.04 -15.08 -0.84
C ASN D 13 -17.41 -16.01 0.21
N GLN D 15 -20.45 -15.41 2.15
CA GLN D 15 -20.05 -15.95 3.48
C GLN D 15 -20.56 -17.39 3.63
N SER D 16 -19.83 -18.22 4.39
CA SER D 16 -20.09 -19.66 4.60
C SER D 16 -21.25 -19.85 5.60
N SER D 17 -21.96 -20.99 5.50
CA SER D 17 -22.89 -21.48 6.56
C SER D 17 -22.09 -21.89 7.81
N GLN D 18 -22.72 -21.72 8.98
CA GLN D 18 -22.14 -22.00 10.31
C GLN D 18 -21.47 -23.37 10.33
N ALA D 19 -22.19 -24.40 9.86
CA ALA D 19 -21.79 -25.82 9.86
C ALA D 19 -20.52 -26.03 9.01
N LEU D 20 -20.50 -25.47 7.80
CA LEU D 20 -19.36 -25.56 6.85
C LEU D 20 -18.10 -24.94 7.48
N HIS D 21 -18.25 -23.80 8.16
CA HIS D 21 -17.18 -23.05 8.88
C HIS D 21 -16.55 -23.96 9.95
N ILE D 22 -17.37 -24.68 10.72
CA ILE D 22 -16.94 -25.65 11.76
C ILE D 22 -16.34 -26.89 11.08
N GLN D 23 -17.00 -27.39 10.03
CA GLN D 23 -16.58 -28.58 9.23
C GLN D 23 -15.16 -28.36 8.70
N THR D 24 -14.87 -27.15 8.20
CA THR D 24 -13.54 -26.72 7.69
C THR D 24 -12.53 -26.71 8.85
N TYR D 25 -12.86 -26.03 9.95
CA TYR D 25 -12.03 -25.90 11.18
C TYR D 25 -11.71 -27.30 11.73
N CYS D 26 -12.67 -28.23 11.65
CA CYS D 26 -12.58 -29.63 12.13
C CYS D 26 -11.49 -30.40 11.37
N ASN D 27 -11.64 -30.49 10.04
CA ASN D 27 -10.69 -31.20 9.14
C ASN D 27 -9.30 -30.56 9.25
N SER D 28 -9.24 -29.24 9.41
CA SER D 28 -7.99 -28.44 9.56
C SER D 28 -7.23 -28.86 10.82
N VAL D 29 -7.93 -28.96 11.95
CA VAL D 29 -7.38 -29.40 13.26
C VAL D 29 -6.85 -30.83 13.15
N ARG D 30 -7.58 -31.69 12.42
CA ARG D 30 -7.18 -33.09 12.13
C ARG D 30 -5.79 -33.13 11.49
N GLN D 31 -5.49 -32.15 10.63
CA GLN D 31 -4.21 -32.04 9.87
C GLN D 31 -3.09 -31.50 10.78
N GLN D 32 -3.43 -30.93 11.95
CA GLN D 32 -2.45 -30.39 12.92
C GLN D 32 -1.52 -31.53 13.33
N ILE D 33 -0.24 -31.43 12.92
CA ILE D 33 0.80 -32.45 13.16
C ILE D 33 1.39 -32.21 14.56
N PRO D 34 1.80 -33.28 15.28
CA PRO D 34 2.55 -33.10 16.53
C PRO D 34 4.02 -32.70 16.27
N VAL D 35 4.53 -31.74 17.04
CA VAL D 35 5.90 -31.15 16.88
C VAL D 35 6.80 -31.71 18.00
N ASP D 36 8.10 -31.84 17.72
CA ASP D 36 9.14 -32.17 18.72
C ASP D 36 10.20 -31.06 18.74
N PHE D 37 10.17 -30.21 19.77
CA PHE D 37 11.20 -29.16 20.01
C PHE D 37 12.39 -29.79 20.73
N GLY D 38 12.64 -31.08 20.49
CA GLY D 38 13.67 -31.89 21.18
C GLY D 38 15.02 -31.21 21.21
N ARG D 39 15.38 -30.47 20.15
CA ARG D 39 16.66 -29.72 20.03
C ARG D 39 16.68 -28.51 20.99
N PHE D 40 15.51 -27.92 21.24
CA PHE D 40 15.32 -26.69 22.06
C PHE D 40 15.00 -27.07 23.51
N PRO D 41 15.93 -26.83 24.47
CA PRO D 41 15.72 -27.26 25.85
C PRO D 41 14.64 -26.44 26.59
N ASN D 42 14.51 -25.16 26.22
CA ASN D 42 13.61 -24.18 26.87
C ASN D 42 12.15 -24.40 26.43
N LEU D 43 11.92 -25.10 25.32
CA LEU D 43 10.56 -25.30 24.72
C LEU D 43 9.99 -26.69 25.08
N ARG D 44 10.61 -27.38 26.05
CA ARG D 44 10.25 -28.78 26.40
C ARG D 44 8.77 -28.84 26.85
N GLU D 45 8.42 -28.01 27.84
CA GLU D 45 7.06 -27.92 28.42
C GLU D 45 6.07 -27.45 27.34
N SER D 46 6.47 -26.44 26.55
CA SER D 46 5.68 -25.83 25.46
C SER D 46 5.21 -26.92 24.48
N GLU D 47 6.16 -27.74 24.00
CA GLU D 47 5.92 -28.81 22.99
C GLU D 47 4.88 -29.80 23.51
N ARG D 48 5.11 -30.33 24.73
CA ARG D 48 4.23 -31.32 25.40
C ARG D 48 2.82 -30.72 25.57
N GLN D 49 2.75 -29.50 26.12
CA GLN D 49 1.49 -28.75 26.34
C GLN D 49 0.74 -28.62 25.01
N ILE D 50 1.44 -28.15 23.97
CA ILE D 50 0.90 -27.97 22.60
C ILE D 50 0.36 -29.32 22.09
N ASN D 51 1.19 -30.36 22.15
CA ASN D 51 0.87 -31.74 21.67
C ASN D 51 -0.44 -32.21 22.32
N THR D 52 -0.52 -32.10 23.65
CA THR D 52 -1.69 -32.54 24.46
C THR D 52 -2.93 -31.79 23.99
N GLY D 53 -2.88 -30.45 24.00
CA GLY D 53 -3.97 -29.57 23.55
C GLY D 53 -4.45 -29.92 22.16
N LEU D 54 -3.52 -30.12 21.24
CA LEU D 54 -3.79 -30.54 19.84
C LEU D 54 -4.55 -31.86 19.83
N GLY D 55 -4.07 -32.84 20.61
CA GLY D 55 -4.72 -34.15 20.77
C GLY D 55 -6.17 -34.02 21.18
N ALA D 56 -6.44 -33.18 22.19
CA ALA D 56 -7.77 -32.94 22.78
C ALA D 56 -8.69 -32.30 21.74
N ALA D 57 -8.21 -31.26 21.05
CA ALA D 57 -8.92 -30.55 19.97
C ALA D 57 -9.37 -31.56 18.91
N ARG D 58 -8.47 -32.46 18.52
CA ARG D 58 -8.72 -33.56 17.54
C ARG D 58 -9.93 -34.38 18.00
N GLN D 59 -9.96 -34.74 19.29
CA GLN D 59 -11.06 -35.52 19.92
C GLN D 59 -12.38 -34.76 19.74
N HIS D 60 -12.37 -33.45 20.05
CA HIS D 60 -13.53 -32.54 19.93
C HIS D 60 -14.08 -32.56 18.50
N ALA D 61 -13.18 -32.49 17.51
CA ALA D 61 -13.50 -32.44 16.05
C ALA D 61 -14.17 -33.74 15.61
N GLU D 62 -13.51 -34.88 15.89
CA GLU D 62 -13.99 -36.23 15.50
C GLU D 62 -15.44 -36.41 15.97
N HIS D 63 -15.72 -36.03 17.23
CA HIS D 63 -17.07 -36.08 17.84
C HIS D 63 -18.02 -35.19 17.03
N TYR D 64 -17.66 -33.90 16.87
CA TYR D 64 -18.42 -32.89 16.11
C TYR D 64 -18.77 -33.44 14.74
N LEU D 65 -17.78 -33.98 14.04
CA LEU D 65 -17.88 -34.45 12.64
C LEU D 65 -18.69 -35.75 12.57
N LYS D 66 -18.28 -36.76 13.36
CA LYS D 66 -18.79 -38.16 13.25
C LYS D 66 -20.20 -38.27 13.85
N ASP D 67 -20.51 -37.45 14.87
CA ASP D 67 -21.78 -37.52 15.64
C ASP D 67 -22.58 -36.23 15.47
N ILE D 68 -22.06 -35.15 16.05
CA ILE D 68 -22.79 -33.92 16.42
C ILE D 68 -23.55 -33.40 15.21
N GLN D 69 -22.81 -32.96 14.18
CA GLN D 69 -23.41 -32.31 12.97
C GLN D 69 -24.43 -33.25 12.36
N PRO D 70 -24.15 -34.57 12.29
CA PRO D 70 -25.10 -35.52 11.71
C PRO D 70 -26.40 -35.60 12.54
N LEU D 71 -26.27 -35.74 13.86
CA LEU D 71 -27.41 -35.83 14.82
C LEU D 71 -28.28 -34.57 14.68
N ILE D 72 -27.65 -33.39 14.65
CA ILE D 72 -28.34 -32.08 14.48
C ILE D 72 -29.17 -32.10 13.20
N ILE D 73 -28.58 -32.58 12.10
CA ILE D 73 -29.21 -32.69 10.76
C ILE D 73 -30.45 -33.58 10.87
N ARG D 74 -30.31 -34.74 11.53
CA ARG D 74 -31.40 -35.73 11.72
C ARG D 74 -32.60 -35.05 12.38
N ASN D 75 -32.37 -34.37 13.52
CA ASN D 75 -33.45 -33.82 14.38
C ASN D 75 -34.21 -32.79 13.54
N VAL D 76 -33.44 -31.94 12.85
CA VAL D 76 -33.95 -30.84 11.99
C VAL D 76 -34.81 -31.45 10.87
N THR D 77 -34.30 -32.49 10.21
CA THR D 77 -34.97 -33.21 9.10
C THR D 77 -36.34 -33.72 9.57
N ASN D 78 -36.36 -34.42 10.72
CA ASN D 78 -37.60 -34.96 11.35
C ASN D 78 -38.58 -33.81 11.60
N ILE D 79 -38.08 -32.71 12.18
CA ILE D 79 -38.87 -31.47 12.46
C ILE D 79 -39.44 -30.94 11.13
N GLN D 80 -38.59 -30.83 10.11
CA GLN D 80 -38.94 -30.34 8.75
C GLN D 80 -40.09 -31.18 8.19
N ASP D 81 -39.99 -32.51 8.28
CA ASP D 81 -40.99 -33.48 7.78
C ASP D 81 -42.31 -33.29 8.56
N TYR D 82 -42.22 -33.10 9.87
CA TYR D 82 -43.38 -32.97 10.80
C TYR D 82 -44.22 -31.73 10.44
N PHE D 83 -43.57 -30.57 10.41
CA PHE D 83 -44.19 -29.25 10.08
C PHE D 83 -44.73 -29.28 8.65
N GLU D 84 -44.07 -30.02 7.75
CA GLU D 84 -44.48 -30.24 6.34
C GLU D 84 -45.88 -30.85 6.31
N THR D 85 -46.10 -31.91 7.08
CA THR D 85 -47.40 -32.65 7.20
C THR D 85 -48.44 -31.75 7.86
N GLN D 86 -48.07 -31.12 8.99
CA GLN D 86 -48.92 -30.23 9.82
C GLN D 86 -48.69 -28.77 9.42
N ASN D 87 -48.83 -28.44 8.12
CA ASN D 87 -48.39 -27.11 7.60
C ASN D 87 -49.18 -25.96 8.24
N LEU D 88 -50.50 -26.13 8.40
CA LEU D 88 -51.43 -25.04 8.88
C LEU D 88 -52.52 -25.60 9.81
N ILE D 89 -52.72 -24.96 10.96
CA ILE D 89 -53.73 -25.35 11.99
C ILE D 89 -55.12 -25.01 11.47
N SER D 90 -56.04 -25.99 11.49
CA SER D 90 -57.49 -25.86 11.15
C SER D 90 -58.24 -25.25 12.34
N THR D 91 -58.16 -23.92 12.48
CA THR D 91 -58.77 -23.12 13.58
C THR D 91 -60.27 -23.42 13.65
N VAL D 92 -60.93 -23.57 12.49
CA VAL D 92 -62.39 -23.85 12.37
C VAL D 92 -62.58 -25.37 12.23
N MET D 93 -63.76 -25.86 12.59
CA MET D 93 -64.15 -27.28 12.41
C MET D 93 -64.20 -27.58 10.92
N PRO D 94 -63.23 -28.38 10.39
CA PRO D 94 -63.15 -28.61 8.95
C PRO D 94 -64.29 -29.52 8.42
N SER D 95 -64.39 -29.61 7.09
CA SER D 95 -65.65 -29.93 6.35
C SER D 95 -66.01 -31.41 6.49
N GLY D 96 -67.06 -31.72 7.26
CA GLY D 96 -67.71 -33.04 7.35
C GLY D 96 -67.17 -33.94 8.45
N ALA D 97 -66.73 -33.36 9.58
CA ALA D 97 -66.00 -34.05 10.69
C ALA D 97 -66.79 -33.86 11.99
N THR D 98 -66.69 -34.81 12.92
CA THR D 98 -67.17 -34.68 14.33
C THR D 98 -66.25 -33.72 15.09
N LYS D 99 -66.74 -33.10 16.16
CA LYS D 99 -65.95 -32.22 17.07
C LYS D 99 -64.87 -33.05 17.78
N GLU D 100 -65.23 -34.29 18.18
CA GLU D 100 -64.31 -35.27 18.81
C GLU D 100 -63.16 -35.61 17.87
N GLN D 101 -63.46 -35.84 16.58
CA GLN D 101 -62.47 -36.16 15.51
C GLN D 101 -61.44 -35.03 15.40
N TRP D 102 -61.89 -33.77 15.38
CA TRP D 102 -61.05 -32.55 15.34
C TRP D 102 -60.20 -32.46 16.62
N LEU D 103 -60.80 -32.74 17.78
CA LEU D 103 -60.13 -32.70 19.11
C LEU D 103 -59.00 -33.75 19.17
N SER D 104 -59.29 -34.97 18.70
CA SER D 104 -58.34 -36.11 18.63
C SER D 104 -57.13 -35.75 17.77
N ALA D 105 -57.37 -35.26 16.55
CA ALA D 105 -56.35 -34.83 15.57
C ALA D 105 -55.46 -33.74 16.20
N LEU D 106 -56.07 -32.75 16.86
CA LEU D 106 -55.38 -31.65 17.57
C LEU D 106 -54.51 -32.22 18.70
N GLY D 107 -55.12 -33.08 19.53
CA GLY D 107 -54.42 -33.77 20.64
C GLY D 107 -53.19 -34.53 20.15
N MET D 108 -53.36 -35.26 19.04
CA MET D 108 -52.26 -36.01 18.36
C MET D 108 -51.16 -35.03 17.96
N VAL D 109 -51.52 -33.94 17.29
CA VAL D 109 -50.59 -32.85 16.83
C VAL D 109 -49.88 -32.28 18.06
N SER D 110 -50.62 -32.00 19.13
CA SER D 110 -50.09 -31.46 20.42
C SER D 110 -49.00 -32.38 20.99
N ASP D 111 -49.32 -33.68 21.06
CA ASP D 111 -48.40 -34.74 21.57
C ASP D 111 -47.11 -34.75 20.74
N LYS D 112 -47.25 -34.75 19.42
CA LYS D 112 -46.12 -34.77 18.43
C LYS D 112 -45.23 -33.55 18.66
N ALA D 113 -45.82 -32.36 18.82
CA ALA D 113 -45.13 -31.07 19.06
C ALA D 113 -44.32 -31.16 20.37
N LYS D 114 -44.94 -31.72 21.42
CA LYS D 114 -44.28 -31.95 22.73
C LYS D 114 -42.98 -32.75 22.54
N GLU D 115 -43.09 -33.88 21.85
CA GLU D 115 -41.95 -34.79 21.52
C GLU D 115 -40.89 -34.00 20.76
N TYR D 116 -41.29 -33.22 19.75
CA TYR D 116 -40.43 -32.35 18.91
C TYR D 116 -39.75 -31.31 19.79
N GLN D 117 -40.47 -30.70 20.73
CA GLN D 117 -39.93 -29.71 21.70
C GLN D 117 -38.79 -30.35 22.50
N GLU D 118 -39.07 -31.54 23.08
CA GLU D 118 -38.07 -32.34 23.85
C GLU D 118 -36.82 -32.59 22.99
N VAL D 119 -37.03 -33.00 21.75
CA VAL D 119 -35.97 -33.27 20.72
C VAL D 119 -35.13 -32.01 20.54
N SER D 120 -35.78 -30.85 20.40
CA SER D 120 -35.14 -29.51 20.21
C SER D 120 -34.24 -29.19 21.40
N ALA D 121 -34.72 -29.40 22.62
CA ALA D 121 -33.96 -29.22 23.88
C ALA D 121 -32.71 -30.12 23.87
N ASN D 122 -32.86 -31.35 23.38
CA ASN D 122 -31.78 -32.36 23.27
C ASN D 122 -30.66 -31.83 22.34
N THR D 123 -31.03 -31.36 21.16
CA THR D 123 -30.13 -30.76 20.14
C THR D 123 -29.36 -29.60 20.77
N ARG D 124 -30.06 -28.74 21.52
CA ARG D 124 -29.48 -27.55 22.23
C ARG D 124 -28.35 -28.02 23.15
N ARG D 125 -28.62 -29.04 23.97
CA ARG D 125 -27.64 -29.65 24.92
C ARG D 125 -26.39 -30.08 24.14
N THR D 126 -26.59 -30.79 23.02
CA THR D 126 -25.52 -31.23 22.09
C THR D 126 -24.69 -30.02 21.67
N ILE D 127 -25.35 -28.94 21.24
CA ILE D 127 -24.73 -27.66 20.81
C ILE D 127 -23.90 -27.09 21.96
N GLY D 128 -24.48 -27.05 23.16
CA GLY D 128 -23.81 -26.58 24.39
C GLY D 128 -22.49 -27.28 24.61
N SER D 129 -22.50 -28.62 24.54
CA SER D 129 -21.29 -29.47 24.68
C SER D 129 -20.27 -29.09 23.60
N LEU D 130 -20.71 -29.00 22.35
CA LEU D 130 -19.88 -28.60 21.19
C LEU D 130 -19.22 -27.24 21.47
N ASN D 131 -20.02 -26.27 21.94
CA ASN D 131 -19.56 -24.91 22.31
C ASN D 131 -18.41 -25.02 23.32
N ASP D 132 -18.65 -25.73 24.42
CA ASP D 132 -17.66 -25.94 25.52
C ASP D 132 -16.38 -26.56 24.94
N LYS D 133 -16.51 -27.60 24.12
CA LYS D 133 -15.39 -28.33 23.46
C LYS D 133 -14.56 -27.35 22.64
N LEU D 134 -15.23 -26.57 21.78
CA LEU D 134 -14.58 -25.56 20.90
C LEU D 134 -13.87 -24.49 21.76
N ILE D 135 -14.61 -23.94 22.75
CA ILE D 135 -14.10 -22.92 23.71
C ILE D 135 -12.79 -23.42 24.30
N ILE D 136 -12.78 -24.64 24.86
CA ILE D 136 -11.61 -25.29 25.50
C ILE D 136 -10.46 -25.38 24.50
N ASP D 137 -10.74 -25.80 23.26
CA ASP D 137 -9.74 -25.93 22.16
C ASP D 137 -9.09 -24.56 21.91
N SER D 138 -9.91 -23.54 21.65
CA SER D 138 -9.48 -22.15 21.36
C SER D 138 -8.59 -21.62 22.50
N ASN D 139 -9.01 -21.85 23.74
CA ASN D 139 -8.31 -21.41 24.99
C ASN D 139 -6.93 -22.05 25.03
N ASN D 140 -6.85 -23.38 24.90
CA ASN D 140 -5.59 -24.17 24.90
C ASN D 140 -4.67 -23.63 23.82
N TYR D 141 -5.21 -23.37 22.62
CA TYR D 141 -4.48 -22.79 21.45
C TYR D 141 -3.81 -21.46 21.87
N GLN D 142 -4.63 -20.55 22.41
CA GLN D 142 -4.20 -19.22 22.89
C GLN D 142 -3.05 -19.38 23.90
N LEU D 143 -3.20 -20.31 24.85
CA LEU D 143 -2.23 -20.62 25.94
C LEU D 143 -0.91 -21.02 25.31
N ILE D 144 -0.92 -21.89 24.29
CA ILE D 144 0.28 -22.34 23.53
C ILE D 144 0.92 -21.12 22.89
N VAL D 145 0.12 -20.26 22.24
CA VAL D 145 0.59 -19.04 21.53
C VAL D 145 1.37 -18.13 22.50
N VAL D 146 0.75 -17.83 23.64
CA VAL D 146 1.32 -16.97 24.72
C VAL D 146 2.64 -17.60 25.21
N ASN D 147 2.61 -18.89 25.53
CA ASN D 147 3.78 -19.69 25.98
C ASN D 147 4.91 -19.54 24.97
N LEU D 148 4.59 -19.64 23.67
CA LEU D 148 5.54 -19.51 22.54
C LEU D 148 6.05 -18.07 22.46
N ASN D 149 5.14 -17.09 22.44
CA ASN D 149 5.45 -15.64 22.37
C ASN D 149 6.48 -15.29 23.46
N ASN D 150 6.25 -15.79 24.68
CA ASN D 150 7.13 -15.58 25.87
C ASN D 150 8.54 -16.12 25.57
N VAL D 151 8.63 -17.29 24.96
CA VAL D 151 9.92 -18.00 24.66
C VAL D 151 10.78 -17.15 23.71
N VAL D 152 10.18 -16.63 22.63
CA VAL D 152 10.85 -15.82 21.58
C VAL D 152 11.15 -14.42 22.11
N ASN D 153 10.35 -13.93 23.07
CA ASN D 153 10.47 -12.58 23.66
C ASN D 153 11.56 -12.54 24.74
N GLY D 154 11.77 -13.66 25.43
CA GLY D 154 12.97 -13.93 26.26
C GLY D 154 14.23 -14.21 25.43
N ASN D 155 14.13 -15.15 24.48
CA ASN D 155 15.24 -15.59 23.60
C ASN D 155 15.88 -14.41 22.87
N ASN D 156 15.12 -13.32 22.65
CA ASN D 156 15.53 -12.11 21.90
C ASN D 156 16.21 -11.08 22.82
N GLY D 157 16.14 -11.25 24.16
CA GLY D 157 17.06 -10.56 25.10
C GLY D 157 18.48 -11.13 25.02
N VAL D 158 18.58 -12.46 25.13
CA VAL D 158 19.81 -13.29 24.93
C VAL D 158 20.48 -12.92 23.60
N LEU D 159 19.71 -12.86 22.50
CA LEU D 159 20.20 -12.58 21.12
C LEU D 159 20.99 -11.27 21.07
N GLU D 160 20.50 -10.24 21.76
CA GLU D 160 21.11 -8.87 21.82
C GLU D 160 22.45 -8.93 22.58
N GLN D 161 22.48 -9.60 23.74
CA GLN D 161 23.70 -9.80 24.57
C GLN D 161 24.76 -10.55 23.75
N LEU D 162 24.32 -11.47 22.87
CA LEU D 162 25.19 -12.28 21.98
C LEU D 162 25.82 -11.38 20.89
N ASN D 163 25.01 -10.59 20.21
CA ASN D 163 25.45 -9.64 19.15
C ASN D 163 26.43 -8.62 19.76
N ARG D 164 26.17 -8.18 20.99
CA ARG D 164 27.01 -7.22 21.76
C ARG D 164 28.36 -7.87 22.14
N ASP D 165 28.32 -9.14 22.55
CA ASP D 165 29.53 -9.95 22.92
C ASP D 165 30.34 -10.24 21.65
N ILE D 166 29.67 -10.62 20.55
CA ILE D 166 30.30 -10.91 19.22
C ILE D 166 31.07 -9.69 18.73
N ASP D 167 30.48 -8.50 18.92
CA ASP D 167 31.11 -7.17 18.61
C ASP D 167 32.38 -6.99 19.46
N GLY D 168 32.29 -7.29 20.76
CA GLY D 168 33.41 -7.20 21.72
C GLY D 168 34.52 -8.19 21.43
N ILE D 169 34.20 -9.30 20.76
CA ILE D 169 35.12 -10.44 20.45
C ILE D 169 35.98 -10.11 19.24
N ASN D 170 35.40 -9.53 18.18
CA ASN D 170 36.10 -9.09 16.95
C ASN D 170 37.25 -8.13 17.25
N ALA D 171 37.15 -7.30 18.31
CA ALA D 171 38.19 -6.33 18.76
C ALA D 171 39.48 -7.05 19.15
N ALA D 172 39.38 -8.06 20.00
CA ALA D 172 40.49 -8.96 20.42
C ALA D 172 41.02 -9.71 19.20
N ILE D 173 40.12 -10.15 18.30
CA ILE D 173 40.45 -10.89 17.04
C ILE D 173 41.34 -10.03 16.14
N ASP D 174 41.01 -8.74 16.01
CA ASP D 174 41.80 -7.73 15.25
C ASP D 174 43.09 -7.41 16.00
N GLY D 175 43.01 -7.25 17.33
CA GLY D 175 44.16 -7.00 18.23
C GLY D 175 45.24 -8.06 18.10
N ALA D 176 44.84 -9.32 17.89
CA ALA D 176 45.73 -10.47 17.62
C ALA D 176 46.30 -10.37 16.20
N ILE D 177 45.43 -10.07 15.21
CA ILE D 177 45.82 -9.87 13.78
C ILE D 177 46.89 -8.79 13.67
N ALA D 178 46.74 -7.69 14.43
CA ALA D 178 47.66 -6.53 14.50
C ALA D 178 49.02 -6.98 15.04
N GLY D 179 49.04 -7.65 16.21
CA GLY D 179 50.25 -8.17 16.86
C GLY D 179 51.03 -9.12 15.95
N ILE D 180 50.32 -9.95 15.17
CA ILE D 180 50.89 -10.95 14.22
C ILE D 180 51.63 -10.23 13.09
N VAL D 181 50.99 -9.21 12.52
CA VAL D 181 51.56 -8.37 11.41
C VAL D 181 52.74 -7.57 11.94
N VAL D 182 52.54 -6.81 13.03
CA VAL D 182 53.60 -5.98 13.69
C VAL D 182 54.84 -6.86 13.95
N GLY D 183 54.63 -8.10 14.42
CA GLY D 183 55.71 -9.08 14.65
C GLY D 183 56.45 -9.42 13.36
N GLY D 184 55.70 -9.68 12.28
CA GLY D 184 56.23 -10.00 10.94
C GLY D 184 57.13 -8.87 10.40
N LEU D 185 56.71 -7.62 10.59
CA LEU D 185 57.45 -6.40 10.16
C LEU D 185 58.70 -6.24 11.03
N LEU D 186 58.55 -6.33 12.35
CA LEU D 186 59.65 -6.19 13.36
C LEU D 186 60.78 -7.17 13.02
N VAL D 187 60.43 -8.42 12.75
CA VAL D 187 61.38 -9.52 12.35
C VAL D 187 62.06 -9.12 11.03
N ILE D 188 61.24 -8.74 10.04
CA ILE D 188 61.71 -8.33 8.68
C ILE D 188 62.72 -7.18 8.83
N GLY D 189 62.34 -6.13 9.54
CA GLY D 189 63.20 -4.96 9.83
C GLY D 189 64.42 -5.35 10.63
N GLY D 190 64.25 -6.18 11.66
CA GLY D 190 65.33 -6.69 12.53
C GLY D 190 66.41 -7.40 11.73
N ALA D 191 66.01 -8.24 10.77
CA ALA D 191 66.91 -9.00 9.86
C ALA D 191 67.77 -8.02 9.04
N ILE D 192 67.14 -7.01 8.43
CA ILE D 192 67.79 -5.96 7.61
C ILE D 192 68.80 -5.20 8.47
N VAL D 193 68.42 -4.84 9.69
CA VAL D 193 69.24 -4.07 10.68
C VAL D 193 70.43 -4.94 11.12
N THR D 194 70.15 -6.17 11.56
CA THR D 194 71.15 -7.16 12.02
C THR D 194 72.22 -7.37 10.94
N ALA D 195 71.79 -7.57 9.69
CA ALA D 195 72.65 -7.76 8.50
C ALA D 195 73.55 -6.52 8.31
N ILE D 196 72.96 -5.33 8.41
CA ILE D 196 73.67 -4.02 8.31
C ILE D 196 74.71 -3.92 9.43
N GLY D 197 74.27 -4.10 10.68
CA GLY D 197 75.12 -4.06 11.89
C GLY D 197 76.29 -5.03 11.81
N ALA D 198 76.08 -6.21 11.22
CA ALA D 198 77.07 -7.30 11.08
C ALA D 198 78.17 -6.90 10.08
N VAL D 199 77.77 -6.24 8.97
CA VAL D 199 78.68 -5.81 7.87
C VAL D 199 79.52 -4.61 8.36
N ALA D 200 78.97 -3.81 9.28
CA ALA D 200 79.61 -2.61 9.89
C ALA D 200 80.56 -3.04 11.02
N GLY D 201 80.33 -4.22 11.60
CA GLY D 201 81.21 -4.84 12.62
C GLY D 201 82.42 -5.49 11.96
N LEU D 202 82.37 -5.71 10.64
CA LEU D 202 83.48 -6.27 9.81
C LEU D 202 84.32 -5.12 9.22
N VAL D 203 84.19 -3.93 9.78
CA VAL D 203 85.05 -2.72 9.59
C VAL D 203 85.43 -2.14 10.96
N THR D 204 84.50 -2.15 11.93
CA THR D 204 84.73 -1.86 13.38
C THR D 204 83.38 -1.72 14.08
N SER D 208 80.11 -1.63 15.84
CA SER D 208 78.69 -1.72 15.38
C SER D 208 78.02 -2.98 15.98
N THR D 209 78.28 -3.23 17.27
CA THR D 209 77.74 -4.39 18.03
C THR D 209 76.36 -4.02 18.58
N PRO D 210 76.15 -2.75 18.98
CA PRO D 210 74.85 -2.33 19.51
C PRO D 210 73.72 -2.40 18.46
N VAL D 211 74.03 -2.09 17.21
CA VAL D 211 73.09 -2.13 16.05
C VAL D 211 72.65 -3.58 15.82
N VAL D 212 73.60 -4.51 15.79
CA VAL D 212 73.35 -5.97 15.60
C VAL D 212 72.45 -6.49 16.74
N MET D 213 72.73 -6.06 17.98
CA MET D 213 71.95 -6.42 19.20
C MET D 213 70.50 -5.97 19.03
N GLY D 214 70.30 -4.70 18.69
CA GLY D 214 68.98 -4.09 18.41
C GLY D 214 68.24 -4.82 17.30
N GLY D 215 68.96 -5.24 16.25
CA GLY D 215 68.42 -6.02 15.12
C GLY D 215 67.98 -7.40 15.56
N ILE D 216 68.81 -8.09 16.36
CA ILE D 216 68.53 -9.43 16.94
C ILE D 216 67.32 -9.34 17.89
N ALA D 217 67.30 -8.30 18.73
CA ALA D 217 66.21 -8.00 19.69
C ALA D 217 64.90 -7.81 18.94
N MET D 218 64.91 -6.99 17.88
CA MET D 218 63.73 -6.71 17.00
C MET D 218 63.23 -8.02 16.38
N MET D 219 64.15 -8.85 15.89
CA MET D 219 63.86 -10.21 15.34
C MET D 219 63.21 -11.08 16.42
N THR D 220 63.84 -11.16 17.60
CA THR D 220 63.39 -11.95 18.78
C THR D 220 61.97 -11.53 19.18
N ALA D 221 61.76 -10.23 19.38
CA ALA D 221 60.46 -9.61 19.76
C ALA D 221 59.41 -9.91 18.70
N GLY D 222 59.77 -9.75 17.42
CA GLY D 222 58.91 -10.03 16.25
C GLY D 222 58.39 -11.46 16.28
N ALA D 223 59.27 -12.43 16.55
CA ALA D 223 58.95 -13.87 16.67
C ALA D 223 58.01 -14.08 17.86
N GLY D 224 58.36 -13.51 19.01
CA GLY D 224 57.57 -13.59 20.26
C GLY D 224 56.14 -13.10 20.04
N GLY D 225 55.98 -11.94 19.41
CA GLY D 225 54.68 -11.32 19.07
C GLY D 225 53.88 -12.18 18.13
N VAL D 226 54.51 -12.75 17.10
CA VAL D 226 53.89 -13.66 16.09
C VAL D 226 53.38 -14.91 16.79
N ILE D 227 54.17 -15.47 17.71
CA ILE D 227 53.84 -16.70 18.49
C ILE D 227 52.69 -16.40 19.45
N GLY D 228 52.86 -15.38 20.30
CA GLY D 228 51.87 -14.95 21.31
C GLY D 228 50.53 -14.64 20.68
N GLY D 229 50.53 -13.90 19.58
CA GLY D 229 49.32 -13.52 18.80
C GLY D 229 48.59 -14.74 18.29
N ALA D 230 49.32 -15.71 17.72
CA ALA D 230 48.77 -16.97 17.16
C ALA D 230 48.02 -17.74 18.26
N ILE D 231 48.62 -17.84 19.45
CA ILE D 231 48.03 -18.52 20.64
C ILE D 231 46.71 -17.82 21.00
N VAL D 232 46.76 -16.49 21.14
CA VAL D 232 45.59 -15.63 21.49
C VAL D 232 44.51 -15.78 20.41
N LEU D 233 44.89 -15.66 19.13
CA LEU D 233 43.97 -15.71 17.96
C LEU D 233 43.21 -17.04 17.97
N ASP D 234 43.94 -18.16 18.00
CA ASP D 234 43.38 -19.54 18.00
C ASP D 234 42.36 -19.69 19.14
N LYS D 235 42.66 -19.10 20.30
CA LYS D 235 41.80 -19.15 21.51
C LYS D 235 40.62 -18.19 21.35
N SER D 236 40.85 -17.00 20.78
CA SER D 236 39.88 -15.89 20.68
C SER D 236 38.73 -16.24 19.74
N LEU D 237 39.06 -16.74 18.54
CA LEU D 237 38.10 -17.32 17.55
C LEU D 237 37.35 -18.49 18.19
N SER D 238 38.02 -19.26 19.06
CA SER D 238 37.51 -20.47 19.75
C SER D 238 36.54 -20.10 20.86
N ALA D 239 36.62 -18.88 21.40
CA ALA D 239 35.60 -18.28 22.30
C ALA D 239 34.48 -17.67 21.45
N ARG D 240 34.87 -16.98 20.37
CA ARG D 240 33.97 -16.36 19.35
C ARG D 240 33.06 -17.43 18.75
N GLU D 241 33.61 -18.61 18.41
CA GLU D 241 32.90 -19.74 17.78
C GLU D 241 31.76 -20.23 18.68
N LYS D 242 32.02 -20.40 19.98
CA LYS D 242 31.04 -20.86 21.00
C LYS D 242 29.86 -19.88 21.06
N LEU D 243 30.15 -18.57 21.09
CA LEU D 243 29.15 -17.47 21.17
C LEU D 243 28.26 -17.49 19.91
N TYR D 244 28.87 -17.58 18.73
CA TYR D 244 28.19 -17.60 17.41
C TYR D 244 27.26 -18.81 17.31
N ARG D 245 27.73 -19.99 17.75
CA ARG D 245 26.96 -21.27 17.75
C ARG D 245 25.66 -21.08 18.56
N ASP D 246 25.78 -20.50 19.77
CA ASP D 246 24.65 -20.21 20.68
C ASP D 246 23.67 -19.24 20.00
N ARG D 247 24.19 -18.18 19.38
CA ARG D 247 23.42 -17.12 18.67
C ARG D 247 22.55 -17.75 17.59
N SER D 248 23.16 -18.57 16.72
CA SER D 248 22.51 -19.29 15.60
C SER D 248 21.44 -20.23 16.13
N GLN D 249 21.76 -21.01 17.17
CA GLN D 249 20.84 -21.97 17.83
C GLN D 249 19.59 -21.24 18.33
N LEU D 250 19.79 -20.11 19.04
CA LEU D 250 18.72 -19.25 19.59
C LEU D 250 17.87 -18.67 18.44
N ASN D 251 18.53 -18.19 17.38
CA ASN D 251 17.90 -17.61 16.16
C ASN D 251 16.97 -18.65 15.54
N SER D 252 17.45 -19.88 15.36
CA SER D 252 16.71 -21.03 14.79
C SER D 252 15.49 -21.36 15.66
N GLU D 253 15.72 -21.50 16.98
CA GLU D 253 14.67 -21.82 17.99
C GLU D 253 13.55 -20.77 17.91
N VAL D 254 13.92 -19.48 17.91
CA VAL D 254 12.98 -18.33 17.85
C VAL D 254 12.15 -18.42 16.56
N LEU D 255 12.80 -18.68 15.43
CA LEU D 255 12.16 -18.82 14.09
C LEU D 255 11.13 -19.96 14.15
N VAL D 256 11.54 -21.13 14.65
CA VAL D 256 10.69 -22.35 14.79
C VAL D 256 9.44 -21.97 15.59
N ALA D 257 9.63 -21.29 16.73
CA ALA D 257 8.55 -20.82 17.63
C ALA D 257 7.61 -19.89 16.85
N SER D 258 8.17 -18.91 16.15
CA SER D 258 7.43 -17.94 15.30
C SER D 258 6.69 -18.67 14.18
N GLN D 259 7.22 -19.82 13.72
CA GLN D 259 6.60 -20.67 12.67
C GLN D 259 5.33 -21.34 13.23
N ILE D 260 5.50 -22.13 14.28
CA ILE D 260 4.41 -22.92 14.94
C ILE D 260 3.37 -21.93 15.50
N GLY D 261 3.87 -20.79 16.02
CA GLY D 261 3.09 -19.68 16.60
C GLY D 261 2.10 -19.13 15.61
N SER D 262 2.52 -18.80 14.39
CA SER D 262 1.66 -18.32 13.28
C SER D 262 0.55 -19.35 13.02
N GLY D 263 0.91 -20.64 12.96
CA GLY D 263 -0.01 -21.75 12.70
C GLY D 263 -1.08 -21.87 13.78
N TYR D 264 -0.63 -21.89 15.04
CA TYR D 264 -1.49 -21.93 16.25
C TYR D 264 -2.43 -20.71 16.24
N ARG D 265 -1.88 -19.53 15.93
CA ARG D 265 -2.62 -18.25 15.81
C ARG D 265 -3.78 -18.42 14.81
N GLY D 266 -3.49 -18.99 13.63
CA GLY D 266 -4.49 -19.28 12.59
C GLY D 266 -5.56 -20.24 13.08
N LEU D 267 -5.13 -21.29 13.80
CA LEU D 267 -6.02 -22.29 14.43
C LEU D 267 -6.94 -21.62 15.45
N GLN D 268 -6.38 -20.72 16.27
CA GLN D 268 -7.10 -19.97 17.34
C GLN D 268 -8.23 -19.15 16.72
N THR D 269 -7.96 -18.48 15.59
CA THR D 269 -8.95 -17.69 14.81
C THR D 269 -10.05 -18.62 14.31
N GLN D 270 -9.67 -19.77 13.73
CA GLN D 270 -10.61 -20.79 13.18
C GLN D 270 -11.60 -21.23 14.28
N ALA D 271 -11.10 -21.44 15.49
CA ALA D 271 -11.88 -21.86 16.69
C ALA D 271 -12.79 -20.72 17.14
N GLN D 272 -12.26 -19.49 17.22
CA GLN D 272 -13.00 -18.27 17.62
C GLN D 272 -14.23 -18.10 16.72
N SER D 273 -14.06 -18.28 15.41
CA SER D 273 -15.14 -18.18 14.38
C SER D 273 -16.15 -19.32 14.58
N ALA D 274 -15.65 -20.55 14.78
CA ALA D 274 -16.47 -21.76 15.03
C ALA D 274 -17.33 -21.55 16.28
N VAL D 275 -16.78 -20.88 17.30
CA VAL D 275 -17.48 -20.53 18.58
C VAL D 275 -18.71 -19.68 18.24
N THR D 276 -18.53 -18.64 17.43
CA THR D 276 -19.59 -17.71 16.96
C THR D 276 -20.64 -18.51 16.17
N ALA D 277 -20.19 -19.40 15.28
CA ALA D 277 -21.04 -20.28 14.44
C ALA D 277 -21.91 -21.16 15.34
N ALA D 278 -21.31 -21.76 16.38
CA ALA D 278 -21.96 -22.66 17.35
C ALA D 278 -22.99 -21.87 18.17
N THR D 279 -22.58 -20.75 18.74
CA THR D 279 -23.44 -19.82 19.53
C THR D 279 -24.68 -19.47 18.71
N GLN D 280 -24.49 -19.20 17.41
CA GLN D 280 -25.57 -18.90 16.43
C GLN D 280 -26.54 -20.09 16.35
N MET D 281 -25.99 -21.31 16.21
CA MET D 281 -26.77 -22.58 16.11
C MET D 281 -27.56 -22.79 17.41
N ASN D 282 -26.96 -22.47 18.56
CA ASN D 282 -27.59 -22.59 19.91
C ASN D 282 -28.81 -21.68 19.98
N ASN D 283 -28.68 -20.42 19.53
CA ASN D 283 -29.76 -19.41 19.51
C ASN D 283 -30.89 -19.87 18.58
N ALA D 284 -30.54 -20.46 17.43
CA ALA D 284 -31.48 -20.96 16.40
C ALA D 284 -32.37 -22.06 16.98
N TRP D 285 -31.77 -23.07 17.60
CA TRP D 285 -32.45 -24.20 18.28
C TRP D 285 -33.31 -23.67 19.42
N ASP D 286 -32.77 -22.75 20.23
CA ASP D 286 -33.48 -22.10 21.37
C ASP D 286 -34.77 -21.44 20.88
N SER D 287 -34.69 -20.74 19.74
CA SER D 287 -35.84 -20.06 19.08
C SER D 287 -36.90 -21.09 18.65
N LEU D 288 -36.46 -22.16 17.97
CA LEU D 288 -37.31 -23.28 17.49
C LEU D 288 -38.04 -23.92 18.69
N THR D 289 -37.32 -24.16 19.78
CA THR D 289 -37.82 -24.74 21.06
C THR D 289 -38.91 -23.85 21.64
N SER D 290 -38.66 -22.55 21.72
CA SER D 290 -39.61 -21.51 22.21
C SER D 290 -40.86 -21.47 21.32
N GLU D 291 -40.66 -21.43 19.99
CA GLU D 291 -41.75 -21.38 18.97
C GLU D 291 -42.68 -22.59 19.12
N LEU D 292 -42.10 -23.77 19.37
CA LEU D 292 -42.82 -25.05 19.60
C LEU D 292 -43.66 -24.93 20.88
N GLU D 293 -43.07 -24.41 21.96
CA GLU D 293 -43.73 -24.20 23.28
C GLU D 293 -44.95 -23.30 23.11
N THR D 294 -44.83 -22.24 22.30
CA THR D 294 -45.91 -21.25 21.99
C THR D 294 -47.06 -21.94 21.26
N LEU D 295 -46.74 -22.73 20.23
CA LEU D 295 -47.72 -23.53 19.44
C LEU D 295 -48.44 -24.52 20.37
N ASN D 296 -47.69 -25.18 21.26
CA ASN D 296 -48.21 -26.15 22.26
C ASN D 296 -49.20 -25.45 23.18
N ALA D 297 -48.82 -24.29 23.73
CA ALA D 297 -49.64 -23.43 24.61
C ALA D 297 -50.88 -22.95 23.85
N ASN D 298 -50.70 -22.47 22.60
CA ASN D 298 -51.79 -22.03 21.70
C ASN D 298 -52.76 -23.20 21.47
N LEU D 299 -52.22 -24.40 21.24
CA LEU D 299 -53.00 -25.65 21.04
C LEU D 299 -53.80 -25.99 22.31
N ARG D 300 -53.10 -26.23 23.42
CA ARG D 300 -53.65 -26.72 24.72
C ARG D 300 -54.87 -25.89 25.16
N LYS D 301 -54.76 -24.55 25.07
CA LYS D 301 -55.80 -23.58 25.52
C LYS D 301 -57.00 -23.61 24.57
N GLY D 302 -56.86 -24.21 23.38
CA GLY D 302 -57.91 -24.31 22.35
C GLY D 302 -58.80 -25.54 22.52
N ILE D 303 -58.26 -26.57 23.18
CA ILE D 303 -58.97 -27.86 23.51
C ILE D 303 -59.92 -27.61 24.68
N ILE D 304 -59.45 -26.87 25.69
CA ILE D 304 -60.24 -26.39 26.86
C ILE D 304 -60.76 -24.98 26.58
N ASP D 305 -61.40 -24.79 25.42
CA ASP D 305 -62.06 -23.50 25.02
C ASP D 305 -63.45 -23.78 24.45
N ASP D 306 -64.40 -22.86 24.66
CA ASP D 306 -65.80 -22.88 24.12
C ASP D 306 -65.81 -22.77 22.60
N SER D 307 -66.61 -21.86 22.01
CA SER D 307 -66.75 -21.71 20.53
C SER D 307 -65.61 -20.81 20.02
N PHE D 308 -65.69 -19.51 20.33
CA PHE D 308 -64.93 -18.41 19.66
C PHE D 308 -63.47 -18.36 20.16
N LEU D 309 -63.25 -18.49 21.47
CA LEU D 309 -61.92 -18.44 22.13
C LEU D 309 -61.03 -19.59 21.61
N ARG D 310 -61.65 -20.71 21.20
CA ARG D 310 -60.98 -21.90 20.60
C ARG D 310 -60.39 -21.53 19.24
N GLN D 311 -61.19 -20.91 18.35
CA GLN D 311 -60.79 -20.46 17.00
C GLN D 311 -59.68 -19.39 17.13
N LEU D 312 -59.71 -18.58 18.20
CA LEU D 312 -58.72 -17.51 18.50
C LEU D 312 -57.34 -18.12 18.76
N PHE D 313 -57.25 -19.10 19.66
CA PHE D 313 -56.01 -19.83 20.03
C PHE D 313 -55.53 -20.68 18.85
N LEU D 314 -56.46 -21.23 18.05
CA LEU D 314 -56.20 -22.12 16.88
C LEU D 314 -55.58 -21.31 15.74
N THR D 315 -56.03 -20.05 15.55
CA THR D 315 -55.49 -19.10 14.54
C THR D 315 -54.08 -18.65 14.94
N ALA D 316 -53.86 -18.38 16.24
CA ALA D 316 -52.55 -18.01 16.84
C ALA D 316 -51.54 -19.15 16.66
N SER D 317 -52.01 -20.40 16.83
CA SER D 317 -51.24 -21.66 16.60
C SER D 317 -50.87 -21.79 15.12
N GLN D 318 -51.79 -21.43 14.22
CA GLN D 318 -51.57 -21.40 12.75
C GLN D 318 -50.42 -20.41 12.43
N THR D 319 -50.31 -19.33 13.20
CA THR D 319 -49.24 -18.29 13.09
C THR D 319 -47.95 -18.84 13.73
N SER D 320 -48.06 -19.49 14.90
CA SER D 320 -47.02 -20.40 15.47
C SER D 320 -46.40 -21.28 14.38
N VAL D 321 -47.26 -21.99 13.62
CA VAL D 321 -46.89 -23.00 12.59
C VAL D 321 -45.99 -22.37 11.52
N THR D 322 -46.32 -21.17 11.06
CA THR D 322 -45.52 -20.36 10.10
C THR D 322 -44.17 -19.99 10.74
N LYS D 323 -44.18 -19.58 12.01
CA LYS D 323 -42.97 -19.17 12.80
C LYS D 323 -42.01 -20.35 12.98
N VAL D 324 -42.54 -21.56 13.13
CA VAL D 324 -41.76 -22.83 13.25
C VAL D 324 -41.17 -23.18 11.88
N LEU D 325 -41.98 -23.11 10.82
CA LEU D 325 -41.59 -23.41 9.40
C LEU D 325 -40.43 -22.50 8.98
N ASP D 326 -40.45 -21.23 9.41
CA ASP D 326 -39.38 -20.23 9.20
C ASP D 326 -38.12 -20.68 9.96
N GLY D 327 -38.26 -20.99 11.25
CA GLY D 327 -37.17 -21.48 12.13
C GLY D 327 -36.47 -22.70 11.54
N THR D 328 -37.24 -23.58 10.87
CA THR D 328 -36.75 -24.79 10.15
C THR D 328 -35.84 -24.38 8.99
N LYS D 329 -36.36 -23.55 8.08
CA LYS D 329 -35.61 -23.02 6.90
C LYS D 329 -34.33 -22.31 7.38
N ILE D 330 -34.40 -21.59 8.50
CA ILE D 330 -33.27 -20.81 9.10
C ILE D 330 -32.18 -21.78 9.57
N ILE D 331 -32.55 -22.80 10.34
CA ILE D 331 -31.62 -23.85 10.85
C ILE D 331 -30.97 -24.57 9.67
N LYS D 332 -31.75 -24.92 8.63
CA LYS D 332 -31.30 -25.59 7.38
C LYS D 332 -30.17 -24.79 6.74
N GLN D 333 -30.30 -23.45 6.73
CA GLN D 333 -29.31 -22.49 6.18
C GLN D 333 -28.06 -22.49 7.06
N GLN D 334 -28.22 -22.49 8.39
CA GLN D 334 -27.09 -22.57 9.36
C GLN D 334 -26.26 -23.82 9.06
N MET E 8 -25.47 -41.82 5.81
CA MET E 8 -24.56 -42.19 4.68
C MET E 8 -23.88 -40.93 4.13
N ASN E 9 -24.66 -39.85 3.95
CA ASN E 9 -24.20 -38.56 3.38
C ASN E 9 -23.04 -38.00 4.21
N ASP E 10 -23.13 -38.08 5.54
CA ASP E 10 -22.14 -37.52 6.51
C ASP E 10 -20.78 -38.22 6.36
N GLY E 11 -20.79 -39.54 6.22
CA GLY E 11 -19.59 -40.38 6.06
C GLY E 11 -18.92 -40.19 4.71
N MET E 12 -19.73 -40.13 3.64
CA MET E 12 -19.26 -40.00 2.23
C MET E 12 -18.57 -38.65 2.03
N ASN E 13 -19.17 -37.57 2.55
CA ASN E 13 -18.66 -36.18 2.44
C ASN E 13 -17.33 -36.05 3.20
N ALA E 14 -17.31 -36.45 4.47
CA ALA E 14 -16.13 -36.39 5.37
C ALA E 14 -14.94 -37.13 4.74
N GLN E 15 -15.22 -38.28 4.11
CA GLN E 15 -14.21 -39.12 3.39
C GLN E 15 -13.71 -38.37 2.14
N SER E 16 -14.58 -37.59 1.50
CA SER E 16 -14.32 -36.86 0.23
C SER E 16 -13.39 -35.66 0.45
N SER E 17 -13.59 -34.89 1.54
CA SER E 17 -12.68 -33.81 1.96
C SER E 17 -11.37 -34.42 2.48
N GLN E 18 -11.46 -35.42 3.36
CA GLN E 18 -10.31 -36.20 3.88
C GLN E 18 -9.40 -36.64 2.72
N ALA E 19 -9.98 -37.22 1.67
CA ALA E 19 -9.28 -37.80 0.49
C ALA E 19 -8.49 -36.72 -0.25
N LEU E 20 -9.12 -35.57 -0.53
CA LEU E 20 -8.52 -34.42 -1.24
C LEU E 20 -7.31 -33.90 -0.45
N HIS E 21 -7.42 -33.83 0.89
CA HIS E 21 -6.35 -33.39 1.83
C HIS E 21 -5.13 -34.30 1.69
N ILE E 22 -5.35 -35.62 1.63
CA ILE E 22 -4.31 -36.67 1.43
C ILE E 22 -3.77 -36.58 -0.01
N GLN E 23 -4.66 -36.45 -0.99
CA GLN E 23 -4.34 -36.33 -2.44
C GLN E 23 -3.37 -35.17 -2.66
N THR E 24 -3.63 -34.03 -2.01
CA THR E 24 -2.79 -32.80 -2.03
C THR E 24 -1.43 -33.11 -1.39
N TYR E 25 -1.43 -33.67 -0.17
CA TYR E 25 -0.21 -34.05 0.60
C TYR E 25 0.65 -35.02 -0.21
N CYS E 26 0.00 -35.92 -0.96
CA CYS E 26 0.64 -36.97 -1.81
C CYS E 26 1.46 -36.32 -2.93
N ASN E 27 0.80 -35.52 -3.78
CA ASN E 27 1.43 -34.82 -4.93
C ASN E 27 2.54 -33.88 -4.42
N SER E 28 2.33 -33.25 -3.25
CA SER E 28 3.29 -32.33 -2.58
C SER E 28 4.57 -33.06 -2.21
N VAL E 29 4.45 -34.24 -1.60
CA VAL E 29 5.58 -35.13 -1.20
C VAL E 29 6.35 -35.56 -2.45
N ARG E 30 5.63 -35.86 -3.55
CA ARG E 30 6.21 -36.22 -4.86
C ARG E 30 7.18 -35.13 -5.32
N GLN E 31 6.86 -33.86 -5.05
CA GLN E 31 7.66 -32.66 -5.45
C GLN E 31 8.88 -32.49 -4.53
N GLN E 32 8.92 -33.17 -3.38
CA GLN E 32 10.06 -33.15 -2.43
C GLN E 32 11.32 -33.63 -3.16
N ILE E 33 12.26 -32.71 -3.39
CA ILE E 33 13.51 -32.96 -4.19
C ILE E 33 14.56 -33.63 -3.34
N PRO E 34 15.38 -34.52 -3.93
CA PRO E 34 16.47 -35.17 -3.21
C PRO E 34 17.67 -34.22 -3.01
N VAL E 35 18.28 -34.26 -1.83
CA VAL E 35 19.49 -33.46 -1.47
C VAL E 35 20.77 -34.31 -1.56
N ASP E 36 21.87 -33.69 -1.97
CA ASP E 36 23.17 -34.32 -2.26
C ASP E 36 24.25 -33.64 -1.40
N PHE E 37 24.72 -34.34 -0.38
CA PHE E 37 25.86 -33.92 0.48
C PHE E 37 27.18 -34.28 -0.21
N GLY E 38 27.18 -34.27 -1.55
CA GLY E 38 28.33 -34.63 -2.40
C GLY E 38 29.62 -33.96 -1.98
N ARG E 39 29.55 -32.71 -1.47
CA ARG E 39 30.72 -31.93 -0.98
C ARG E 39 31.27 -32.51 0.32
N PHE E 40 30.39 -33.13 1.15
CA PHE E 40 30.74 -33.77 2.45
C PHE E 40 31.06 -35.25 2.25
N PRO E 41 32.32 -35.68 2.43
CA PRO E 41 32.69 -37.09 2.24
C PRO E 41 32.12 -38.04 3.31
N ASN E 42 31.94 -37.52 4.54
CA ASN E 42 31.48 -38.31 5.72
C ASN E 42 29.98 -38.57 5.65
N LEU E 43 29.22 -37.81 4.84
CA LEU E 43 27.74 -37.89 4.73
C LEU E 43 27.32 -38.65 3.46
N ARG E 44 28.23 -39.44 2.89
CA ARG E 44 27.98 -40.38 1.77
C ARG E 44 26.81 -41.31 2.11
N GLU E 45 26.90 -42.01 3.25
CA GLU E 45 25.86 -42.96 3.76
C GLU E 45 24.55 -42.21 4.02
N SER E 46 24.62 -41.03 4.64
CA SER E 46 23.48 -40.15 4.98
C SER E 46 22.66 -39.84 3.72
N GLU E 47 23.33 -39.39 2.65
CA GLU E 47 22.70 -38.98 1.37
C GLU E 47 21.92 -40.18 0.77
N ARG E 48 22.59 -41.32 0.64
CA ARG E 48 22.01 -42.58 0.09
C ARG E 48 20.80 -43.00 0.92
N GLN E 49 20.96 -43.05 2.25
CA GLN E 49 19.89 -43.39 3.23
C GLN E 49 18.70 -42.45 3.03
N ILE E 50 18.95 -41.15 2.99
CA ILE E 50 17.93 -40.08 2.76
C ILE E 50 17.21 -40.34 1.43
N ASN E 51 17.99 -40.52 0.36
CA ASN E 51 17.49 -40.76 -1.03
C ASN E 51 16.54 -41.96 -1.03
N THR E 52 16.96 -43.07 -0.44
CA THR E 52 16.19 -44.35 -0.33
C THR E 52 14.87 -44.07 0.38
N GLY E 53 14.93 -43.51 1.59
CA GLY E 53 13.76 -43.16 2.42
C GLY E 53 12.76 -42.29 1.64
N LEU E 54 13.28 -41.27 0.95
CA LEU E 54 12.50 -40.36 0.09
C LEU E 54 11.79 -41.18 -1.02
N GLY E 55 12.54 -42.07 -1.67
CA GLY E 55 12.03 -42.99 -2.70
C GLY E 55 10.86 -43.81 -2.20
N ALA E 56 10.97 -44.39 -0.99
CA ALA E 56 9.96 -45.24 -0.33
C ALA E 56 8.70 -44.42 -0.05
N ALA E 57 8.86 -43.23 0.53
CA ALA E 57 7.76 -42.28 0.82
C ALA E 57 6.98 -42.01 -0.48
N ARG E 58 7.70 -41.76 -1.58
CA ARG E 58 7.14 -41.53 -2.94
C ARG E 58 6.25 -42.72 -3.34
N GLN E 59 6.73 -43.94 -3.10
CA GLN E 59 5.99 -45.21 -3.37
C GLN E 59 4.67 -45.22 -2.58
N HIS E 60 4.71 -44.85 -1.30
CA HIS E 60 3.54 -44.76 -0.39
C HIS E 60 2.50 -43.80 -1.00
N ALA E 61 2.95 -42.64 -1.50
CA ALA E 61 2.10 -41.58 -2.09
C ALA E 61 1.43 -42.09 -3.38
N GLU E 62 2.21 -42.59 -4.32
CA GLU E 62 1.74 -43.13 -5.63
C GLU E 62 0.60 -44.13 -5.38
N HIS E 63 0.76 -45.04 -4.43
CA HIS E 63 -0.26 -46.03 -4.01
C HIS E 63 -1.51 -45.29 -3.50
N TYR E 64 -1.33 -44.41 -2.52
CA TYR E 64 -2.40 -43.56 -1.93
C TYR E 64 -3.18 -42.86 -3.05
N LEU E 65 -2.46 -42.23 -3.98
CA LEU E 65 -3.02 -41.40 -5.08
C LEU E 65 -3.69 -42.30 -6.14
N LYS E 66 -2.95 -43.28 -6.66
CA LYS E 66 -3.35 -44.10 -7.84
C LYS E 66 -4.43 -45.12 -7.46
N ASP E 67 -4.42 -45.61 -6.21
CA ASP E 67 -5.22 -46.78 -5.76
C ASP E 67 -6.19 -46.41 -4.66
N ILE E 68 -5.70 -45.84 -3.54
CA ILE E 68 -6.56 -45.40 -2.40
C ILE E 68 -7.64 -44.43 -2.92
N GLN E 69 -7.21 -43.29 -3.45
CA GLN E 69 -8.08 -42.21 -3.99
C GLN E 69 -9.06 -42.80 -5.00
N PRO E 70 -8.62 -43.71 -5.90
CA PRO E 70 -9.52 -44.33 -6.87
C PRO E 70 -10.60 -45.18 -6.19
N LEU E 71 -10.21 -46.04 -5.25
CA LEU E 71 -11.12 -46.91 -4.46
C LEU E 71 -12.17 -46.07 -3.73
N ILE E 72 -11.73 -44.98 -3.09
CA ILE E 72 -12.60 -44.00 -2.37
C ILE E 72 -13.66 -43.47 -3.35
N ILE E 73 -13.23 -43.08 -4.55
CA ILE E 73 -14.10 -42.55 -5.64
C ILE E 73 -15.15 -43.61 -6.01
N ARG E 74 -14.72 -44.85 -6.18
CA ARG E 74 -15.59 -46.01 -6.54
C ARG E 74 -16.72 -46.12 -5.51
N ASN E 75 -16.37 -46.15 -4.22
CA ASN E 75 -17.30 -46.12 -3.06
C ASN E 75 -18.49 -45.18 -3.26
N VAL E 76 -18.25 -43.92 -3.60
CA VAL E 76 -19.30 -42.89 -3.83
C VAL E 76 -20.24 -43.34 -4.96
N THR E 77 -19.65 -43.78 -6.08
CA THR E 77 -20.37 -44.28 -7.29
C THR E 77 -21.29 -45.44 -6.89
N ASN E 78 -20.76 -46.43 -6.17
CA ASN E 78 -21.50 -47.61 -5.65
C ASN E 78 -22.67 -47.13 -4.79
N ILE E 79 -22.41 -46.20 -3.87
CA ILE E 79 -23.43 -45.55 -2.99
C ILE E 79 -24.50 -44.90 -3.86
N GLN E 80 -24.08 -44.12 -4.87
CA GLN E 80 -24.97 -43.42 -5.83
C GLN E 80 -25.90 -44.42 -6.51
N ASP E 81 -25.34 -45.53 -7.01
CA ASP E 81 -26.07 -46.63 -7.70
C ASP E 81 -27.07 -47.26 -6.74
N TYR E 82 -26.66 -47.49 -5.48
CA TYR E 82 -27.47 -48.17 -4.42
C TYR E 82 -28.73 -47.37 -4.11
N PHE E 83 -28.55 -46.09 -3.75
CA PHE E 83 -29.65 -45.13 -3.43
C PHE E 83 -30.55 -44.94 -4.66
N GLU E 84 -29.98 -45.00 -5.86
CA GLU E 84 -30.69 -44.91 -7.16
C GLU E 84 -31.74 -46.03 -7.24
N THR E 85 -31.35 -47.27 -6.94
CA THR E 85 -32.22 -48.47 -6.95
C THR E 85 -33.25 -48.38 -5.82
N GLN E 86 -32.81 -48.03 -4.61
CA GLN E 86 -33.66 -47.86 -3.39
C GLN E 86 -34.89 -47.00 -3.71
N ASN E 87 -34.71 -45.81 -4.29
CA ASN E 87 -35.83 -44.99 -4.84
C ASN E 87 -36.63 -45.76 -5.90
N LEU E 88 -35.96 -46.49 -6.80
CA LEU E 88 -36.58 -47.22 -7.94
C LEU E 88 -37.48 -48.35 -7.44
N ILE E 89 -37.35 -48.75 -6.17
CA ILE E 89 -38.07 -49.90 -5.54
C ILE E 89 -39.58 -49.69 -5.60
N SER E 90 -40.08 -48.58 -5.05
CA SER E 90 -41.52 -48.19 -5.07
C SER E 90 -41.86 -47.52 -6.41
N THR E 91 -40.86 -46.92 -7.08
CA THR E 91 -40.97 -46.31 -8.43
C THR E 91 -41.55 -47.32 -9.42
N VAL E 92 -41.13 -48.59 -9.30
CA VAL E 92 -41.60 -49.72 -10.15
C VAL E 92 -42.79 -50.42 -9.48
N MET E 93 -42.70 -50.71 -8.18
CA MET E 93 -43.72 -51.52 -7.46
C MET E 93 -45.01 -50.71 -7.42
N PRO E 94 -46.05 -51.13 -8.17
CA PRO E 94 -47.30 -50.35 -8.23
C PRO E 94 -48.10 -50.48 -6.93
N SER E 95 -49.22 -49.75 -6.84
CA SER E 95 -50.25 -49.84 -5.76
C SER E 95 -50.95 -51.21 -5.76
N GLY E 96 -50.65 -52.05 -4.75
CA GLY E 96 -51.28 -53.39 -4.57
C GLY E 96 -50.40 -54.49 -5.14
N ALA E 97 -49.11 -54.49 -4.73
CA ALA E 97 -48.08 -55.51 -5.09
C ALA E 97 -47.64 -56.38 -3.90
N THR E 98 -47.29 -57.64 -4.19
CA THR E 98 -47.24 -58.76 -3.23
C THR E 98 -46.00 -58.63 -2.33
N LYS E 99 -46.11 -59.18 -1.10
CA LYS E 99 -45.12 -58.99 -0.02
C LYS E 99 -43.81 -59.68 -0.42
N GLU E 100 -43.89 -60.86 -1.04
CA GLU E 100 -42.74 -61.65 -1.53
C GLU E 100 -41.95 -60.84 -2.57
N GLN E 101 -42.65 -60.19 -3.50
CA GLN E 101 -42.06 -59.35 -4.58
C GLN E 101 -41.22 -58.23 -3.95
N TRP E 102 -41.78 -57.53 -2.95
CA TRP E 102 -41.11 -56.46 -2.18
C TRP E 102 -39.89 -57.03 -1.43
N LEU E 103 -40.04 -58.19 -0.80
CA LEU E 103 -38.97 -58.89 -0.02
C LEU E 103 -37.81 -59.24 -0.94
N SER E 104 -38.10 -59.79 -2.12
CA SER E 104 -37.10 -60.20 -3.15
C SER E 104 -36.27 -58.98 -3.59
N ALA E 105 -36.95 -57.89 -3.98
CA ALA E 105 -36.34 -56.61 -4.41
C ALA E 105 -35.42 -56.08 -3.31
N LEU E 106 -35.91 -56.07 -2.06
CA LEU E 106 -35.18 -55.62 -0.85
C LEU E 106 -33.94 -56.51 -0.65
N GLY E 107 -34.14 -57.83 -0.68
CA GLY E 107 -33.07 -58.85 -0.54
C GLY E 107 -31.98 -58.63 -1.56
N MET E 108 -32.35 -58.37 -2.82
CA MET E 108 -31.42 -58.05 -3.94
C MET E 108 -30.61 -56.80 -3.57
N VAL E 109 -31.30 -55.73 -3.16
CA VAL E 109 -30.71 -54.43 -2.73
C VAL E 109 -29.74 -54.69 -1.57
N SER E 110 -30.19 -55.47 -0.58
CA SER E 110 -29.42 -55.84 0.65
C SER E 110 -28.10 -56.52 0.24
N ASP E 111 -28.17 -57.52 -0.65
CA ASP E 111 -27.01 -58.30 -1.15
C ASP E 111 -26.00 -57.34 -1.78
N LYS E 112 -26.46 -56.44 -2.67
CA LYS E 112 -25.63 -55.45 -3.39
C LYS E 112 -24.90 -54.55 -2.37
N ALA E 113 -25.64 -54.05 -1.37
CA ALA E 113 -25.13 -53.18 -0.29
C ALA E 113 -24.04 -53.90 0.50
N LYS E 114 -24.28 -55.17 0.82
CA LYS E 114 -23.34 -56.07 1.55
C LYS E 114 -22.01 -56.11 0.81
N GLU E 115 -22.05 -56.39 -0.50
CA GLU E 115 -20.87 -56.44 -1.39
C GLU E 115 -20.13 -55.10 -1.32
N TYR E 116 -20.87 -53.99 -1.45
CA TYR E 116 -20.35 -52.60 -1.37
C TYR E 116 -19.67 -52.37 -0.01
N GLN E 117 -20.34 -52.81 1.07
CA GLN E 117 -19.84 -52.70 2.47
C GLN E 117 -18.49 -53.43 2.58
N GLU E 118 -18.43 -54.67 2.11
CA GLU E 118 -17.22 -55.54 2.09
C GLU E 118 -16.11 -54.82 1.35
N VAL E 119 -16.41 -54.22 0.18
CA VAL E 119 -15.45 -53.44 -0.64
C VAL E 119 -14.87 -52.30 0.19
N SER E 120 -15.74 -51.57 0.91
CA SER E 120 -15.38 -50.43 1.78
C SER E 120 -14.39 -50.88 2.88
N ALA E 121 -14.71 -52.00 3.54
CA ALA E 121 -13.87 -52.64 4.59
C ALA E 121 -12.50 -52.99 4.01
N ASN E 122 -12.47 -53.48 2.77
CA ASN E 122 -11.24 -53.88 2.03
C ASN E 122 -10.32 -52.66 1.88
N THR E 123 -10.86 -51.54 1.39
CA THR E 123 -10.13 -50.26 1.22
C THR E 123 -9.51 -49.84 2.57
N ARG E 124 -10.31 -49.91 3.64
CA ARG E 124 -9.90 -49.56 5.02
C ARG E 124 -8.66 -50.37 5.42
N ARG E 125 -8.72 -51.69 5.21
CA ARG E 125 -7.62 -52.64 5.52
C ARG E 125 -6.34 -52.19 4.79
N THR E 126 -6.47 -51.88 3.50
CA THR E 126 -5.38 -51.35 2.64
C THR E 126 -4.77 -50.12 3.31
N ILE E 127 -5.62 -49.18 3.74
CA ILE E 127 -5.21 -47.92 4.43
C ILE E 127 -4.44 -48.28 5.70
N GLY E 128 -4.99 -49.20 6.50
CA GLY E 128 -4.38 -49.68 7.75
C GLY E 128 -2.94 -50.14 7.53
N SER E 129 -2.75 -51.00 6.53
CA SER E 129 -1.42 -51.55 6.12
C SER E 129 -0.50 -50.39 5.75
N LEU E 130 -0.98 -49.46 4.90
CA LEU E 130 -0.25 -48.25 4.46
C LEU E 130 0.21 -47.46 5.68
N ASN E 131 -0.71 -47.23 6.64
CA ASN E 131 -0.44 -46.50 7.90
C ASN E 131 0.74 -47.15 8.62
N ASP E 132 0.65 -48.47 8.86
CA ASP E 132 1.70 -49.26 9.56
C ASP E 132 3.04 -49.10 8.83
N LYS E 133 3.02 -49.28 7.50
CA LYS E 133 4.21 -49.19 6.60
C LYS E 133 4.86 -47.82 6.76
N LEU E 134 4.05 -46.76 6.64
CA LEU E 134 4.48 -45.34 6.73
C LEU E 134 5.04 -45.07 8.12
N ILE E 135 4.37 -45.50 9.20
CA ILE E 135 4.82 -45.35 10.60
C ILE E 135 6.30 -45.80 10.70
N ILE E 136 6.56 -47.05 10.28
CA ILE E 136 7.91 -47.68 10.30
C ILE E 136 8.90 -46.85 9.48
N ASP E 137 8.48 -46.43 8.28
CA ASP E 137 9.29 -45.60 7.34
C ASP E 137 9.70 -44.30 8.04
N SER E 138 8.72 -43.56 8.57
CA SER E 138 8.89 -42.24 9.25
C SER E 138 9.87 -42.38 10.41
N ASN E 139 9.72 -43.45 11.21
CA ASN E 139 10.59 -43.75 12.38
C ASN E 139 12.05 -43.92 11.91
N ASN E 140 12.26 -44.81 10.94
CA ASN E 140 13.59 -45.10 10.35
C ASN E 140 14.21 -43.80 9.82
N TYR E 141 13.40 -43.00 9.10
CA TYR E 141 13.78 -41.69 8.52
C TYR E 141 14.30 -40.78 9.62
N GLN E 142 13.53 -40.61 10.70
CA GLN E 142 13.86 -39.78 11.88
C GLN E 142 15.23 -40.22 12.42
N LEU E 143 15.44 -41.53 12.58
CA LEU E 143 16.68 -42.13 13.11
C LEU E 143 17.88 -41.68 12.24
N ILE E 144 17.72 -41.77 10.92
CA ILE E 144 18.75 -41.33 9.92
C ILE E 144 19.03 -39.82 10.11
N VAL E 145 17.96 -39.03 10.22
CA VAL E 145 18.00 -37.53 10.35
C VAL E 145 18.84 -37.17 11.58
N VAL E 146 18.52 -37.77 12.74
CA VAL E 146 19.22 -37.54 14.04
C VAL E 146 20.68 -37.91 13.87
N ASN E 147 20.97 -39.10 13.33
CA ASN E 147 22.34 -39.61 13.06
C ASN E 147 23.12 -38.57 12.25
N LEU E 148 22.47 -38.02 11.20
CA LEU E 148 23.04 -37.00 10.30
C LEU E 148 23.26 -35.68 11.06
N ASN E 149 22.21 -35.19 11.72
CA ASN E 149 22.21 -33.94 12.51
C ASN E 149 23.39 -33.95 13.47
N ASN E 150 23.61 -35.08 14.16
CA ASN E 150 24.71 -35.29 15.14
C ASN E 150 26.06 -35.10 14.45
N VAL E 151 26.22 -35.64 13.23
CA VAL E 151 27.49 -35.63 12.44
C VAL E 151 27.89 -34.17 12.15
N VAL E 152 26.94 -33.36 11.66
CA VAL E 152 27.18 -31.93 11.28
C VAL E 152 27.33 -31.07 12.53
N ASN E 153 26.69 -31.47 13.63
CA ASN E 153 26.53 -30.68 14.89
C ASN E 153 27.76 -30.88 15.78
N GLY E 154 28.11 -29.84 16.54
CA GLY E 154 29.09 -29.88 17.64
C GLY E 154 30.41 -29.33 17.16
N ASN E 155 31.31 -28.98 18.09
CA ASN E 155 32.68 -28.44 17.81
C ASN E 155 33.46 -29.40 16.89
N ASN E 156 33.12 -30.70 16.92
CA ASN E 156 33.81 -31.77 16.15
C ASN E 156 33.16 -31.96 14.76
N GLY E 157 31.96 -31.43 14.55
CA GLY E 157 31.09 -31.72 13.40
C GLY E 157 31.51 -30.86 12.23
N VAL E 158 31.25 -31.33 11.00
CA VAL E 158 31.80 -30.76 9.72
C VAL E 158 31.50 -29.26 9.64
N LEU E 159 30.25 -28.87 9.89
CA LEU E 159 29.75 -27.47 9.79
C LEU E 159 30.59 -26.52 10.65
N GLU E 160 30.94 -26.97 11.87
CA GLU E 160 31.73 -26.20 12.88
C GLU E 160 33.17 -26.01 12.37
N GLN E 161 33.81 -27.08 11.89
CA GLN E 161 35.19 -27.07 11.32
C GLN E 161 35.25 -26.11 10.12
N LEU E 162 34.14 -26.01 9.37
CA LEU E 162 33.98 -25.13 8.18
C LEU E 162 33.94 -23.65 8.63
N ASN E 163 33.07 -23.34 9.59
CA ASN E 163 32.90 -21.98 10.17
C ASN E 163 34.23 -21.52 10.80
N ARG E 164 34.97 -22.43 11.43
CA ARG E 164 36.28 -22.18 12.08
C ARG E 164 37.35 -21.91 11.01
N ASP E 165 37.33 -22.67 9.90
CA ASP E 165 38.26 -22.50 8.75
C ASP E 165 37.95 -21.19 8.02
N ILE E 166 36.66 -20.90 7.81
CA ILE E 166 36.17 -19.65 7.13
C ILE E 166 36.66 -18.42 7.91
N ASP E 167 36.61 -18.50 9.24
CA ASP E 167 37.12 -17.45 10.18
C ASP E 167 38.62 -17.27 9.98
N GLY E 168 39.38 -18.38 9.89
CA GLY E 168 40.84 -18.40 9.68
C GLY E 168 41.24 -17.87 8.32
N ILE E 169 40.33 -17.94 7.34
CA ILE E 169 40.56 -17.50 5.92
C ILE E 169 40.45 -15.96 5.82
N ASN E 170 39.36 -15.40 6.33
CA ASN E 170 39.09 -13.93 6.26
C ASN E 170 40.06 -13.22 7.21
N ALA E 171 40.49 -13.91 8.28
CA ALA E 171 41.43 -13.43 9.32
C ALA E 171 42.79 -13.12 8.68
N ALA E 172 43.33 -14.08 7.92
CA ALA E 172 44.58 -13.94 7.15
C ALA E 172 44.41 -12.84 6.09
N ILE E 173 43.24 -12.76 5.46
CA ILE E 173 42.85 -11.76 4.41
C ILE E 173 42.95 -10.34 5.00
N ASP E 174 42.43 -10.15 6.22
CA ASP E 174 42.49 -8.86 6.96
C ASP E 174 43.93 -8.61 7.44
N GLY E 175 44.61 -9.66 7.94
CA GLY E 175 46.01 -9.62 8.40
C GLY E 175 46.97 -9.13 7.32
N ALA E 176 46.68 -9.50 6.06
CA ALA E 176 47.40 -9.05 4.84
C ALA E 176 47.03 -7.59 4.54
N ILE E 177 45.74 -7.24 4.60
CA ILE E 177 45.21 -5.87 4.37
C ILE E 177 45.90 -4.89 5.34
N ALA E 178 46.06 -5.32 6.61
CA ALA E 178 46.71 -4.53 7.68
C ALA E 178 48.19 -4.29 7.36
N GLY E 179 48.92 -5.37 7.06
CA GLY E 179 50.36 -5.33 6.70
C GLY E 179 50.63 -4.45 5.49
N ILE E 180 49.73 -4.45 4.51
CA ILE E 180 49.83 -3.67 3.24
C ILE E 180 49.74 -2.18 3.56
N VAL E 181 48.79 -1.78 4.41
CA VAL E 181 48.60 -0.36 4.85
C VAL E 181 49.83 0.05 5.71
N VAL E 182 50.05 -0.70 6.79
CA VAL E 182 51.17 -0.48 7.75
C VAL E 182 52.50 -0.44 6.97
N GLY E 183 52.65 -1.33 5.98
CA GLY E 183 53.81 -1.40 5.08
C GLY E 183 54.02 -0.11 4.32
N GLY E 184 52.94 0.43 3.72
CA GLY E 184 52.94 1.68 2.95
C GLY E 184 53.40 2.87 3.77
N LEU E 185 52.93 2.94 5.02
CA LEU E 185 53.29 4.01 5.99
C LEU E 185 54.76 3.85 6.40
N LEU E 186 55.16 2.63 6.79
CA LEU E 186 56.53 2.27 7.25
C LEU E 186 57.55 2.71 6.19
N VAL E 187 57.28 2.36 4.93
CA VAL E 187 58.12 2.71 3.74
C VAL E 187 58.18 4.24 3.61
N ILE E 188 57.00 4.90 3.64
CA ILE E 188 56.85 6.38 3.52
C ILE E 188 57.70 7.05 4.61
N GLY E 189 57.51 6.65 5.87
CA GLY E 189 58.26 7.16 7.03
C GLY E 189 59.75 6.85 6.91
N GLY E 190 60.07 5.61 6.53
CA GLY E 190 61.46 5.13 6.33
C GLY E 190 62.22 5.99 5.35
N ALA E 191 61.58 6.34 4.22
CA ALA E 191 62.15 7.18 3.14
C ALA E 191 62.52 8.56 3.70
N ILE E 192 61.59 9.19 4.43
CA ILE E 192 61.77 10.54 5.06
C ILE E 192 62.94 10.48 6.04
N VAL E 193 63.00 9.43 6.87
CA VAL E 193 64.05 9.21 7.90
C VAL E 193 65.41 8.99 7.22
N THR E 194 65.45 8.04 6.28
CA THR E 194 66.66 7.66 5.49
C THR E 194 67.26 8.91 4.84
N ALA E 195 66.42 9.72 4.19
CA ALA E 195 66.80 10.99 3.51
C ALA E 195 67.42 11.95 4.52
N ILE E 196 66.79 12.10 5.69
CA ILE E 196 67.26 12.97 6.81
C ILE E 196 68.62 12.45 7.28
N GLY E 197 68.70 11.16 7.64
CA GLY E 197 69.92 10.49 8.12
C GLY E 197 71.09 10.62 7.15
N ALA E 198 70.80 10.58 5.84
CA ALA E 198 71.79 10.64 4.74
C ALA E 198 72.38 12.04 4.64
N VAL E 199 71.55 13.08 4.81
CA VAL E 199 71.95 14.51 4.69
C VAL E 199 72.77 14.89 5.93
N ALA E 200 72.52 14.24 7.07
CA ALA E 200 73.22 14.45 8.36
C ALA E 200 74.56 13.70 8.37
N GLY E 201 74.69 12.64 7.56
CA GLY E 201 75.93 11.88 7.35
C GLY E 201 76.87 12.62 6.41
N LEU E 202 76.37 13.62 5.67
CA LEU E 202 77.10 14.42 4.66
C LEU E 202 77.64 15.71 5.30
N VAL E 203 77.72 15.75 6.64
CA VAL E 203 78.46 16.79 7.40
C VAL E 203 79.96 16.70 7.07
N GLY E 206 79.65 13.35 12.53
CA GLY E 206 78.99 12.40 11.61
C GLY E 206 78.69 11.07 12.27
N THR E 207 77.70 11.06 13.19
CA THR E 207 77.15 9.86 13.87
C THR E 207 75.68 9.66 13.48
N SER E 208 75.34 9.95 12.21
CA SER E 208 73.98 9.85 11.63
C SER E 208 73.87 8.61 10.72
N THR E 209 74.64 7.55 10.99
CA THR E 209 74.60 6.26 10.25
C THR E 209 73.50 5.37 10.83
N PRO E 210 73.29 5.41 12.16
CA PRO E 210 72.24 4.60 12.79
C PRO E 210 70.82 4.99 12.35
N VAL E 211 70.60 6.30 12.16
CA VAL E 211 69.30 6.89 11.71
C VAL E 211 68.99 6.38 10.29
N VAL E 212 69.97 6.44 9.39
CA VAL E 212 69.87 5.98 7.98
C VAL E 212 69.54 4.49 7.96
N MET E 213 70.21 3.69 8.81
CA MET E 213 70.01 2.23 8.96
C MET E 213 68.55 1.95 9.35
N GLY E 214 68.07 2.62 10.40
CA GLY E 214 66.68 2.53 10.89
C GLY E 214 65.68 2.90 9.80
N GLY E 215 66.00 3.94 9.01
CA GLY E 215 65.19 4.41 7.88
C GLY E 215 65.12 3.38 6.77
N ILE E 216 66.28 2.79 6.42
CA ILE E 216 66.42 1.73 5.39
C ILE E 216 65.67 0.47 5.85
N ALA E 217 65.83 0.10 7.12
CA ALA E 217 65.16 -1.05 7.76
C ALA E 217 63.64 -0.88 7.68
N MET E 218 63.14 0.30 8.05
CA MET E 218 61.70 0.67 8.01
C MET E 218 61.17 0.53 6.57
N MET E 219 61.95 1.05 5.60
CA MET E 219 61.65 0.95 4.14
C MET E 219 61.59 -0.51 3.74
N THR E 220 62.62 -1.28 4.07
CA THR E 220 62.78 -2.73 3.74
C THR E 220 61.58 -3.51 4.29
N ALA E 221 61.28 -3.35 5.58
CA ALA E 221 60.16 -4.01 6.30
C ALA E 221 58.83 -3.63 5.64
N GLY E 222 58.64 -2.33 5.35
CA GLY E 222 57.45 -1.79 4.69
C GLY E 222 57.18 -2.50 3.37
N ALA E 223 58.23 -2.66 2.54
CA ALA E 223 58.17 -3.34 1.23
C ALA E 223 57.84 -4.82 1.44
N GLY E 224 58.54 -5.47 2.38
CA GLY E 224 58.35 -6.90 2.71
C GLY E 224 56.91 -7.19 3.09
N GLY E 225 56.31 -6.37 3.96
CA GLY E 225 54.91 -6.49 4.40
C GLY E 225 53.94 -6.33 3.23
N VAL E 226 54.18 -5.33 2.38
CA VAL E 226 53.35 -5.03 1.18
C VAL E 226 53.40 -6.22 0.21
N ILE E 227 54.60 -6.80 0.01
CA ILE E 227 54.84 -7.95 -0.90
C ILE E 227 54.17 -9.20 -0.33
N GLY E 228 54.48 -9.54 0.92
CA GLY E 228 53.94 -10.74 1.62
C GLY E 228 52.42 -10.72 1.64
N GLY E 229 51.82 -9.58 1.98
CA GLY E 229 50.36 -9.38 2.02
C GLY E 229 49.72 -9.63 0.66
N ALA E 230 50.31 -9.08 -0.40
CA ALA E 230 49.83 -9.21 -1.81
C ALA E 230 49.77 -10.69 -2.21
N ILE E 231 50.83 -11.45 -1.89
CA ILE E 231 50.94 -12.92 -2.16
C ILE E 231 49.79 -13.64 -1.46
N VAL E 232 49.63 -13.39 -0.16
CA VAL E 232 48.58 -13.99 0.71
C VAL E 232 47.19 -13.63 0.15
N LEU E 233 46.97 -12.34 -0.13
CA LEU E 233 45.67 -11.79 -0.61
C LEU E 233 45.25 -12.51 -1.90
N ASP E 234 46.13 -12.49 -2.91
CA ASP E 234 45.90 -13.11 -4.25
C ASP E 234 45.52 -14.59 -4.07
N LYS E 235 46.16 -15.28 -3.12
CA LYS E 235 45.93 -16.72 -2.82
C LYS E 235 44.62 -16.88 -2.03
N SER E 236 44.36 -15.98 -1.08
CA SER E 236 43.24 -16.06 -0.10
C SER E 236 41.88 -15.90 -0.79
N LEU E 237 41.75 -14.90 -1.67
CA LEU E 237 40.47 -14.42 -2.23
C LEU E 237 39.69 -15.56 -2.90
N SER E 238 40.37 -16.50 -3.56
CA SER E 238 39.76 -17.63 -4.32
C SER E 238 39.23 -18.72 -3.35
N ALA E 239 39.81 -18.79 -2.15
CA ALA E 239 39.61 -19.86 -1.16
C ALA E 239 38.36 -19.59 -0.33
N ARG E 240 38.17 -18.34 0.09
CA ARG E 240 37.02 -17.89 0.94
C ARG E 240 35.69 -18.20 0.23
N GLU E 241 35.60 -17.92 -1.08
CA GLU E 241 34.39 -18.11 -1.92
C GLU E 241 33.97 -19.59 -1.92
N LYS E 242 34.95 -20.49 -2.13
CA LYS E 242 34.74 -21.97 -2.16
C LYS E 242 34.13 -22.44 -0.83
N LEU E 243 34.68 -21.98 0.30
CA LEU E 243 34.25 -22.33 1.68
C LEU E 243 32.80 -21.87 1.91
N TYR E 244 32.49 -20.63 1.54
CA TYR E 244 31.15 -20.00 1.71
C TYR E 244 30.10 -20.78 0.89
N ARG E 245 30.45 -21.13 -0.35
CA ARG E 245 29.58 -21.91 -1.28
CA ARG E 245 29.58 -21.91 -1.28
C ARG E 245 29.19 -23.25 -0.63
N ASP E 246 30.18 -23.96 -0.07
CA ASP E 246 30.00 -25.25 0.63
C ASP E 246 29.09 -25.07 1.85
N ARG E 247 29.31 -24.01 2.64
CA ARG E 247 28.53 -23.67 3.86
C ARG E 247 27.03 -23.53 3.50
N SER E 248 26.75 -22.71 2.48
CA SER E 248 25.38 -22.43 1.97
C SER E 248 24.73 -23.74 1.47
N GLN E 249 25.48 -24.52 0.68
CA GLN E 249 25.04 -25.82 0.10
C GLN E 249 24.65 -26.77 1.24
N LEU E 250 25.48 -26.89 2.27
CA LEU E 250 25.26 -27.75 3.47
C LEU E 250 24.02 -27.28 4.22
N ASN E 251 23.88 -25.96 4.41
CA ASN E 251 22.72 -25.31 5.09
C ASN E 251 21.42 -25.71 4.36
N SER E 252 21.41 -25.57 3.04
CA SER E 252 20.27 -25.92 2.15
C SER E 252 19.94 -27.42 2.28
N GLU E 253 20.96 -28.27 2.15
CA GLU E 253 20.85 -29.77 2.22
C GLU E 253 20.22 -30.16 3.55
N VAL E 254 20.71 -29.60 4.66
CA VAL E 254 20.21 -29.86 6.06
C VAL E 254 18.71 -29.50 6.12
N LEU E 255 18.36 -28.32 5.62
CA LEU E 255 16.96 -27.81 5.58
C LEU E 255 16.08 -28.81 4.80
N VAL E 256 16.51 -29.19 3.60
CA VAL E 256 15.82 -30.16 2.69
C VAL E 256 15.56 -31.45 3.47
N ALA E 257 16.58 -31.98 4.14
CA ALA E 257 16.52 -33.21 4.97
C ALA E 257 15.47 -33.03 6.07
N SER E 258 15.53 -31.91 6.79
CA SER E 258 14.57 -31.54 7.86
C SER E 258 13.14 -31.42 7.28
N GLN E 259 13.04 -31.01 6.02
CA GLN E 259 11.75 -30.84 5.30
C GLN E 259 11.14 -32.20 5.02
N ILE E 260 11.84 -33.11 4.34
CA ILE E 260 11.38 -34.48 3.99
C ILE E 260 10.96 -35.24 5.26
N GLY E 261 11.68 -35.08 6.36
CA GLY E 261 11.36 -35.72 7.66
C GLY E 261 9.99 -35.28 8.18
N SER E 262 9.81 -33.96 8.26
CA SER E 262 8.52 -33.31 8.64
C SER E 262 7.43 -33.74 7.65
N GLY E 263 7.75 -33.78 6.35
CA GLY E 263 6.84 -34.17 5.25
C GLY E 263 6.31 -35.58 5.42
N TYR E 264 7.18 -36.57 5.68
CA TYR E 264 6.81 -37.98 5.95
C TYR E 264 5.86 -38.05 7.15
N ARG E 265 6.21 -37.30 8.22
CA ARG E 265 5.41 -37.17 9.46
C ARG E 265 3.99 -36.70 9.10
N GLY E 266 3.90 -35.65 8.28
CA GLY E 266 2.63 -35.08 7.78
C GLY E 266 1.85 -36.07 6.95
N LEU E 267 2.52 -36.87 6.11
CA LEU E 267 1.94 -37.94 5.29
C LEU E 267 1.34 -39.01 6.21
N GLN E 268 2.08 -39.39 7.27
CA GLN E 268 1.65 -40.40 8.28
C GLN E 268 0.32 -39.96 8.93
N THR E 269 0.23 -38.68 9.31
CA THR E 269 -0.98 -38.04 9.89
C THR E 269 -2.13 -38.11 8.88
N GLN E 270 -1.87 -37.75 7.62
CA GLN E 270 -2.86 -37.75 6.49
C GLN E 270 -3.48 -39.15 6.36
N ALA E 271 -2.65 -40.20 6.46
CA ALA E 271 -3.07 -41.62 6.38
C ALA E 271 -3.90 -42.01 7.62
N GLN E 272 -3.43 -41.62 8.81
CA GLN E 272 -4.11 -41.88 10.10
C GLN E 272 -5.55 -41.32 10.05
N SER E 273 -5.71 -40.10 9.53
CA SER E 273 -7.01 -39.39 9.36
C SER E 273 -7.87 -40.12 8.33
N ALA E 274 -7.28 -40.51 7.18
CA ALA E 274 -7.94 -41.26 6.09
C ALA E 274 -8.49 -42.58 6.65
N VAL E 275 -7.73 -43.22 7.55
CA VAL E 275 -8.13 -44.47 8.25
C VAL E 275 -9.45 -44.25 9.00
N THR E 276 -9.52 -43.16 9.77
CA THR E 276 -10.72 -42.73 10.54
C THR E 276 -11.89 -42.47 9.58
N ALA E 277 -11.62 -41.76 8.47
CA ALA E 277 -12.59 -41.43 7.42
C ALA E 277 -13.18 -42.72 6.83
N ALA E 278 -12.31 -43.70 6.53
CA ALA E 278 -12.69 -45.01 5.96
C ALA E 278 -13.52 -45.81 6.96
N THR E 279 -13.04 -45.93 8.20
CA THR E 279 -13.72 -46.61 9.34
C THR E 279 -15.14 -46.05 9.47
N GLN E 280 -15.28 -44.72 9.37
CA GLN E 280 -16.59 -43.99 9.40
C GLN E 280 -17.48 -44.51 8.27
N MET E 281 -16.94 -44.58 7.04
CA MET E 281 -17.66 -45.05 5.82
C MET E 281 -18.10 -46.52 6.02
N ASN E 282 -17.25 -47.33 6.64
CA ASN E 282 -17.51 -48.77 6.96
C ASN E 282 -18.72 -48.88 7.89
N ASN E 283 -18.75 -48.06 8.94
CA ASN E 283 -19.85 -48.01 9.96
C ASN E 283 -21.15 -47.57 9.28
N ALA E 284 -21.07 -46.61 8.35
CA ALA E 284 -22.22 -46.04 7.61
C ALA E 284 -22.91 -47.13 6.77
N TRP E 285 -22.11 -47.86 5.97
CA TRP E 285 -22.58 -48.99 5.12
C TRP E 285 -23.16 -50.10 6.00
N ASP E 286 -22.45 -50.44 7.11
CA ASP E 286 -22.86 -51.46 8.10
C ASP E 286 -24.26 -51.13 8.64
N SER E 287 -24.49 -49.85 8.97
CA SER E 287 -25.78 -49.31 9.48
C SER E 287 -26.88 -49.50 8.43
N LEU E 288 -26.60 -49.09 7.18
CA LEU E 288 -27.53 -49.20 6.03
C LEU E 288 -27.93 -50.68 5.82
N THR E 289 -26.95 -51.58 5.87
CA THR E 289 -27.11 -53.05 5.73
C THR E 289 -28.06 -53.58 6.82
N SER E 290 -27.79 -53.19 8.08
CA SER E 290 -28.59 -53.56 9.27
C SER E 290 -30.02 -53.02 9.13
N GLU E 291 -30.17 -51.73 8.76
CA GLU E 291 -31.48 -51.03 8.59
C GLU E 291 -32.33 -51.76 7.55
N LEU E 292 -31.70 -52.23 6.46
CA LEU E 292 -32.35 -53.02 5.39
C LEU E 292 -32.86 -54.35 5.96
N GLU E 293 -32.02 -55.05 6.73
CA GLU E 293 -32.33 -56.34 7.39
C GLU E 293 -33.56 -56.18 8.30
N THR E 294 -33.63 -55.07 9.03
CA THR E 294 -34.74 -54.71 9.98
C THR E 294 -36.04 -54.51 9.20
N LEU E 295 -35.98 -53.75 8.11
CA LEU E 295 -37.13 -53.49 7.20
C LEU E 295 -37.63 -54.82 6.62
N ASN E 296 -36.69 -55.68 6.19
CA ASN E 296 -36.97 -57.03 5.62
C ASN E 296 -37.71 -57.88 6.68
N ALA E 297 -37.19 -57.93 7.90
CA ALA E 297 -37.77 -58.64 9.06
C ALA E 297 -39.15 -58.05 9.40
N ASN E 298 -39.25 -56.72 9.45
CA ASN E 298 -40.51 -55.97 9.69
C ASN E 298 -41.53 -56.36 8.61
N LEU E 299 -41.09 -56.40 7.34
CA LEU E 299 -41.92 -56.78 6.16
C LEU E 299 -42.41 -58.24 6.32
N ARG E 300 -41.46 -59.20 6.35
CA ARG E 300 -41.71 -60.66 6.34
C ARG E 300 -42.77 -61.06 7.38
N LYS E 301 -42.66 -60.53 8.61
CA LYS E 301 -43.55 -60.86 9.75
C LYS E 301 -44.95 -60.27 9.54
N GLY E 302 -45.09 -59.32 8.61
CA GLY E 302 -46.37 -58.62 8.29
C GLY E 302 -46.55 -57.37 9.13
N ILE E 303 -45.45 -56.80 9.67
CA ILE E 303 -45.47 -55.69 10.67
C ILE E 303 -45.76 -54.37 9.95
N ILE E 304 -45.13 -54.17 8.79
CA ILE E 304 -45.35 -53.00 7.88
C ILE E 304 -46.29 -53.45 6.74
N ASP E 305 -46.51 -52.58 5.74
CA ASP E 305 -47.16 -52.90 4.44
C ASP E 305 -46.36 -52.22 3.31
N ASP E 306 -46.35 -52.84 2.11
CA ASP E 306 -45.74 -52.30 0.86
C ASP E 306 -46.49 -51.04 0.36
N SER E 307 -47.64 -50.73 0.94
CA SER E 307 -48.37 -49.44 0.84
C SER E 307 -47.63 -48.30 1.56
N PHE E 308 -47.38 -48.47 2.87
CA PHE E 308 -46.79 -47.46 3.80
C PHE E 308 -45.27 -47.31 3.58
N LEU E 309 -44.53 -48.42 3.41
CA LEU E 309 -43.05 -48.42 3.22
C LEU E 309 -42.68 -47.66 1.93
N ARG E 310 -43.58 -47.63 0.94
CA ARG E 310 -43.44 -46.89 -0.34
C ARG E 310 -43.46 -45.38 -0.08
N GLN E 311 -44.47 -44.89 0.67
CA GLN E 311 -44.62 -43.47 1.05
C GLN E 311 -43.43 -43.02 1.91
N LEU E 312 -42.85 -43.94 2.70
CA LEU E 312 -41.68 -43.70 3.59
C LEU E 312 -40.43 -43.38 2.75
N PHE E 313 -40.12 -44.23 1.77
CA PHE E 313 -38.97 -44.08 0.83
C PHE E 313 -39.20 -42.88 -0.09
N LEU E 314 -40.45 -42.60 -0.46
CA LEU E 314 -40.87 -41.50 -1.38
C LEU E 314 -40.70 -40.14 -0.69
N THR E 315 -40.98 -40.07 0.62
CA THR E 315 -40.80 -38.86 1.46
C THR E 315 -39.30 -38.58 1.65
N ALA E 316 -38.50 -39.62 1.88
CA ALA E 316 -37.02 -39.58 2.03
C ALA E 316 -36.39 -39.08 0.72
N SER E 317 -36.91 -39.53 -0.42
CA SER E 317 -36.52 -39.10 -1.79
C SER E 317 -36.85 -37.62 -2.00
N GLN E 318 -38.01 -37.18 -1.49
CA GLN E 318 -38.44 -35.75 -1.51
C GLN E 318 -37.41 -34.90 -0.76
N THR E 319 -36.81 -35.46 0.30
CA THR E 319 -35.81 -34.80 1.18
C THR E 319 -34.43 -35.47 1.12
N SER E 320 -34.11 -36.24 2.17
CA SER E 320 -32.78 -36.81 2.47
C SER E 320 -32.11 -37.32 1.20
N VAL E 321 -32.79 -38.21 0.46
CA VAL E 321 -32.25 -38.96 -0.73
C VAL E 321 -31.81 -37.98 -1.81
N THR E 322 -32.63 -36.94 -2.07
CA THR E 322 -32.32 -35.84 -3.03
C THR E 322 -31.09 -35.06 -2.51
N LYS E 323 -31.03 -34.77 -1.21
CA LYS E 323 -29.95 -34.00 -0.53
C LYS E 323 -28.62 -34.76 -0.61
N VAL E 324 -28.65 -36.09 -0.55
CA VAL E 324 -27.47 -36.98 -0.68
C VAL E 324 -27.02 -36.99 -2.15
N LEU E 325 -27.96 -37.16 -3.09
CA LEU E 325 -27.71 -37.20 -4.56
C LEU E 325 -27.02 -35.90 -5.01
N ASP E 326 -27.43 -34.77 -4.43
CA ASP E 326 -26.82 -33.43 -4.65
C ASP E 326 -25.39 -33.41 -4.10
N GLY E 327 -25.22 -33.85 -2.84
CA GLY E 327 -23.91 -33.95 -2.16
C GLY E 327 -22.92 -34.78 -2.95
N THR E 328 -23.39 -35.83 -3.64
CA THR E 328 -22.61 -36.72 -4.52
C THR E 328 -22.07 -35.92 -5.72
N LYS E 329 -22.98 -35.30 -6.48
CA LYS E 329 -22.66 -34.45 -7.66
C LYS E 329 -21.68 -33.34 -7.24
N ILE E 330 -21.85 -32.77 -6.05
CA ILE E 330 -21.03 -31.65 -5.48
C ILE E 330 -19.60 -32.15 -5.23
N ILE E 331 -19.45 -33.29 -4.55
CA ILE E 331 -18.14 -33.94 -4.24
C ILE E 331 -17.43 -34.27 -5.56
N LYS E 332 -18.17 -34.81 -6.53
CA LYS E 332 -17.66 -35.18 -7.89
C LYS E 332 -17.02 -33.95 -8.55
N GLN E 333 -17.65 -32.79 -8.41
CA GLN E 333 -17.17 -31.48 -8.93
C GLN E 333 -15.92 -31.04 -8.16
N GLN E 334 -15.96 -31.14 -6.82
CA GLN E 334 -14.91 -30.66 -5.87
C GLN E 334 -13.56 -31.33 -6.17
N MET E 335 -13.60 -32.58 -6.63
CA MET E 335 -12.41 -33.33 -7.10
C MET E 335 -11.96 -32.79 -8.47
N ALA E 336 -12.90 -32.63 -9.42
CA ALA E 336 -12.68 -32.12 -10.79
C ALA E 336 -12.23 -30.65 -10.77
N GLY E 337 -12.80 -29.86 -9.86
CA GLY E 337 -12.70 -28.38 -9.83
C GLY E 337 -13.65 -27.74 -10.83
N VAL E 338 -14.79 -28.39 -11.14
CA VAL E 338 -15.78 -28.00 -12.19
C VAL E 338 -17.08 -27.48 -11.55
N GLN F 18 -9.02 -26.45 -16.55
CA GLN F 18 -7.80 -27.22 -16.14
C GLN F 18 -6.84 -27.33 -17.33
N ALA F 19 -7.36 -27.75 -18.49
CA ALA F 19 -6.58 -28.06 -19.72
C ALA F 19 -5.87 -26.80 -20.24
N LEU F 20 -6.61 -25.69 -20.35
CA LEU F 20 -6.10 -24.37 -20.82
C LEU F 20 -4.96 -23.90 -19.90
N HIS F 21 -5.12 -24.07 -18.58
CA HIS F 21 -4.12 -23.71 -17.53
C HIS F 21 -2.81 -24.46 -17.78
N ILE F 22 -2.89 -25.76 -18.08
CA ILE F 22 -1.73 -26.65 -18.41
C ILE F 22 -1.19 -26.26 -19.79
N GLN F 23 -2.07 -26.05 -20.77
CA GLN F 23 -1.73 -25.64 -22.17
C GLN F 23 -0.87 -24.36 -22.14
N THR F 24 -1.27 -23.39 -21.31
CA THR F 24 -0.56 -22.11 -21.09
C THR F 24 0.82 -22.37 -20.47
N TYR F 25 0.85 -23.14 -19.37
CA TYR F 25 2.08 -23.52 -18.62
C TYR F 25 3.06 -24.25 -19.56
N CYS F 26 2.52 -25.07 -20.47
CA CYS F 26 3.28 -25.88 -21.47
C CYS F 26 4.04 -24.96 -22.43
N ASN F 27 3.31 -24.09 -23.15
CA ASN F 27 3.88 -23.13 -24.14
C ASN F 27 4.87 -22.20 -23.45
N SER F 28 4.58 -21.82 -22.19
CA SER F 28 5.42 -20.93 -21.34
C SER F 28 6.78 -21.57 -21.07
N VAL F 29 6.77 -22.85 -20.67
CA VAL F 29 8.00 -23.66 -20.39
C VAL F 29 8.82 -23.78 -21.67
N ARG F 30 8.15 -23.97 -22.82
CA ARG F 30 8.79 -24.03 -24.16
C ARG F 30 9.63 -22.78 -24.40
N GLN F 31 9.17 -21.62 -23.92
CA GLN F 31 9.82 -20.29 -24.09
C GLN F 31 11.00 -20.14 -23.12
N GLN F 32 11.09 -21.00 -22.09
CA GLN F 32 12.22 -21.01 -21.12
C GLN F 32 13.53 -21.21 -21.90
N ILE F 33 14.37 -20.17 -21.96
CA ILE F 33 15.61 -20.13 -22.77
C ILE F 33 16.74 -20.79 -22.00
N PRO F 34 17.67 -21.49 -22.69
CA PRO F 34 18.83 -22.08 -22.02
C PRO F 34 19.89 -21.01 -21.70
N VAL F 35 20.47 -21.07 -20.49
CA VAL F 35 21.42 -20.06 -19.96
C VAL F 35 22.82 -20.67 -19.99
N ASP F 36 23.85 -19.82 -20.15
CA ASP F 36 25.27 -20.17 -19.96
C ASP F 36 25.86 -19.26 -18.88
N PHE F 37 26.06 -19.78 -17.67
CA PHE F 37 26.75 -19.09 -16.56
C PHE F 37 28.26 -19.24 -16.73
N GLY F 38 28.73 -19.37 -17.98
CA GLY F 38 30.14 -19.63 -18.35
C GLY F 38 31.11 -18.71 -17.64
N ARG F 39 30.71 -17.44 -17.42
CA ARG F 39 31.53 -16.40 -16.73
C ARG F 39 31.65 -16.72 -15.22
N PHE F 40 30.62 -17.36 -14.63
CA PHE F 40 30.56 -17.74 -13.20
C PHE F 40 31.09 -19.17 -13.00
N PRO F 41 32.27 -19.34 -12.36
CA PRO F 41 32.85 -20.69 -12.20
C PRO F 41 32.08 -21.58 -11.22
N ASN F 42 31.46 -20.98 -10.21
CA ASN F 42 30.73 -21.69 -9.11
C ASN F 42 29.37 -22.20 -9.60
N LEU F 43 28.84 -21.67 -10.71
CA LEU F 43 27.48 -22.01 -11.24
C LEU F 43 27.58 -22.98 -12.42
N ARG F 44 28.74 -23.63 -12.60
CA ARG F 44 29.00 -24.55 -13.75
C ARG F 44 28.01 -25.71 -13.69
N GLU F 45 27.95 -26.39 -12.54
CA GLU F 45 27.05 -27.56 -12.27
C GLU F 45 25.59 -27.10 -12.37
N SER F 46 25.28 -25.94 -11.79
CA SER F 46 23.93 -25.33 -11.75
C SER F 46 23.37 -25.19 -13.18
N GLU F 47 24.16 -24.58 -14.08
CA GLU F 47 23.79 -24.30 -15.50
C GLU F 47 23.45 -25.61 -16.21
N ARG F 48 24.36 -26.59 -16.15
CA ARG F 48 24.22 -27.92 -16.79
C ARG F 48 22.95 -28.61 -16.26
N GLN F 49 22.81 -28.66 -14.93
CA GLN F 49 21.64 -29.26 -14.22
C GLN F 49 20.35 -28.60 -14.73
N ILE F 50 20.33 -27.26 -14.72
CA ILE F 50 19.18 -26.43 -15.20
C ILE F 50 18.87 -26.81 -16.65
N ASN F 51 19.87 -26.76 -17.52
CA ASN F 51 19.77 -27.04 -18.97
C ASN F 51 19.11 -28.40 -19.18
N THR F 52 19.63 -29.43 -18.51
CA THR F 52 19.15 -30.84 -18.60
C THR F 52 17.68 -30.89 -18.20
N GLY F 53 17.35 -30.40 -17.00
CA GLY F 53 15.98 -30.36 -16.46
C GLY F 53 15.03 -29.67 -17.41
N LEU F 54 15.44 -28.52 -17.96
CA LEU F 54 14.67 -27.73 -18.95
C LEU F 54 14.40 -28.60 -20.18
N GLY F 55 15.44 -29.28 -20.69
CA GLY F 55 15.35 -30.21 -21.84
C GLY F 55 14.28 -31.26 -21.62
N ALA F 56 14.29 -31.89 -20.43
CA ALA F 56 13.37 -32.97 -20.02
C ALA F 56 11.93 -32.46 -19.98
N ALA F 57 11.72 -31.31 -19.31
CA ALA F 57 10.42 -30.61 -19.20
C ALA F 57 9.84 -30.38 -20.60
N ARG F 58 10.69 -29.92 -21.54
CA ARG F 58 10.32 -29.67 -22.96
C ARG F 58 9.77 -30.95 -23.57
N GLN F 59 10.43 -32.09 -23.32
CA GLN F 59 10.03 -33.43 -23.80
C GLN F 59 8.61 -33.75 -23.29
N HIS F 60 8.39 -33.52 -21.99
CA HIS F 60 7.09 -33.74 -21.30
C HIS F 60 5.98 -32.93 -21.99
N ALA F 61 6.26 -31.67 -22.31
CA ALA F 61 5.31 -30.71 -22.93
C ALA F 61 4.94 -31.18 -24.34
N GLU F 62 5.95 -31.42 -25.19
CA GLU F 62 5.76 -31.86 -26.60
C GLU F 62 4.80 -33.06 -26.63
N HIS F 63 5.03 -34.04 -25.76
CA HIS F 63 4.17 -35.25 -25.62
C HIS F 63 2.74 -34.82 -25.25
N TYR F 64 2.61 -34.06 -24.15
CA TYR F 64 1.33 -33.52 -23.64
C TYR F 64 0.57 -32.83 -24.77
N LEU F 65 1.27 -31.96 -25.51
CA LEU F 65 0.68 -31.09 -26.55
C LEU F 65 0.35 -31.93 -27.79
N LYS F 66 1.33 -32.67 -28.32
CA LYS F 66 1.25 -33.36 -29.64
C LYS F 66 0.36 -34.60 -29.56
N ASP F 67 0.30 -35.25 -28.39
CA ASP F 67 -0.42 -36.54 -28.18
C ASP F 67 -1.55 -36.36 -27.15
N ILE F 68 -1.13 -36.17 -25.90
CA ILE F 68 -1.93 -36.41 -24.66
C ILE F 68 -3.26 -35.68 -24.77
N GLN F 69 -3.22 -34.34 -24.76
CA GLN F 69 -4.45 -33.50 -24.72
C GLN F 69 -5.35 -33.86 -25.89
N PRO F 70 -4.77 -34.10 -27.10
CA PRO F 70 -5.59 -34.47 -28.25
C PRO F 70 -6.30 -35.82 -28.05
N LEU F 71 -5.55 -36.84 -27.61
CA LEU F 71 -6.05 -38.21 -27.35
C LEU F 71 -7.19 -38.15 -26.32
N ILE F 72 -6.99 -37.40 -25.24
CA ILE F 72 -7.99 -37.18 -24.15
C ILE F 72 -9.28 -36.64 -24.78
N ILE F 73 -9.16 -35.63 -25.64
CA ILE F 73 -10.28 -34.95 -26.35
C ILE F 73 -11.03 -35.99 -27.18
N ARG F 74 -10.30 -36.82 -27.93
CA ARG F 74 -10.87 -37.88 -28.82
C ARG F 74 -11.77 -38.81 -27.99
N ASN F 75 -11.23 -39.33 -26.87
CA ASN F 75 -11.89 -40.39 -26.06
C ASN F 75 -13.20 -39.80 -25.53
N VAL F 76 -13.10 -38.56 -25.02
CA VAL F 76 -14.23 -37.79 -24.43
C VAL F 76 -15.30 -37.58 -25.50
N THR F 77 -14.89 -37.15 -26.70
CA THR F 77 -15.78 -36.91 -27.87
C THR F 77 -16.57 -38.17 -28.20
N ASN F 78 -15.87 -39.31 -28.33
CA ASN F 78 -16.47 -40.64 -28.61
C ASN F 78 -17.49 -40.96 -27.53
N ILE F 79 -17.11 -40.78 -26.26
CA ILE F 79 -17.98 -41.00 -25.07
C ILE F 79 -19.22 -40.10 -25.20
N GLN F 80 -19.02 -38.82 -25.50
CA GLN F 80 -20.09 -37.79 -25.68
C GLN F 80 -21.08 -38.27 -26.74
N ASP F 81 -20.57 -38.73 -27.88
CA ASP F 81 -21.39 -39.23 -29.03
C ASP F 81 -22.17 -40.47 -28.60
N TYR F 82 -21.54 -41.37 -27.85
CA TYR F 82 -22.11 -42.67 -27.39
C TYR F 82 -23.33 -42.44 -26.50
N PHE F 83 -23.14 -41.67 -25.42
CA PHE F 83 -24.18 -41.30 -24.42
C PHE F 83 -25.30 -40.52 -25.12
N GLU F 84 -24.95 -39.72 -26.13
CA GLU F 84 -25.90 -38.93 -26.97
C GLU F 84 -26.91 -39.88 -27.62
N THR F 85 -26.42 -40.96 -28.25
CA THR F 85 -27.22 -41.99 -28.94
C THR F 85 -28.04 -42.78 -27.91
N GLN F 86 -27.40 -43.23 -26.83
CA GLN F 86 -28.02 -43.99 -25.70
C GLN F 86 -29.30 -43.30 -25.22
N ASN F 87 -30.47 -43.58 -25.83
CA ASN F 87 -31.72 -42.81 -25.59
C ASN F 87 -32.18 -43.11 -24.16
N LEU F 88 -33.48 -42.89 -23.86
CA LEU F 88 -34.15 -43.37 -22.61
C LEU F 88 -34.22 -44.92 -22.61
N ILE F 89 -33.78 -45.53 -21.50
CA ILE F 89 -33.61 -47.01 -21.35
C ILE F 89 -34.99 -47.66 -21.24
N SER F 90 -35.26 -48.67 -22.07
CA SER F 90 -36.51 -49.48 -22.06
C SER F 90 -36.37 -50.60 -21.01
N THR F 91 -36.60 -50.23 -19.74
CA THR F 91 -36.49 -51.12 -18.55
C THR F 91 -37.38 -52.35 -18.75
N VAL F 92 -38.56 -52.16 -19.35
CA VAL F 92 -39.57 -53.22 -19.64
C VAL F 92 -39.34 -53.80 -21.04
N MET F 93 -39.08 -52.97 -22.06
CA MET F 93 -39.09 -53.41 -23.47
C MET F 93 -39.99 -52.50 -24.31
N PRO F 94 -39.44 -51.86 -25.37
CA PRO F 94 -40.22 -50.92 -26.18
C PRO F 94 -41.32 -51.59 -27.03
N SER F 95 -42.17 -50.75 -27.63
CA SER F 95 -43.54 -51.11 -28.12
C SER F 95 -43.47 -51.98 -29.38
N GLY F 96 -43.81 -53.27 -29.24
CA GLY F 96 -44.02 -54.22 -30.36
C GLY F 96 -42.77 -55.03 -30.71
N ALA F 97 -41.95 -55.38 -29.71
CA ALA F 97 -40.63 -56.05 -29.85
C ALA F 97 -40.66 -57.39 -29.13
N THR F 98 -39.85 -58.36 -29.57
CA THR F 98 -39.59 -59.65 -28.86
C THR F 98 -38.71 -59.37 -27.65
N LYS F 99 -38.74 -60.25 -26.64
CA LYS F 99 -37.88 -60.18 -25.42
C LYS F 99 -36.41 -60.37 -25.82
N GLU F 100 -36.16 -61.28 -26.77
CA GLU F 100 -34.81 -61.57 -27.34
C GLU F 100 -34.24 -60.32 -28.00
N GLN F 101 -35.07 -59.60 -28.78
CA GLN F 101 -34.71 -58.34 -29.49
C GLN F 101 -34.23 -57.29 -28.48
N TRP F 102 -34.97 -57.12 -27.39
CA TRP F 102 -34.64 -56.18 -26.27
C TRP F 102 -33.34 -56.62 -25.59
N LEU F 103 -33.17 -57.93 -25.36
CA LEU F 103 -31.97 -58.53 -24.71
C LEU F 103 -30.73 -58.28 -25.57
N SER F 104 -30.84 -58.50 -26.89
CA SER F 104 -29.76 -58.30 -27.90
C SER F 104 -29.31 -56.84 -27.88
N ALA F 105 -30.25 -55.90 -28.00
CA ALA F 105 -30.02 -54.44 -27.99
C ALA F 105 -29.29 -54.03 -26.70
N LEU F 106 -29.76 -54.53 -25.55
CA LEU F 106 -29.16 -54.29 -24.21
C LEU F 106 -27.73 -54.84 -24.19
N GLY F 107 -27.55 -56.10 -24.61
CA GLY F 107 -26.25 -56.77 -24.69
C GLY F 107 -25.26 -55.97 -25.53
N MET F 108 -25.72 -55.47 -26.69
CA MET F 108 -24.94 -54.59 -27.60
C MET F 108 -24.51 -53.34 -26.86
N VAL F 109 -25.46 -52.67 -26.19
CA VAL F 109 -25.24 -51.44 -25.37
C VAL F 109 -24.21 -51.74 -24.29
N SER F 110 -24.38 -52.87 -23.59
CA SER F 110 -23.49 -53.35 -22.50
C SER F 110 -22.04 -53.47 -23.02
N ASP F 111 -21.88 -54.15 -24.16
CA ASP F 111 -20.56 -54.38 -24.83
C ASP F 111 -19.90 -53.03 -25.13
N LYS F 112 -20.66 -52.11 -25.73
CA LYS F 112 -20.20 -50.75 -26.12
C LYS F 112 -19.72 -50.00 -24.87
N ALA F 113 -20.49 -50.05 -23.78
CA ALA F 113 -20.19 -49.41 -22.49
C ALA F 113 -18.87 -49.96 -21.93
N LYS F 114 -18.70 -51.28 -22.00
CA LYS F 114 -17.46 -51.99 -21.56
C LYS F 114 -16.24 -51.39 -22.28
N GLU F 115 -16.32 -51.31 -23.61
CA GLU F 115 -15.27 -50.73 -24.48
C GLU F 115 -14.99 -49.29 -24.04
N TYR F 116 -16.04 -48.49 -23.83
CA TYR F 116 -15.99 -47.08 -23.37
C TYR F 116 -15.31 -47.01 -22.00
N GLN F 117 -15.66 -47.91 -21.09
CA GLN F 117 -15.07 -48.03 -19.73
C GLN F 117 -13.55 -48.23 -19.86
N GLU F 118 -13.14 -49.22 -20.68
CA GLU F 118 -11.71 -49.53 -20.97
C GLU F 118 -10.99 -48.28 -21.50
N VAL F 119 -11.64 -47.57 -22.43
CA VAL F 119 -11.14 -46.29 -23.04
C VAL F 119 -10.92 -45.26 -21.93
N SER F 120 -11.87 -45.13 -21.00
CA SER F 120 -11.84 -44.19 -19.85
C SER F 120 -10.62 -44.49 -18.98
N ALA F 121 -10.39 -45.77 -18.65
CA ALA F 121 -9.23 -46.26 -17.87
C ALA F 121 -7.93 -45.86 -18.57
N ASN F 122 -7.90 -45.99 -19.91
CA ASN F 122 -6.74 -45.65 -20.78
C ASN F 122 -6.40 -44.16 -20.62
N THR F 123 -7.40 -43.28 -20.76
CA THR F 123 -7.29 -41.81 -20.60
C THR F 123 -6.69 -41.49 -19.22
N ARG F 124 -7.20 -42.15 -18.18
CA ARG F 124 -6.74 -42.00 -16.76
C ARG F 124 -5.24 -42.26 -16.69
N ARG F 125 -4.78 -43.38 -17.26
CA ARG F 125 -3.36 -43.78 -17.31
C ARG F 125 -2.53 -42.66 -17.93
N THR F 126 -2.99 -42.15 -19.08
CA THR F 126 -2.39 -40.99 -19.81
C THR F 126 -2.23 -39.81 -18.85
N ILE F 127 -3.31 -39.47 -18.13
CA ILE F 127 -3.36 -38.37 -17.12
C ILE F 127 -2.30 -38.63 -16.05
N GLY F 128 -2.27 -39.86 -15.52
CA GLY F 128 -1.30 -40.32 -14.50
C GLY F 128 0.13 -40.02 -14.93
N SER F 129 0.50 -40.42 -16.15
CA SER F 129 1.83 -40.18 -16.77
C SER F 129 2.10 -38.67 -16.82
N LEU F 130 1.13 -37.89 -17.31
CA LEU F 130 1.19 -36.41 -17.40
C LEU F 130 1.49 -35.83 -16.00
N ASN F 131 0.74 -36.29 -15.00
CA ASN F 131 0.90 -35.89 -13.57
C ASN F 131 2.35 -36.12 -13.15
N ASP F 132 2.85 -37.34 -13.31
CA ASP F 132 4.23 -37.76 -12.95
C ASP F 132 5.23 -36.85 -13.66
N LYS F 133 5.07 -36.62 -14.97
CA LYS F 133 5.95 -35.76 -15.80
C LYS F 133 6.01 -34.35 -15.21
N LEU F 134 4.84 -33.76 -14.94
CA LEU F 134 4.70 -32.40 -14.35
C LEU F 134 5.38 -32.36 -12.96
N ILE F 135 5.03 -33.33 -12.12
CA ILE F 135 5.58 -33.49 -10.73
C ILE F 135 7.11 -33.44 -10.82
N ILE F 136 7.71 -34.28 -11.66
CA ILE F 136 9.18 -34.39 -11.88
C ILE F 136 9.75 -33.04 -12.30
N ASP F 137 9.08 -32.35 -13.23
CA ASP F 137 9.48 -31.01 -13.75
C ASP F 137 9.54 -30.02 -12.58
N SER F 138 8.43 -29.90 -11.83
CA SER F 138 8.28 -28.99 -10.67
C SER F 138 9.39 -29.25 -9.63
N ASN F 139 9.65 -30.52 -9.34
CA ASN F 139 10.67 -30.98 -8.36
C ASN F 139 12.05 -30.51 -8.81
N ASN F 140 12.43 -30.82 -10.05
CA ASN F 140 13.73 -30.43 -10.68
C ASN F 140 13.88 -28.91 -10.60
N TYR F 141 12.81 -28.17 -10.92
CA TYR F 141 12.76 -26.68 -10.87
C TYR F 141 13.12 -26.21 -9.45
N GLN F 142 12.42 -26.75 -8.45
CA GLN F 142 12.62 -26.45 -7.01
C GLN F 142 14.10 -26.68 -6.65
N LEU F 143 14.66 -27.82 -7.06
CA LEU F 143 16.06 -28.24 -6.80
C LEU F 143 17.02 -27.18 -7.34
N ILE F 144 16.78 -26.71 -8.58
CA ILE F 144 17.57 -25.63 -9.23
C ILE F 144 17.48 -24.36 -8.39
N VAL F 145 16.27 -23.99 -7.97
CA VAL F 145 15.97 -22.76 -7.16
C VAL F 145 16.81 -22.79 -5.88
N VAL F 146 16.73 -23.89 -5.13
CA VAL F 146 17.46 -24.11 -3.85
C VAL F 146 18.97 -23.99 -4.11
N ASN F 147 19.47 -24.70 -5.13
CA ASN F 147 20.89 -24.69 -5.56
C ASN F 147 21.33 -23.24 -5.81
N LEU F 148 20.49 -22.46 -6.49
CA LEU F 148 20.72 -21.03 -6.84
C LEU F 148 20.69 -20.18 -5.56
N ASN F 149 19.63 -20.33 -4.75
CA ASN F 149 19.43 -19.59 -3.47
C ASN F 149 20.69 -19.73 -2.61
N ASN F 150 21.22 -20.96 -2.52
CA ASN F 150 22.44 -21.30 -1.74
C ASN F 150 23.64 -20.49 -2.25
N VAL F 151 23.77 -20.39 -3.59
CA VAL F 151 24.91 -19.71 -4.28
C VAL F 151 24.94 -18.22 -3.90
N VAL F 152 23.79 -17.56 -3.96
CA VAL F 152 23.63 -16.10 -3.71
C VAL F 152 23.72 -15.83 -2.20
N ASN F 153 23.35 -16.83 -1.37
CA ASN F 153 23.33 -16.71 0.11
C ASN F 153 24.73 -16.92 0.70
N GLY F 154 25.56 -17.74 0.03
CA GLY F 154 27.03 -17.81 0.23
C GLY F 154 27.77 -16.58 -0.33
N ASN F 155 27.52 -16.25 -1.60
CA ASN F 155 28.18 -15.15 -2.35
C ASN F 155 28.03 -13.82 -1.61
N ASN F 156 26.99 -13.68 -0.78
CA ASN F 156 26.64 -12.44 -0.03
C ASN F 156 27.35 -12.39 1.34
N GLY F 157 27.96 -13.51 1.80
CA GLY F 157 28.97 -13.48 2.89
C GLY F 157 30.30 -12.87 2.42
N VAL F 158 30.79 -13.39 1.30
CA VAL F 158 31.97 -12.88 0.53
C VAL F 158 31.84 -11.38 0.28
N LEU F 159 30.68 -10.93 -0.21
CA LEU F 159 30.39 -9.51 -0.58
C LEU F 159 30.68 -8.56 0.61
N GLU F 160 30.29 -8.97 1.82
CA GLU F 160 30.46 -8.20 3.09
C GLU F 160 31.95 -8.09 3.44
N GLN F 161 32.69 -9.21 3.39
CA GLN F 161 34.15 -9.28 3.65
C GLN F 161 34.90 -8.38 2.65
N LEU F 162 34.38 -8.26 1.43
CA LEU F 162 34.93 -7.42 0.32
C LEU F 162 34.74 -5.93 0.65
N ASN F 163 33.51 -5.53 1.01
CA ASN F 163 33.15 -4.13 1.39
C ASN F 163 34.00 -3.71 2.61
N ARG F 164 34.22 -4.64 3.56
CA ARG F 164 35.02 -4.43 4.79
C ARG F 164 36.50 -4.25 4.44
N ASP F 165 37.01 -5.06 3.51
CA ASP F 165 38.41 -5.00 3.01
C ASP F 165 38.62 -3.72 2.19
N ILE F 166 37.66 -3.36 1.33
CA ILE F 166 37.67 -2.13 0.48
C ILE F 166 37.78 -0.89 1.38
N ASP F 167 37.05 -0.89 2.50
CA ASP F 167 37.09 0.17 3.55
C ASP F 167 38.50 0.23 4.15
N GLY F 168 39.10 -0.92 4.47
CA GLY F 168 40.46 -1.04 5.03
C GLY F 168 41.54 -0.60 4.05
N ILE F 169 41.27 -0.67 2.75
CA ILE F 169 42.22 -0.37 1.63
C ILE F 169 42.31 1.13 1.40
N ASN F 170 41.18 1.86 1.42
CA ASN F 170 41.10 3.34 1.28
C ASN F 170 41.99 4.07 2.30
N ALA F 171 42.18 3.50 3.51
CA ALA F 171 43.01 4.06 4.61
C ALA F 171 44.48 4.18 4.17
N ALA F 172 45.04 3.09 3.65
CA ALA F 172 46.41 3.02 3.06
C ALA F 172 46.49 3.97 1.86
N ILE F 173 45.43 4.02 1.04
CA ILE F 173 45.31 4.89 -0.18
C ILE F 173 45.44 6.37 0.23
N ASP F 174 44.76 6.77 1.31
CA ASP F 174 44.83 8.14 1.90
C ASP F 174 46.20 8.36 2.55
N GLY F 175 46.71 7.35 3.28
CA GLY F 175 48.03 7.36 3.94
C GLY F 175 49.17 7.65 2.95
N ALA F 176 49.04 7.13 1.72
CA ALA F 176 49.95 7.39 0.59
C ALA F 176 49.76 8.82 0.07
N ILE F 177 48.49 9.23 -0.12
CA ILE F 177 48.09 10.59 -0.57
C ILE F 177 48.67 11.65 0.38
N ALA F 178 48.63 11.39 1.69
CA ALA F 178 49.17 12.25 2.77
C ALA F 178 50.69 12.40 2.63
N GLY F 179 51.41 11.27 2.54
CA GLY F 179 52.88 11.24 2.37
C GLY F 179 53.33 12.01 1.12
N ILE F 180 52.56 11.91 0.04
CA ILE F 180 52.83 12.58 -1.28
C ILE F 180 52.73 14.10 -1.12
N VAL F 181 51.68 14.57 -0.45
CA VAL F 181 51.40 16.02 -0.19
C VAL F 181 52.45 16.54 0.77
N VAL F 182 52.65 15.89 1.94
CA VAL F 182 53.67 16.26 2.95
C VAL F 182 55.04 16.42 2.28
N GLY F 183 55.39 15.51 1.38
CA GLY F 183 56.64 15.58 0.58
C GLY F 183 56.69 16.84 -0.29
N GLY F 184 55.59 17.13 -0.99
CA GLY F 184 55.45 18.32 -1.86
C GLY F 184 55.65 19.62 -1.09
N LEU F 185 55.10 19.71 0.13
CA LEU F 185 55.23 20.88 1.04
C LEU F 185 56.68 20.98 1.54
N LEU F 186 57.24 19.87 2.04
CA LEU F 186 58.63 19.79 2.57
C LEU F 186 59.62 20.32 1.53
N VAL F 187 59.48 19.86 0.28
CA VAL F 187 60.30 20.30 -0.89
C VAL F 187 60.11 21.80 -1.12
N ILE F 188 58.85 22.24 -1.18
CA ILE F 188 58.44 23.66 -1.40
C ILE F 188 59.10 24.53 -0.31
N GLY F 189 58.91 24.17 0.95
CA GLY F 189 59.52 24.85 2.12
C GLY F 189 61.02 24.79 2.09
N GLY F 190 61.60 23.62 1.78
CA GLY F 190 63.06 23.40 1.65
C GLY F 190 63.69 24.36 0.65
N ALA F 191 63.05 24.55 -0.51
CA ALA F 191 63.49 25.46 -1.59
C ALA F 191 63.57 26.91 -1.06
N ILE F 192 62.51 27.35 -0.39
CA ILE F 192 62.39 28.72 0.22
C ILE F 192 63.50 28.91 1.26
N VAL F 193 63.72 27.90 2.10
CA VAL F 193 64.74 27.90 3.20
C VAL F 193 66.14 27.93 2.58
N THR F 194 66.42 27.03 1.64
CA THR F 194 67.72 26.88 0.93
C THR F 194 68.09 28.23 0.28
N ALA F 195 67.13 28.85 -0.42
CA ALA F 195 67.28 30.16 -1.09
C ALA F 195 67.64 31.24 -0.06
N ILE F 196 66.93 31.25 1.08
CA ILE F 196 67.15 32.19 2.22
C ILE F 196 68.56 31.97 2.77
N GLY F 197 68.90 30.73 3.13
CA GLY F 197 70.21 30.31 3.67
C GLY F 197 71.36 30.71 2.75
N ALA F 198 71.15 30.62 1.43
CA ALA F 198 72.16 30.93 0.38
C ALA F 198 72.45 32.44 0.33
N VAL F 199 71.40 33.26 0.46
CA VAL F 199 71.46 34.75 0.40
C VAL F 199 72.11 35.27 1.70
N ALA F 200 71.96 34.54 2.80
CA ALA F 200 72.50 34.87 4.14
C ALA F 200 73.96 34.45 4.24
N GLY F 201 74.45 33.55 3.37
CA GLY F 201 75.91 33.35 3.14
C GLY F 201 76.69 34.54 2.54
N LEU F 202 77.67 35.11 3.28
CA LEU F 202 78.18 36.49 3.12
C LEU F 202 79.70 36.49 3.36
N THR F 207 79.45 32.03 8.27
CA THR F 207 78.56 31.83 7.10
C THR F 207 77.26 31.10 7.53
N SER F 208 76.27 31.07 6.63
CA SER F 208 74.92 30.49 6.83
C SER F 208 74.81 29.20 5.99
N THR F 209 75.71 28.26 6.25
CA THR F 209 75.82 26.96 5.54
C THR F 209 74.85 25.94 6.15
N PRO F 210 74.63 25.99 7.49
CA PRO F 210 73.71 25.05 8.14
C PRO F 210 72.25 25.20 7.67
N VAL F 211 71.81 26.44 7.42
CA VAL F 211 70.44 26.79 6.92
C VAL F 211 70.23 26.16 5.53
N VAL F 212 71.21 26.36 4.64
CA VAL F 212 71.20 25.81 3.25
C VAL F 212 71.12 24.28 3.31
N MET F 213 71.91 23.66 4.20
CA MET F 213 71.95 22.20 4.42
C MET F 213 70.56 21.69 4.83
N GLY F 214 69.96 22.31 5.84
CA GLY F 214 68.59 22.02 6.33
C GLY F 214 67.56 22.16 5.22
N GLY F 215 67.71 23.19 4.38
CA GLY F 215 66.83 23.43 3.22
C GLY F 215 66.98 22.35 2.16
N ILE F 216 68.21 21.95 1.86
CA ILE F 216 68.55 20.85 0.90
C ILE F 216 68.02 19.52 1.45
N ALA F 217 68.22 19.26 2.74
CA ALA F 217 67.76 18.06 3.46
C ALA F 217 66.22 17.97 3.37
N MET F 218 65.51 19.06 3.64
CA MET F 218 64.03 19.17 3.56
C MET F 218 63.58 18.86 2.13
N MET F 219 64.26 19.41 1.13
CA MET F 219 64.04 19.16 -0.32
C MET F 219 64.23 17.67 -0.60
N THR F 220 65.37 17.11 -0.19
CA THR F 220 65.78 15.70 -0.39
C THR F 220 64.71 14.76 0.21
N ALA F 221 64.36 14.99 1.47
CA ALA F 221 63.35 14.21 2.24
C ALA F 221 61.99 14.31 1.54
N GLY F 222 61.60 15.52 1.12
CA GLY F 222 60.35 15.80 0.37
C GLY F 222 60.25 14.96 -0.87
N ALA F 223 61.33 14.88 -1.65
CA ALA F 223 61.45 14.06 -2.89
C ALA F 223 61.33 12.57 -2.53
N GLY F 224 62.07 12.12 -1.52
CA GLY F 224 62.05 10.74 -1.02
C GLY F 224 60.63 10.28 -0.66
N GLY F 225 59.92 11.11 0.11
CA GLY F 225 58.53 10.87 0.54
C GLY F 225 57.57 10.81 -0.64
N VAL F 226 57.73 11.72 -1.61
CA VAL F 226 56.91 11.80 -2.86
C VAL F 226 57.13 10.52 -3.67
N ILE F 227 58.38 10.06 -3.78
CA ILE F 227 58.78 8.84 -4.55
C ILE F 227 58.22 7.60 -3.84
N GLY F 228 58.53 7.44 -2.56
CA GLY F 228 58.08 6.30 -1.72
C GLY F 228 56.56 6.14 -1.73
N GLY F 229 55.85 7.27 -1.55
CA GLY F 229 54.38 7.34 -1.57
C GLY F 229 53.80 6.88 -2.89
N ALA F 230 54.38 7.35 -4.01
CA ALA F 230 53.96 7.03 -5.39
C ALA F 230 54.04 5.51 -5.61
N ILE F 231 55.13 4.89 -5.18
CA ILE F 231 55.37 3.41 -5.27
C ILE F 231 54.25 2.68 -4.51
N VAL F 232 54.04 3.08 -3.26
CA VAL F 232 53.00 2.50 -2.34
C VAL F 232 51.61 2.69 -2.98
N LEU F 233 51.31 3.92 -3.41
CA LEU F 233 50.00 4.32 -3.99
C LEU F 233 49.67 3.44 -5.20
N ASP F 234 50.58 3.40 -6.18
CA ASP F 234 50.45 2.61 -7.44
C ASP F 234 50.16 1.14 -7.10
N LYS F 235 50.80 0.61 -6.06
CA LYS F 235 50.65 -0.79 -5.60
C LYS F 235 49.32 -0.94 -4.84
N SER F 236 48.97 0.05 -4.00
CA SER F 236 47.82 0.01 -3.05
C SER F 236 46.49 0.02 -3.80
N LEU F 237 46.33 0.94 -4.75
CA LEU F 237 45.18 1.03 -5.70
C LEU F 237 45.13 -0.26 -6.54
N SER F 238 46.30 -0.84 -6.86
CA SER F 238 46.49 -2.06 -7.69
C SER F 238 46.09 -3.31 -6.92
N ALA F 239 46.10 -3.28 -5.59
CA ALA F 239 45.49 -4.32 -4.71
C ALA F 239 44.00 -4.03 -4.56
N ARG F 240 43.65 -2.75 -4.37
CA ARG F 240 42.26 -2.23 -4.26
C ARG F 240 41.47 -2.60 -5.53
N GLU F 241 42.09 -2.44 -6.71
CA GLU F 241 41.46 -2.69 -8.04
C GLU F 241 41.05 -4.16 -8.15
N LYS F 242 41.93 -5.09 -7.76
CA LYS F 242 41.70 -6.56 -7.79
C LYS F 242 40.48 -6.90 -6.94
N LEU F 243 40.40 -6.35 -5.72
CA LEU F 243 39.31 -6.58 -4.74
C LEU F 243 37.98 -6.09 -5.31
N TYR F 244 37.95 -4.87 -5.87
CA TYR F 244 36.75 -4.22 -6.46
C TYR F 244 36.23 -5.05 -7.64
N ARG F 245 37.13 -5.52 -8.50
CA ARG F 245 36.82 -6.36 -9.69
C ARG F 245 36.08 -7.62 -9.24
N ASP F 246 36.61 -8.31 -8.22
CA ASP F 246 36.02 -9.53 -7.62
C ASP F 246 34.63 -9.23 -7.07
N ARG F 247 34.49 -8.11 -6.33
CA ARG F 247 33.22 -7.65 -5.71
C ARG F 247 32.14 -7.50 -6.78
N SER F 248 32.45 -6.76 -7.85
CA SER F 248 31.55 -6.50 -9.00
C SER F 248 31.16 -7.82 -9.68
N GLN F 249 32.14 -8.69 -9.94
CA GLN F 249 31.95 -10.01 -10.58
C GLN F 249 30.96 -10.85 -9.75
N LEU F 250 31.17 -10.91 -8.43
CA LEU F 250 30.32 -11.65 -7.46
C LEU F 250 28.90 -11.06 -7.46
N ASN F 251 28.80 -9.72 -7.44
CA ASN F 251 27.52 -8.95 -7.45
C ASN F 251 26.73 -9.34 -8.70
N SER F 252 27.37 -9.33 -9.87
CA SER F 252 26.79 -9.68 -11.19
C SER F 252 26.29 -11.13 -11.17
N GLU F 253 27.17 -12.06 -10.74
CA GLU F 253 26.88 -13.52 -10.65
C GLU F 253 25.63 -13.74 -9.79
N VAL F 254 25.59 -13.12 -8.61
CA VAL F 254 24.46 -13.21 -7.63
C VAL F 254 23.17 -12.72 -8.29
N LEU F 255 23.23 -11.58 -8.97
CA LEU F 255 22.08 -10.96 -9.69
C LEU F 255 21.56 -11.93 -10.74
N VAL F 256 22.46 -12.48 -11.57
CA VAL F 256 22.14 -13.45 -12.65
C VAL F 256 21.39 -14.64 -12.04
N ALA F 257 21.92 -15.18 -10.93
CA ALA F 257 21.33 -16.32 -10.17
C ALA F 257 19.93 -15.94 -9.69
N SER F 258 19.80 -14.76 -9.08
CA SER F 258 18.51 -14.20 -8.59
C SER F 258 17.54 -13.98 -9.75
N GLN F 259 18.06 -13.72 -10.96
CA GLN F 259 17.26 -13.53 -12.20
C GLN F 259 16.65 -14.88 -12.62
N ILE F 260 17.51 -15.85 -12.89
CA ILE F 260 17.11 -17.23 -13.37
C ILE F 260 16.25 -17.88 -12.27
N GLY F 261 16.61 -17.64 -11.00
CA GLY F 261 15.95 -18.14 -9.80
C GLY F 261 14.49 -17.73 -9.76
N SER F 262 14.19 -16.44 -9.94
CA SER F 262 12.81 -15.90 -10.03
C SER F 262 12.02 -16.61 -11.13
N GLY F 263 12.65 -16.80 -12.29
CA GLY F 263 12.05 -17.45 -13.48
C GLY F 263 11.69 -18.90 -13.19
N TYR F 264 12.65 -19.66 -12.65
CA TYR F 264 12.49 -21.07 -12.23
C TYR F 264 11.36 -21.16 -11.19
N ARG F 265 11.36 -20.24 -10.22
CA ARG F 265 10.34 -20.11 -9.14
C ARG F 265 8.96 -20.00 -9.78
N GLY F 266 8.81 -19.11 -10.77
CA GLY F 266 7.55 -18.90 -11.53
C GLY F 266 7.13 -20.16 -12.27
N LEU F 267 8.10 -20.86 -12.88
CA LEU F 267 7.90 -22.14 -13.60
C LEU F 267 7.40 -23.21 -12.60
N GLN F 268 8.01 -23.27 -11.42
CA GLN F 268 7.68 -24.23 -10.33
C GLN F 268 6.22 -24.07 -9.92
N THR F 269 5.76 -22.82 -9.77
CA THR F 269 4.36 -22.46 -9.43
C THR F 269 3.43 -22.95 -10.56
N GLN F 270 3.79 -22.66 -11.82
CA GLN F 270 3.04 -23.05 -13.03
C GLN F 270 2.81 -24.57 -13.04
N ALA F 271 3.85 -25.34 -12.70
CA ALA F 271 3.85 -26.82 -12.64
C ALA F 271 2.97 -27.29 -11.48
N GLN F 272 3.11 -26.68 -10.30
CA GLN F 272 2.33 -26.99 -9.07
C GLN F 272 0.83 -26.88 -9.38
N SER F 273 0.43 -25.81 -10.07
CA SER F 273 -0.98 -25.54 -10.50
C SER F 273 -1.43 -26.59 -11.52
N ALA F 274 -0.57 -26.88 -12.51
CA ALA F 274 -0.83 -27.89 -13.56
C ALA F 274 -1.03 -29.27 -12.92
N VAL F 275 -0.29 -29.57 -11.85
CA VAL F 275 -0.39 -30.82 -11.05
C VAL F 275 -1.82 -30.94 -10.50
N THR F 276 -2.33 -29.87 -9.89
CA THR F 276 -3.71 -29.78 -9.34
C THR F 276 -4.73 -29.98 -10.46
N ALA F 277 -4.51 -29.31 -11.60
CA ALA F 277 -5.36 -29.40 -12.81
C ALA F 277 -5.42 -30.85 -13.30
N ALA F 278 -4.27 -31.52 -13.36
CA ALA F 278 -4.11 -32.92 -13.83
C ALA F 278 -4.82 -33.87 -12.86
N THR F 279 -4.52 -33.75 -11.56
CA THR F 279 -5.14 -34.53 -10.45
C THR F 279 -6.67 -34.45 -10.59
N GLN F 280 -7.19 -33.25 -10.86
CA GLN F 280 -8.63 -32.98 -11.08
C GLN F 280 -9.13 -33.82 -12.27
N MET F 281 -8.40 -33.78 -13.39
CA MET F 281 -8.73 -34.54 -14.63
C MET F 281 -8.72 -36.05 -14.35
N ASN F 282 -7.77 -36.51 -13.53
CA ASN F 282 -7.62 -37.94 -13.12
C ASN F 282 -8.87 -38.39 -12.36
N ASN F 283 -9.34 -37.57 -11.40
CA ASN F 283 -10.55 -37.82 -10.57
C ASN F 283 -11.79 -37.85 -11.47
N ALA F 284 -11.86 -36.96 -12.46
CA ALA F 284 -12.99 -36.82 -13.41
C ALA F 284 -13.16 -38.11 -14.22
N TRP F 285 -12.06 -38.57 -14.83
CA TRP F 285 -11.99 -39.84 -15.63
C TRP F 285 -12.33 -41.03 -14.72
N ASP F 286 -11.76 -41.07 -13.51
CA ASP F 286 -11.99 -42.13 -12.49
C ASP F 286 -13.48 -42.24 -12.19
N SER F 287 -14.17 -41.09 -12.03
CA SER F 287 -15.62 -40.99 -11.77
C SER F 287 -16.41 -41.58 -12.95
N LEU F 288 -16.07 -41.15 -14.18
CA LEU F 288 -16.70 -41.62 -15.43
C LEU F 288 -16.56 -43.14 -15.55
N THR F 289 -15.36 -43.66 -15.27
CA THR F 289 -15.00 -45.12 -15.30
C THR F 289 -15.88 -45.88 -14.30
N SER F 290 -16.00 -45.38 -13.07
CA SER F 290 -16.83 -45.95 -11.97
C SER F 290 -18.30 -45.94 -12.39
N GLU F 291 -18.80 -44.80 -12.91
CA GLU F 291 -20.21 -44.62 -13.36
C GLU F 291 -20.57 -45.64 -14.44
N LEU F 292 -19.63 -45.89 -15.36
CA LEU F 292 -19.75 -46.88 -16.45
C LEU F 292 -19.85 -48.29 -15.85
N GLU F 293 -18.99 -48.62 -14.89
CA GLU F 293 -18.93 -49.93 -14.18
C GLU F 293 -20.27 -50.20 -13.50
N THR F 294 -20.88 -49.18 -12.89
CA THR F 294 -22.19 -49.24 -12.20
C THR F 294 -23.31 -49.56 -13.20
N LEU F 295 -23.32 -48.84 -14.33
CA LEU F 295 -24.28 -49.05 -15.44
C LEU F 295 -24.14 -50.48 -15.98
N ASN F 296 -22.89 -50.94 -16.15
CA ASN F 296 -22.53 -52.30 -16.65
C ASN F 296 -23.10 -53.35 -15.69
N ALA F 297 -22.86 -53.18 -14.38
CA ALA F 297 -23.36 -54.05 -13.29
C ALA F 297 -24.90 -54.02 -13.27
N ASN F 298 -25.49 -52.82 -13.35
CA ASN F 298 -26.96 -52.59 -13.41
C ASN F 298 -27.52 -53.34 -14.63
N LEU F 299 -26.85 -53.24 -15.78
CA LEU F 299 -27.21 -53.90 -17.07
C LEU F 299 -27.16 -55.43 -16.89
N ARG F 300 -25.97 -55.97 -16.59
CA ARG F 300 -25.65 -57.42 -16.53
C ARG F 300 -26.70 -58.17 -15.68
N LYS F 301 -27.05 -57.63 -14.50
CA LYS F 301 -27.99 -58.25 -13.53
C LYS F 301 -29.43 -58.22 -14.06
N GLY F 302 -29.70 -57.40 -15.08
CA GLY F 302 -31.04 -57.21 -15.70
C GLY F 302 -31.30 -58.19 -16.84
N ILE F 303 -30.22 -58.70 -17.46
CA ILE F 303 -30.24 -59.71 -18.57
C ILE F 303 -30.53 -61.09 -17.95
N ILE F 304 -29.90 -61.40 -16.82
CA ILE F 304 -30.14 -62.62 -15.99
C ILE F 304 -31.15 -62.28 -14.88
N ASP F 305 -32.26 -61.65 -15.26
CA ASP F 305 -33.47 -61.30 -14.49
C ASP F 305 -34.65 -61.35 -15.51
N ASP F 306 -35.86 -61.74 -15.08
CA ASP F 306 -36.92 -62.26 -16.01
C ASP F 306 -38.06 -61.23 -16.12
N SER F 307 -38.52 -60.74 -14.96
CA SER F 307 -39.77 -59.94 -14.82
C SER F 307 -39.48 -58.62 -14.12
N PHE F 308 -39.80 -58.48 -12.82
CA PHE F 308 -39.80 -57.21 -12.05
C PHE F 308 -38.37 -56.78 -11.67
N LEU F 309 -37.52 -57.71 -11.22
CA LEU F 309 -36.12 -57.46 -10.80
C LEU F 309 -35.30 -56.92 -11.99
N ARG F 310 -35.67 -57.30 -13.22
CA ARG F 310 -35.06 -56.84 -14.49
C ARG F 310 -35.33 -55.34 -14.69
N GLN F 311 -36.61 -54.93 -14.57
CA GLN F 311 -37.06 -53.51 -14.69
C GLN F 311 -36.41 -52.65 -13.60
N LEU F 312 -36.16 -53.24 -12.42
CA LEU F 312 -35.52 -52.59 -11.23
C LEU F 312 -34.08 -52.19 -11.57
N PHE F 313 -33.27 -53.15 -12.06
CA PHE F 313 -31.86 -52.96 -12.47
C PHE F 313 -31.78 -52.04 -13.70
N LEU F 314 -32.76 -52.13 -14.60
CA LEU F 314 -32.85 -51.36 -15.88
C LEU F 314 -33.14 -49.88 -15.59
N THR F 315 -33.97 -49.60 -14.57
CA THR F 315 -34.29 -48.22 -14.09
C THR F 315 -33.07 -47.60 -13.41
N ALA F 316 -32.34 -48.38 -12.60
CA ALA F 316 -31.09 -48.00 -11.90
C ALA F 316 -30.01 -47.66 -12.92
N SER F 317 -29.94 -48.43 -14.01
CA SER F 317 -29.03 -48.22 -15.17
C SER F 317 -29.39 -46.92 -15.89
N GLN F 318 -30.70 -46.63 -16.03
CA GLN F 318 -31.22 -45.36 -16.59
C GLN F 318 -30.73 -44.17 -15.76
N THR F 319 -30.58 -44.36 -14.44
CA THR F 319 -30.06 -43.37 -13.46
C THR F 319 -28.53 -43.31 -13.59
N SER F 320 -27.86 -44.46 -13.69
CA SER F 320 -26.46 -44.61 -14.17
C SER F 320 -26.22 -43.70 -15.40
N VAL F 321 -27.08 -43.81 -16.42
CA VAL F 321 -26.97 -43.12 -17.74
C VAL F 321 -26.92 -41.60 -17.55
N THR F 322 -27.77 -41.05 -16.69
CA THR F 322 -27.81 -39.61 -16.31
C THR F 322 -26.49 -39.24 -15.61
N LYS F 323 -26.00 -40.11 -14.70
CA LYS F 323 -24.75 -39.91 -13.90
C LYS F 323 -23.53 -39.87 -14.82
N VAL F 324 -23.54 -40.67 -15.89
CA VAL F 324 -22.47 -40.72 -16.93
C VAL F 324 -22.53 -39.44 -17.79
N LEU F 325 -23.74 -39.05 -18.24
CA LEU F 325 -24.01 -37.85 -19.08
C LEU F 325 -23.52 -36.58 -18.35
N ASP F 326 -23.70 -36.54 -17.02
CA ASP F 326 -23.19 -35.46 -16.13
C ASP F 326 -21.65 -35.48 -16.12
N GLY F 327 -21.06 -36.66 -15.87
CA GLY F 327 -19.60 -36.87 -15.88
C GLY F 327 -18.95 -36.42 -17.19
N THR F 328 -19.66 -36.60 -18.31
CA THR F 328 -19.25 -36.17 -19.68
C THR F 328 -19.18 -34.64 -19.74
N LYS F 329 -20.28 -33.96 -19.41
CA LYS F 329 -20.37 -32.47 -19.37
C LYS F 329 -19.28 -31.90 -18.46
N ILE F 330 -19.01 -32.58 -17.33
CA ILE F 330 -18.00 -32.18 -16.30
C ILE F 330 -16.59 -32.23 -16.90
N ILE F 331 -16.24 -33.37 -17.53
CA ILE F 331 -14.93 -33.59 -18.20
C ILE F 331 -14.75 -32.54 -19.31
N LYS F 332 -15.79 -32.29 -20.10
CA LYS F 332 -15.83 -31.30 -21.21
C LYS F 332 -15.42 -29.91 -20.68
N GLN F 333 -15.92 -29.55 -19.49
CA GLN F 333 -15.61 -28.28 -18.79
C GLN F 333 -14.15 -28.27 -18.33
N GLN F 334 -13.65 -29.37 -17.78
CA GLN F 334 -12.23 -29.53 -17.36
C GLN F 334 -11.31 -29.25 -18.55
N MET G 8 -35.91 32.50 -8.45
CA MET G 8 -36.23 32.01 -7.07
C MET G 8 -35.41 30.74 -6.76
N ASN G 9 -35.31 29.84 -7.74
CA ASN G 9 -34.56 28.55 -7.63
C ASN G 9 -33.10 28.84 -7.27
N ASP G 10 -32.49 29.85 -7.90
CA ASP G 10 -31.05 30.21 -7.74
C ASP G 10 -30.76 30.66 -6.29
N GLY G 11 -31.65 31.48 -5.73
CA GLY G 11 -31.54 32.00 -4.35
C GLY G 11 -31.76 30.93 -3.30
N MET G 12 -32.77 30.06 -3.50
CA MET G 12 -33.17 28.97 -2.56
C MET G 12 -32.05 27.93 -2.44
N ASN G 13 -31.46 27.54 -3.57
CA ASN G 13 -30.36 26.54 -3.65
C ASN G 13 -29.10 27.08 -2.95
N ALA G 14 -28.66 28.27 -3.34
CA ALA G 14 -27.45 28.96 -2.80
C ALA G 14 -27.56 29.09 -1.27
N GLN G 15 -28.76 29.42 -0.77
CA GLN G 15 -29.09 29.53 0.68
C GLN G 15 -29.00 28.14 1.34
N SER G 16 -29.36 27.08 0.62
CA SER G 16 -29.45 25.68 1.11
C SER G 16 -28.05 25.07 1.30
N SER G 17 -27.11 25.32 0.37
CA SER G 17 -25.68 24.95 0.51
C SER G 17 -25.04 25.84 1.58
N GLN G 18 -25.24 27.16 1.52
CA GLN G 18 -24.78 28.15 2.53
C GLN G 18 -25.14 27.66 3.94
N ALA G 19 -26.39 27.25 4.15
CA ALA G 19 -26.97 26.84 5.45
C ALA G 19 -26.24 25.61 6.00
N LEU G 20 -26.04 24.58 5.17
CA LEU G 20 -25.34 23.32 5.53
C LEU G 20 -23.90 23.63 5.97
N HIS G 21 -23.22 24.54 5.26
CA HIS G 21 -21.84 25.02 5.56
C HIS G 21 -21.78 25.62 6.96
N ILE G 22 -22.77 26.45 7.31
CA ILE G 22 -22.91 27.09 8.66
C ILE G 22 -23.31 26.02 9.68
N GLN G 23 -24.25 25.14 9.33
CA GLN G 23 -24.75 24.02 10.18
C GLN G 23 -23.57 23.15 10.63
N THR G 24 -22.66 22.84 9.69
CA THR G 24 -21.42 22.05 9.93
C THR G 24 -20.49 22.83 10.87
N TYR G 25 -20.20 24.10 10.55
CA TYR G 25 -19.35 25.03 11.36
C TYR G 25 -19.89 25.16 12.77
N CYS G 26 -21.23 25.16 12.92
CA CYS G 26 -21.97 25.30 14.20
C CYS G 26 -21.69 24.10 15.11
N ASN G 27 -21.99 22.88 14.64
CA ASN G 27 -21.77 21.60 15.38
C ASN G 27 -20.29 21.45 15.73
N SER G 28 -19.40 21.87 14.81
CA SER G 28 -17.92 21.83 14.96
C SER G 28 -17.48 22.69 16.15
N VAL G 29 -17.98 23.93 16.22
CA VAL G 29 -17.70 24.92 17.31
C VAL G 29 -18.20 24.34 18.64
N ARG G 30 -19.37 23.68 18.63
CA ARG G 30 -19.97 23.00 19.80
C ARG G 30 -18.97 22.01 20.41
N GLN G 31 -18.18 21.34 19.55
CA GLN G 31 -17.17 20.32 19.95
C GLN G 31 -15.90 20.98 20.51
N GLN G 32 -15.74 22.30 20.32
CA GLN G 32 -14.62 23.09 20.92
C GLN G 32 -14.63 22.91 22.45
N ILE G 33 -13.62 22.21 22.97
CA ILE G 33 -13.51 21.82 24.41
C ILE G 33 -12.91 22.96 25.22
N PRO G 34 -13.34 23.14 26.48
CA PRO G 34 -12.74 24.14 27.36
C PRO G 34 -11.37 23.70 27.88
N VAL G 35 -10.40 24.63 27.92
CA VAL G 35 -9.01 24.41 28.42
C VAL G 35 -8.87 25.02 29.83
N ASP G 36 -8.05 24.41 30.67
CA ASP G 36 -7.85 24.78 32.10
C ASP G 36 -6.36 25.01 32.35
N PHE G 37 -5.94 26.26 32.47
CA PHE G 37 -4.56 26.65 32.85
C PHE G 37 -4.43 26.61 34.38
N GLY G 38 -5.20 25.72 35.04
CA GLY G 38 -5.27 25.58 36.50
C GLY G 38 -3.90 25.48 37.15
N ARG G 39 -2.93 24.84 36.46
CA ARG G 39 -1.53 24.66 36.94
C ARG G 39 -0.78 25.99 36.92
N PHE G 40 -1.12 26.89 35.99
CA PHE G 40 -0.51 28.23 35.81
C PHE G 40 -1.28 29.29 36.61
N PRO G 41 -0.67 29.85 37.68
CA PRO G 41 -1.35 30.85 38.50
C PRO G 41 -1.56 32.20 37.80
N ASN G 42 -0.65 32.57 36.88
CA ASN G 42 -0.65 33.86 36.15
C ASN G 42 -1.71 33.89 35.05
N LEU G 43 -2.21 32.72 34.61
CA LEU G 43 -3.17 32.56 33.49
C LEU G 43 -4.60 32.32 34.01
N ARG G 44 -4.86 32.65 35.29
CA ARG G 44 -6.18 32.57 35.95
C ARG G 44 -7.21 33.37 35.14
N GLU G 45 -6.92 34.65 34.87
CA GLU G 45 -7.80 35.57 34.10
C GLU G 45 -7.98 35.05 32.67
N SER G 46 -6.89 34.60 32.05
CA SER G 46 -6.84 34.06 30.66
C SER G 46 -7.86 32.92 30.51
N GLU G 47 -7.80 31.94 31.43
CA GLU G 47 -8.66 30.72 31.41
C GLU G 47 -10.14 31.13 31.47
N ARG G 48 -10.50 31.95 32.45
CA ARG G 48 -11.90 32.46 32.67
C ARG G 48 -12.36 33.20 31.41
N GLN G 49 -11.56 34.14 30.92
CA GLN G 49 -11.83 34.94 29.70
C GLN G 49 -12.10 33.99 28.52
N ILE G 50 -11.19 33.03 28.31
CA ILE G 50 -11.28 31.99 27.25
C ILE G 50 -12.60 31.22 27.40
N ASN G 51 -12.85 30.70 28.61
CA ASN G 51 -14.05 29.90 28.96
C ASN G 51 -15.32 30.68 28.59
N THR G 52 -15.41 31.94 29.02
CA THR G 52 -16.55 32.87 28.77
C THR G 52 -16.76 33.01 27.25
N GLY G 53 -15.72 33.43 26.53
CA GLY G 53 -15.72 33.60 25.06
C GLY G 53 -16.22 32.34 24.36
N LEU G 54 -15.69 31.18 24.76
CA LEU G 54 -16.09 29.85 24.24
C LEU G 54 -17.59 29.62 24.48
N GLY G 55 -18.06 29.91 25.70
CA GLY G 55 -19.47 29.83 26.09
C GLY G 55 -20.36 30.65 25.18
N ALA G 56 -19.96 31.90 24.88
CA ALA G 56 -20.69 32.87 24.03
C ALA G 56 -20.78 32.33 22.60
N ALA G 57 -19.66 31.87 22.05
CA ALA G 57 -19.56 31.26 20.70
C ALA G 57 -20.58 30.11 20.59
N ARG G 58 -20.62 29.26 21.63
CA ARG G 58 -21.58 28.12 21.74
C ARG G 58 -23.02 28.64 21.62
N GLN G 59 -23.33 29.74 22.31
CA GLN G 59 -24.66 30.42 22.29
C GLN G 59 -24.98 30.84 20.86
N HIS G 60 -24.03 31.45 20.15
CA HIS G 60 -24.15 31.90 18.73
C HIS G 60 -24.54 30.71 17.85
N ALA G 61 -23.88 29.55 18.04
CA ALA G 61 -24.11 28.30 17.27
C ALA G 61 -25.52 27.77 17.52
N GLU G 62 -25.88 27.56 18.78
CA GLU G 62 -27.21 27.04 19.23
C GLU G 62 -28.32 27.84 18.54
N HIS G 63 -28.21 29.17 18.54
CA HIS G 63 -29.15 30.12 17.87
C HIS G 63 -29.18 29.83 16.37
N TYR G 64 -28.02 29.85 15.73
CA TYR G 64 -27.82 29.56 14.28
C TYR G 64 -28.52 28.23 13.94
N LEU G 65 -28.25 27.19 14.73
CA LEU G 65 -28.73 25.80 14.51
C LEU G 65 -30.24 25.70 14.80
N LYS G 66 -30.67 26.12 15.99
CA LYS G 66 -32.04 25.91 16.54
C LYS G 66 -33.06 26.85 15.85
N ASP G 67 -32.62 28.04 15.44
CA ASP G 67 -33.52 29.16 15.03
C ASP G 67 -33.25 29.58 13.58
N ILE G 68 -32.00 29.94 13.25
CA ILE G 68 -31.63 30.32 11.85
C ILE G 68 -32.01 29.18 10.89
N GLN G 69 -31.41 28.01 11.07
CA GLN G 69 -31.62 26.79 10.25
C GLN G 69 -33.11 26.49 10.15
N PRO G 70 -33.87 26.59 11.27
CA PRO G 70 -35.31 26.34 11.22
C PRO G 70 -36.06 27.35 10.33
N LEU G 71 -35.77 28.63 10.51
CA LEU G 71 -36.36 29.76 9.72
C LEU G 71 -36.07 29.54 8.23
N ILE G 72 -34.83 29.21 7.89
CA ILE G 72 -34.38 28.91 6.50
C ILE G 72 -35.25 27.78 5.92
N ILE G 73 -35.45 26.72 6.69
CA ILE G 73 -36.28 25.53 6.33
C ILE G 73 -37.70 25.99 6.01
N ARG G 74 -38.27 26.83 6.88
CA ARG G 74 -39.65 27.38 6.75
C ARG G 74 -39.78 28.08 5.39
N ASN G 75 -38.86 28.99 5.08
CA ASN G 75 -38.72 29.70 3.79
C ASN G 75 -38.97 28.78 2.58
N VAL G 76 -38.31 27.64 2.48
CA VAL G 76 -38.43 26.66 1.37
C VAL G 76 -39.88 26.17 1.30
N THR G 77 -40.46 25.78 2.44
CA THR G 77 -41.86 25.30 2.58
C THR G 77 -42.82 26.36 2.04
N ASN G 78 -42.67 27.61 2.51
CA ASN G 78 -43.48 28.78 2.08
C ASN G 78 -43.38 28.93 0.56
N ILE G 79 -42.16 28.87 0.02
CA ILE G 79 -41.84 28.93 -1.44
C ILE G 79 -42.59 27.79 -2.15
N GLN G 80 -42.49 26.58 -1.62
CA GLN G 80 -43.14 25.35 -2.15
C GLN G 80 -44.65 25.58 -2.24
N ASP G 81 -45.26 26.09 -1.18
CA ASP G 81 -46.71 26.39 -1.06
C ASP G 81 -47.10 27.45 -2.10
N TYR G 82 -46.26 28.48 -2.28
CA TYR G 82 -46.51 29.64 -3.18
C TYR G 82 -46.58 29.17 -4.64
N PHE G 83 -45.53 28.48 -5.10
CA PHE G 83 -45.41 27.92 -6.47
C PHE G 83 -46.53 26.90 -6.71
N GLU G 84 -46.93 26.18 -5.66
CA GLU G 84 -48.05 25.19 -5.69
C GLU G 84 -49.34 25.88 -6.13
N THR G 85 -49.66 27.02 -5.51
CA THR G 85 -50.86 27.85 -5.80
C THR G 85 -50.74 28.45 -7.21
N GLN G 86 -49.58 29.05 -7.53
CA GLN G 86 -49.26 29.68 -8.83
C GLN G 86 -49.64 28.75 -10.00
N ASN G 87 -49.19 27.49 -9.98
CA ASN G 87 -49.67 26.44 -10.93
C ASN G 87 -51.19 26.24 -10.85
N LEU G 88 -51.75 26.23 -9.62
CA LEU G 88 -53.19 25.96 -9.36
C LEU G 88 -54.07 27.06 -9.94
N ILE G 89 -53.49 28.23 -10.28
CA ILE G 89 -54.21 29.45 -10.76
C ILE G 89 -54.99 29.14 -12.04
N SER G 90 -54.32 28.67 -13.09
CA SER G 90 -54.93 28.28 -14.39
C SER G 90 -55.49 26.86 -14.28
N THR G 91 -54.97 26.04 -13.37
CA THR G 91 -55.45 24.66 -13.06
C THR G 91 -56.94 24.70 -12.72
N VAL G 92 -57.36 25.74 -12.00
CA VAL G 92 -58.79 25.96 -11.58
C VAL G 92 -59.49 26.85 -12.61
N MET G 93 -58.86 27.95 -13.04
CA MET G 93 -59.51 28.96 -13.93
C MET G 93 -59.74 28.31 -15.29
N PRO G 94 -61.01 28.00 -15.65
CA PRO G 94 -61.25 27.26 -16.90
C PRO G 94 -61.04 28.16 -18.13
N SER G 95 -61.19 27.58 -19.33
CA SER G 95 -61.40 28.30 -20.63
C SER G 95 -62.73 29.06 -20.63
N GLY G 96 -62.69 30.40 -20.55
CA GLY G 96 -63.90 31.25 -20.46
C GLY G 96 -64.18 31.66 -19.01
N ALA G 97 -63.15 32.30 -18.41
CA ALA G 97 -63.18 32.99 -17.10
C ALA G 97 -62.97 34.50 -17.25
N THR G 98 -63.47 35.28 -16.30
CA THR G 98 -63.45 36.77 -16.29
C THR G 98 -62.03 37.24 -15.99
N LYS G 99 -61.68 38.44 -16.48
CA LYS G 99 -60.36 39.08 -16.27
C LYS G 99 -60.20 39.41 -14.78
N GLU G 100 -61.28 39.85 -14.14
CA GLU G 100 -61.38 40.17 -12.69
C GLU G 100 -61.04 38.93 -11.87
N GLN G 101 -61.60 37.77 -12.23
CA GLN G 101 -61.38 36.46 -11.54
C GLN G 101 -59.90 36.12 -11.55
N TRP G 102 -59.23 36.26 -12.71
CA TRP G 102 -57.78 36.03 -12.89
C TRP G 102 -56.98 37.03 -12.05
N LEU G 103 -57.38 38.30 -12.06
CA LEU G 103 -56.72 39.41 -11.31
C LEU G 103 -56.79 39.15 -9.80
N SER G 104 -57.97 38.72 -9.30
CA SER G 104 -58.22 38.40 -7.88
C SER G 104 -57.28 37.28 -7.41
N ALA G 105 -57.25 36.17 -8.16
CA ALA G 105 -56.41 34.97 -7.91
C ALA G 105 -54.93 35.39 -7.85
N LEU G 106 -54.50 36.20 -8.84
CA LEU G 106 -53.11 36.75 -8.94
C LEU G 106 -52.83 37.62 -7.72
N GLY G 107 -53.72 38.56 -7.42
CA GLY G 107 -53.66 39.47 -6.25
C GLY G 107 -53.49 38.70 -4.96
N MET G 108 -54.27 37.63 -4.78
CA MET G 108 -54.19 36.72 -3.61
C MET G 108 -52.78 36.12 -3.54
N VAL G 109 -52.31 35.56 -4.66
CA VAL G 109 -50.95 34.95 -4.79
C VAL G 109 -49.89 36.02 -4.44
N SER G 110 -50.04 37.22 -5.01
CA SER G 110 -49.14 38.39 -4.81
C SER G 110 -49.05 38.72 -3.32
N ASP G 111 -50.19 38.83 -2.64
CA ASP G 111 -50.28 39.16 -1.19
C ASP G 111 -49.51 38.11 -0.38
N LYS G 112 -49.73 36.82 -0.67
CA LYS G 112 -49.07 35.68 0.02
C LYS G 112 -47.54 35.80 -0.14
N ALA G 113 -47.09 36.06 -1.38
CA ALA G 113 -45.66 36.21 -1.74
C ALA G 113 -45.05 37.39 -0.96
N LYS G 114 -45.77 38.50 -0.88
CA LYS G 114 -45.38 39.73 -0.15
C LYS G 114 -45.09 39.37 1.30
N GLU G 115 -46.01 38.67 1.96
CA GLU G 115 -45.87 38.19 3.37
C GLU G 115 -44.61 37.34 3.49
N TYR G 116 -44.42 36.40 2.56
CA TYR G 116 -43.25 35.49 2.48
C TYR G 116 -41.95 36.32 2.34
N GLN G 117 -41.99 37.32 1.45
CA GLN G 117 -40.87 38.25 1.19
C GLN G 117 -40.48 38.96 2.48
N GLU G 118 -41.46 39.55 3.17
CA GLU G 118 -41.31 40.26 4.47
C GLU G 118 -40.66 39.32 5.48
N VAL G 119 -41.12 38.08 5.55
CA VAL G 119 -40.58 37.01 6.46
C VAL G 119 -39.08 36.81 6.15
N SER G 120 -38.74 36.71 4.85
CA SER G 120 -37.36 36.52 4.35
C SER G 120 -36.46 37.67 4.82
N ALA G 121 -36.93 38.91 4.64
CA ALA G 121 -36.25 40.16 5.05
C ALA G 121 -36.00 40.13 6.57
N ASN G 122 -36.97 39.63 7.33
CA ASN G 122 -36.92 39.52 8.82
C ASN G 122 -35.75 38.61 9.22
N THR G 123 -35.67 37.42 8.61
CA THR G 123 -34.59 36.43 8.84
C THR G 123 -33.24 37.09 8.57
N ARG G 124 -33.13 37.81 7.46
CA ARG G 124 -31.91 38.53 7.01
C ARG G 124 -31.45 39.48 8.12
N ARG G 125 -32.37 40.30 8.64
CA ARG G 125 -32.13 41.29 9.72
C ARG G 125 -31.53 40.56 10.93
N THR G 126 -32.15 39.44 11.33
CA THR G 126 -31.70 38.56 12.43
C THR G 126 -30.24 38.17 12.17
N ILE G 127 -29.94 37.70 10.96
CA ILE G 127 -28.57 37.28 10.51
C ILE G 127 -27.62 38.46 10.66
N GLY G 128 -28.03 39.64 10.17
CA GLY G 128 -27.24 40.88 10.25
C GLY G 128 -26.80 41.18 11.68
N SER G 129 -27.76 41.13 12.62
CA SER G 129 -27.52 41.35 14.07
C SER G 129 -26.50 40.31 14.57
N LEU G 130 -26.74 39.04 14.24
CA LEU G 130 -25.85 37.90 14.61
C LEU G 130 -24.44 38.19 14.11
N ASN G 131 -24.30 38.60 12.85
CA ASN G 131 -23.02 38.95 12.19
C ASN G 131 -22.29 40.00 13.04
N ASP G 132 -22.97 41.11 13.33
CA ASP G 132 -22.43 42.25 14.13
C ASP G 132 -21.95 41.72 15.49
N LYS G 133 -22.81 40.95 16.17
CA LYS G 133 -22.55 40.37 17.51
C LYS G 133 -21.28 39.52 17.46
N LEU G 134 -21.21 38.61 16.49
CA LEU G 134 -20.09 37.67 16.26
C LEU G 134 -18.82 38.45 15.96
N ILE G 135 -18.87 39.45 15.06
CA ILE G 135 -17.72 40.33 14.70
C ILE G 135 -17.06 40.83 16.00
N ILE G 136 -17.86 41.48 16.86
CA ILE G 136 -17.42 42.07 18.16
C ILE G 136 -16.80 40.97 19.04
N ASP G 137 -17.47 39.81 19.11
CA ASP G 137 -17.04 38.64 19.92
C ASP G 137 -15.66 38.18 19.44
N SER G 138 -15.50 37.92 18.13
CA SER G 138 -14.26 37.45 17.47
C SER G 138 -13.11 38.42 17.76
N ASN G 139 -13.38 39.73 17.64
CA ASN G 139 -12.38 40.81 17.89
C ASN G 139 -11.87 40.71 19.33
N ASN G 140 -12.81 40.73 20.29
CA ASN G 140 -12.54 40.63 21.75
C ASN G 140 -11.71 39.37 22.03
N TYR G 141 -12.11 38.25 21.44
CA TYR G 141 -11.46 36.92 21.55
C TYR G 141 -10.00 37.05 21.12
N GLN G 142 -9.76 37.60 19.93
CA GLN G 142 -8.40 37.82 19.35
C GLN G 142 -7.56 38.62 20.36
N LEU G 143 -8.12 39.71 20.91
CA LEU G 143 -7.47 40.60 21.88
C LEU G 143 -7.00 39.78 23.10
N ILE G 144 -7.89 38.93 23.62
CA ILE G 144 -7.60 38.02 24.77
C ILE G 144 -6.45 37.08 24.40
N VAL G 145 -6.52 36.48 23.20
CA VAL G 145 -5.53 35.50 22.67
C VAL G 145 -4.14 36.16 22.66
N VAL G 146 -4.03 37.35 22.06
CA VAL G 146 -2.77 38.12 21.95
C VAL G 146 -2.24 38.42 23.36
N ASN G 147 -3.11 38.93 24.25
CA ASN G 147 -2.79 39.24 25.66
C ASN G 147 -2.19 37.99 26.33
N LEU G 148 -2.81 36.83 26.09
CA LEU G 148 -2.39 35.51 26.64
C LEU G 148 -1.05 35.10 26.02
N ASN G 149 -0.97 35.11 24.69
CA ASN G 149 0.24 34.75 23.90
C ASN G 149 1.45 35.52 24.44
N ASN G 150 1.27 36.82 24.69
CA ASN G 150 2.31 37.75 25.22
C ASN G 150 2.79 37.26 26.59
N VAL G 151 1.86 36.82 27.45
CA VAL G 151 2.12 36.38 28.85
C VAL G 151 3.05 35.16 28.84
N VAL G 152 2.74 34.15 27.99
CA VAL G 152 3.51 32.88 27.89
C VAL G 152 4.84 33.14 27.15
N ASN G 153 4.86 34.14 26.26
CA ASN G 153 5.98 34.42 25.31
C ASN G 153 7.05 35.27 26.00
N GLY G 154 8.30 35.07 25.59
CA GLY G 154 9.45 35.93 25.96
C GLY G 154 10.23 35.28 27.08
N ASN G 155 11.49 35.70 27.30
CA ASN G 155 12.39 35.18 28.36
C ASN G 155 11.73 35.30 29.75
N ASN G 156 10.80 36.25 29.91
CA ASN G 156 10.10 36.54 31.20
C ASN G 156 8.80 35.73 31.31
N GLY G 157 8.33 35.13 30.22
CA GLY G 157 7.01 34.50 30.11
C GLY G 157 7.07 33.10 30.68
N VAL G 158 5.93 32.57 31.18
CA VAL G 158 5.84 31.32 32.00
C VAL G 158 6.52 30.16 31.28
N LEU G 159 6.19 29.96 29.99
CA LEU G 159 6.68 28.83 29.15
C LEU G 159 8.22 28.81 29.12
N GLU G 160 8.84 30.00 29.02
CA GLU G 160 10.32 30.19 28.95
C GLU G 160 10.96 29.82 30.30
N GLN G 161 10.40 30.31 31.41
CA GLN G 161 10.86 30.03 32.79
C GLN G 161 10.78 28.51 33.05
N LEU G 162 9.79 27.83 32.46
CA LEU G 162 9.58 26.36 32.55
C LEU G 162 10.69 25.61 31.81
N ASN G 163 10.94 25.98 30.55
CA ASN G 163 12.00 25.39 29.68
C ASN G 163 13.37 25.60 30.34
N ARG G 164 13.59 26.75 30.97
CA ARG G 164 14.84 27.13 31.68
C ARG G 164 15.00 26.29 32.96
N ASP G 165 13.91 26.06 33.69
CA ASP G 165 13.87 25.22 34.93
C ASP G 165 14.09 23.75 34.54
N ILE G 166 13.42 23.28 33.47
CA ILE G 166 13.51 21.89 32.94
C ILE G 166 14.98 21.58 32.58
N ASP G 167 15.67 22.55 31.97
CA ASP G 167 17.11 22.49 31.62
C ASP G 167 17.95 22.35 32.89
N GLY G 168 17.64 23.15 33.92
CA GLY G 168 18.32 23.15 35.24
C GLY G 168 18.09 21.87 36.00
N ILE G 169 16.99 21.15 35.71
CA ILE G 169 16.58 19.88 36.39
C ILE G 169 17.41 18.70 35.83
N ASN G 170 17.43 18.56 34.51
CA ASN G 170 18.14 17.44 33.81
C ASN G 170 19.66 17.68 33.96
N ALA G 171 20.08 18.95 34.07
CA ALA G 171 21.48 19.41 34.23
C ALA G 171 22.06 18.86 35.55
N ALA G 172 21.34 19.07 36.66
CA ALA G 172 21.68 18.54 37.99
C ALA G 172 21.67 17.01 37.96
N ILE G 173 20.71 16.41 37.24
CA ILE G 173 20.52 14.93 37.05
C ILE G 173 21.77 14.34 36.40
N ASP G 174 22.29 15.00 35.35
CA ASP G 174 23.53 14.61 34.63
C ASP G 174 24.75 14.88 35.52
N GLY G 175 24.77 16.04 36.21
CA GLY G 175 25.83 16.46 37.15
C GLY G 175 26.05 15.44 38.25
N ALA G 176 24.98 14.80 38.71
CA ALA G 176 24.98 13.69 39.69
C ALA G 176 25.50 12.41 39.03
N ILE G 177 25.02 12.10 37.82
CA ILE G 177 25.42 10.90 37.01
C ILE G 177 26.94 10.96 36.78
N ALA G 178 27.48 12.15 36.49
CA ALA G 178 28.92 12.41 36.25
C ALA G 178 29.73 12.12 37.52
N GLY G 179 29.33 12.74 38.64
CA GLY G 179 29.97 12.58 39.96
C GLY G 179 30.00 11.13 40.41
N ILE G 180 28.94 10.37 40.12
CA ILE G 180 28.76 8.94 40.50
C ILE G 180 29.78 8.09 39.75
N VAL G 181 29.96 8.33 38.44
CA VAL G 181 30.93 7.61 37.58
C VAL G 181 32.35 7.99 38.03
N VAL G 182 32.64 9.30 38.00
CA VAL G 182 33.96 9.91 38.38
C VAL G 182 34.31 9.42 39.79
N GLY G 183 33.32 9.39 40.69
CA GLY G 183 33.44 8.91 42.08
C GLY G 183 33.90 7.47 42.13
N GLY G 184 33.28 6.59 41.34
CA GLY G 184 33.58 5.15 41.25
C GLY G 184 35.01 4.91 40.82
N LEU G 185 35.49 5.69 39.84
CA LEU G 185 36.89 5.61 39.32
C LEU G 185 37.87 6.12 40.38
N LEU G 186 37.59 7.30 40.96
CA LEU G 186 38.42 7.96 42.00
C LEU G 186 38.65 7.01 43.16
N VAL G 187 37.58 6.36 43.63
CA VAL G 187 37.61 5.35 44.74
C VAL G 187 38.47 4.16 44.30
N ILE G 188 38.21 3.63 43.10
CA ILE G 188 38.94 2.47 42.50
C ILE G 188 40.44 2.79 42.46
N GLY G 189 40.80 3.93 41.87
CA GLY G 189 42.19 4.41 41.79
C GLY G 189 42.80 4.65 43.17
N GLY G 190 42.03 5.31 44.04
CA GLY G 190 42.42 5.63 45.42
C GLY G 190 42.80 4.38 46.21
N ALA G 191 42.01 3.31 46.07
CA ALA G 191 42.20 2.00 46.74
C ALA G 191 43.53 1.40 46.31
N ILE G 192 43.81 1.37 45.00
CA ILE G 192 45.06 0.83 44.40
C ILE G 192 46.26 1.61 44.94
N VAL G 193 46.15 2.96 44.97
CA VAL G 193 47.22 3.88 45.43
C VAL G 193 47.45 3.67 46.94
N THR G 194 46.37 3.74 47.73
CA THR G 194 46.37 3.57 49.20
C THR G 194 47.06 2.25 49.57
N ALA G 195 46.68 1.15 48.90
CA ALA G 195 47.23 -0.21 49.11
C ALA G 195 48.74 -0.20 48.83
N ILE G 196 49.16 0.44 47.73
CA ILE G 196 50.59 0.58 47.33
C ILE G 196 51.33 1.36 48.41
N GLY G 197 50.82 2.56 48.75
CA GLY G 197 51.40 3.45 49.75
C GLY G 197 51.55 2.78 51.11
N ALA G 198 50.59 1.92 51.48
CA ALA G 198 50.52 1.21 52.79
C ALA G 198 51.60 0.15 52.86
N VAL G 199 51.84 -0.57 51.76
CA VAL G 199 52.84 -1.69 51.67
C VAL G 199 54.26 -1.09 51.68
N ALA G 200 54.41 0.14 51.17
CA ALA G 200 55.69 0.88 51.11
C ALA G 200 55.99 1.55 52.46
N GLY G 201 54.96 1.80 53.27
CA GLY G 201 55.06 2.32 54.64
C GLY G 201 55.43 1.22 55.62
N LEU G 202 55.30 -0.05 55.21
CA LEU G 202 55.66 -1.26 56.00
C LEU G 202 57.10 -1.70 55.67
N VAL G 203 57.88 -0.81 55.05
CA VAL G 203 59.37 -0.78 55.07
C VAL G 203 59.88 0.63 55.41
N THR G 204 59.79 1.01 56.69
CA THR G 204 60.15 2.34 57.24
C THR G 204 61.09 2.21 58.44
N THR G 207 57.47 6.00 55.43
CA THR G 207 58.27 6.66 54.36
C THR G 207 57.39 7.08 53.18
N SER G 208 56.38 6.28 52.85
CA SER G 208 55.42 6.45 51.73
C SER G 208 54.06 6.86 52.31
N THR G 209 54.05 7.89 53.16
CA THR G 209 52.85 8.36 53.92
C THR G 209 52.04 9.31 53.05
N PRO G 210 52.71 10.16 52.25
CA PRO G 210 51.99 11.12 51.40
C PRO G 210 51.14 10.44 50.31
N VAL G 211 51.66 9.32 49.77
CA VAL G 211 50.99 8.48 48.72
C VAL G 211 49.70 7.89 49.30
N VAL G 212 49.79 7.31 50.50
CA VAL G 212 48.65 6.70 51.24
C VAL G 212 47.59 7.77 51.49
N MET G 213 48.00 8.97 51.91
CA MET G 213 47.12 10.13 52.19
C MET G 213 46.34 10.50 50.92
N GLY G 214 47.05 10.69 49.81
CA GLY G 214 46.47 10.99 48.49
C GLY G 214 45.49 9.91 48.05
N GLY G 215 45.83 8.64 48.30
CA GLY G 215 44.99 7.46 48.00
C GLY G 215 43.72 7.45 48.83
N ILE G 216 43.84 7.74 50.12
CA ILE G 216 42.71 7.81 51.11
C ILE G 216 41.81 8.98 50.71
N ALA G 217 42.40 10.13 50.39
CA ALA G 217 41.70 11.36 49.95
C ALA G 217 40.86 11.07 48.69
N MET G 218 41.49 10.42 47.69
CA MET G 218 40.85 10.02 46.41
C MET G 218 39.66 9.10 46.70
N MET G 219 39.86 8.12 47.59
CA MET G 219 38.82 7.16 48.06
C MET G 219 37.68 7.94 48.71
N THR G 220 38.01 8.81 49.67
CA THR G 220 37.06 9.64 50.46
C THR G 220 36.21 10.48 49.51
N ALA G 221 36.86 11.23 48.60
CA ALA G 221 36.22 12.11 47.61
C ALA G 221 35.31 11.28 46.69
N GLY G 222 35.82 10.14 46.21
CA GLY G 222 35.08 9.19 45.35
C GLY G 222 33.77 8.77 45.99
N ALA G 223 33.82 8.39 47.27
CA ALA G 223 32.65 7.97 48.08
C ALA G 223 31.68 9.14 48.23
N GLY G 224 32.21 10.31 48.61
CA GLY G 224 31.43 11.56 48.80
C GLY G 224 30.63 11.91 47.57
N GLY G 225 31.28 11.88 46.39
CA GLY G 225 30.64 12.16 45.10
C GLY G 225 29.52 11.18 44.78
N VAL G 226 29.80 9.88 45.00
CA VAL G 226 28.85 8.75 44.76
C VAL G 226 27.62 8.92 45.66
N ILE G 227 27.84 9.28 46.94
CA ILE G 227 26.78 9.47 47.96
C ILE G 227 25.94 10.69 47.61
N GLY G 228 26.61 11.86 47.43
CA GLY G 228 25.95 13.14 47.10
C GLY G 228 25.10 13.03 45.85
N GLY G 229 25.64 12.41 44.79
CA GLY G 229 24.95 12.19 43.51
C GLY G 229 23.67 11.36 43.68
N ALA G 230 23.76 10.28 44.45
CA ALA G 230 22.65 9.34 44.74
C ALA G 230 21.48 10.09 45.40
N ILE G 231 21.80 10.93 46.39
CA ILE G 231 20.83 11.77 47.15
C ILE G 231 20.12 12.70 46.15
N VAL G 232 20.90 13.43 45.35
CA VAL G 232 20.40 14.39 44.32
C VAL G 232 19.53 13.64 43.31
N LEU G 233 20.03 12.52 42.78
CA LEU G 233 19.36 11.70 41.74
C LEU G 233 17.97 11.27 42.22
N ASP G 234 17.92 10.60 43.39
CA ASP G 234 16.69 10.09 44.03
C ASP G 234 15.66 11.23 44.16
N LYS G 235 16.13 12.43 44.53
CA LYS G 235 15.29 13.64 44.72
C LYS G 235 14.89 14.23 43.36
N SER G 236 15.82 14.24 42.39
CA SER G 236 15.68 14.92 41.08
C SER G 236 14.65 14.24 40.20
N LEU G 237 14.66 12.90 40.12
CA LEU G 237 13.91 12.08 39.14
C LEU G 237 12.41 12.40 39.17
N SER G 238 11.85 12.68 40.36
CA SER G 238 10.40 12.97 40.58
C SER G 238 10.02 14.38 40.08
N ALA G 239 11.00 15.28 40.05
CA ALA G 239 10.83 16.73 39.83
C ALA G 239 10.78 17.02 38.33
N ARG G 240 11.65 16.39 37.55
CA ARG G 240 11.75 16.58 36.06
C ARG G 240 10.40 16.23 35.40
N GLU G 241 9.78 15.12 35.83
CA GLU G 241 8.49 14.60 35.29
C GLU G 241 7.37 15.63 35.48
N LYS G 242 7.29 16.22 36.67
CA LYS G 242 6.28 17.26 37.05
C LYS G 242 6.39 18.47 36.11
N LEU G 243 7.63 18.94 35.88
CA LEU G 243 7.95 20.11 35.02
C LEU G 243 7.51 19.84 33.56
N TYR G 244 7.87 18.66 33.03
CA TYR G 244 7.55 18.21 31.66
C TYR G 244 6.02 18.13 31.46
N ARG G 245 5.32 17.57 32.45
CA ARG G 245 3.84 17.42 32.46
C ARG G 245 3.18 18.80 32.31
N ASP G 246 3.65 19.78 33.10
CA ASP G 246 3.17 21.19 33.09
C ASP G 246 3.42 21.81 31.70
N ARG G 247 4.62 21.60 31.15
CA ARG G 247 5.03 22.13 29.82
C ARG G 247 4.05 21.65 28.73
N SER G 248 3.81 20.34 28.69
CA SER G 248 2.89 19.67 27.74
C SER G 248 1.46 20.20 27.91
N GLN G 249 1.00 20.29 29.16
CA GLN G 249 -0.36 20.80 29.53
C GLN G 249 -0.53 22.22 29.01
N LEU G 250 0.45 23.10 29.23
CA LEU G 250 0.46 24.51 28.78
C LEU G 250 0.43 24.56 27.25
N ASN G 251 1.25 23.72 26.59
CA ASN G 251 1.32 23.61 25.11
C ASN G 251 -0.06 23.26 24.55
N SER G 252 -0.71 22.25 25.12
CA SER G 252 -2.07 21.77 24.75
C SER G 252 -3.10 22.89 24.94
N GLU G 253 -3.09 23.53 26.11
CA GLU G 253 -4.01 24.64 26.49
C GLU G 253 -3.90 25.77 25.46
N VAL G 254 -2.66 26.18 25.13
CA VAL G 254 -2.35 27.25 24.14
C VAL G 254 -2.95 26.88 22.78
N LEU G 255 -2.72 25.63 22.34
CA LEU G 255 -3.24 25.08 21.06
C LEU G 255 -4.77 25.16 21.04
N VAL G 256 -5.41 24.68 22.11
CA VAL G 256 -6.89 24.68 22.30
C VAL G 256 -7.41 26.11 22.13
N ALA G 257 -6.77 27.07 22.80
CA ALA G 257 -7.10 28.52 22.75
C ALA G 257 -6.99 29.01 21.31
N SER G 258 -5.88 28.69 20.64
CA SER G 258 -5.60 29.04 19.23
C SER G 258 -6.65 28.39 18.30
N GLN G 259 -7.16 27.22 18.70
CA GLN G 259 -8.18 26.45 17.95
C GLN G 259 -9.52 27.18 18.00
N ILE G 260 -10.05 27.46 19.20
CA ILE G 260 -11.34 28.16 19.41
C ILE G 260 -11.33 29.52 18.72
N GLY G 261 -10.21 30.23 18.74
CA GLY G 261 -10.05 31.55 18.07
C GLY G 261 -10.24 31.44 16.56
N SER G 262 -9.52 30.50 15.95
CA SER G 262 -9.62 30.16 14.49
C SER G 262 -11.06 29.71 14.21
N GLY G 263 -11.65 28.89 15.09
CA GLY G 263 -13.02 28.37 14.98
C GLY G 263 -14.06 29.47 14.90
N TYR G 264 -14.00 30.43 15.83
CA TYR G 264 -14.88 31.63 15.89
C TYR G 264 -14.74 32.42 14.59
N ARG G 265 -13.51 32.63 14.14
CA ARG G 265 -13.15 33.32 12.87
C ARG G 265 -13.87 32.64 11.70
N GLY G 266 -13.79 31.30 11.63
CA GLY G 266 -14.47 30.46 10.61
C GLY G 266 -15.98 30.61 10.69
N LEU G 267 -16.54 30.65 11.90
CA LEU G 267 -17.99 30.86 12.17
C LEU G 267 -18.41 32.23 11.64
N GLN G 268 -17.59 33.26 11.91
CA GLN G 268 -17.82 34.67 11.48
C GLN G 268 -17.96 34.74 9.94
N THR G 269 -17.05 34.06 9.23
CA THR G 269 -17.04 33.93 7.75
C THR G 269 -18.34 33.25 7.29
N GLN G 270 -18.70 32.13 7.93
CA GLN G 270 -19.92 31.32 7.62
C GLN G 270 -21.16 32.22 7.70
N ALA G 271 -21.23 33.09 8.72
CA ALA G 271 -22.34 34.04 8.95
C ALA G 271 -22.34 35.13 7.86
N GLN G 272 -21.16 35.69 7.57
CA GLN G 272 -20.96 36.74 6.52
C GLN G 272 -21.51 36.24 5.18
N SER G 273 -21.20 34.99 4.82
CA SER G 273 -21.64 34.31 3.58
C SER G 273 -23.16 34.09 3.61
N ALA G 274 -23.69 33.61 4.75
CA ALA G 274 -25.13 33.37 5.00
C ALA G 274 -25.90 34.69 4.81
N VAL G 275 -25.30 35.80 5.26
CA VAL G 275 -25.88 37.18 5.11
C VAL G 275 -26.11 37.47 3.62
N THR G 276 -25.07 37.23 2.79
CA THR G 276 -25.09 37.40 1.32
C THR G 276 -26.17 36.49 0.71
N ALA G 277 -26.23 35.23 1.15
CA ALA G 277 -27.20 34.20 0.71
C ALA G 277 -28.63 34.70 1.00
N ALA G 278 -28.86 35.23 2.21
CA ALA G 278 -30.17 35.75 2.67
C ALA G 278 -30.57 36.97 1.83
N THR G 279 -29.67 37.96 1.73
CA THR G 279 -29.83 39.19 0.92
C THR G 279 -30.27 38.81 -0.50
N GLN G 280 -29.62 37.79 -1.07
CA GLN G 280 -29.94 37.22 -2.41
C GLN G 280 -31.38 36.73 -2.44
N MET G 281 -31.80 35.95 -1.43
CA MET G 281 -33.16 35.38 -1.29
C MET G 281 -34.19 36.53 -1.18
N ASN G 282 -33.84 37.59 -0.46
CA ASN G 282 -34.69 38.80 -0.27
C ASN G 282 -34.94 39.47 -1.62
N ASN G 283 -33.89 39.64 -2.43
CA ASN G 283 -33.95 40.25 -3.78
C ASN G 283 -34.80 39.38 -4.71
N ALA G 284 -34.68 38.05 -4.61
CA ALA G 284 -35.40 37.05 -5.43
C ALA G 284 -36.91 37.17 -5.21
N TRP G 285 -37.33 37.15 -3.93
CA TRP G 285 -38.75 37.31 -3.53
C TRP G 285 -39.28 38.69 -3.96
N ASP G 286 -38.48 39.74 -3.75
CA ASP G 286 -38.80 41.14 -4.14
C ASP G 286 -39.09 41.21 -5.63
N SER G 287 -38.27 40.54 -6.45
CA SER G 287 -38.40 40.44 -7.93
C SER G 287 -39.72 39.74 -8.29
N LEU G 288 -40.00 38.59 -7.68
CA LEU G 288 -41.23 37.79 -7.88
C LEU G 288 -42.47 38.65 -7.57
N THR G 289 -42.43 39.39 -6.45
CA THR G 289 -43.50 40.31 -5.98
C THR G 289 -43.75 41.39 -7.04
N SER G 290 -42.68 42.02 -7.52
CA SER G 290 -42.69 43.08 -8.56
C SER G 290 -43.25 42.52 -9.88
N GLU G 291 -42.77 41.34 -10.30
CA GLU G 291 -43.18 40.64 -11.56
C GLU G 291 -44.69 40.37 -11.53
N LEU G 292 -45.21 39.97 -10.36
CA LEU G 292 -46.67 39.73 -10.13
C LEU G 292 -47.44 41.05 -10.30
N GLU G 293 -46.95 42.13 -9.69
CA GLU G 293 -47.54 43.50 -9.76
C GLU G 293 -47.63 43.95 -11.22
N THR G 294 -46.60 43.69 -12.02
CA THR G 294 -46.49 44.04 -13.46
C THR G 294 -47.55 43.28 -14.27
N LEU G 295 -47.67 41.97 -14.03
CA LEU G 295 -48.68 41.08 -14.67
C LEU G 295 -50.08 41.59 -14.33
N ASN G 296 -50.30 41.96 -13.05
CA ASN G 296 -51.59 42.50 -12.53
C ASN G 296 -51.94 43.80 -13.27
N ALA G 297 -50.96 44.72 -13.36
CA ALA G 297 -51.09 46.02 -14.08
C ALA G 297 -51.33 45.76 -15.57
N ASN G 298 -50.57 44.85 -16.17
CA ASN G 298 -50.72 44.42 -17.59
C ASN G 298 -52.13 43.88 -17.81
N LEU G 299 -52.61 43.05 -16.88
CA LEU G 299 -53.98 42.44 -16.89
C LEU G 299 -55.04 43.55 -16.80
N ARG G 300 -55.05 44.31 -15.70
CA ARG G 300 -56.07 45.33 -15.35
C ARG G 300 -56.35 46.27 -16.52
N LYS G 301 -55.29 46.78 -17.17
CA LYS G 301 -55.35 47.75 -18.29
C LYS G 301 -55.93 47.10 -19.56
N GLY G 302 -55.98 45.77 -19.61
CA GLY G 302 -56.46 44.97 -20.75
C GLY G 302 -55.36 44.61 -21.73
N ILE G 303 -54.08 44.69 -21.30
CA ILE G 303 -52.87 44.41 -22.14
C ILE G 303 -52.70 42.88 -22.26
N ILE G 304 -52.90 42.16 -21.15
CA ILE G 304 -52.91 40.67 -21.07
C ILE G 304 -54.36 40.18 -21.14
N ASP G 305 -54.54 38.87 -21.30
CA ASP G 305 -55.86 38.17 -21.27
C ASP G 305 -55.70 36.85 -20.49
N ASP G 306 -56.76 36.43 -19.78
CA ASP G 306 -56.81 35.20 -18.93
C ASP G 306 -56.71 33.92 -19.78
N SER G 307 -56.84 34.04 -21.10
CA SER G 307 -56.51 33.01 -22.12
C SER G 307 -54.99 32.77 -22.23
N PHE G 308 -54.23 33.83 -22.53
CA PHE G 308 -52.78 33.83 -22.81
C PHE G 308 -51.95 33.66 -21.53
N LEU G 309 -52.29 34.37 -20.44
CA LEU G 309 -51.56 34.33 -19.13
C LEU G 309 -51.59 32.91 -18.55
N ARG G 310 -52.65 32.14 -18.86
CA ARG G 310 -52.82 30.72 -18.45
C ARG G 310 -51.77 29.84 -19.13
N GLN G 311 -51.64 29.96 -20.46
CA GLN G 311 -50.65 29.22 -21.29
C GLN G 311 -49.22 29.58 -20.85
N LEU G 312 -49.01 30.83 -20.39
CA LEU G 312 -47.70 31.36 -19.90
C LEU G 312 -47.26 30.61 -18.64
N PHE G 313 -48.14 30.55 -17.63
CA PHE G 313 -47.91 29.85 -16.33
C PHE G 313 -47.81 28.33 -16.57
N LEU G 314 -48.59 27.80 -17.52
CA LEU G 314 -48.67 26.35 -17.87
C LEU G 314 -47.37 25.89 -18.54
N THR G 315 -46.76 26.74 -19.38
CA THR G 315 -45.46 26.50 -20.05
C THR G 315 -44.32 26.52 -19.02
N ALA G 316 -44.36 27.46 -18.07
CA ALA G 316 -43.40 27.61 -16.94
C ALA G 316 -43.46 26.38 -16.04
N SER G 317 -44.67 25.85 -15.80
CA SER G 317 -44.95 24.61 -15.04
C SER G 317 -44.38 23.39 -15.78
N GLN G 318 -44.49 23.37 -17.12
CA GLN G 318 -43.91 22.33 -18.00
C GLN G 318 -42.39 22.30 -17.82
N THR G 319 -41.78 23.49 -17.58
CA THR G 319 -40.31 23.68 -17.41
C THR G 319 -39.95 24.19 -16.01
N SER G 320 -39.65 25.49 -15.90
CA SER G 320 -39.04 26.16 -14.72
C SER G 320 -39.67 25.64 -13.43
N VAL G 321 -41.01 25.70 -13.33
CA VAL G 321 -41.80 25.41 -12.09
C VAL G 321 -41.55 23.97 -11.63
N THR G 322 -41.54 23.02 -12.59
CA THR G 322 -41.23 21.58 -12.36
C THR G 322 -39.78 21.45 -11.89
N LYS G 323 -38.85 22.18 -12.52
CA LYS G 323 -37.38 22.18 -12.23
C LYS G 323 -37.11 22.70 -10.82
N VAL G 324 -37.89 23.68 -10.36
CA VAL G 324 -37.80 24.26 -8.98
C VAL G 324 -38.36 23.24 -7.98
N LEU G 325 -39.53 22.64 -8.27
CA LEU G 325 -40.21 21.62 -7.42
C LEU G 325 -39.28 20.43 -7.17
N ASP G 326 -38.53 20.04 -8.20
CA ASP G 326 -37.49 18.96 -8.14
C ASP G 326 -36.35 19.42 -7.22
N GLY G 327 -35.81 20.62 -7.45
CA GLY G 327 -34.74 21.25 -6.65
C GLY G 327 -35.10 21.30 -5.17
N THR G 328 -36.38 21.53 -4.86
CA THR G 328 -36.94 21.55 -3.48
C THR G 328 -36.82 20.16 -2.84
N LYS G 329 -37.37 19.14 -3.50
CA LYS G 329 -37.33 17.72 -3.05
C LYS G 329 -35.86 17.30 -2.86
N ILE G 330 -34.96 17.75 -3.75
CA ILE G 330 -33.50 17.42 -3.75
C ILE G 330 -32.83 18.02 -2.51
N ILE G 331 -33.06 19.31 -2.25
CA ILE G 331 -32.53 20.05 -1.07
C ILE G 331 -33.04 19.38 0.22
N LYS G 332 -34.32 19.02 0.26
CA LYS G 332 -34.99 18.33 1.40
C LYS G 332 -34.25 17.04 1.74
N GLN G 333 -33.82 16.29 0.71
CA GLN G 333 -33.04 15.04 0.83
C GLN G 333 -31.62 15.35 1.34
N GLN G 334 -30.97 16.37 0.76
CA GLN G 334 -29.55 16.79 1.02
C GLN G 334 -29.36 17.12 2.50
N MET G 335 -30.38 17.66 3.17
CA MET G 335 -30.42 17.91 4.63
C MET G 335 -30.56 16.58 5.38
N ALA G 336 -31.52 15.73 4.97
CA ALA G 336 -31.83 14.40 5.55
C ALA G 336 -30.65 13.43 5.35
N GLY G 337 -30.01 13.50 4.18
CA GLY G 337 -29.03 12.51 3.69
C GLY G 337 -29.72 11.28 3.09
N VAL G 338 -30.94 11.46 2.56
CA VAL G 338 -31.83 10.37 2.04
C VAL G 338 -31.91 10.40 0.51
N MET H 8 -13.36 13.36 -45.23
CA MET H 8 -13.79 14.54 -44.42
C MET H 8 -13.76 14.20 -42.93
N ASN H 9 -14.23 13.01 -42.56
CA ASN H 9 -14.33 12.53 -41.14
C ASN H 9 -12.94 12.53 -40.50
N ASP H 10 -11.91 12.08 -41.24
CA ASP H 10 -10.51 11.93 -40.75
C ASP H 10 -9.91 13.30 -40.40
N GLY H 11 -10.15 14.31 -41.26
CA GLY H 11 -9.67 15.68 -41.08
C GLY H 11 -10.37 16.40 -39.95
N MET H 12 -11.69 16.25 -39.84
CA MET H 12 -12.56 16.93 -38.82
C MET H 12 -12.19 16.43 -37.42
N ASN H 13 -12.00 15.12 -37.26
CA ASN H 13 -11.66 14.46 -35.97
C ASN H 13 -10.27 14.92 -35.51
N ALA H 14 -9.27 14.77 -36.38
CA ALA H 14 -7.84 15.15 -36.12
C ALA H 14 -7.75 16.61 -35.69
N GLN H 15 -8.52 17.49 -36.33
CA GLN H 15 -8.62 18.95 -36.03
C GLN H 15 -9.27 19.15 -34.64
N SER H 16 -10.20 18.28 -34.27
CA SER H 16 -11.01 18.36 -33.03
C SER H 16 -10.17 17.98 -31.80
N SER H 17 -9.33 16.93 -31.90
CA SER H 17 -8.34 16.57 -30.86
C SER H 17 -7.24 17.62 -30.81
N GLN H 18 -6.68 17.99 -31.98
CA GLN H 18 -5.67 19.08 -32.14
C GLN H 18 -6.12 20.33 -31.38
N ALA H 19 -7.37 20.75 -31.59
CA ALA H 19 -7.98 21.99 -31.04
C ALA H 19 -7.99 21.95 -29.51
N LEU H 20 -8.48 20.83 -28.94
CA LEU H 20 -8.57 20.61 -27.47
C LEU H 20 -7.17 20.69 -26.84
N HIS H 21 -6.17 20.10 -27.49
CA HIS H 21 -4.73 20.10 -27.08
C HIS H 21 -4.22 21.54 -26.96
N ILE H 22 -4.55 22.39 -27.95
CA ILE H 22 -4.19 23.83 -27.98
C ILE H 22 -5.02 24.58 -26.94
N GLN H 23 -6.32 24.29 -26.87
CA GLN H 23 -7.28 24.90 -25.89
C GLN H 23 -6.77 24.72 -24.46
N THR H 24 -6.28 23.51 -24.15
CA THR H 24 -5.69 23.12 -22.84
C THR H 24 -4.40 23.93 -22.62
N TYR H 25 -3.48 23.91 -23.58
CA TYR H 25 -2.18 24.64 -23.56
C TYR H 25 -2.42 26.13 -23.36
N CYS H 26 -3.49 26.66 -23.96
CA CYS H 26 -3.89 28.10 -23.91
C CYS H 26 -4.25 28.50 -22.46
N ASN H 27 -5.23 27.82 -21.87
CA ASN H 27 -5.71 28.07 -20.49
C ASN H 27 -4.55 27.88 -19.50
N SER H 28 -3.68 26.89 -19.75
CA SER H 28 -2.49 26.55 -18.93
C SER H 28 -1.50 27.73 -18.89
N VAL H 29 -1.21 28.30 -20.07
CA VAL H 29 -0.30 29.48 -20.25
C VAL H 29 -0.90 30.68 -19.52
N ARG H 30 -2.23 30.85 -19.58
CA ARG H 30 -2.98 31.92 -18.87
C ARG H 30 -2.67 31.87 -17.37
N GLN H 31 -2.51 30.65 -16.81
CA GLN H 31 -2.24 30.40 -15.37
C GLN H 31 -0.76 30.69 -15.03
N GLN H 32 0.10 30.81 -16.04
CA GLN H 32 1.54 31.19 -15.86
C GLN H 32 1.61 32.54 -15.15
N ILE H 33 2.06 32.56 -13.90
CA ILE H 33 2.06 33.76 -13.01
C ILE H 33 3.30 34.61 -13.29
N PRO H 34 3.19 35.94 -13.20
CA PRO H 34 4.36 36.82 -13.31
C PRO H 34 5.21 36.80 -12.04
N VAL H 35 6.53 36.78 -12.19
CA VAL H 35 7.51 36.78 -11.06
C VAL H 35 8.11 38.19 -10.88
N ASP H 36 8.40 38.56 -9.64
CA ASP H 36 8.84 39.92 -9.23
C ASP H 36 10.17 39.81 -8.48
N PHE H 37 11.26 40.18 -9.16
CA PHE H 37 12.64 40.23 -8.60
C PHE H 37 12.81 41.56 -7.86
N GLY H 38 11.73 42.07 -7.26
CA GLY H 38 11.69 43.35 -6.52
C GLY H 38 12.83 43.51 -5.54
N ARG H 39 13.26 42.42 -4.90
CA ARG H 39 14.38 42.41 -3.91
C ARG H 39 15.73 42.61 -4.62
N PHE H 40 15.85 42.16 -5.87
CA PHE H 40 17.09 42.21 -6.70
C PHE H 40 17.09 43.48 -7.56
N PRO H 41 17.99 44.44 -7.27
CA PRO H 41 18.03 45.70 -8.02
C PRO H 41 18.53 45.54 -9.46
N ASN H 42 19.41 44.57 -9.70
CA ASN H 42 20.07 44.32 -11.02
C ASN H 42 19.10 43.63 -12.00
N LEU H 43 18.01 43.02 -11.51
CA LEU H 43 17.04 42.23 -12.31
C LEU H 43 15.76 43.03 -12.56
N ARG H 44 15.82 44.37 -12.39
CA ARG H 44 14.72 45.32 -12.67
C ARG H 44 14.27 45.16 -14.13
N GLU H 45 15.21 45.25 -15.09
CA GLU H 45 14.95 45.12 -16.54
C GLU H 45 14.40 43.72 -16.85
N SER H 46 15.00 42.69 -16.26
CA SER H 46 14.64 41.26 -16.43
C SER H 46 13.14 41.06 -16.11
N GLU H 47 12.71 41.54 -14.93
CA GLU H 47 11.32 41.40 -14.42
C GLU H 47 10.32 42.02 -15.42
N ARG H 48 10.57 43.28 -15.80
CA ARG H 48 9.72 44.06 -16.74
C ARG H 48 9.65 43.33 -18.08
N GLN H 49 10.81 42.94 -18.63
CA GLN H 49 10.94 42.20 -19.91
C GLN H 49 10.09 40.91 -19.82
N ILE H 50 10.29 40.13 -18.75
CA ILE H 50 9.55 38.87 -18.47
C ILE H 50 8.04 39.17 -18.45
N ASN H 51 7.63 40.15 -17.65
CA ASN H 51 6.22 40.56 -17.46
C ASN H 51 5.58 40.87 -18.81
N THR H 52 6.24 41.70 -19.62
CA THR H 52 5.79 42.12 -20.98
C THR H 52 5.59 40.89 -21.85
N GLY H 53 6.63 40.06 -22.00
CA GLY H 53 6.61 38.81 -22.78
C GLY H 53 5.46 37.91 -22.37
N LEU H 54 5.27 37.73 -21.06
CA LEU H 54 4.17 36.95 -20.45
C LEU H 54 2.83 37.53 -20.90
N GLY H 55 2.68 38.85 -20.80
CA GLY H 55 1.48 39.60 -21.24
C GLY H 55 1.14 39.32 -22.68
N ALA H 56 2.14 39.34 -23.57
CA ALA H 56 2.01 39.12 -25.03
C ALA H 56 1.54 37.68 -25.30
N ALA H 57 2.19 36.70 -24.65
CA ALA H 57 1.85 35.27 -24.74
C ALA H 57 0.37 35.07 -24.37
N ARG H 58 -0.08 35.73 -23.29
CA ARG H 58 -1.48 35.73 -22.80
C ARG H 58 -2.42 36.20 -23.93
N GLN H 59 -2.04 37.27 -24.62
CA GLN H 59 -2.78 37.85 -25.78
C GLN H 59 -2.93 36.78 -26.87
N HIS H 60 -1.85 36.08 -27.20
CA HIS H 60 -1.80 34.99 -28.21
C HIS H 60 -2.82 33.90 -27.85
N ALA H 61 -2.87 33.51 -26.57
CA ALA H 61 -3.76 32.46 -26.02
C ALA H 61 -5.23 32.88 -26.15
N GLU H 62 -5.58 34.05 -25.61
CA GLU H 62 -6.94 34.63 -25.62
C GLU H 62 -7.50 34.59 -27.04
N HIS H 63 -6.70 35.01 -28.03
CA HIS H 63 -7.05 34.98 -29.47
C HIS H 63 -7.32 33.53 -29.89
N TYR H 64 -6.35 32.64 -29.66
CA TYR H 64 -6.45 31.18 -29.97
C TYR H 64 -7.75 30.63 -29.40
N LEU H 65 -8.02 30.92 -28.12
CA LEU H 65 -9.17 30.39 -27.35
C LEU H 65 -10.48 31.04 -27.83
N LYS H 66 -10.55 32.36 -27.82
CA LYS H 66 -11.79 33.16 -28.03
C LYS H 66 -12.20 33.14 -29.51
N ASP H 67 -11.24 33.08 -30.44
CA ASP H 67 -11.44 33.35 -31.89
C ASP H 67 -11.09 32.14 -32.75
N ILE H 68 -9.87 31.60 -32.60
CA ILE H 68 -9.45 30.36 -33.34
C ILE H 68 -10.45 29.23 -33.05
N GLN H 69 -10.55 28.83 -31.78
CA GLN H 69 -11.44 27.74 -31.28
C GLN H 69 -12.87 28.00 -31.75
N PRO H 70 -13.37 29.25 -31.69
CA PRO H 70 -14.72 29.54 -32.17
C PRO H 70 -14.88 29.30 -33.68
N LEU H 71 -13.94 29.80 -34.48
CA LEU H 71 -13.91 29.64 -35.96
C LEU H 71 -13.90 28.15 -36.31
N ILE H 72 -13.06 27.37 -35.63
CA ILE H 72 -12.95 25.88 -35.79
C ILE H 72 -14.33 25.25 -35.57
N ILE H 73 -15.01 25.65 -34.49
CA ILE H 73 -16.37 25.18 -34.10
C ILE H 73 -17.36 25.48 -35.24
N ARG H 74 -17.31 26.71 -35.78
CA ARG H 74 -18.19 27.18 -36.89
C ARG H 74 -18.04 26.22 -38.08
N ASN H 75 -16.81 25.96 -38.51
CA ASN H 75 -16.41 24.97 -39.55
C ASN H 75 -17.24 23.68 -39.47
N VAL H 76 -17.29 23.02 -38.31
CA VAL H 76 -18.04 21.76 -38.07
C VAL H 76 -19.53 21.97 -38.38
N THR H 77 -20.10 23.05 -37.84
CA THR H 77 -21.53 23.45 -38.03
C THR H 77 -21.82 23.59 -39.54
N ASN H 78 -20.98 24.34 -40.25
CA ASN H 78 -21.07 24.57 -41.72
C ASN H 78 -21.05 23.22 -42.43
N ILE H 79 -20.10 22.36 -42.06
CA ILE H 79 -19.94 20.96 -42.59
C ILE H 79 -21.24 20.19 -42.33
N GLN H 80 -21.75 20.26 -41.10
CA GLN H 80 -23.02 19.59 -40.65
C GLN H 80 -24.17 20.01 -41.57
N ASP H 81 -24.31 21.33 -41.79
CA ASP H 81 -25.36 21.94 -42.64
C ASP H 81 -25.21 21.45 -44.09
N TYR H 82 -23.96 21.38 -44.59
CA TYR H 82 -23.62 20.99 -45.99
C TYR H 82 -24.07 19.54 -46.26
N PHE H 83 -23.60 18.60 -45.44
CA PHE H 83 -23.92 17.15 -45.52
C PHE H 83 -25.42 16.94 -45.34
N GLU H 84 -26.06 17.78 -44.52
CA GLU H 84 -27.53 17.78 -44.27
C GLU H 84 -28.27 17.98 -45.60
N THR H 85 -27.86 18.99 -46.38
CA THR H 85 -28.44 19.34 -47.71
C THR H 85 -28.13 18.23 -48.71
N GLN H 86 -26.88 17.78 -48.78
CA GLN H 86 -26.37 16.71 -49.67
C GLN H 86 -27.29 15.48 -49.61
N ASN H 87 -27.60 14.97 -48.42
CA ASN H 87 -28.66 13.92 -48.22
C ASN H 87 -30.02 14.40 -48.74
N LEU H 88 -30.40 15.66 -48.48
CA LEU H 88 -31.72 16.24 -48.84
C LEU H 88 -31.89 16.33 -50.36
N ILE H 89 -30.80 16.22 -51.13
CA ILE H 89 -30.75 16.38 -52.62
C ILE H 89 -31.65 15.33 -53.28
N SER H 90 -31.42 14.04 -53.02
CA SER H 90 -32.22 12.89 -53.51
C SER H 90 -33.47 12.72 -52.66
N THR H 91 -33.44 13.16 -51.40
CA THR H 91 -34.59 13.16 -50.45
C THR H 91 -35.78 13.89 -51.08
N VAL H 92 -35.50 14.99 -51.80
CA VAL H 92 -36.53 15.81 -52.52
C VAL H 92 -36.68 15.31 -53.96
N MET H 93 -35.56 15.09 -54.67
CA MET H 93 -35.56 14.77 -56.12
C MET H 93 -36.19 13.40 -56.29
N PRO H 94 -37.42 13.30 -56.85
CA PRO H 94 -38.08 12.00 -57.00
C PRO H 94 -37.42 11.15 -58.10
N SER H 95 -37.88 9.91 -58.27
CA SER H 95 -37.54 9.00 -59.40
C SER H 95 -38.07 9.53 -60.74
N GLY H 96 -37.19 10.03 -61.62
CA GLY H 96 -37.57 10.59 -62.93
C GLY H 96 -37.66 12.11 -62.89
N ALA H 97 -36.58 12.74 -62.40
CA ALA H 97 -36.35 14.22 -62.36
C ALA H 97 -35.25 14.69 -63.32
N THR H 98 -35.35 15.95 -63.77
CA THR H 98 -34.63 16.52 -64.93
C THR H 98 -33.15 16.72 -64.58
N LYS H 99 -32.29 16.66 -65.62
CA LYS H 99 -30.82 16.76 -65.48
C LYS H 99 -30.45 18.16 -65.00
N GLU H 100 -31.15 19.18 -65.53
CA GLU H 100 -30.98 20.62 -65.17
C GLU H 100 -31.27 20.82 -63.67
N GLN H 101 -32.36 20.19 -63.17
CA GLN H 101 -32.80 20.27 -61.75
C GLN H 101 -31.67 19.75 -60.84
N TRP H 102 -31.09 18.59 -61.19
CA TRP H 102 -29.96 17.96 -60.47
C TRP H 102 -28.72 18.86 -60.53
N LEU H 103 -28.44 19.44 -61.70
CA LEU H 103 -27.27 20.34 -61.94
C LEU H 103 -27.39 21.59 -61.08
N SER H 104 -28.58 22.20 -61.03
CA SER H 104 -28.90 23.42 -60.24
C SER H 104 -28.65 23.16 -58.75
N ALA H 105 -29.22 22.07 -58.21
CA ALA H 105 -29.09 21.63 -56.81
C ALA H 105 -27.61 21.44 -56.46
N LEU H 106 -26.87 20.74 -57.34
CA LEU H 106 -25.41 20.48 -57.21
C LEU H 106 -24.66 21.80 -57.20
N GLY H 107 -24.93 22.67 -58.19
CA GLY H 107 -24.33 24.01 -58.30
C GLY H 107 -24.52 24.82 -57.05
N MET H 108 -25.74 24.81 -56.49
CA MET H 108 -26.09 25.49 -55.22
C MET H 108 -25.20 24.95 -54.10
N VAL H 109 -25.15 23.61 -53.96
CA VAL H 109 -24.32 22.89 -52.96
C VAL H 109 -22.86 23.29 -53.13
N SER H 110 -22.37 23.27 -54.38
CA SER H 110 -20.98 23.62 -54.77
C SER H 110 -20.64 25.03 -54.30
N ASP H 111 -21.51 26.00 -54.58
CA ASP H 111 -21.34 27.43 -54.20
C ASP H 111 -21.20 27.55 -52.69
N LYS H 112 -22.09 26.89 -51.94
CA LYS H 112 -22.12 26.90 -50.46
C LYS H 112 -20.79 26.36 -49.91
N ALA H 113 -20.33 25.23 -50.46
CA ALA H 113 -19.08 24.53 -50.09
C ALA H 113 -17.89 25.47 -50.34
N LYS H 114 -17.88 26.15 -51.49
CA LYS H 114 -16.84 27.13 -51.90
C LYS H 114 -16.70 28.19 -50.82
N GLU H 115 -17.82 28.80 -50.41
CA GLU H 115 -17.87 29.85 -49.35
C GLU H 115 -17.26 29.28 -48.06
N TYR H 116 -17.69 28.06 -47.68
CA TYR H 116 -17.22 27.34 -46.48
C TYR H 116 -15.70 27.11 -46.57
N GLN H 117 -15.24 26.67 -47.75
CA GLN H 117 -13.80 26.41 -48.06
C GLN H 117 -13.01 27.69 -47.84
N GLU H 118 -13.45 28.81 -48.42
CA GLU H 118 -12.83 30.15 -48.31
C GLU H 118 -12.73 30.53 -46.84
N VAL H 119 -13.80 30.31 -46.06
CA VAL H 119 -13.86 30.58 -44.60
C VAL H 119 -12.74 29.78 -43.90
N SER H 120 -12.62 28.49 -44.24
CA SER H 120 -11.61 27.55 -43.69
C SER H 120 -10.20 28.07 -43.95
N ALA H 121 -9.92 28.48 -45.19
CA ALA H 121 -8.63 29.07 -45.65
C ALA H 121 -8.32 30.32 -44.82
N ASN H 122 -9.34 31.14 -44.54
CA ASN H 122 -9.23 32.40 -43.75
C ASN H 122 -8.72 32.08 -42.35
N THR H 123 -9.35 31.11 -41.67
CA THR H 123 -8.99 30.65 -40.31
C THR H 123 -7.51 30.20 -40.32
N ARG H 124 -7.13 29.42 -41.34
CA ARG H 124 -5.75 28.88 -41.53
C ARG H 124 -4.75 30.04 -41.54
N ARG H 125 -5.04 31.06 -42.36
CA ARG H 125 -4.19 32.28 -42.52
C ARG H 125 -3.99 32.92 -41.15
N THR H 126 -5.08 33.09 -40.39
CA THR H 126 -5.09 33.63 -39.01
C THR H 126 -4.10 32.82 -38.17
N ILE H 127 -4.21 31.48 -38.21
CA ILE H 127 -3.34 30.52 -37.48
C ILE H 127 -1.88 30.76 -37.87
N GLY H 128 -1.63 30.84 -39.18
CA GLY H 128 -0.29 31.08 -39.76
C GLY H 128 0.36 32.31 -39.14
N SER H 129 -0.38 33.43 -39.13
CA SER H 129 0.05 34.73 -38.55
C SER H 129 0.37 34.53 -37.07
N LEU H 130 -0.53 33.89 -36.33
CA LEU H 130 -0.38 33.57 -34.88
C LEU H 130 0.93 32.80 -34.68
N ASN H 131 1.16 31.76 -35.49
CA ASN H 131 2.37 30.91 -35.46
C ASN H 131 3.62 31.81 -35.55
N ASP H 132 3.68 32.63 -36.62
CA ASP H 132 4.81 33.56 -36.89
C ASP H 132 5.02 34.48 -35.68
N LYS H 133 3.93 35.08 -35.18
CA LYS H 133 3.94 36.02 -34.03
C LYS H 133 4.54 35.33 -32.81
N LEU H 134 4.03 34.13 -32.49
CA LEU H 134 4.46 33.31 -31.33
C LEU H 134 5.92 32.92 -31.50
N ILE H 135 6.34 32.46 -32.68
CA ILE H 135 7.75 32.10 -32.99
C ILE H 135 8.68 33.23 -32.53
N ILE H 136 8.41 34.45 -33.02
CA ILE H 136 9.20 35.68 -32.71
C ILE H 136 9.20 35.94 -31.21
N ASP H 137 8.02 35.83 -30.58
CA ASP H 137 7.82 36.03 -29.12
C ASP H 137 8.69 35.06 -28.34
N SER H 138 8.59 33.77 -28.63
CA SER H 138 9.32 32.65 -27.97
C SER H 138 10.83 32.89 -28.08
N ASN H 139 11.31 33.29 -29.27
CA ASN H 139 12.74 33.58 -29.54
C ASN H 139 13.22 34.70 -28.61
N ASN H 140 12.52 35.84 -28.64
CA ASN H 140 12.81 37.04 -27.81
C ASN H 140 12.85 36.64 -26.34
N TYR H 141 11.85 35.85 -25.90
CA TYR H 141 11.69 35.33 -24.52
C TYR H 141 12.94 34.55 -24.14
N GLN H 142 13.36 33.59 -24.97
CA GLN H 142 14.57 32.75 -24.76
C GLN H 142 15.78 33.65 -24.55
N LEU H 143 15.94 34.67 -25.41
CA LEU H 143 17.06 35.65 -25.37
C LEU H 143 17.10 36.32 -23.99
N ILE H 144 15.94 36.78 -23.52
CA ILE H 144 15.77 37.43 -22.18
C ILE H 144 16.19 36.43 -21.09
N VAL H 145 15.71 35.19 -21.19
CA VAL H 145 15.95 34.09 -20.20
C VAL H 145 17.45 33.88 -20.06
N VAL H 146 18.15 33.69 -21.19
CA VAL H 146 19.63 33.47 -21.25
C VAL H 146 20.33 34.66 -20.61
N ASN H 147 19.97 35.88 -21.03
CA ASN H 147 20.52 37.16 -20.49
C ASN H 147 20.38 37.18 -18.96
N LEU H 148 19.21 36.77 -18.46
CA LEU H 148 18.88 36.71 -17.01
C LEU H 148 19.72 35.62 -16.33
N ASN H 149 19.69 34.40 -16.89
CA ASN H 149 20.43 33.22 -16.38
C ASN H 149 21.89 33.60 -16.18
N ASN H 150 22.49 34.28 -17.16
CA ASN H 150 23.91 34.75 -17.16
C ASN H 150 24.14 35.68 -15.97
N VAL H 151 23.20 36.59 -15.69
CA VAL H 151 23.30 37.62 -14.62
C VAL H 151 23.42 36.93 -13.25
N VAL H 152 22.55 35.94 -12.97
CA VAL H 152 22.49 35.20 -11.68
C VAL H 152 23.67 34.22 -11.58
N ASN H 153 24.15 33.74 -12.73
CA ASN H 153 25.14 32.64 -12.86
C ASN H 153 26.57 33.19 -12.74
N GLY H 154 27.48 32.39 -12.18
CA GLY H 154 28.93 32.63 -12.21
C GLY H 154 29.38 33.24 -10.90
N ASN H 155 30.69 33.22 -10.61
CA ASN H 155 31.32 33.77 -9.38
C ASN H 155 30.93 35.25 -9.20
N ASN H 156 30.63 35.95 -10.29
CA ASN H 156 30.29 37.40 -10.29
C ASN H 156 28.77 37.62 -10.11
N GLY H 157 27.97 36.58 -10.29
CA GLY H 157 26.50 36.66 -10.41
C GLY H 157 25.89 36.70 -9.03
N VAL H 158 24.70 37.31 -8.90
CA VAL H 158 24.05 37.65 -7.59
C VAL H 158 23.98 36.41 -6.69
N LEU H 159 23.49 35.29 -7.23
CA LEU H 159 23.26 34.02 -6.49
C LEU H 159 24.57 33.55 -5.81
N GLU H 160 25.70 33.67 -6.51
CA GLU H 160 27.05 33.26 -6.04
C GLU H 160 27.51 34.16 -4.88
N GLN H 161 27.37 35.49 -5.03
CA GLN H 161 27.72 36.50 -3.99
C GLN H 161 26.89 36.24 -2.73
N LEU H 162 25.65 35.76 -2.90
CA LEU H 162 24.69 35.42 -1.81
C LEU H 162 25.18 34.18 -1.05
N ASN H 163 25.50 33.10 -1.77
CA ASN H 163 26.02 31.82 -1.23
C ASN H 163 27.34 32.08 -0.49
N ARG H 164 28.19 32.97 -1.01
CA ARG H 164 29.50 33.38 -0.42
C ARG H 164 29.27 34.17 0.88
N ASP H 165 28.29 35.07 0.88
CA ASP H 165 27.89 35.89 2.06
C ASP H 165 27.25 34.98 3.13
N ILE H 166 26.36 34.08 2.71
CA ILE H 166 25.65 33.09 3.59
C ILE H 166 26.68 32.22 4.31
N ASP H 167 27.74 31.81 3.62
CA ASP H 167 28.89 31.04 4.17
C ASP H 167 29.59 31.87 5.24
N GLY H 168 29.85 33.16 4.95
CA GLY H 168 30.50 34.12 5.88
C GLY H 168 29.65 34.42 7.10
N ILE H 169 28.32 34.26 7.00
CA ILE H 169 27.33 34.53 8.08
C ILE H 169 27.32 33.38 9.09
N ASN H 170 27.17 32.15 8.61
CA ASN H 170 27.07 30.93 9.48
C ASN H 170 28.46 30.67 10.07
N ALA H 171 29.52 31.07 9.35
CA ALA H 171 30.95 30.93 9.75
C ALA H 171 31.22 31.72 11.03
N ALA H 172 30.82 33.00 11.05
CA ALA H 172 30.90 33.89 12.23
C ALA H 172 30.02 33.33 13.36
N ILE H 173 28.84 32.79 13.03
CA ILE H 173 27.85 32.18 13.97
C ILE H 173 28.49 31.00 14.70
N ASP H 174 29.22 30.14 13.97
CA ASP H 174 29.96 28.98 14.52
C ASP H 174 31.19 29.49 15.29
N GLY H 175 31.91 30.48 14.75
CA GLY H 175 33.08 31.12 15.36
C GLY H 175 32.78 31.70 16.74
N ALA H 176 31.56 32.21 16.92
CA ALA H 176 31.02 32.71 18.21
C ALA H 176 30.69 31.53 19.12
N ILE H 177 30.03 30.50 18.59
CA ILE H 177 29.65 29.25 19.31
C ILE H 177 30.92 28.61 19.89
N ALA H 178 32.00 28.58 19.09
CA ALA H 178 33.32 28.01 19.47
C ALA H 178 33.94 28.81 20.63
N GLY H 179 34.03 30.14 20.48
CA GLY H 179 34.58 31.06 21.49
C GLY H 179 33.85 30.97 22.80
N ILE H 180 32.51 30.78 22.76
CA ILE H 180 31.62 30.68 23.96
C ILE H 180 31.96 29.42 24.74
N VAL H 181 32.13 28.28 24.06
CA VAL H 181 32.49 26.97 24.68
C VAL H 181 33.94 27.08 25.24
N VAL H 182 34.87 27.40 24.34
CA VAL H 182 36.32 27.56 24.65
C VAL H 182 36.47 28.56 25.80
N GLY H 183 35.69 29.64 25.78
CA GLY H 183 35.64 30.68 26.81
C GLY H 183 35.25 30.11 28.16
N GLY H 184 34.20 29.29 28.20
CA GLY H 184 33.69 28.64 29.42
C GLY H 184 34.73 27.75 30.07
N LEU H 185 35.47 27.00 29.26
CA LEU H 185 36.55 26.09 29.73
C LEU H 185 37.74 26.93 30.23
N LEU H 186 38.17 27.92 29.44
CA LEU H 186 39.31 28.83 29.75
C LEU H 186 39.09 29.48 31.12
N VAL H 187 37.89 30.01 31.35
CA VAL H 187 37.47 30.65 32.63
C VAL H 187 37.53 29.61 33.75
N ILE H 188 36.92 28.43 33.53
CA ILE H 188 36.88 27.30 34.49
C ILE H 188 38.31 26.93 34.90
N GLY H 189 39.18 26.67 33.91
CA GLY H 189 40.60 26.34 34.11
C GLY H 189 41.35 27.48 34.79
N GLY H 190 41.12 28.72 34.32
CA GLY H 190 41.74 29.94 34.85
C GLY H 190 41.47 30.11 36.33
N ALA H 191 40.23 29.86 36.77
CA ALA H 191 39.78 29.96 38.17
C ALA H 191 40.57 28.96 39.04
N ILE H 192 40.67 27.71 38.59
CA ILE H 192 41.40 26.62 39.30
C ILE H 192 42.88 27.01 39.43
N VAL H 193 43.47 27.52 38.35
CA VAL H 193 44.91 27.93 38.28
C VAL H 193 45.14 29.13 39.21
N THR H 194 44.31 30.17 39.06
CA THR H 194 44.37 31.43 39.86
C THR H 194 44.32 31.10 41.35
N ALA H 195 43.37 30.24 41.75
CA ALA H 195 43.17 29.77 43.14
C ALA H 195 44.44 29.07 43.65
N ILE H 196 45.02 28.19 42.82
CA ILE H 196 46.27 27.44 43.12
C ILE H 196 47.42 28.46 43.30
N GLY H 197 47.62 29.32 42.31
CA GLY H 197 48.67 30.37 42.30
C GLY H 197 48.58 31.29 43.51
N ALA H 198 47.37 31.60 43.95
CA ALA H 198 47.07 32.52 45.07
C ALA H 198 47.48 31.87 46.40
N VAL H 199 47.22 30.57 46.55
CA VAL H 199 47.50 29.78 47.80
C VAL H 199 49.01 29.56 47.92
N ALA H 200 49.71 29.50 46.77
CA ALA H 200 51.18 29.31 46.68
C ALA H 200 51.91 30.65 46.91
N GLY H 201 51.23 31.76 46.66
CA GLY H 201 51.73 33.13 46.93
C GLY H 201 51.60 33.48 48.40
N LEU H 202 50.81 32.70 49.16
CA LEU H 202 50.57 32.87 50.62
C LEU H 202 51.55 31.98 51.41
N VAL H 203 52.65 31.54 50.76
CA VAL H 203 53.90 31.14 51.47
C VAL H 203 54.49 32.33 52.25
N THR H 204 53.81 33.49 52.35
CA THR H 204 54.24 34.67 53.16
C THR H 204 53.27 34.87 54.33
N SER H 208 55.00 32.75 43.27
CA SER H 208 53.87 32.12 42.55
C SER H 208 52.92 33.19 41.99
N THR H 209 53.46 34.33 41.55
CA THR H 209 52.70 35.49 41.02
C THR H 209 52.45 35.28 39.53
N PRO H 210 53.41 34.68 38.78
CA PRO H 210 53.23 34.46 37.34
C PRO H 210 52.08 33.47 37.03
N VAL H 211 51.92 32.45 37.88
CA VAL H 211 50.85 31.40 37.76
C VAL H 211 49.48 32.07 37.94
N VAL H 212 49.34 32.91 38.97
CA VAL H 212 48.09 33.67 39.29
C VAL H 212 47.75 34.57 38.11
N MET H 213 48.74 35.25 37.54
CA MET H 213 48.61 36.18 36.38
C MET H 213 48.04 35.38 35.18
N GLY H 214 48.67 34.26 34.85
CA GLY H 214 48.23 33.34 33.77
C GLY H 214 46.81 32.85 34.00
N GLY H 215 46.46 32.54 35.25
CA GLY H 215 45.11 32.10 35.68
C GLY H 215 44.09 33.21 35.49
N ILE H 216 44.43 34.43 35.91
CA ILE H 216 43.58 35.66 35.79
C ILE H 216 43.39 35.98 34.30
N ALA H 217 44.47 35.91 33.52
CA ALA H 217 44.49 36.14 32.05
C ALA H 217 43.54 35.16 31.36
N MET H 218 43.65 33.86 31.69
CA MET H 218 42.80 32.76 31.17
C MET H 218 41.34 33.06 31.48
N MET H 219 41.06 33.46 32.73
CA MET H 219 39.71 33.84 33.22
C MET H 219 39.20 35.03 32.40
N THR H 220 40.00 36.10 32.29
CA THR H 220 39.69 37.36 31.58
C THR H 220 39.35 37.04 30.12
N ALA H 221 40.22 36.31 29.43
CA ALA H 221 40.07 35.90 28.01
C ALA H 221 38.80 35.06 27.84
N GLY H 222 38.59 34.11 28.75
CA GLY H 222 37.41 33.23 28.77
C GLY H 222 36.11 34.03 28.80
N ALA H 223 36.05 35.04 29.68
CA ALA H 223 34.90 35.96 29.84
C ALA H 223 34.72 36.78 28.56
N GLY H 224 35.82 37.36 28.06
CA GLY H 224 35.85 38.19 26.83
C GLY H 224 35.28 37.45 25.65
N GLY H 225 35.70 36.19 25.44
CA GLY H 225 35.22 35.32 24.35
C GLY H 225 33.73 35.03 24.48
N VAL H 226 33.28 34.72 25.69
CA VAL H 226 31.85 34.41 26.02
C VAL H 226 30.99 35.65 25.72
N ILE H 227 31.47 36.83 26.11
CA ILE H 227 30.77 38.14 25.94
C ILE H 227 30.73 38.48 24.45
N GLY H 228 31.88 38.51 23.79
CA GLY H 228 32.04 38.85 22.36
C GLY H 228 31.18 37.96 21.49
N GLY H 229 31.20 36.65 21.74
CA GLY H 229 30.40 35.64 21.02
C GLY H 229 28.90 35.92 21.11
N ALA H 230 28.43 36.21 22.34
CA ALA H 230 27.01 36.50 22.66
C ALA H 230 26.53 37.70 21.83
N ILE H 231 27.34 38.77 21.79
CA ILE H 231 27.08 40.03 21.03
C ILE H 231 26.92 39.68 19.54
N VAL H 232 27.91 38.96 19.00
CA VAL H 232 27.94 38.53 17.57
C VAL H 232 26.72 37.66 17.27
N LEU H 233 26.46 36.66 18.13
CA LEU H 233 25.36 35.67 17.96
C LEU H 233 24.02 36.40 17.86
N ASP H 234 23.71 37.24 18.87
CA ASP H 234 22.46 38.02 18.97
C ASP H 234 22.26 38.85 17.69
N LYS H 235 23.34 39.42 17.16
CA LYS H 235 23.35 40.27 15.94
C LYS H 235 23.22 39.39 14.68
N SER H 236 23.90 38.23 14.66
CA SER H 236 24.05 37.34 13.49
C SER H 236 22.72 36.67 13.13
N LEU H 237 21.99 36.15 14.13
CA LEU H 237 20.82 35.25 13.97
C LEU H 237 19.76 35.87 13.06
N SER H 238 19.56 37.20 13.14
CA SER H 238 18.52 37.95 12.37
C SER H 238 18.91 38.10 10.89
N ALA H 239 20.22 38.06 10.61
CA ALA H 239 20.83 38.40 9.31
C ALA H 239 20.80 37.18 8.39
N ARG H 240 21.11 35.99 8.92
CA ARG H 240 21.14 34.71 8.16
C ARG H 240 19.77 34.43 7.52
N GLU H 241 18.69 34.64 8.29
CA GLU H 241 17.28 34.39 7.87
C GLU H 241 16.93 35.24 6.65
N LYS H 242 17.28 36.54 6.69
CA LYS H 242 17.01 37.52 5.60
C LYS H 242 17.69 37.05 4.30
N LEU H 243 18.95 36.62 4.39
CA LEU H 243 19.78 36.14 3.24
C LEU H 243 19.14 34.89 2.62
N TYR H 244 18.75 33.92 3.46
CA TYR H 244 18.13 32.63 3.05
C TYR H 244 16.80 32.89 2.33
N ARG H 245 15.99 33.80 2.87
CA ARG H 245 14.67 34.21 2.31
C ARG H 245 14.86 34.74 0.88
N ASP H 246 15.84 35.62 0.68
CA ASP H 246 16.21 36.23 -0.62
C ASP H 246 16.64 35.11 -1.59
N ARG H 247 17.49 34.19 -1.13
CA ARG H 247 18.02 33.04 -1.93
C ARG H 247 16.86 32.21 -2.48
N SER H 248 15.93 31.80 -1.61
CA SER H 248 14.72 31.01 -1.94
C SER H 248 13.84 31.77 -2.94
N GLN H 249 13.60 33.05 -2.68
CA GLN H 249 12.77 33.96 -3.53
C GLN H 249 13.37 34.01 -4.95
N LEU H 250 14.69 34.20 -5.06
CA LEU H 250 15.44 34.27 -6.34
C LEU H 250 15.34 32.92 -7.06
N ASN H 251 15.51 31.81 -6.32
CA ASN H 251 15.41 30.42 -6.84
C ASN H 251 14.03 30.21 -7.48
N SER H 252 12.96 30.59 -6.76
CA SER H 252 11.54 30.50 -7.20
C SER H 252 11.33 31.34 -8.46
N GLU H 253 11.77 32.60 -8.43
CA GLU H 253 11.65 33.57 -9.55
C GLU H 253 12.30 32.99 -10.81
N VAL H 254 13.53 32.47 -10.68
CA VAL H 254 14.32 31.84 -11.79
C VAL H 254 13.52 30.68 -12.38
N LEU H 255 12.99 29.81 -11.51
CA LEU H 255 12.18 28.62 -11.91
C LEU H 255 10.96 29.09 -12.70
N VAL H 256 10.22 30.07 -12.18
CA VAL H 256 9.01 30.68 -12.81
C VAL H 256 9.37 31.15 -14.22
N ALA H 257 10.48 31.88 -14.35
CA ALA H 257 11.01 32.41 -15.63
C ALA H 257 11.29 31.25 -16.59
N SER H 258 11.99 30.23 -16.10
CA SER H 258 12.33 28.99 -16.85
C SER H 258 11.05 28.25 -17.27
N GLN H 259 9.99 28.38 -16.45
CA GLN H 259 8.67 27.74 -16.69
C GLN H 259 7.97 28.42 -17.86
N ILE H 260 7.78 29.75 -17.80
CA ILE H 260 7.11 30.55 -18.86
C ILE H 260 7.85 30.38 -20.21
N GLY H 261 9.18 30.29 -20.20
CA GLY H 261 9.99 30.07 -21.42
C GLY H 261 9.66 28.73 -22.09
N SER H 262 9.70 27.67 -21.31
CA SER H 262 9.31 26.29 -21.73
C SER H 262 7.86 26.30 -22.18
N GLY H 263 6.98 27.00 -21.44
CA GLY H 263 5.54 27.13 -21.72
C GLY H 263 5.27 27.74 -23.08
N TYR H 264 5.91 28.87 -23.40
CA TYR H 264 5.84 29.57 -24.71
C TYR H 264 6.26 28.61 -25.82
N ARG H 265 7.38 27.90 -25.60
CA ARG H 265 7.93 26.88 -26.52
C ARG H 265 6.85 25.82 -26.83
N GLY H 266 6.20 25.31 -25.78
CA GLY H 266 5.09 24.33 -25.88
C GLY H 266 3.92 24.89 -26.63
N LEU H 267 3.57 26.17 -26.40
CA LEU H 267 2.49 26.91 -27.10
C LEU H 267 2.83 27.00 -28.59
N GLN H 268 4.10 27.32 -28.92
CA GLN H 268 4.60 27.45 -30.32
C GLN H 268 4.38 26.14 -31.08
N THR H 269 4.71 25.01 -30.43
CA THR H 269 4.51 23.64 -30.97
C THR H 269 3.01 23.39 -31.22
N GLN H 270 2.17 23.72 -30.24
CA GLN H 270 0.69 23.57 -30.28
C GLN H 270 0.13 24.30 -31.50
N ALA H 271 0.63 25.51 -31.78
CA ALA H 271 0.23 26.37 -32.93
C ALA H 271 0.70 25.74 -34.24
N GLN H 272 1.96 25.29 -34.29
CA GLN H 272 2.57 24.62 -35.47
C GLN H 272 1.69 23.43 -35.90
N SER H 273 1.27 22.61 -34.93
CA SER H 273 0.40 21.42 -35.12
C SER H 273 -0.99 21.85 -35.59
N ALA H 274 -1.57 22.88 -34.97
CA ALA H 274 -2.88 23.48 -35.31
C ALA H 274 -2.87 23.96 -36.76
N VAL H 275 -1.72 24.52 -37.19
CA VAL H 275 -1.49 24.98 -38.60
C VAL H 275 -1.68 23.79 -39.55
N THR H 276 -1.04 22.67 -39.26
CA THR H 276 -1.13 21.39 -40.01
C THR H 276 -2.58 20.90 -40.03
N ALA H 277 -3.24 20.93 -38.87
CA ALA H 277 -4.66 20.52 -38.68
C ALA H 277 -5.56 21.36 -39.60
N ALA H 278 -5.34 22.68 -39.62
CA ALA H 278 -6.11 23.66 -40.43
C ALA H 278 -5.87 23.40 -41.93
N THR H 279 -4.60 23.33 -42.32
CA THR H 279 -4.15 23.02 -43.71
C THR H 279 -4.86 21.75 -44.20
N GLN H 280 -4.95 20.74 -43.35
CA GLN H 280 -5.64 19.45 -43.60
C GLN H 280 -7.12 19.72 -43.89
N MET H 281 -7.78 20.53 -43.07
CA MET H 281 -9.22 20.91 -43.21
C MET H 281 -9.43 21.65 -44.53
N ASN H 282 -8.48 22.52 -44.91
CA ASN H 282 -8.48 23.30 -46.17
C ASN H 282 -8.47 22.35 -47.38
N ASN H 283 -7.57 21.35 -47.34
CA ASN H 283 -7.40 20.31 -48.39
C ASN H 283 -8.67 19.47 -48.49
N ALA H 284 -9.32 19.15 -47.36
CA ALA H 284 -10.54 18.33 -47.27
C ALA H 284 -11.69 19.03 -48.01
N TRP H 285 -11.94 20.30 -47.69
CA TRP H 285 -12.97 21.16 -48.34
C TRP H 285 -12.66 21.31 -49.85
N ASP H 286 -11.39 21.56 -50.18
CA ASP H 286 -10.89 21.70 -51.57
C ASP H 286 -11.23 20.43 -52.37
N SER H 287 -11.01 19.26 -51.78
CA SER H 287 -11.30 17.91 -52.35
C SER H 287 -12.80 17.77 -52.60
N LEU H 288 -13.63 18.10 -51.61
CA LEU H 288 -15.12 18.05 -51.69
C LEU H 288 -15.61 18.93 -52.85
N THR H 289 -15.05 20.15 -52.95
CA THR H 289 -15.37 21.14 -54.03
C THR H 289 -15.04 20.54 -55.41
N SER H 290 -13.84 19.97 -55.54
CA SER H 290 -13.33 19.31 -56.77
C SER H 290 -14.22 18.10 -57.12
N GLU H 291 -14.54 17.25 -56.14
CA GLU H 291 -15.37 16.02 -56.28
C GLU H 291 -16.76 16.39 -56.81
N LEU H 292 -17.32 17.51 -56.33
CA LEU H 292 -18.62 18.07 -56.79
C LEU H 292 -18.51 18.47 -58.27
N GLU H 293 -17.44 19.18 -58.63
CA GLU H 293 -17.15 19.65 -60.01
C GLU H 293 -17.08 18.44 -60.97
N THR H 294 -16.45 17.35 -60.53
CA THR H 294 -16.27 16.08 -61.28
C THR H 294 -17.63 15.42 -61.53
N LEU H 295 -18.46 15.33 -60.50
CA LEU H 295 -19.85 14.78 -60.57
C LEU H 295 -20.67 15.62 -61.54
N ASN H 296 -20.55 16.95 -61.47
CA ASN H 296 -21.23 17.93 -62.35
C ASN H 296 -20.82 17.68 -63.81
N ALA H 297 -19.52 17.57 -64.07
CA ALA H 297 -18.92 17.27 -65.39
C ALA H 297 -19.39 15.89 -65.87
N ASN H 298 -19.34 14.88 -65.00
CA ASN H 298 -19.82 13.49 -65.26
C ASN H 298 -21.30 13.55 -65.65
N LEU H 299 -22.10 14.34 -64.91
CA LEU H 299 -23.56 14.55 -65.15
C LEU H 299 -23.78 15.21 -66.51
N ARG H 300 -23.26 16.42 -66.70
CA ARG H 300 -23.46 17.30 -67.90
C ARG H 300 -23.23 16.52 -69.20
N LYS H 301 -22.14 15.75 -69.28
CA LYS H 301 -21.71 14.97 -70.48
C LYS H 301 -22.66 13.79 -70.73
N GLY H 302 -23.48 13.42 -69.73
CA GLY H 302 -24.45 12.31 -69.79
C GLY H 302 -23.87 11.00 -69.29
N ILE H 303 -22.77 11.04 -68.52
CA ILE H 303 -22.06 9.86 -67.94
C ILE H 303 -22.86 9.37 -66.73
N ILE H 304 -23.32 10.30 -65.89
CA ILE H 304 -24.22 10.02 -64.72
C ILE H 304 -25.68 10.28 -65.14
N ASP H 305 -26.63 9.85 -64.30
CA ASP H 305 -28.10 10.11 -64.42
C ASP H 305 -28.66 10.36 -63.01
N ASP H 306 -29.69 11.22 -62.90
CA ASP H 306 -30.34 11.63 -61.62
C ASP H 306 -31.10 10.46 -60.95
N SER H 307 -31.28 9.35 -61.67
CA SER H 307 -31.71 8.03 -61.17
C SER H 307 -30.62 7.36 -60.30
N PHE H 308 -29.43 7.16 -60.89
CA PHE H 308 -28.28 6.42 -60.29
C PHE H 308 -27.57 7.25 -59.20
N LEU H 309 -27.33 8.54 -59.44
CA LEU H 309 -26.63 9.47 -58.50
C LEU H 309 -27.41 9.58 -57.18
N ARG H 310 -28.73 9.41 -57.23
CA ARG H 310 -29.65 9.39 -56.05
C ARG H 310 -29.35 8.18 -55.17
N GLN H 311 -29.31 6.98 -55.76
CA GLN H 311 -29.00 5.69 -55.06
C GLN H 311 -27.58 5.75 -54.47
N LEU H 312 -26.66 6.47 -55.14
CA LEU H 312 -25.24 6.66 -54.72
C LEU H 312 -25.18 7.44 -53.39
N PHE H 313 -25.84 8.59 -53.33
CA PHE H 313 -25.91 9.47 -52.13
C PHE H 313 -26.72 8.78 -51.03
N LEU H 314 -27.74 8.00 -51.39
CA LEU H 314 -28.65 7.27 -50.46
C LEU H 314 -27.91 6.12 -49.76
N THR H 315 -27.00 5.44 -50.48
CA THR H 315 -26.13 4.36 -49.96
C THR H 315 -25.09 4.94 -49.01
N ALA H 316 -24.50 6.10 -49.36
CA ALA H 316 -23.52 6.86 -48.55
C ALA H 316 -24.17 7.32 -47.24
N SER H 317 -25.43 7.75 -47.31
CA SER H 317 -26.28 8.16 -46.15
C SER H 317 -26.54 6.95 -45.25
N GLN H 318 -26.78 5.78 -45.85
CA GLN H 318 -26.95 4.48 -45.13
C GLN H 318 -25.68 4.17 -44.33
N THR H 319 -24.51 4.56 -44.85
CA THR H 319 -23.16 4.33 -44.25
C THR H 319 -22.44 5.65 -43.89
N SER H 320 -21.47 6.03 -44.72
CA SER H 320 -20.49 7.12 -44.48
C SER H 320 -21.18 8.33 -43.84
N VAL H 321 -22.24 8.84 -44.47
CA VAL H 321 -22.93 10.12 -44.10
C VAL H 321 -23.48 10.03 -42.66
N THR H 322 -24.08 8.88 -42.32
CA THR H 322 -24.58 8.57 -40.95
C THR H 322 -23.39 8.53 -39.97
N LYS H 323 -22.28 7.89 -40.37
CA LYS H 323 -21.04 7.72 -39.56
C LYS H 323 -20.39 9.08 -39.27
N VAL H 324 -20.46 10.02 -40.22
CA VAL H 324 -19.96 11.42 -40.08
C VAL H 324 -20.88 12.19 -39.13
N LEU H 325 -22.21 12.09 -39.32
CA LEU H 325 -23.26 12.77 -38.49
C LEU H 325 -23.10 12.37 -37.02
N ASP H 326 -22.78 11.09 -36.77
CA ASP H 326 -22.49 10.54 -35.43
C ASP H 326 -21.20 11.18 -34.88
N GLY H 327 -20.12 11.16 -35.68
CA GLY H 327 -18.82 11.77 -35.35
C GLY H 327 -18.95 13.24 -34.97
N THR H 328 -19.87 13.96 -35.61
CA THR H 328 -20.21 15.39 -35.34
C THR H 328 -20.80 15.52 -33.93
N LYS H 329 -21.87 14.79 -33.64
CA LYS H 329 -22.55 14.76 -32.32
C LYS H 329 -21.52 14.39 -31.22
N ILE H 330 -20.61 13.45 -31.52
CA ILE H 330 -19.55 12.95 -30.59
C ILE H 330 -18.56 14.06 -30.27
N ILE H 331 -18.05 14.75 -31.29
CA ILE H 331 -17.09 15.90 -31.16
C ILE H 331 -17.76 17.01 -30.36
N LYS H 332 -19.03 17.32 -30.64
CA LYS H 332 -19.86 18.34 -29.94
C LYS H 332 -19.87 18.05 -28.43
N GLN H 333 -20.01 16.78 -28.06
CA GLN H 333 -20.00 16.29 -26.66
C GLN H 333 -18.58 16.45 -26.07
N GLN H 334 -17.55 16.04 -26.81
CA GLN H 334 -16.11 16.00 -26.39
C GLN H 334 -15.62 17.39 -25.98
N MET H 335 -16.16 18.44 -26.60
CA MET H 335 -15.92 19.86 -26.24
C MET H 335 -16.66 20.20 -24.94
N ALA H 336 -17.96 19.83 -24.87
CA ALA H 336 -18.86 20.05 -23.71
C ALA H 336 -18.38 19.24 -22.49
N GLY H 337 -17.91 18.01 -22.73
CA GLY H 337 -17.64 16.98 -21.70
C GLY H 337 -18.91 16.27 -21.26
N VAL H 338 -19.91 16.17 -22.16
CA VAL H 338 -21.29 15.62 -21.89
C VAL H 338 -21.48 14.25 -22.56
N GLN I 15 -18.45 12.32 -11.80
CA GLN I 15 -19.32 12.49 -13.01
C GLN I 15 -20.29 13.67 -12.76
N SER I 16 -19.78 14.75 -12.15
CA SER I 16 -20.54 16.00 -11.87
C SER I 16 -20.72 16.83 -13.15
N SER I 17 -21.81 17.60 -13.22
CA SER I 17 -22.02 18.63 -14.28
C SER I 17 -21.03 19.80 -14.07
N GLN I 18 -20.63 20.43 -15.18
CA GLN I 18 -19.66 21.56 -15.22
C GLN I 18 -20.08 22.61 -14.19
N ALA I 19 -21.37 23.00 -14.20
CA ALA I 19 -21.97 24.07 -13.36
C ALA I 19 -21.83 23.74 -11.87
N LEU I 20 -22.19 22.51 -11.48
CA LEU I 20 -22.12 22.01 -10.09
C LEU I 20 -20.67 22.08 -9.58
N HIS I 21 -19.70 21.69 -10.42
CA HIS I 21 -18.24 21.71 -10.14
C HIS I 21 -17.79 23.14 -9.81
N ILE I 22 -18.25 24.13 -10.59
CA ILE I 22 -17.97 25.58 -10.39
C ILE I 22 -18.73 26.07 -9.15
N GLN I 23 -20.01 25.68 -9.02
CA GLN I 23 -20.91 26.03 -7.87
C GLN I 23 -20.25 25.63 -6.56
N THR I 24 -19.67 24.42 -6.52
CA THR I 24 -18.94 23.85 -5.35
C THR I 24 -17.69 24.69 -5.08
N TYR I 25 -16.86 24.92 -6.11
CA TYR I 25 -15.60 25.73 -6.04
C TYR I 25 -15.91 27.15 -5.54
N CYS I 26 -17.06 27.69 -5.96
CA CYS I 26 -17.55 29.06 -5.60
C CYS I 26 -17.80 29.17 -4.10
N ASN I 27 -18.69 28.32 -3.58
CA ASN I 27 -19.09 28.28 -2.14
C ASN I 27 -17.86 28.00 -1.28
N SER I 28 -16.93 27.14 -1.78
CA SER I 28 -15.66 26.75 -1.11
C SER I 28 -14.76 27.96 -0.91
N VAL I 29 -14.59 28.76 -1.97
CA VAL I 29 -13.78 30.02 -1.97
C VAL I 29 -14.40 31.01 -0.97
N ARG I 30 -15.73 31.09 -0.93
CA ARG I 30 -16.50 31.95 0.01
C ARG I 30 -16.09 31.63 1.45
N GLN I 31 -15.83 30.35 1.75
CA GLN I 31 -15.46 29.85 3.10
C GLN I 31 -13.99 30.17 3.42
N GLN I 32 -13.19 30.53 2.41
CA GLN I 32 -11.77 30.95 2.59
C GLN I 32 -11.74 32.15 3.54
N ILE I 33 -11.22 31.95 4.76
CA ILE I 33 -11.15 32.98 5.83
C ILE I 33 -9.89 33.81 5.60
N PRO I 34 -9.92 35.13 5.93
CA PRO I 34 -8.70 35.94 5.82
C PRO I 34 -7.71 35.67 6.97
N VAL I 35 -6.44 35.45 6.64
CA VAL I 35 -5.42 34.89 7.59
C VAL I 35 -4.45 36.02 7.94
N ASP I 36 -3.92 36.00 9.17
CA ASP I 36 -2.90 36.97 9.65
C ASP I 36 -1.69 36.18 10.14
N PHE I 37 -0.61 36.15 9.36
CA PHE I 37 0.71 35.59 9.73
C PHE I 37 1.48 36.62 10.56
N GLY I 38 0.77 37.49 11.29
CA GLY I 38 1.32 38.62 12.05
C GLY I 38 2.49 38.22 12.93
N ARG I 39 2.46 37.01 13.49
CA ARG I 39 3.53 36.45 14.37
C ARG I 39 4.79 36.13 13.54
N PHE I 40 4.62 35.76 12.27
CA PHE I 40 5.72 35.39 11.32
C PHE I 40 6.16 36.63 10.53
N PRO I 41 7.38 37.14 10.77
CA PRO I 41 7.84 38.37 10.09
C PRO I 41 8.13 38.17 8.60
N ASN I 42 8.56 36.97 8.22
CA ASN I 42 8.98 36.61 6.83
C ASN I 42 7.76 36.42 5.92
N LEU I 43 6.56 36.21 6.49
CA LEU I 43 5.31 35.91 5.74
C LEU I 43 4.42 37.16 5.64
N ARG I 44 4.96 38.34 5.91
CA ARG I 44 4.17 39.61 6.00
C ARG I 44 3.54 39.89 4.63
N GLU I 45 4.37 39.94 3.59
CA GLU I 45 3.97 40.20 2.18
C GLU I 45 3.05 39.08 1.69
N SER I 46 3.40 37.83 2.01
CA SER I 46 2.64 36.61 1.64
C SER I 46 1.18 36.73 2.09
N GLU I 47 0.97 37.05 3.38
CA GLU I 47 -0.37 37.14 4.03
C GLU I 47 -1.22 38.19 3.30
N ARG I 48 -0.68 39.40 3.13
CA ARG I 48 -1.37 40.55 2.47
C ARG I 48 -1.74 40.15 1.04
N GLN I 49 -0.76 39.62 0.28
CA GLN I 49 -0.94 39.15 -1.12
C GLN I 49 -2.07 38.13 -1.16
N ILE I 50 -1.99 37.11 -0.29
CA ILE I 50 -3.00 36.02 -0.17
C ILE I 50 -4.37 36.65 0.11
N ASN I 51 -4.45 37.50 1.13
CA ASN I 51 -5.70 38.17 1.59
C ASN I 51 -6.36 38.88 0.41
N THR I 52 -5.58 39.70 -0.32
CA THR I 52 -6.04 40.49 -1.49
C THR I 52 -6.62 39.55 -2.55
N GLY I 53 -5.81 38.57 -2.98
CA GLY I 53 -6.19 37.57 -3.98
C GLY I 53 -7.47 36.85 -3.60
N LEU I 54 -7.57 36.43 -2.34
CA LEU I 54 -8.75 35.75 -1.75
C LEU I 54 -9.96 36.67 -1.88
N GLY I 55 -9.81 37.95 -1.52
CA GLY I 55 -10.87 38.98 -1.62
C GLY I 55 -11.43 39.05 -3.04
N ALA I 56 -10.53 39.11 -4.03
CA ALA I 56 -10.85 39.22 -5.47
C ALA I 56 -11.62 37.98 -5.95
N ALA I 57 -11.10 36.80 -5.62
CA ALA I 57 -11.72 35.48 -5.93
C ALA I 57 -13.14 35.45 -5.40
N ARG I 58 -13.36 35.92 -4.17
CA ARG I 58 -14.68 36.01 -3.49
C ARG I 58 -15.63 36.84 -4.37
N GLN I 59 -15.15 37.98 -4.88
CA GLN I 59 -15.91 38.88 -5.77
C GLN I 59 -16.36 38.11 -7.02
N HIS I 60 -15.43 37.36 -7.64
CA HIS I 60 -15.67 36.53 -8.84
C HIS I 60 -16.79 35.53 -8.58
N ALA I 61 -16.76 34.86 -7.41
CA ALA I 61 -17.71 33.80 -6.98
C ALA I 61 -19.10 34.40 -6.83
N GLU I 62 -19.23 35.45 -6.01
CA GLU I 62 -20.50 36.14 -5.71
C GLU I 62 -21.23 36.48 -7.01
N HIS I 63 -20.50 37.04 -7.98
CA HIS I 63 -21.00 37.39 -9.33
C HIS I 63 -21.50 36.11 -10.03
N TYR I 64 -20.62 35.11 -10.13
CA TYR I 64 -20.90 33.79 -10.75
C TYR I 64 -22.20 33.22 -10.17
N LEU I 65 -22.29 33.22 -8.83
CA LEU I 65 -23.39 32.59 -8.07
C LEU I 65 -24.67 33.43 -8.20
N LYS I 66 -24.59 34.72 -7.88
CA LYS I 66 -25.76 35.63 -7.72
C LYS I 66 -26.33 36.01 -9.10
N ASP I 67 -25.49 36.09 -10.13
CA ASP I 67 -25.86 36.59 -11.48
C ASP I 67 -25.67 35.48 -12.52
N ILE I 68 -24.42 35.13 -12.78
CA ILE I 68 -23.92 34.44 -14.00
C ILE I 68 -24.74 33.18 -14.21
N GLN I 69 -24.63 32.19 -13.32
CA GLN I 69 -25.29 30.87 -13.47
C GLN I 69 -26.78 31.06 -13.67
N PRO I 70 -27.41 32.00 -12.92
CA PRO I 70 -28.85 32.24 -13.07
C PRO I 70 -29.20 32.78 -14.47
N LEU I 71 -28.46 33.80 -14.93
CA LEU I 71 -28.63 34.45 -16.25
C LEU I 71 -28.50 33.40 -17.35
N ILE I 72 -27.46 32.55 -17.27
CA ILE I 72 -27.20 31.43 -18.23
C ILE I 72 -28.43 30.54 -18.30
N ILE I 73 -28.98 30.17 -17.14
CA ILE I 73 -30.19 29.30 -16.99
C ILE I 73 -31.36 29.97 -17.73
N ARG I 74 -31.57 31.26 -17.49
CA ARG I 74 -32.67 32.06 -18.09
C ARG I 74 -32.59 31.96 -19.63
N ASN I 75 -31.41 32.24 -20.19
CA ASN I 75 -31.22 32.38 -21.66
C ASN I 75 -31.54 31.02 -22.29
N VAL I 76 -31.01 29.96 -21.66
CA VAL I 76 -31.17 28.54 -22.09
C VAL I 76 -32.66 28.20 -22.06
N THR I 77 -33.36 28.53 -20.98
CA THR I 77 -34.81 28.28 -20.78
C THR I 77 -35.61 28.92 -21.92
N ASN I 78 -35.35 30.21 -22.19
CA ASN I 78 -35.99 30.99 -23.28
C ASN I 78 -35.75 30.28 -24.62
N ILE I 79 -34.50 29.89 -24.87
CA ILE I 79 -34.07 29.14 -26.09
C ILE I 79 -34.86 27.83 -26.16
N GLN I 80 -34.93 27.09 -25.06
CA GLN I 80 -35.67 25.79 -24.94
C GLN I 80 -37.13 26.00 -25.35
N ASP I 81 -37.77 27.04 -24.80
CA ASP I 81 -39.19 27.39 -25.07
C ASP I 81 -39.36 27.73 -26.56
N TYR I 82 -38.42 28.49 -27.13
CA TYR I 82 -38.44 28.99 -28.53
C TYR I 82 -38.43 27.82 -29.51
N PHE I 83 -37.42 26.95 -29.40
CA PHE I 83 -37.22 25.75 -30.25
C PHE I 83 -38.40 24.79 -30.07
N GLU I 84 -38.99 24.76 -28.86
CA GLU I 84 -40.18 23.94 -28.51
C GLU I 84 -41.34 24.34 -29.44
N THR I 85 -41.61 25.64 -29.55
CA THR I 85 -42.68 26.23 -30.40
C THR I 85 -42.37 25.99 -31.88
N GLN I 86 -41.13 26.31 -32.29
CA GLN I 86 -40.62 26.18 -33.68
C GLN I 86 -39.91 24.82 -33.84
N ASN I 87 -40.58 23.71 -33.51
CA ASN I 87 -39.91 22.38 -33.42
C ASN I 87 -39.39 21.94 -34.81
N LEU I 88 -40.18 22.17 -35.87
CA LEU I 88 -39.78 21.91 -37.28
C LEU I 88 -40.43 22.96 -38.21
N ILE I 89 -39.64 23.56 -39.11
CA ILE I 89 -40.12 24.41 -40.24
C ILE I 89 -40.80 23.50 -41.27
N SER I 90 -42.04 23.82 -41.67
CA SER I 90 -42.83 23.11 -42.70
C SER I 90 -42.39 23.57 -44.10
N THR I 91 -41.29 23.01 -44.59
CA THR I 91 -40.64 23.34 -45.89
C THR I 91 -41.67 23.19 -47.02
N VAL I 92 -42.53 22.16 -46.93
CA VAL I 92 -43.59 21.88 -47.94
C VAL I 92 -44.89 22.53 -47.46
N MET I 93 -45.73 22.95 -48.40
CA MET I 93 -47.08 23.53 -48.10
C MET I 93 -47.92 22.42 -47.48
N PRO I 94 -48.22 22.52 -46.16
CA PRO I 94 -48.91 21.42 -45.48
C PRO I 94 -50.36 21.15 -45.90
N SER I 95 -51.35 22.05 -45.68
CA SER I 95 -52.68 21.99 -46.34
C SER I 95 -53.55 23.21 -46.01
N GLY I 96 -53.73 24.10 -46.99
CA GLY I 96 -54.73 25.19 -46.98
C GLY I 96 -54.20 26.51 -46.48
N ALA I 97 -52.93 26.84 -46.74
CA ALA I 97 -52.28 28.14 -46.46
C ALA I 97 -51.83 28.78 -47.78
N THR I 98 -51.76 30.12 -47.84
CA THR I 98 -51.13 30.89 -48.94
C THR I 98 -49.61 30.75 -48.85
N LYS I 99 -48.91 30.94 -49.96
CA LYS I 99 -47.42 30.94 -50.04
C LYS I 99 -46.86 32.10 -49.21
N GLU I 100 -47.52 33.27 -49.27
CA GLU I 100 -47.20 34.49 -48.50
C GLU I 100 -47.28 34.21 -46.99
N GLN I 101 -48.34 33.51 -46.55
CA GLN I 101 -48.58 33.11 -45.13
C GLN I 101 -47.41 32.27 -44.62
N TRP I 102 -46.97 31.28 -45.42
CA TRP I 102 -45.81 30.40 -45.11
C TRP I 102 -44.52 31.23 -45.06
N LEU I 103 -44.34 32.16 -46.00
CA LEU I 103 -43.14 33.06 -46.09
C LEU I 103 -43.06 33.95 -44.85
N SER I 104 -44.20 34.55 -44.44
CA SER I 104 -44.33 35.42 -43.25
C SER I 104 -43.92 34.66 -41.99
N ALA I 105 -44.51 33.48 -41.78
CA ALA I 105 -44.24 32.57 -40.64
C ALA I 105 -42.75 32.23 -40.59
N LEU I 106 -42.16 31.88 -41.73
CA LEU I 106 -40.71 31.56 -41.88
C LEU I 106 -39.87 32.78 -41.51
N GLY I 107 -40.21 33.95 -42.10
CA GLY I 107 -39.54 35.23 -41.81
C GLY I 107 -39.55 35.54 -40.32
N MET I 108 -40.70 35.37 -39.68
CA MET I 108 -40.89 35.54 -38.21
C MET I 108 -39.94 34.61 -37.47
N VAL I 109 -39.93 33.32 -37.82
CA VAL I 109 -39.06 32.25 -37.24
C VAL I 109 -37.60 32.67 -37.42
N SER I 110 -37.22 33.12 -38.63
CA SER I 110 -35.86 33.59 -38.98
C SER I 110 -35.42 34.71 -38.02
N ASP I 111 -36.28 35.72 -37.86
CA ASP I 111 -36.04 36.89 -36.99
C ASP I 111 -35.79 36.42 -35.54
N LYS I 112 -36.66 35.54 -35.03
CA LYS I 112 -36.59 34.96 -33.66
C LYS I 112 -35.27 34.24 -33.48
N ALA I 113 -34.85 33.42 -34.45
CA ALA I 113 -33.59 32.65 -34.45
C ALA I 113 -32.40 33.61 -34.36
N LYS I 114 -32.44 34.70 -35.14
CA LYS I 114 -31.40 35.75 -35.15
C LYS I 114 -31.22 36.30 -33.72
N GLU I 115 -32.33 36.69 -33.08
CA GLU I 115 -32.37 37.20 -31.69
C GLU I 115 -31.74 36.16 -30.75
N TYR I 116 -32.14 34.89 -30.88
CA TYR I 116 -31.65 33.73 -30.11
C TYR I 116 -30.13 33.56 -30.33
N GLN I 117 -29.68 33.69 -31.57
CA GLN I 117 -28.24 33.63 -31.97
C GLN I 117 -27.46 34.70 -31.19
N GLU I 118 -27.94 35.95 -31.25
CA GLU I 118 -27.35 37.12 -30.54
C GLU I 118 -27.27 36.82 -29.03
N VAL I 119 -28.35 36.27 -28.46
CA VAL I 119 -28.45 35.86 -27.03
C VAL I 119 -27.35 34.84 -26.72
N SER I 120 -27.17 33.85 -27.59
CA SER I 120 -26.14 32.77 -27.47
C SER I 120 -24.74 33.38 -27.41
N ALA I 121 -24.44 34.33 -28.32
CA ALA I 121 -23.16 35.07 -28.37
C ALA I 121 -22.93 35.82 -27.05
N ASN I 122 -24.00 36.41 -26.50
CA ASN I 122 -24.00 37.16 -25.22
C ASN I 122 -23.56 36.24 -24.07
N THR I 123 -24.19 35.06 -23.96
CA THR I 123 -23.88 34.01 -22.95
C THR I 123 -22.41 33.63 -23.05
N ARG I 124 -21.90 33.43 -24.27
CA ARG I 124 -20.49 33.08 -24.56
C ARG I 124 -19.56 34.13 -23.94
N ARG I 125 -19.84 35.40 -24.21
CA ARG I 125 -19.07 36.57 -23.68
C ARG I 125 -19.00 36.48 -22.14
N THR I 126 -20.15 36.25 -21.52
CA THR I 126 -20.30 36.05 -20.05
C THR I 126 -19.35 34.94 -19.59
N ILE I 127 -19.38 33.80 -20.28
CA ILE I 127 -18.52 32.61 -20.02
C ILE I 127 -17.05 33.03 -20.12
N GLY I 128 -16.69 33.74 -21.19
CA GLY I 128 -15.33 34.26 -21.43
C GLY I 128 -14.82 35.05 -20.24
N SER I 129 -15.62 36.00 -19.74
CA SER I 129 -15.33 36.84 -18.55
C SER I 129 -15.09 35.93 -17.33
N LEU I 130 -16.01 34.98 -17.11
CA LEU I 130 -15.94 33.98 -16.01
C LEU I 130 -14.61 33.24 -16.09
N ASN I 131 -14.26 32.75 -17.29
CA ASN I 131 -13.00 32.02 -17.58
C ASN I 131 -11.81 32.88 -17.13
N ASP I 132 -11.74 34.12 -17.61
CA ASP I 132 -10.66 35.10 -17.29
C ASP I 132 -10.57 35.28 -15.77
N LYS I 133 -11.71 35.51 -15.11
CA LYS I 133 -11.82 35.71 -13.64
C LYS I 133 -11.22 34.50 -12.90
N LEU I 134 -11.65 33.29 -13.28
CA LEU I 134 -11.18 32.02 -12.70
C LEU I 134 -9.67 31.85 -12.93
N ILE I 135 -9.24 32.04 -14.19
CA ILE I 135 -7.81 31.96 -14.62
C ILE I 135 -6.98 32.84 -13.70
N ILE I 136 -7.35 34.11 -13.53
CA ILE I 136 -6.65 35.11 -12.67
C ILE I 136 -6.58 34.59 -11.23
N ASP I 137 -7.70 34.07 -10.71
CA ASP I 137 -7.79 33.51 -9.33
C ASP I 137 -6.76 32.37 -9.16
N SER I 138 -6.82 31.38 -10.06
CA SER I 138 -5.94 30.18 -10.06
C SER I 138 -4.45 30.61 -10.09
N ASN I 139 -4.13 31.58 -10.95
CA ASN I 139 -2.76 32.13 -11.14
C ASN I 139 -2.28 32.73 -9.83
N ASN I 140 -3.06 33.64 -9.24
CA ASN I 140 -2.76 34.32 -7.95
C ASN I 140 -2.53 33.26 -6.86
N TYR I 141 -3.39 32.24 -6.82
CA TYR I 141 -3.31 31.09 -5.87
C TYR I 141 -1.93 30.41 -6.00
N GLN I 142 -1.58 30.04 -7.24
CA GLN I 142 -0.28 29.38 -7.58
C GLN I 142 0.88 30.25 -7.06
N LEU I 143 0.82 31.56 -7.33
CA LEU I 143 1.84 32.57 -6.94
C LEU I 143 2.02 32.54 -5.42
N ILE I 144 0.92 32.52 -4.66
CA ILE I 144 0.92 32.44 -3.17
C ILE I 144 1.62 31.13 -2.75
N VAL I 145 1.25 30.01 -3.40
CA VAL I 145 1.79 28.66 -3.09
C VAL I 145 3.32 28.67 -3.23
N VAL I 146 3.82 29.16 -4.37
CA VAL I 146 5.27 29.26 -4.70
C VAL I 146 5.96 30.15 -3.64
N ASN I 147 5.39 31.32 -3.38
CA ASN I 147 5.88 32.30 -2.37
C ASN I 147 6.02 31.60 -1.01
N LEU I 148 5.02 30.78 -0.63
CA LEU I 148 4.98 30.01 0.63
C LEU I 148 6.05 28.92 0.59
N ASN I 149 6.06 28.11 -0.47
CA ASN I 149 7.04 27.01 -0.67
C ASN I 149 8.47 27.53 -0.46
N ASN I 150 8.76 28.70 -1.05
CA ASN I 150 10.08 29.39 -0.96
C ASN I 150 10.41 29.71 0.51
N VAL I 151 9.43 30.17 1.28
CA VAL I 151 9.58 30.61 2.70
C VAL I 151 10.01 29.41 3.56
N VAL I 152 9.35 28.26 3.41
CA VAL I 152 9.60 27.02 4.19
C VAL I 152 10.90 26.36 3.71
N ASN I 153 11.27 26.57 2.44
CA ASN I 153 12.48 25.97 1.81
C ASN I 153 13.75 26.75 2.20
N GLY I 154 13.61 28.06 2.41
CA GLY I 154 14.61 28.92 3.10
C GLY I 154 14.68 28.68 4.60
N ASN I 155 13.54 28.73 5.29
CA ASN I 155 13.39 28.58 6.76
C ASN I 155 14.04 27.27 7.24
N ASN I 156 14.13 26.25 6.37
CA ASN I 156 14.66 24.89 6.67
C ASN I 156 16.18 24.84 6.46
N GLY I 157 16.80 25.85 5.81
CA GLY I 157 18.27 26.08 5.91
C GLY I 157 18.69 26.58 7.30
N VAL I 158 18.00 27.63 7.77
CA VAL I 158 18.12 28.22 9.13
C VAL I 158 17.97 27.12 10.20
N LEU I 159 16.95 26.26 10.07
CA LEU I 159 16.63 25.18 11.03
C LEU I 159 17.84 24.25 11.26
N GLU I 160 18.57 23.92 10.19
CA GLU I 160 19.77 23.04 10.20
C GLU I 160 20.93 23.72 10.95
N GLN I 161 21.20 25.00 10.65
CA GLN I 161 22.24 25.83 11.31
C GLN I 161 21.94 25.93 12.81
N LEU I 162 20.65 25.94 13.19
CA LEU I 162 20.16 26.00 14.59
C LEU I 162 20.46 24.67 15.32
N ASN I 163 20.09 23.54 14.71
CA ASN I 163 20.32 22.17 15.24
C ASN I 163 21.83 21.94 15.40
N ARG I 164 22.65 22.45 14.46
CA ARG I 164 24.13 22.35 14.47
C ARG I 164 24.72 23.20 15.61
N ASP I 165 24.17 24.40 15.82
CA ASP I 165 24.58 25.34 16.91
C ASP I 165 24.16 24.76 18.27
N ILE I 166 22.94 24.21 18.37
CA ILE I 166 22.37 23.57 19.60
C ILE I 166 23.27 22.41 20.03
N ASP I 167 23.76 21.63 19.07
CA ASP I 167 24.73 20.52 19.27
C ASP I 167 26.04 21.07 19.84
N GLY I 168 26.54 22.17 19.29
CA GLY I 168 27.77 22.87 19.73
C GLY I 168 27.64 23.47 21.13
N ILE I 169 26.42 23.80 21.55
CA ILE I 169 26.08 24.47 22.83
C ILE I 169 26.07 23.47 23.99
N ASN I 170 25.50 22.27 23.80
CA ASN I 170 25.45 21.16 24.77
C ASN I 170 26.87 20.77 25.28
N ALA I 171 27.90 20.91 24.44
CA ALA I 171 29.32 20.60 24.78
C ALA I 171 29.83 21.48 25.94
N ALA I 172 29.63 22.80 25.81
CA ALA I 172 29.94 23.81 26.84
C ALA I 172 29.08 23.55 28.10
N ILE I 173 27.80 23.16 27.89
CA ILE I 173 26.82 22.84 28.96
C ILE I 173 27.33 21.66 29.82
N ASP I 174 27.85 20.63 29.17
CA ASP I 174 28.47 19.44 29.81
C ASP I 174 29.82 19.83 30.45
N GLY I 175 30.63 20.64 29.74
CA GLY I 175 31.93 21.17 30.21
C GLY I 175 31.80 21.93 31.53
N ALA I 176 30.69 22.64 31.71
CA ALA I 176 30.31 23.34 32.95
C ALA I 176 29.89 22.32 34.03
N ILE I 177 29.04 21.35 33.64
CA ILE I 177 28.56 20.26 34.53
C ILE I 177 29.76 19.49 35.10
N ALA I 178 30.78 19.22 34.27
CA ALA I 178 32.03 18.53 34.64
C ALA I 178 32.81 19.34 35.68
N GLY I 179 33.07 20.62 35.40
CA GLY I 179 33.77 21.55 36.30
C GLY I 179 33.10 21.65 37.68
N ILE I 180 31.77 21.65 37.70
CA ILE I 180 30.92 21.76 38.92
C ILE I 180 31.13 20.50 39.81
N VAL I 181 31.08 19.32 39.19
CA VAL I 181 31.27 18.00 39.86
C VAL I 181 32.72 17.90 40.35
N VAL I 182 33.71 18.11 39.47
CA VAL I 182 35.16 18.08 39.81
C VAL I 182 35.42 18.98 41.02
N GLY I 183 34.81 20.17 41.05
CA GLY I 183 34.91 21.13 42.18
C GLY I 183 34.35 20.52 43.46
N GLY I 184 33.17 19.90 43.38
CA GLY I 184 32.49 19.23 44.51
C GLY I 184 33.35 18.13 45.13
N LEU I 185 34.02 17.34 44.30
CA LEU I 185 34.93 16.24 44.74
C LEU I 185 36.19 16.84 45.38
N LEU I 186 36.82 17.82 44.70
CA LEU I 186 38.06 18.51 45.16
C LEU I 186 37.84 19.07 46.57
N VAL I 187 36.71 19.75 46.78
CA VAL I 187 36.29 20.34 48.09
C VAL I 187 36.12 19.21 49.11
N ILE I 188 35.36 18.16 48.74
CA ILE I 188 35.09 16.97 49.58
C ILE I 188 36.41 16.35 50.03
N GLY I 189 37.31 16.06 49.09
CA GLY I 189 38.65 15.52 49.34
C GLY I 189 39.50 16.47 50.17
N GLY I 190 39.48 17.76 49.83
CA GLY I 190 40.21 18.83 50.54
C GLY I 190 39.85 18.87 52.01
N ALA I 191 38.55 18.77 52.33
CA ALA I 191 38.00 18.78 53.70
C ALA I 191 38.57 17.61 54.50
N ILE I 192 38.54 16.40 53.93
CA ILE I 192 39.05 15.15 54.54
C ILE I 192 40.56 15.30 54.82
N VAL I 193 41.30 15.85 53.85
CA VAL I 193 42.78 16.05 53.92
C VAL I 193 43.08 17.10 55.01
N THR I 194 42.42 18.26 54.93
CA THR I 194 42.57 19.40 55.87
C THR I 194 42.35 18.92 57.30
N ALA I 195 41.28 18.16 57.53
CA ALA I 195 40.89 17.57 58.84
C ALA I 195 42.02 16.65 59.35
N ILE I 196 42.55 15.80 58.46
CA ILE I 196 43.67 14.86 58.74
C ILE I 196 44.90 15.68 59.13
N GLY I 197 45.31 16.61 58.26
CA GLY I 197 46.47 17.50 58.45
C GLY I 197 46.40 18.27 59.76
N ALA I 198 45.19 18.70 60.16
CA ALA I 198 44.93 19.48 61.39
C ALA I 198 45.15 18.64 62.64
N VAL I 199 45.70 17.42 62.55
CA VAL I 199 46.18 16.57 63.68
C VAL I 199 47.45 17.20 64.27
N ALA I 200 48.25 17.89 63.43
CA ALA I 200 49.54 18.52 63.81
C ALA I 200 49.86 19.79 63.01
N SER I 208 52.80 19.21 60.52
CA SER I 208 51.82 18.70 59.51
C SER I 208 51.03 19.87 58.90
N THR I 209 51.75 20.97 58.61
CA THR I 209 51.18 22.25 58.11
C THR I 209 51.04 22.19 56.59
N PRO I 210 51.97 21.52 55.88
CA PRO I 210 51.89 21.44 54.42
C PRO I 210 50.66 20.67 53.92
N VAL I 211 50.28 19.61 54.64
CA VAL I 211 49.09 18.74 54.35
C VAL I 211 47.81 19.58 54.48
N VAL I 212 47.70 20.34 55.58
CA VAL I 212 46.54 21.24 55.87
C VAL I 212 46.42 22.29 54.76
N MET I 213 47.56 22.86 54.34
CA MET I 213 47.65 23.89 53.26
C MET I 213 47.10 23.30 51.96
N GLY I 214 47.60 22.11 51.56
CA GLY I 214 47.15 21.36 50.37
C GLY I 214 45.65 21.07 50.43
N GLY I 215 45.15 20.71 51.62
CA GLY I 215 43.73 20.43 51.88
C GLY I 215 42.87 21.68 51.72
N ILE I 216 43.35 22.81 52.28
CA ILE I 216 42.67 24.14 52.20
C ILE I 216 42.68 24.61 50.74
N ALA I 217 43.81 24.46 50.05
CA ALA I 217 43.99 24.81 48.62
C ALA I 217 42.99 24.02 47.76
N MET I 218 42.90 22.70 47.97
CA MET I 218 41.95 21.78 47.28
C MET I 218 40.51 22.25 47.50
N MET I 219 40.18 22.60 48.75
CA MET I 219 38.86 23.14 49.17
C MET I 219 38.60 24.46 48.41
N THR I 220 39.56 25.38 48.47
CA THR I 220 39.50 26.74 47.84
C THR I 220 39.26 26.59 46.33
N ALA I 221 40.08 25.78 45.66
CA ALA I 221 40.01 25.49 44.20
C ALA I 221 38.65 24.86 43.87
N GLY I 222 38.21 23.89 44.67
CA GLY I 222 36.91 23.20 44.52
C GLY I 222 35.76 24.18 44.52
N ALA I 223 35.77 25.15 45.45
CA ALA I 223 34.77 26.23 45.60
C ALA I 223 34.81 27.13 44.36
N GLY I 224 36.03 27.56 43.97
CA GLY I 224 36.27 28.41 42.79
C GLY I 224 35.69 27.79 41.51
N GLY I 225 35.96 26.50 41.30
CA GLY I 225 35.46 25.72 40.14
C GLY I 225 33.95 25.60 40.16
N VAL I 226 33.36 25.34 41.33
CA VAL I 226 31.88 25.22 41.54
C VAL I 226 31.22 26.56 41.21
N ILE I 227 31.82 27.67 41.66
CA ILE I 227 31.32 29.06 41.45
C ILE I 227 31.42 29.42 39.96
N GLY I 228 32.63 29.29 39.39
CA GLY I 228 32.93 29.59 37.98
C GLY I 228 32.03 28.82 37.03
N GLY I 229 31.87 27.52 37.28
CA GLY I 229 31.01 26.61 36.50
C GLY I 229 29.56 27.04 36.52
N ALA I 230 29.03 27.41 37.69
CA ALA I 230 27.64 27.88 37.90
C ALA I 230 27.37 29.11 37.04
N ILE I 231 28.30 30.07 37.04
CA ILE I 231 28.23 31.33 36.24
C ILE I 231 28.15 30.96 34.75
N VAL I 232 29.07 30.12 34.29
CA VAL I 232 29.16 29.64 32.88
C VAL I 232 27.87 28.90 32.52
N LEU I 233 27.44 27.96 33.36
CA LEU I 233 26.25 27.10 33.15
C LEU I 233 25.00 27.97 32.95
N ASP I 234 24.73 28.87 33.90
CA ASP I 234 23.57 29.80 33.89
C ASP I 234 23.57 30.60 32.58
N LYS I 235 24.74 31.02 32.11
CA LYS I 235 24.93 31.80 30.86
C LYS I 235 24.79 30.89 29.64
N SER I 236 25.32 29.66 29.70
CA SER I 236 25.43 28.69 28.57
C SER I 236 24.04 28.18 28.16
N LEU I 237 23.24 27.76 29.14
CA LEU I 237 21.80 27.40 28.96
C LEU I 237 21.02 28.61 28.44
N SER I 238 21.42 29.82 28.86
CA SER I 238 20.79 31.13 28.53
C SER I 238 21.13 31.55 27.10
N ALA I 239 22.22 31.04 26.51
CA ALA I 239 22.54 31.13 25.07
C ALA I 239 21.80 30.02 24.32
N ARG I 240 21.81 28.80 24.89
CA ARG I 240 21.09 27.60 24.40
C ARG I 240 19.60 27.90 24.28
N GLU I 241 19.01 28.57 25.29
CA GLU I 241 17.57 28.91 25.36
C GLU I 241 17.16 29.80 24.18
N LYS I 242 17.96 30.83 23.88
CA LYS I 242 17.74 31.79 22.78
C LYS I 242 17.69 31.04 21.43
N LEU I 243 18.64 30.13 21.21
CA LEU I 243 18.76 29.30 19.97
C LEU I 243 17.52 28.42 19.81
N TYR I 244 17.12 27.73 20.87
CA TYR I 244 15.96 26.80 20.92
C TYR I 244 14.67 27.56 20.61
N ARG I 245 14.50 28.76 21.20
CA ARG I 245 13.32 29.65 21.01
C ARG I 245 13.17 29.99 19.53
N ASP I 246 14.28 30.38 18.88
CA ASP I 246 14.34 30.73 17.44
C ASP I 246 13.94 29.50 16.60
N ARG I 247 14.50 28.33 16.93
CA ARG I 247 14.25 27.04 16.25
C ARG I 247 12.75 26.73 16.26
N SER I 248 12.12 26.77 17.43
CA SER I 248 10.68 26.51 17.66
C SER I 248 9.84 27.52 16.86
N GLN I 249 10.18 28.81 16.93
CA GLN I 249 9.48 29.91 16.23
C GLN I 249 9.49 29.64 14.72
N LEU I 250 10.66 29.29 14.17
CA LEU I 250 10.86 28.96 12.72
C LEU I 250 10.03 27.73 12.36
N ASN I 251 10.06 26.70 13.20
CA ASN I 251 9.31 25.41 13.03
C ASN I 251 7.82 25.72 12.92
N SER I 252 7.29 26.53 13.84
CA SER I 252 5.87 26.96 13.90
C SER I 252 5.50 27.72 12.63
N GLU I 253 6.32 28.73 12.26
CA GLU I 253 6.13 29.58 11.06
C GLU I 253 6.03 28.69 9.81
N VAL I 254 6.97 27.76 9.66
CA VAL I 254 7.06 26.80 8.52
C VAL I 254 5.78 25.97 8.46
N LEU I 255 5.34 25.44 9.60
CA LEU I 255 4.10 24.61 9.75
C LEU I 255 2.90 25.43 9.28
N VAL I 256 2.76 26.65 9.80
CA VAL I 256 1.66 27.61 9.45
C VAL I 256 1.62 27.79 7.94
N ALA I 257 2.77 28.06 7.33
CA ALA I 257 2.95 28.24 5.87
C ALA I 257 2.49 26.99 5.13
N SER I 258 2.95 25.82 5.57
CA SER I 258 2.60 24.48 5.03
C SER I 258 1.11 24.22 5.19
N GLN I 259 0.48 24.80 6.22
CA GLN I 259 -0.98 24.70 6.51
C GLN I 259 -1.76 25.48 5.44
N ILE I 260 -1.51 26.79 5.36
CA ILE I 260 -2.21 27.73 4.43
C ILE I 260 -1.92 27.30 2.99
N GLY I 261 -0.67 26.84 2.76
CA GLY I 261 -0.14 26.35 1.48
C GLY I 261 -0.96 25.21 0.95
N SER I 262 -1.23 24.18 1.75
CA SER I 262 -2.10 23.03 1.41
C SER I 262 -3.49 23.52 0.97
N GLY I 263 -4.05 24.47 1.73
CA GLY I 263 -5.39 25.05 1.48
C GLY I 263 -5.44 25.78 0.14
N TYR I 264 -4.47 26.66 -0.09
CA TYR I 264 -4.29 27.42 -1.35
C TYR I 264 -4.13 26.44 -2.52
N ARG I 265 -3.30 25.40 -2.32
CA ARG I 265 -3.04 24.31 -3.29
C ARG I 265 -4.36 23.67 -3.70
N GLY I 266 -5.20 23.32 -2.73
CA GLY I 266 -6.55 22.75 -2.95
C GLY I 266 -7.44 23.70 -3.72
N LEU I 267 -7.40 25.00 -3.38
CA LEU I 267 -8.15 26.07 -4.08
C LEU I 267 -7.69 26.16 -5.54
N GLN I 268 -6.38 26.10 -5.78
CA GLN I 268 -5.73 26.18 -7.11
C GLN I 268 -6.26 25.05 -8.00
N THR I 269 -6.34 23.83 -7.47
CA THR I 269 -6.87 22.63 -8.16
C THR I 269 -8.34 22.86 -8.52
N GLN I 270 -9.14 23.35 -7.55
CA GLN I 270 -10.58 23.64 -7.72
C GLN I 270 -10.79 24.60 -8.90
N ALA I 271 -9.94 25.63 -9.00
CA ALA I 271 -9.96 26.66 -10.07
C ALA I 271 -9.55 26.03 -11.41
N GLN I 272 -8.49 25.23 -11.42
CA GLN I 272 -7.96 24.52 -12.63
C GLN I 272 -9.07 23.68 -13.26
N SER I 273 -9.82 22.95 -12.42
CA SER I 273 -10.96 22.09 -12.83
C SER I 273 -12.11 22.95 -13.37
N ALA I 274 -12.44 24.03 -12.65
CA ALA I 274 -13.49 25.01 -13.01
C ALA I 274 -13.16 25.63 -14.38
N VAL I 275 -11.87 25.87 -14.66
CA VAL I 275 -11.36 26.42 -15.95
C VAL I 275 -11.76 25.46 -17.07
N THR I 276 -11.51 24.17 -16.90
CA THR I 276 -11.86 23.09 -17.86
C THR I 276 -13.38 23.07 -18.06
N ALA I 277 -14.14 23.13 -16.96
CA ALA I 277 -15.62 23.14 -16.94
C ALA I 277 -16.13 24.33 -17.77
N ALA I 278 -15.55 25.51 -17.55
CA ALA I 278 -15.92 26.79 -18.20
C ALA I 278 -15.59 26.72 -19.69
N THR I 279 -14.38 26.31 -20.04
CA THR I 279 -13.90 26.12 -21.43
C THR I 279 -14.89 25.23 -22.18
N GLN I 280 -15.34 24.16 -21.53
CA GLN I 280 -16.36 23.21 -22.06
C GLN I 280 -17.65 23.98 -22.37
N MET I 281 -18.13 24.77 -21.42
CA MET I 281 -19.37 25.60 -21.53
C MET I 281 -19.23 26.60 -22.68
N ASN I 282 -18.05 27.19 -22.85
CA ASN I 282 -17.71 28.17 -23.92
C ASN I 282 -17.86 27.50 -25.28
N ASN I 283 -17.31 26.29 -25.43
CA ASN I 283 -17.38 25.49 -26.69
C ASN I 283 -18.85 25.14 -26.99
N ALA I 284 -19.62 24.78 -25.96
CA ALA I 284 -21.05 24.38 -26.06
C ALA I 284 -21.88 25.53 -26.63
N TRP I 285 -21.76 26.72 -26.04
CA TRP I 285 -22.44 27.98 -26.47
C TRP I 285 -22.01 28.35 -27.88
N ASP I 286 -20.71 28.26 -28.18
CA ASP I 286 -20.10 28.55 -29.50
C ASP I 286 -20.76 27.66 -30.57
N SER I 287 -20.94 26.37 -30.25
CA SER I 287 -21.59 25.36 -31.13
C SER I 287 -23.06 25.75 -31.39
N LEU I 288 -23.80 26.07 -30.32
CA LEU I 288 -25.22 26.49 -30.38
C LEU I 288 -25.35 27.74 -31.27
N THR I 289 -24.46 28.72 -31.10
CA THR I 289 -24.40 29.99 -31.86
C THR I 289 -24.20 29.69 -33.35
N SER I 290 -23.24 28.82 -33.67
CA SER I 290 -22.91 28.36 -35.05
C SER I 290 -24.12 27.64 -35.66
N GLU I 291 -24.72 26.69 -34.91
CA GLU I 291 -25.89 25.88 -35.34
C GLU I 291 -27.07 26.79 -35.71
N LEU I 292 -27.27 27.85 -34.91
CA LEU I 292 -28.32 28.89 -35.13
C LEU I 292 -28.03 29.64 -36.44
N GLU I 293 -26.78 30.05 -36.65
CA GLU I 293 -26.31 30.77 -37.87
C GLU I 293 -26.59 29.94 -39.11
N THR I 294 -26.36 28.62 -39.04
CA THR I 294 -26.57 27.63 -40.13
C THR I 294 -28.06 27.54 -40.48
N LEU I 295 -28.91 27.41 -39.44
CA LEU I 295 -30.39 27.37 -39.56
C LEU I 295 -30.88 28.68 -40.20
N ASN I 296 -30.34 29.82 -39.77
CA ASN I 296 -30.66 31.18 -40.27
C ASN I 296 -30.33 31.25 -41.77
N ALA I 297 -29.12 30.82 -42.15
CA ALA I 297 -28.63 30.76 -43.54
C ALA I 297 -29.50 29.82 -44.37
N ASN I 298 -29.79 28.63 -43.83
CA ASN I 298 -30.68 27.61 -44.44
C ASN I 298 -32.06 28.22 -44.68
N LEU I 299 -32.58 28.94 -43.67
CA LEU I 299 -33.90 29.65 -43.71
C LEU I 299 -33.89 30.72 -44.81
N ARG I 300 -33.00 31.72 -44.68
CA ARG I 300 -32.92 32.94 -45.55
C ARG I 300 -32.93 32.56 -47.03
N LYS I 301 -32.14 31.55 -47.43
CA LYS I 301 -31.96 31.10 -48.83
C LYS I 301 -33.24 30.40 -49.34
N GLY I 302 -34.13 30.00 -48.43
CA GLY I 302 -35.38 29.27 -48.75
C GLY I 302 -36.56 30.20 -49.00
N ILE I 303 -36.48 31.42 -48.45
CA ILE I 303 -37.50 32.51 -48.60
C ILE I 303 -37.34 33.15 -49.97
N ILE I 304 -36.10 33.39 -50.40
CA ILE I 304 -35.70 33.87 -51.76
C ILE I 304 -35.34 32.65 -52.62
N ASP I 305 -36.22 31.66 -52.62
CA ASP I 305 -36.26 30.43 -53.47
C ASP I 305 -37.76 30.10 -53.66
N ASP I 306 -38.15 29.53 -54.82
CA ASP I 306 -39.56 29.56 -55.31
C ASP I 306 -40.19 28.17 -55.23
N SER I 307 -39.44 27.16 -55.71
CA SER I 307 -39.94 25.77 -55.94
C SER I 307 -39.10 24.73 -55.20
N PHE I 308 -38.22 23.99 -55.90
CA PHE I 308 -37.49 22.79 -55.38
C PHE I 308 -36.32 23.20 -54.47
N LEU I 309 -35.53 24.23 -54.87
CA LEU I 309 -34.35 24.73 -54.11
C LEU I 309 -34.78 25.26 -52.73
N ARG I 310 -36.03 25.74 -52.62
CA ARG I 310 -36.67 26.22 -51.36
C ARG I 310 -36.85 25.05 -50.38
N GLN I 311 -37.46 23.96 -50.86
CA GLN I 311 -37.71 22.71 -50.07
C GLN I 311 -36.37 22.09 -49.64
N LEU I 312 -35.32 22.25 -50.47
CA LEU I 312 -33.94 21.74 -50.23
C LEU I 312 -33.33 22.44 -49.00
N PHE I 313 -33.34 23.77 -48.99
CA PHE I 313 -32.81 24.62 -47.87
C PHE I 313 -33.68 24.45 -46.62
N LEU I 314 -35.00 24.26 -46.81
CA LEU I 314 -36.01 24.11 -45.72
C LEU I 314 -35.83 22.77 -44.99
N THR I 315 -35.48 21.71 -45.73
CA THR I 315 -35.19 20.35 -45.19
C THR I 315 -33.88 20.39 -44.40
N ALA I 316 -32.85 21.08 -44.91
CA ALA I 316 -31.53 21.29 -44.28
C ALA I 316 -31.69 22.06 -42.97
N SER I 317 -32.58 23.07 -42.96
CA SER I 317 -32.98 23.88 -41.77
C SER I 317 -33.68 23.00 -40.73
N GLN I 318 -34.52 22.06 -41.20
CA GLN I 318 -35.21 21.06 -40.34
C GLN I 318 -34.16 20.19 -39.63
N THR I 319 -33.03 19.92 -40.29
CA THR I 319 -31.87 19.16 -39.77
C THR I 319 -31.07 20.06 -38.81
N SER I 320 -30.83 21.32 -39.21
CA SER I 320 -30.43 22.44 -38.30
C SER I 320 -31.20 22.38 -36.97
N VAL I 321 -32.54 22.33 -37.06
CA VAL I 321 -33.50 22.40 -35.91
C VAL I 321 -33.23 21.26 -34.92
N THR I 322 -33.00 20.04 -35.42
CA THR I 322 -32.62 18.84 -34.62
C THR I 322 -31.26 19.08 -33.96
N LYS I 323 -30.29 19.66 -34.70
CA LYS I 323 -28.89 19.95 -34.24
C LYS I 323 -28.91 20.98 -33.10
N VAL I 324 -29.84 21.95 -33.17
CA VAL I 324 -30.04 23.00 -32.11
C VAL I 324 -30.69 22.34 -30.88
N LEU I 325 -31.74 21.53 -31.08
CA LEU I 325 -32.49 20.80 -30.01
C LEU I 325 -31.54 19.90 -29.21
N ASP I 326 -30.57 19.28 -29.89
CA ASP I 326 -29.50 18.45 -29.28
C ASP I 326 -28.58 19.36 -28.44
N GLY I 327 -28.10 20.46 -29.03
CA GLY I 327 -27.25 21.47 -28.38
C GLY I 327 -27.89 22.00 -27.09
N THR I 328 -29.22 22.14 -27.08
CA THR I 328 -30.04 22.58 -25.92
C THR I 328 -29.94 21.55 -24.80
N LYS I 329 -30.29 20.29 -25.09
CA LYS I 329 -30.23 19.15 -24.15
C LYS I 329 -28.80 19.03 -23.58
N ILE I 330 -27.78 19.25 -24.42
CA ILE I 330 -26.33 19.16 -24.07
C ILE I 330 -25.97 20.25 -23.05
N ILE I 331 -26.34 21.49 -23.34
CA ILE I 331 -26.11 22.68 -22.45
C ILE I 331 -26.81 22.46 -21.11
N LYS I 332 -28.05 21.95 -21.14
CA LYS I 332 -28.89 21.64 -19.94
C LYS I 332 -28.13 20.68 -19.03
N GLN I 333 -27.45 19.68 -19.61
CA GLN I 333 -26.62 18.68 -18.89
C GLN I 333 -25.37 19.36 -18.30
N GLN I 334 -24.72 20.24 -19.06
CA GLN I 334 -23.52 21.00 -18.61
C GLN I 334 -23.88 21.80 -17.35
N GLN J 15 -28.44 1.50 2.40
CA GLN J 15 -27.44 2.26 3.22
C GLN J 15 -28.04 2.57 4.61
N SER J 16 -27.20 2.71 5.64
CA SER J 16 -27.63 2.66 7.07
C SER J 16 -28.28 3.99 7.49
N SER J 17 -29.37 3.86 8.27
CA SER J 17 -30.23 5.00 8.68
C SER J 17 -29.48 5.80 9.75
N GLN J 18 -29.76 7.10 9.83
CA GLN J 18 -29.25 8.04 10.88
C GLN J 18 -29.44 7.40 12.27
N ALA J 19 -30.65 6.89 12.53
CA ALA J 19 -31.09 6.30 13.83
C ALA J 19 -30.23 5.08 14.19
N LEU J 20 -30.05 4.16 13.25
CA LEU J 20 -29.24 2.91 13.42
C LEU J 20 -27.79 3.28 13.77
N HIS J 21 -27.23 4.30 13.12
CA HIS J 21 -25.85 4.82 13.35
C HIS J 21 -25.71 5.29 14.81
N ILE J 22 -26.71 6.02 15.31
CA ILE J 22 -26.78 6.52 16.72
C ILE J 22 -27.03 5.32 17.66
N GLN J 23 -27.96 4.43 17.30
CA GLN J 23 -28.33 3.21 18.07
C GLN J 23 -27.09 2.36 18.32
N THR J 24 -26.24 2.20 17.30
CA THR J 24 -24.94 1.46 17.35
C THR J 24 -23.99 2.19 18.30
N TYR J 25 -23.78 3.49 18.10
CA TYR J 25 -22.90 4.36 18.93
C TYR J 25 -23.33 4.32 20.39
N CYS J 26 -24.65 4.25 20.63
CA CYS J 26 -25.30 4.22 21.97
C CYS J 26 -24.89 2.95 22.73
N ASN J 27 -25.19 1.78 22.16
CA ASN J 27 -24.88 0.45 22.73
C ASN J 27 -23.37 0.32 22.94
N SER J 28 -22.57 0.87 22.01
CA SER J 28 -21.08 0.85 22.03
C SER J 28 -20.56 1.61 23.26
N VAL J 29 -21.09 2.81 23.51
CA VAL J 29 -20.75 3.68 24.67
C VAL J 29 -21.11 2.95 25.97
N ARG J 30 -22.26 2.25 25.99
CA ARG J 30 -22.73 1.44 27.13
C ARG J 30 -21.66 0.41 27.52
N GLN J 31 -20.94 -0.14 26.54
CA GLN J 31 -19.90 -1.18 26.72
C GLN J 31 -18.60 -0.55 27.24
N GLN J 32 -18.46 0.78 27.15
CA GLN J 32 -17.28 1.53 27.67
C GLN J 32 -17.18 1.25 29.17
N ILE J 33 -16.13 0.51 29.58
CA ILE J 33 -15.89 0.10 31.00
C ILE J 33 -15.14 1.24 31.70
N PRO J 34 -15.40 1.48 33.00
CA PRO J 34 -14.63 2.48 33.75
C PRO J 34 -13.23 1.97 34.12
N VAL J 35 -12.19 2.80 33.96
CA VAL J 35 -10.77 2.43 34.16
C VAL J 35 -10.28 3.08 35.46
N ASP J 36 -9.33 2.43 36.15
CA ASP J 36 -8.58 3.00 37.30
C ASP J 36 -7.09 2.99 36.97
N PHE J 37 -6.52 4.15 36.66
CA PHE J 37 -5.07 4.36 36.46
C PHE J 37 -4.41 4.56 37.84
N GLY J 38 -4.96 3.93 38.88
CA GLY J 38 -4.53 4.08 40.29
C GLY J 38 -3.03 3.89 40.45
N ARG J 39 -2.42 3.00 39.66
CA ARG J 39 -0.96 2.70 39.69
C ARG J 39 -0.16 3.88 39.10
N PHE J 40 -0.74 4.62 38.15
CA PHE J 40 -0.12 5.77 37.44
C PHE J 40 -0.47 7.08 38.15
N PRO J 41 0.52 7.75 38.79
CA PRO J 41 0.24 8.97 39.55
C PRO J 41 -0.12 10.18 38.68
N ASN J 42 0.45 10.25 37.47
CA ASN J 42 0.30 11.38 36.51
C ASN J 42 -1.07 11.34 35.82
N LEU J 43 -1.76 10.19 35.83
CA LEU J 43 -3.06 9.97 35.12
C LEU J 43 -4.24 10.05 36.11
N ARG J 44 -4.03 10.57 37.31
CA ARG J 44 -5.04 10.50 38.42
C ARG J 44 -6.26 11.32 38.00
N GLU J 45 -6.03 12.57 37.63
CA GLU J 45 -7.08 13.55 37.18
C GLU J 45 -7.73 13.02 35.90
N SER J 46 -6.91 12.53 34.95
CA SER J 46 -7.34 11.97 33.65
C SER J 46 -8.41 10.89 33.85
N GLU J 47 -8.11 9.90 34.71
CA GLU J 47 -8.98 8.72 34.99
C GLU J 47 -10.34 9.20 35.51
N ARG J 48 -10.33 10.05 36.55
CA ARG J 48 -11.56 10.60 37.20
C ARG J 48 -12.38 11.36 36.16
N GLN J 49 -11.72 12.27 35.42
CA GLN J 49 -12.35 13.10 34.35
C GLN J 49 -13.01 12.16 33.33
N ILE J 50 -12.24 11.18 32.84
CA ILE J 50 -12.71 10.16 31.85
C ILE J 50 -13.92 9.43 32.42
N ASN J 51 -13.81 8.91 33.63
CA ASN J 51 -14.87 8.13 34.33
C ASN J 51 -16.17 8.94 34.37
N THR J 52 -16.08 10.20 34.83
CA THR J 52 -17.23 11.13 34.95
C THR J 52 -17.89 11.31 33.58
N GLY J 53 -17.10 11.74 32.59
CA GLY J 53 -17.54 11.96 31.20
C GLY J 53 -18.23 10.73 30.63
N LEU J 54 -17.63 9.56 30.83
CA LEU J 54 -18.16 8.23 30.40
C LEU J 54 -19.53 8.03 31.04
N GLY J 55 -19.63 8.27 32.36
CA GLY J 55 -20.90 8.16 33.11
C GLY J 55 -22.00 9.00 32.49
N ALA J 56 -21.68 10.25 32.17
CA ALA J 56 -22.60 11.25 31.58
C ALA J 56 -23.09 10.79 30.20
N ALA J 57 -22.15 10.38 29.34
CA ALA J 57 -22.39 9.86 27.98
C ALA J 57 -23.38 8.70 28.07
N ARG J 58 -23.18 7.78 29.02
CA ARG J 58 -24.05 6.61 29.30
C ARG J 58 -25.47 7.09 29.54
N GLN J 59 -25.62 8.14 30.37
CA GLN J 59 -26.93 8.76 30.72
C GLN J 59 -27.61 9.25 29.43
N HIS J 60 -26.86 9.95 28.57
CA HIS J 60 -27.32 10.50 27.27
C HIS J 60 -27.88 9.36 26.40
N ALA J 61 -27.16 8.23 26.34
CA ALA J 61 -27.50 7.05 25.51
C ALA J 61 -28.82 6.42 26.01
N GLU J 62 -28.86 6.08 27.30
CA GLU J 62 -30.02 5.44 27.97
C GLU J 62 -31.29 6.22 27.63
N HIS J 63 -31.24 7.55 27.76
CA HIS J 63 -32.36 8.48 27.44
C HIS J 63 -32.72 8.33 25.97
N TYR J 64 -31.73 8.51 25.07
CA TYR J 64 -31.88 8.39 23.60
C TYR J 64 -32.57 7.07 23.26
N LEU J 65 -32.07 5.97 23.85
CA LEU J 65 -32.51 4.59 23.54
C LEU J 65 -33.90 4.34 24.15
N LYS J 66 -34.05 4.57 25.46
CA LYS J 66 -35.23 4.16 26.26
C LYS J 66 -36.43 5.07 25.97
N ASP J 67 -36.18 6.35 25.63
CA ASP J 67 -37.22 7.38 25.43
C ASP J 67 -37.20 7.88 23.98
N ILE J 68 -36.15 8.63 23.65
CA ILE J 68 -36.07 9.61 22.54
C ILE J 68 -36.49 8.92 21.25
N GLN J 69 -35.69 7.97 20.77
CA GLN J 69 -35.90 7.30 19.46
C GLN J 69 -37.29 6.68 19.44
N PRO J 70 -37.74 6.06 20.56
CA PRO J 70 -39.08 5.47 20.59
C PRO J 70 -40.19 6.51 20.42
N LEU J 71 -40.10 7.61 21.18
CA LEU J 71 -41.07 8.75 21.15
C LEU J 71 -41.16 9.31 19.73
N ILE J 72 -40.00 9.54 19.10
CA ILE J 72 -39.88 10.05 17.70
C ILE J 72 -40.65 9.12 16.76
N ILE J 73 -40.44 7.81 16.91
CA ILE J 73 -41.09 6.74 16.09
C ILE J 73 -42.60 6.85 16.26
N ARG J 74 -43.08 6.97 17.51
CA ARG J 74 -44.52 7.07 17.85
C ARG J 74 -45.15 8.23 17.08
N ASN J 75 -44.55 9.42 17.18
CA ASN J 75 -45.13 10.68 16.65
C ASN J 75 -45.26 10.52 15.14
N VAL J 76 -44.19 10.02 14.53
CA VAL J 76 -44.06 9.78 13.06
C VAL J 76 -45.14 8.80 12.63
N THR J 77 -45.30 7.68 13.36
CA THR J 77 -46.31 6.62 13.09
C THR J 77 -47.71 7.23 13.07
N ASN J 78 -48.05 8.00 14.11
CA ASN J 78 -49.36 8.70 14.24
C ASN J 78 -49.57 9.60 13.03
N ILE J 79 -48.54 10.39 12.69
CA ILE J 79 -48.52 11.31 11.51
C ILE J 79 -48.76 10.48 10.24
N GLN J 80 -48.05 9.38 10.08
CA GLN J 80 -48.14 8.45 8.92
C GLN J 80 -49.58 7.97 8.77
N ASP J 81 -50.19 7.52 9.87
CA ASP J 81 -51.59 7.02 9.91
C ASP J 81 -52.55 8.14 9.52
N TYR J 82 -52.32 9.36 10.02
CA TYR J 82 -53.19 10.55 9.83
C TYR J 82 -53.25 10.92 8.33
N PHE J 83 -52.08 11.15 7.73
CA PHE J 83 -51.91 11.52 6.30
C PHE J 83 -52.45 10.39 5.41
N GLU J 84 -52.32 9.14 5.87
CA GLU J 84 -52.84 7.92 5.18
C GLU J 84 -54.36 8.07 4.98
N THR J 85 -55.08 8.41 6.05
CA THR J 85 -56.56 8.60 6.06
C THR J 85 -56.93 9.83 5.21
N GLN J 86 -56.24 10.95 5.45
CA GLN J 86 -56.44 12.26 4.76
C GLN J 86 -55.47 12.38 3.58
N ASN J 87 -55.47 11.39 2.68
CA ASN J 87 -54.42 11.31 1.61
C ASN J 87 -54.50 12.53 0.67
N LEU J 88 -55.72 12.95 0.30
CA LEU J 88 -55.96 14.03 -0.70
C LEU J 88 -57.09 14.97 -0.27
N ILE J 89 -56.83 16.28 -0.33
CA ILE J 89 -57.79 17.37 0.01
C ILE J 89 -58.88 17.43 -1.07
N SER J 90 -60.16 17.38 -0.66
CA SER J 90 -61.35 17.55 -1.53
C SER J 90 -61.59 19.06 -1.79
N THR J 91 -60.84 19.61 -2.73
CA THR J 91 -60.86 21.05 -3.13
C THR J 91 -62.29 21.45 -3.52
N VAL J 92 -63.01 20.54 -4.19
CA VAL J 92 -64.41 20.74 -4.66
C VAL J 92 -65.36 20.17 -3.60
N MET J 93 -66.60 20.65 -3.59
CA MET J 93 -67.72 20.05 -2.81
C MET J 93 -67.96 18.65 -3.33
N PRO J 94 -67.62 17.61 -2.53
CA PRO J 94 -67.74 16.23 -3.00
C PRO J 94 -69.20 15.74 -3.15
N SER J 95 -69.39 14.55 -3.73
CA SER J 95 -70.61 14.13 -4.48
C SER J 95 -71.79 13.85 -3.53
N GLY J 96 -72.78 14.75 -3.51
CA GLY J 96 -74.08 14.59 -2.84
C GLY J 96 -74.12 15.13 -1.41
N ALA J 97 -73.38 16.18 -1.10
CA ALA J 97 -73.08 16.71 0.26
C ALA J 97 -73.46 18.19 0.30
N THR J 98 -73.81 18.70 1.49
CA THR J 98 -73.99 20.15 1.78
C THR J 98 -72.62 20.83 1.81
N LYS J 99 -72.58 22.14 1.59
CA LYS J 99 -71.36 22.99 1.70
C LYS J 99 -70.85 22.98 3.15
N GLU J 100 -71.77 23.03 4.11
CA GLU J 100 -71.49 22.94 5.58
C GLU J 100 -70.79 21.61 5.91
N GLN J 101 -71.29 20.51 5.36
CA GLN J 101 -70.73 19.13 5.55
C GLN J 101 -69.27 19.09 5.09
N TRP J 102 -68.98 19.65 3.92
CA TRP J 102 -67.61 19.77 3.34
C TRP J 102 -66.74 20.65 4.24
N LEU J 103 -67.28 21.79 4.72
CA LEU J 103 -66.58 22.76 5.62
C LEU J 103 -66.21 22.08 6.94
N SER J 104 -67.15 21.32 7.54
CA SER J 104 -66.98 20.56 8.80
C SER J 104 -65.85 19.55 8.66
N ALA J 105 -65.89 18.72 7.61
CA ALA J 105 -64.87 17.69 7.27
C ALA J 105 -63.49 18.33 7.14
N LEU J 106 -63.41 19.46 6.41
CA LEU J 106 -62.18 20.25 6.21
C LEU J 106 -61.67 20.78 7.56
N GLY J 107 -62.57 21.40 8.34
CA GLY J 107 -62.28 21.92 9.69
C GLY J 107 -61.71 20.84 10.59
N MET J 108 -62.32 19.65 10.57
CA MET J 108 -61.86 18.44 11.32
C MET J 108 -60.43 18.10 10.90
N VAL J 109 -60.20 18.00 9.58
CA VAL J 109 -58.87 17.70 8.97
C VAL J 109 -57.87 18.78 9.43
N SER J 110 -58.26 20.05 9.35
CA SER J 110 -57.45 21.22 9.77
C SER J 110 -57.00 21.07 11.23
N ASP J 111 -57.95 20.78 12.13
CA ASP J 111 -57.73 20.59 13.58
C ASP J 111 -56.70 19.47 13.80
N LYS J 112 -56.89 18.32 13.13
CA LYS J 112 -56.00 17.13 13.21
C LYS J 112 -54.58 17.52 12.79
N ALA J 113 -54.45 18.24 11.67
CA ALA J 113 -53.16 18.73 11.11
C ALA J 113 -52.46 19.63 12.13
N LYS J 114 -53.22 20.54 12.76
CA LYS J 114 -52.72 21.47 13.82
C LYS J 114 -52.07 20.64 14.95
N GLU J 115 -52.79 19.65 15.46
CA GLU J 115 -52.32 18.72 16.52
C GLU J 115 -51.02 18.05 16.05
N TYR J 116 -51.00 17.53 14.83
CA TYR J 116 -49.84 16.87 14.17
C TYR J 116 -48.67 17.85 14.07
N GLN J 117 -48.93 19.09 13.69
CA GLN J 117 -47.93 20.19 13.60
C GLN J 117 -47.27 20.39 14.98
N GLU J 118 -48.09 20.54 16.02
CA GLU J 118 -47.65 20.70 17.43
C GLU J 118 -46.75 19.52 17.82
N VAL J 119 -47.18 18.30 17.48
CA VAL J 119 -46.45 17.02 17.72
C VAL J 119 -45.07 17.09 17.05
N SER J 120 -45.03 17.56 15.81
CA SER J 120 -43.79 17.73 14.99
C SER J 120 -42.81 18.67 15.69
N ALA J 121 -43.31 19.82 16.16
CA ALA J 121 -42.52 20.82 16.93
C ALA J 121 -41.92 20.17 18.19
N ASN J 122 -42.72 19.32 18.86
CA ASN J 122 -42.33 18.58 20.08
C ASN J 122 -41.14 17.66 19.79
N THR J 123 -41.24 16.86 18.72
CA THR J 123 -40.18 15.93 18.23
C THR J 123 -38.90 16.72 17.98
N ARG J 124 -39.01 17.88 17.33
CA ARG J 124 -37.88 18.79 17.00
C ARG J 124 -37.14 19.16 18.29
N ARG J 125 -37.88 19.59 19.32
CA ARG J 125 -37.35 19.97 20.65
C ARG J 125 -36.53 18.79 21.22
N THR J 126 -37.12 17.59 21.18
CA THR J 126 -36.50 16.31 21.60
C THR J 126 -35.16 16.15 20.88
N ILE J 127 -35.17 16.32 19.56
CA ILE J 127 -33.97 16.22 18.66
C ILE J 127 -32.92 17.24 19.13
N GLY J 128 -33.34 18.49 19.37
CA GLY J 128 -32.48 19.57 19.85
C GLY J 128 -31.73 19.16 21.10
N SER J 129 -32.45 18.63 22.10
CA SER J 129 -31.89 18.11 23.38
C SER J 129 -30.87 17.00 23.08
N LEU J 130 -31.24 16.05 22.24
CA LEU J 130 -30.39 14.91 21.80
C LEU J 130 -29.09 15.47 21.20
N ASN J 131 -29.21 16.45 20.31
CA ASN J 131 -28.08 17.14 19.63
C ASN J 131 -27.12 17.67 20.71
N ASP J 132 -27.64 18.47 21.63
CA ASP J 132 -26.87 19.09 22.75
C ASP J 132 -26.17 18.00 23.56
N LYS J 133 -26.90 16.94 23.92
CA LYS J 133 -26.38 15.78 24.71
C LYS J 133 -25.19 15.15 23.97
N LEU J 134 -25.37 14.85 22.69
CA LEU J 134 -24.34 14.23 21.81
C LEU J 134 -23.11 15.18 21.72
N ILE J 135 -23.38 16.45 21.41
CA ILE J 135 -22.35 17.53 21.29
C ILE J 135 -21.48 17.50 22.54
N ILE J 136 -22.10 17.57 23.72
CA ILE J 136 -21.43 17.57 25.06
C ILE J 136 -20.57 16.30 25.20
N ASP J 137 -21.11 15.14 24.83
CA ASP J 137 -20.43 13.82 24.90
C ASP J 137 -19.15 13.88 24.04
N SER J 138 -19.30 14.25 22.76
CA SER J 138 -18.20 14.36 21.77
C SER J 138 -17.09 15.29 22.28
N ASN J 139 -17.49 16.44 22.83
CA ASN J 139 -16.60 17.50 23.39
C ASN J 139 -15.78 16.89 24.53
N ASN J 140 -16.44 16.30 25.52
CA ASN J 140 -15.82 15.65 26.70
C ASN J 140 -14.82 14.59 26.22
N TYR J 141 -15.21 13.78 25.23
CA TYR J 141 -14.36 12.73 24.61
C TYR J 141 -13.06 13.36 24.09
N GLN J 142 -13.22 14.40 23.26
CA GLN J 142 -12.09 15.16 22.64
C GLN J 142 -11.16 15.67 23.75
N LEU J 143 -11.73 16.25 24.82
CA LEU J 143 -11.01 16.81 25.99
C LEU J 143 -10.16 15.73 26.63
N ILE J 144 -10.71 14.53 26.82
CA ILE J 144 -10.00 13.35 27.38
C ILE J 144 -8.83 13.01 26.47
N VAL J 145 -9.08 12.95 25.15
CA VAL J 145 -8.07 12.60 24.11
C VAL J 145 -6.86 13.56 24.21
N VAL J 146 -7.14 14.86 24.20
CA VAL J 146 -6.13 15.95 24.29
C VAL J 146 -5.34 15.80 25.60
N ASN J 147 -6.05 15.64 26.72
CA ASN J 147 -5.48 15.44 28.08
C ASN J 147 -4.51 14.27 28.04
N LEU J 148 -4.91 13.16 27.38
CA LEU J 148 -4.10 11.92 27.23
C LEU J 148 -2.89 12.21 26.34
N ASN J 149 -3.13 12.78 25.15
CA ASN J 149 -2.08 13.12 24.16
C ASN J 149 -0.97 13.93 24.86
N ASN J 150 -1.37 14.91 25.68
CA ASN J 150 -0.45 15.80 26.44
C ASN J 150 0.41 14.96 27.40
N VAL J 151 -0.18 13.97 28.07
CA VAL J 151 0.47 13.10 29.09
C VAL J 151 1.61 12.31 28.42
N VAL J 152 1.35 11.70 27.27
CA VAL J 152 2.31 10.83 26.52
C VAL J 152 3.36 11.72 25.83
N ASN J 153 2.99 12.97 25.51
CA ASN J 153 3.88 13.93 24.78
C ASN J 153 4.86 14.61 25.75
N GLY J 154 4.45 14.79 27.01
CA GLY J 154 5.33 15.12 28.15
C GLY J 154 6.19 13.93 28.60
N ASN J 155 5.54 12.78 28.86
CA ASN J 155 6.16 11.53 29.36
C ASN J 155 7.31 11.09 28.44
N ASN J 156 7.28 11.48 27.16
CA ASN J 156 8.27 11.09 26.11
C ASN J 156 9.46 12.07 26.08
N GLY J 157 9.37 13.24 26.75
CA GLY J 157 10.56 14.06 27.09
C GLY J 157 11.42 13.40 28.17
N VAL J 158 10.74 13.03 29.27
CA VAL J 158 11.29 12.23 30.42
C VAL J 158 11.99 10.97 29.90
N LEU J 159 11.34 10.22 29.01
CA LEU J 159 11.82 8.92 28.45
C LEU J 159 13.21 9.09 27.82
N GLU J 160 13.44 10.20 27.10
CA GLU J 160 14.71 10.52 26.40
C GLU J 160 15.82 10.80 27.43
N GLN J 161 15.53 11.62 28.45
CA GLN J 161 16.47 11.96 29.55
C GLN J 161 16.86 10.68 30.30
N LEU J 162 15.94 9.71 30.40
CA LEU J 162 16.13 8.38 31.05
C LEU J 162 17.09 7.53 30.24
N ASN J 163 16.85 7.39 28.93
CA ASN J 163 17.69 6.63 27.97
C ASN J 163 19.12 7.23 27.95
N ARG J 164 19.23 8.56 28.04
CA ARG J 164 20.52 9.31 28.07
C ARG J 164 21.26 9.03 29.39
N ASP J 165 20.52 9.02 30.51
CA ASP J 165 21.06 8.72 31.87
C ASP J 165 21.48 7.25 31.95
N ILE J 166 20.66 6.33 31.43
CA ILE J 166 20.90 4.85 31.39
C ILE J 166 22.21 4.58 30.63
N ASP J 167 22.43 5.31 29.53
CA ASP J 167 23.68 5.25 28.72
C ASP J 167 24.88 5.71 29.58
N GLY J 168 24.71 6.80 30.33
CA GLY J 168 25.73 7.36 31.24
C GLY J 168 26.06 6.43 32.41
N ILE J 169 25.11 5.56 32.79
CA ILE J 169 25.19 4.64 33.97
C ILE J 169 26.01 3.39 33.61
N ASN J 170 25.78 2.80 32.43
CA ASN J 170 26.52 1.64 31.89
C ASN J 170 28.04 1.88 31.84
N ALA J 171 28.48 3.13 31.64
CA ALA J 171 29.90 3.56 31.58
C ALA J 171 30.61 3.28 32.92
N ALA J 172 30.01 3.74 34.01
CA ALA J 172 30.47 3.49 35.41
C ALA J 172 30.41 1.98 35.69
N ILE J 173 29.37 1.29 35.20
CA ILE J 173 29.14 -0.19 35.35
C ILE J 173 30.31 -0.96 34.71
N ASP J 174 30.73 -0.54 33.52
CA ASP J 174 31.89 -1.11 32.77
C ASP J 174 33.20 -0.71 33.49
N GLY J 175 33.31 0.55 33.93
CA GLY J 175 34.47 1.11 34.66
C GLY J 175 34.77 0.31 35.93
N ALA J 176 33.73 -0.19 36.59
CA ALA J 176 33.80 -1.10 37.77
C ALA J 176 34.24 -2.49 37.32
N ILE J 177 33.63 -3.01 36.25
CA ILE J 177 33.95 -4.34 35.63
C ILE J 177 35.44 -4.39 35.26
N ALA J 178 35.97 -3.29 34.71
CA ALA J 178 37.39 -3.12 34.31
C ALA J 178 38.30 -3.20 35.55
N GLY J 179 38.02 -2.39 36.57
CA GLY J 179 38.77 -2.37 37.85
C GLY J 179 38.82 -3.75 38.52
N ILE J 180 37.71 -4.50 38.44
CA ILE J 180 37.55 -5.87 39.04
C ILE J 180 38.49 -6.86 38.32
N VAL J 181 38.50 -6.81 36.99
CA VAL J 181 39.36 -7.68 36.12
C VAL J 181 40.83 -7.29 36.33
N VAL J 182 41.18 -6.02 36.18
CA VAL J 182 42.55 -5.47 36.38
C VAL J 182 43.09 -5.95 37.75
N GLY J 183 42.25 -5.89 38.79
CA GLY J 183 42.59 -6.39 40.14
C GLY J 183 42.90 -7.88 40.14
N GLY J 184 42.05 -8.67 39.47
CA GLY J 184 42.20 -10.14 39.32
C GLY J 184 43.50 -10.51 38.64
N LEU J 185 43.92 -9.78 37.62
CA LEU J 185 45.19 -9.98 36.87
C LEU J 185 46.37 -9.59 37.76
N LEU J 186 46.30 -8.41 38.39
CA LEU J 186 47.36 -7.87 39.29
C LEU J 186 47.67 -8.90 40.40
N VAL J 187 46.62 -9.45 41.03
CA VAL J 187 46.71 -10.50 42.08
C VAL J 187 47.35 -11.75 41.48
N ILE J 188 46.86 -12.20 40.33
CA ILE J 188 47.35 -13.41 39.59
C ILE J 188 48.84 -13.25 39.31
N GLY J 189 49.24 -12.11 38.71
CA GLY J 189 50.65 -11.76 38.43
C GLY J 189 51.47 -11.65 39.71
N GLY J 190 50.92 -10.98 40.73
CA GLY J 190 51.55 -10.81 42.06
C GLY J 190 51.91 -12.14 42.70
N ALA J 191 51.00 -13.12 42.63
CA ALA J 191 51.15 -14.49 43.17
C ALA J 191 52.34 -15.18 42.48
N ILE J 192 52.39 -15.12 41.15
CA ILE J 192 53.48 -15.71 40.30
C ILE J 192 54.82 -15.08 40.68
N VAL J 193 54.86 -13.76 40.84
CA VAL J 193 56.06 -12.95 41.19
C VAL J 193 56.51 -13.32 42.61
N THR J 194 55.58 -13.26 43.57
CA THR J 194 55.81 -13.57 45.02
C THR J 194 56.42 -14.97 45.14
N ALA J 195 55.85 -15.96 44.45
CA ALA J 195 56.29 -17.38 44.41
C ALA J 195 57.73 -17.45 43.87
N ILE J 196 58.01 -16.73 42.79
CA ILE J 196 59.35 -16.63 42.15
C ILE J 196 60.34 -16.03 43.15
N GLY J 197 60.01 -14.86 43.71
CA GLY J 197 60.82 -14.13 44.71
C GLY J 197 61.14 -14.99 45.92
N ALA J 198 60.18 -15.82 46.35
CA ALA J 198 60.27 -16.70 47.54
C ALA J 198 61.26 -17.84 47.29
N VAL J 199 61.24 -18.41 46.08
CA VAL J 199 62.12 -19.56 45.65
C VAL J 199 63.55 -19.05 45.46
N ALA J 200 63.72 -17.77 45.10
CA ALA J 200 65.02 -17.10 44.89
C ALA J 200 65.62 -16.66 46.24
N GLY J 201 64.77 -16.48 47.26
CA GLY J 201 65.18 -16.18 48.64
C GLY J 201 65.64 -17.44 49.36
N LEU J 202 65.31 -18.62 48.81
CA LEU J 202 65.68 -19.96 49.34
C LEU J 202 66.98 -20.46 48.68
N VAL J 203 67.70 -19.56 47.99
CA VAL J 203 69.07 -19.78 47.46
C VAL J 203 69.93 -18.54 47.76
N THR J 204 69.33 -17.37 47.62
CA THR J 204 69.95 -16.04 47.87
C THR J 204 68.99 -15.21 48.72
N ALA J 205 68.61 -15.72 49.89
CA ALA J 205 67.85 -15.00 50.94
C ALA J 205 68.01 -13.49 50.74
N GLY J 206 69.25 -12.99 50.89
CA GLY J 206 69.61 -11.59 50.64
C GLY J 206 69.52 -11.22 49.17
N THR J 207 68.53 -10.38 48.83
CA THR J 207 68.42 -9.61 47.55
C THR J 207 67.18 -10.03 46.74
N SER J 208 66.53 -11.18 47.04
CA SER J 208 65.21 -11.56 46.46
C SER J 208 64.06 -11.33 47.45
N THR J 209 64.23 -10.41 48.41
CA THR J 209 63.17 -9.92 49.32
C THR J 209 62.39 -8.80 48.64
N PRO J 210 63.05 -7.94 47.84
CA PRO J 210 62.35 -6.86 47.15
C PRO J 210 61.34 -7.36 46.11
N VAL J 211 61.65 -8.47 45.43
CA VAL J 211 60.79 -9.13 44.41
C VAL J 211 59.52 -9.65 45.09
N VAL J 212 59.67 -10.34 46.23
CA VAL J 212 58.56 -10.89 47.06
C VAL J 212 57.65 -9.75 47.51
N MET J 213 58.25 -8.64 47.97
CA MET J 213 57.55 -7.41 48.43
C MET J 213 56.68 -6.86 47.29
N GLY J 214 57.27 -6.66 46.12
CA GLY J 214 56.59 -6.21 44.88
C GLY J 214 55.45 -7.14 44.50
N GLY J 215 55.65 -8.46 44.64
CA GLY J 215 54.64 -9.50 44.39
C GLY J 215 53.48 -9.41 45.38
N ILE J 216 53.80 -9.24 46.66
CA ILE J 216 52.80 -9.08 47.77
C ILE J 216 52.02 -7.78 47.56
N ALA J 217 52.71 -6.70 47.22
CA ALA J 217 52.14 -5.35 46.92
C ALA J 217 51.15 -5.47 45.76
N MET J 218 51.54 -6.12 44.67
CA MET J 218 50.70 -6.37 43.46
C MET J 218 49.45 -7.15 43.86
N MET J 219 49.62 -8.19 44.69
CA MET J 219 48.52 -9.01 45.26
C MET J 219 47.59 -8.12 46.08
N THR J 220 48.16 -7.35 47.02
CA THR J 220 47.44 -6.43 47.94
C THR J 220 46.62 -5.41 47.13
N ALA J 221 47.25 -4.74 46.17
CA ALA J 221 46.63 -3.74 45.27
C ALA J 221 45.50 -4.39 44.46
N GLY J 222 45.76 -5.58 43.92
CA GLY J 222 44.78 -6.39 43.15
C GLY J 222 43.53 -6.65 43.96
N ALA J 223 43.67 -7.04 45.22
CA ALA J 223 42.58 -7.29 46.19
C ALA J 223 41.83 -5.99 46.47
N GLY J 224 42.56 -4.91 46.74
CA GLY J 224 42.01 -3.56 46.99
C GLY J 224 41.12 -3.09 45.84
N GLY J 225 41.61 -3.22 44.61
CA GLY J 225 40.88 -2.88 43.37
C GLY J 225 39.63 -3.71 43.19
N VAL J 226 39.73 -5.03 43.44
CA VAL J 226 38.60 -6.01 43.36
C VAL J 226 37.53 -5.64 44.38
N ILE J 227 37.94 -5.27 45.60
CA ILE J 227 37.04 -4.89 46.74
C ILE J 227 36.37 -3.55 46.41
N GLY J 228 37.16 -2.53 46.09
CA GLY J 228 36.66 -1.17 45.75
C GLY J 228 35.67 -1.20 44.59
N GLY J 229 36.01 -1.94 43.54
CA GLY J 229 35.17 -2.14 42.33
C GLY J 229 33.84 -2.78 42.67
N ALA J 230 33.85 -3.83 43.50
CA ALA J 230 32.64 -4.59 43.95
C ALA J 230 31.68 -3.63 44.66
N ILE J 231 32.19 -2.79 45.55
CA ILE J 231 31.40 -1.76 46.31
C ILE J 231 30.73 -0.82 45.30
N VAL J 232 31.53 -0.27 44.38
CA VAL J 232 31.08 0.68 43.32
C VAL J 232 30.03 -0.02 42.44
N LEU J 233 30.33 -1.23 41.98
CA LEU J 233 29.48 -2.04 41.05
C LEU J 233 28.10 -2.26 41.68
N ASP J 234 28.07 -2.80 42.90
CA ASP J 234 26.83 -3.10 43.67
C ASP J 234 25.98 -1.83 43.78
N LYS J 235 26.63 -0.67 43.99
CA LYS J 235 25.97 0.65 44.11
C LYS J 235 25.52 1.17 42.73
N SER J 236 26.36 0.97 41.71
CA SER J 236 26.20 1.53 40.34
C SER J 236 25.00 0.89 39.62
N LEU J 237 24.92 -0.44 39.64
CA LEU J 237 23.76 -1.25 39.16
C LEU J 237 22.51 -0.87 39.96
N SER J 238 22.68 -0.53 41.25
CA SER J 238 21.61 -0.16 42.21
C SER J 238 21.07 1.24 41.93
N ALA J 239 21.86 2.11 41.28
CA ALA J 239 21.40 3.41 40.71
C ALA J 239 20.77 3.15 39.33
N ARG J 240 21.43 2.30 38.53
CA ARG J 240 20.98 1.84 37.18
C ARG J 240 19.60 1.19 37.29
N GLU J 241 19.38 0.35 38.30
CA GLU J 241 18.11 -0.40 38.54
C GLU J 241 16.94 0.57 38.74
N LYS J 242 17.15 1.61 39.56
CA LYS J 242 16.14 2.66 39.88
C LYS J 242 15.71 3.36 38.58
N LEU J 243 16.68 3.74 37.75
CA LEU J 243 16.46 4.46 36.45
C LEU J 243 15.66 3.57 35.49
N TYR J 244 16.04 2.30 35.35
CA TYR J 244 15.39 1.30 34.47
C TYR J 244 13.93 1.08 34.90
N ARG J 245 13.69 0.96 36.21
CA ARG J 245 12.34 0.77 36.82
C ARG J 245 11.42 1.93 36.40
N ASP J 246 11.92 3.16 36.54
CA ASP J 246 11.19 4.41 36.17
C ASP J 246 10.89 4.40 34.67
N ARG J 247 11.87 4.04 33.85
CA ARG J 247 11.76 3.98 32.35
C ARG J 247 10.63 3.04 31.97
N SER J 248 10.62 1.82 32.50
CA SER J 248 9.59 0.77 32.26
C SER J 248 8.21 1.27 32.71
N GLN J 249 8.13 1.85 33.90
CA GLN J 249 6.87 2.40 34.49
C GLN J 249 6.29 3.46 33.53
N LEU J 250 7.13 4.39 33.08
CA LEU J 250 6.76 5.49 32.14
C LEU J 250 6.29 4.89 30.81
N ASN J 251 7.02 3.91 30.30
CA ASN J 251 6.73 3.19 29.02
C ASN J 251 5.33 2.58 29.12
N SER J 252 5.04 1.86 30.21
CA SER J 252 3.74 1.20 30.49
C SER J 252 2.63 2.25 30.54
N GLU J 253 2.83 3.32 31.32
CA GLU J 253 1.86 4.43 31.51
C GLU J 253 1.51 5.04 30.14
N VAL J 254 2.52 5.33 29.34
CA VAL J 254 2.39 5.94 27.97
C VAL J 254 1.54 5.00 27.11
N LEU J 255 1.86 3.70 27.12
CA LEU J 255 1.14 2.65 26.34
C LEU J 255 -0.33 2.64 26.75
N VAL J 256 -0.60 2.60 28.06
CA VAL J 256 -1.97 2.59 28.64
C VAL J 256 -2.75 3.80 28.11
N ALA J 257 -2.13 4.99 28.17
CA ALA J 257 -2.69 6.27 27.68
C ALA J 257 -3.01 6.16 26.20
N SER J 258 -2.05 5.66 25.41
CA SER J 258 -2.18 5.43 23.94
C SER J 258 -3.28 4.41 23.66
N GLN J 259 -3.53 3.48 24.59
CA GLN J 259 -4.59 2.44 24.49
C GLN J 259 -5.97 3.11 24.63
N ILE J 260 -6.19 3.75 25.78
CA ILE J 260 -7.49 4.42 26.13
C ILE J 260 -7.75 5.54 25.11
N GLY J 261 -6.67 6.23 24.72
CA GLY J 261 -6.65 7.34 23.74
C GLY J 261 -7.22 6.92 22.42
N SER J 262 -6.77 5.80 21.84
CA SER J 262 -7.29 5.20 20.59
C SER J 262 -8.80 4.96 20.71
N GLY J 263 -9.22 4.39 21.84
CA GLY J 263 -10.63 4.06 22.13
C GLY J 263 -11.50 5.30 22.17
N TYR J 264 -11.07 6.31 22.94
CA TYR J 264 -11.73 7.64 23.06
C TYR J 264 -11.81 8.29 21.68
N ARG J 265 -10.71 8.23 20.92
CA ARG J 265 -10.61 8.76 19.53
C ARG J 265 -11.71 8.13 18.67
N GLY J 266 -11.87 6.80 18.73
CA GLY J 266 -12.92 6.05 18.00
C GLY J 266 -14.31 6.49 18.43
N LEU J 267 -14.50 6.68 19.74
CA LEU J 267 -15.77 7.17 20.34
C LEU J 267 -16.09 8.58 19.81
N GLN J 268 -15.08 9.46 19.76
CA GLN J 268 -15.17 10.87 19.30
C GLN J 268 -15.68 10.91 17.87
N THR J 269 -15.15 10.05 16.99
CA THR J 269 -15.57 9.90 15.57
C THR J 269 -17.04 9.48 15.52
N GLN J 270 -17.40 8.46 16.30
CA GLN J 270 -18.78 7.89 16.40
C GLN J 270 -19.77 9.02 16.74
N ALA J 271 -19.40 9.88 17.68
CA ALA J 271 -20.21 11.04 18.16
C ALA J 271 -20.31 12.10 17.07
N GLN J 272 -19.19 12.43 16.41
CA GLN J 272 -19.10 13.43 15.31
C GLN J 272 -20.10 13.04 14.21
N SER J 273 -20.13 11.75 13.83
CA SER J 273 -21.03 11.18 12.80
C SER J 273 -22.49 11.26 13.27
N ALA J 274 -22.74 10.87 14.54
CA ALA J 274 -24.06 10.91 15.19
C ALA J 274 -24.60 12.34 15.19
N VAL J 275 -23.71 13.33 15.39
CA VAL J 275 -24.04 14.79 15.36
C VAL J 275 -24.64 15.13 13.99
N THR J 276 -23.97 14.72 12.91
CA THR J 276 -24.40 14.92 11.50
C THR J 276 -25.76 14.24 11.29
N ALA J 277 -25.90 12.99 11.77
CA ALA J 277 -27.13 12.19 11.68
C ALA J 277 -28.29 12.93 12.36
N ALA J 278 -28.04 13.46 13.55
CA ALA J 278 -29.03 14.20 14.39
C ALA J 278 -29.43 15.49 13.69
N THR J 279 -28.45 16.30 13.27
CA THR J 279 -28.63 17.57 12.52
C THR J 279 -29.55 17.31 11.33
N GLN J 280 -29.32 16.21 10.61
CA GLN J 280 -30.13 15.75 9.46
C GLN J 280 -31.58 15.54 9.90
N MET J 281 -31.77 14.81 11.01
CA MET J 281 -33.11 14.49 11.59
C MET J 281 -33.82 15.79 12.00
N ASN J 282 -33.07 16.76 12.54
CA ASN J 282 -33.58 18.09 12.98
C ASN J 282 -34.15 18.84 11.77
N ASN J 283 -33.40 18.85 10.65
CA ASN J 283 -33.80 19.52 9.38
C ASN J 283 -35.06 18.84 8.82
N ALA J 284 -35.12 17.50 8.90
CA ALA J 284 -36.24 16.66 8.39
C ALA J 284 -37.54 17.03 9.10
N TRP J 285 -37.52 17.04 10.43
CA TRP J 285 -38.66 17.41 11.31
C TRP J 285 -39.07 18.86 11.05
N ASP J 286 -38.08 19.77 10.95
CA ASP J 286 -38.29 21.22 10.67
C ASP J 286 -39.07 21.37 9.36
N SER J 287 -38.69 20.62 8.33
CA SER J 287 -39.35 20.59 6.99
C SER J 287 -40.81 20.13 7.12
N LEU J 288 -41.02 19.01 7.82
CA LEU J 288 -42.36 18.41 8.07
C LEU J 288 -43.26 19.43 8.80
N THR J 289 -42.72 20.11 9.82
CA THR J 289 -43.39 21.16 10.63
C THR J 289 -43.83 22.30 9.72
N SER J 290 -42.93 22.79 8.87
CA SER J 290 -43.17 23.87 7.88
C SER J 290 -44.25 23.45 6.88
N GLU J 291 -44.13 22.23 6.32
CA GLU J 291 -45.08 21.66 5.32
C GLU J 291 -46.49 21.61 5.90
N LEU J 292 -46.61 21.23 7.19
CA LEU J 292 -47.88 21.18 7.94
C LEU J 292 -48.47 22.60 8.06
N GLU J 293 -47.63 23.57 8.44
CA GLU J 293 -48.01 25.01 8.61
C GLU J 293 -48.57 25.56 7.29
N THR J 294 -47.96 25.18 6.15
CA THR J 294 -48.36 25.60 4.78
C THR J 294 -49.75 25.03 4.45
N LEU J 295 -49.95 23.74 4.72
CA LEU J 295 -51.25 23.04 4.52
C LEU J 295 -52.33 23.70 5.39
N ASN J 296 -51.98 24.02 6.65
CA ASN J 296 -52.87 24.70 7.63
C ASN J 296 -53.29 26.08 7.08
N ALA J 297 -52.31 26.86 6.61
CA ALA J 297 -52.51 28.20 5.99
C ALA J 297 -53.36 28.06 4.73
N ASN J 298 -53.03 27.10 3.87
CA ASN J 298 -53.79 26.76 2.62
C ASN J 298 -55.23 26.43 2.99
N LEU J 299 -55.43 25.62 4.03
CA LEU J 299 -56.76 25.21 4.57
C LEU J 299 -57.53 26.44 5.06
N ARG J 300 -56.99 27.14 6.07
CA ARG J 300 -57.63 28.27 6.81
C ARG J 300 -58.19 29.32 5.83
N LYS J 301 -57.41 29.69 4.81
CA LYS J 301 -57.77 30.73 3.79
C LYS J 301 -58.88 30.23 2.86
N GLY J 302 -59.15 28.91 2.84
CA GLY J 302 -60.18 28.26 2.01
C GLY J 302 -61.56 28.24 2.68
N ILE J 303 -61.60 28.31 4.01
CA ILE J 303 -62.84 28.37 4.84
C ILE J 303 -63.43 29.78 4.75
N ILE J 304 -62.56 30.80 4.83
CA ILE J 304 -62.89 32.25 4.62
C ILE J 304 -62.62 32.62 3.16
N ASP J 305 -63.16 31.84 2.21
CA ASP J 305 -63.09 32.11 0.75
C ASP J 305 -64.46 31.88 0.10
N ASP J 306 -64.78 32.64 -0.95
CA ASP J 306 -66.02 32.53 -1.77
C ASP J 306 -66.12 31.19 -2.51
N SER J 307 -66.41 31.17 -3.81
CA SER J 307 -66.58 29.92 -4.60
C SER J 307 -65.19 29.44 -5.09
N PHE J 308 -64.59 30.19 -6.01
CA PHE J 308 -63.42 29.77 -6.84
C PHE J 308 -62.11 29.86 -6.04
N LEU J 309 -61.92 30.94 -5.26
CA LEU J 309 -60.70 31.19 -4.43
C LEU J 309 -60.54 30.08 -3.39
N ARG J 310 -61.65 29.48 -2.95
CA ARG J 310 -61.71 28.35 -1.98
C ARG J 310 -61.09 27.10 -2.61
N GLN J 311 -61.53 26.74 -3.83
CA GLN J 311 -61.03 25.58 -4.61
C GLN J 311 -59.53 25.77 -4.93
N LEU J 312 -59.09 27.03 -5.10
CA LEU J 312 -57.68 27.43 -5.39
C LEU J 312 -56.78 27.06 -4.20
N PHE J 313 -57.14 27.50 -2.99
CA PHE J 313 -56.42 27.25 -1.72
C PHE J 313 -56.50 25.76 -1.37
N LEU J 314 -57.63 25.10 -1.68
CA LEU J 314 -57.90 23.67 -1.39
C LEU J 314 -57.03 22.76 -2.28
N THR J 315 -56.80 23.15 -3.53
CA THR J 315 -55.91 22.45 -4.51
C THR J 315 -54.45 22.60 -4.07
N ALA J 316 -54.05 23.79 -3.61
CA ALA J 316 -52.70 24.11 -3.09
C ALA J 316 -52.41 23.28 -1.83
N SER J 317 -53.43 23.11 -0.97
CA SER J 317 -53.41 22.25 0.25
C SER J 317 -53.24 20.78 -0.14
N GLN J 318 -53.91 20.35 -1.22
CA GLN J 318 -53.78 18.98 -1.82
C GLN J 318 -52.31 18.74 -2.23
N THR J 319 -51.61 19.79 -2.68
CA THR J 319 -50.19 19.78 -3.09
C THR J 319 -49.32 19.80 -1.80
N SER J 320 -49.67 20.65 -0.83
CA SER J 320 -49.21 20.57 0.58
C SER J 320 -49.21 19.11 1.07
N VAL J 321 -50.34 18.41 0.91
CA VAL J 321 -50.60 17.02 1.41
C VAL J 321 -49.56 16.05 0.85
N THR J 322 -49.25 16.14 -0.44
CA THR J 322 -48.19 15.34 -1.13
C THR J 322 -46.82 15.69 -0.52
N LYS J 323 -46.55 16.98 -0.30
CA LYS J 323 -45.27 17.52 0.25
C LYS J 323 -45.03 17.01 1.69
N VAL J 324 -46.12 16.87 2.47
CA VAL J 324 -46.10 16.33 3.85
C VAL J 324 -45.85 14.82 3.80
N LEU J 325 -46.58 14.10 2.93
CA LEU J 325 -46.48 12.62 2.71
C LEU J 325 -45.05 12.23 2.34
N ASP J 326 -44.38 13.07 1.54
CA ASP J 326 -42.95 12.92 1.15
C ASP J 326 -42.06 13.12 2.40
N GLY J 327 -42.28 14.21 3.13
CA GLY J 327 -41.56 14.53 4.39
C GLY J 327 -41.64 13.37 5.39
N THR J 328 -42.79 12.70 5.44
CA THR J 328 -43.07 11.51 6.30
C THR J 328 -42.16 10.35 5.89
N LYS J 329 -42.22 9.95 4.62
CA LYS J 329 -41.38 8.86 4.03
C LYS J 329 -39.90 9.16 4.27
N ILE J 330 -39.50 10.43 4.16
CA ILE J 330 -38.08 10.91 4.33
C ILE J 330 -37.65 10.69 5.79
N ILE J 331 -38.46 11.15 6.75
CA ILE J 331 -38.21 11.01 8.21
C ILE J 331 -38.12 9.51 8.56
N LYS J 332 -39.04 8.70 8.02
CA LYS J 332 -39.12 7.21 8.22
C LYS J 332 -37.79 6.57 7.83
N GLN J 333 -37.18 7.04 6.73
CA GLN J 333 -35.87 6.57 6.22
C GLN J 333 -34.75 7.00 7.16
N GLN J 334 -34.78 8.25 7.65
CA GLN J 334 -33.82 8.77 8.65
C GLN J 334 -33.83 7.87 9.89
#